data_9N5A
#
_entry.id   9N5A
#
_cell.length_a   1.00
_cell.length_b   1.00
_cell.length_c   1.00
_cell.angle_alpha   90.00
_cell.angle_beta   90.00
_cell.angle_gamma   90.00
#
_symmetry.space_group_name_H-M   'P 1'
#
loop_
_entity.id
_entity.type
_entity.pdbx_description
1 polymer Bacterioferritin
2 non-polymer 'PROTOPORPHYRIN IX CONTAINING FE'
#
_entity_poly.entity_id   1
_entity_poly.type   'polypeptide(L)'
_entity_poly.pdbx_seq_one_letter_code
;MKGDKIVIQHLNKILGNELIAINQYFLHARMYEDWGLEKLGKHEYHESIDEMKHADKLIKRILFLEGLPNLQELGKLLIG
EHTKEMLECDLKLEQAGLPDLKAAIAYCESVGDYASRELLEDILESEEDHIDWLETQLDLIDKIGLENYLQSQMD
;
_entity_poly.pdbx_strand_id   A,B,C,D,E,F,G,H,I,J,K,L,M,N,O,P,Q,R,S,T,U,V,W,X
#
loop_
_chem_comp.id
_chem_comp.type
_chem_comp.name
_chem_comp.formula
HEM non-polymer 'PROTOPORPHYRIN IX CONTAINING FE' 'C34 H32 Fe N4 O4'
#
# COMPACT_ATOMS: atom_id res chain seq x y z
N MET A 1 -40.09 -20.67 29.13
CA MET A 1 -40.41 -20.49 30.54
C MET A 1 -41.82 -19.93 30.71
N LYS A 2 -42.59 -20.53 31.60
CA LYS A 2 -43.93 -20.04 31.89
C LYS A 2 -43.87 -18.73 32.66
N GLY A 3 -44.67 -17.76 32.21
CA GLY A 3 -44.76 -16.47 32.85
C GLY A 3 -46.14 -16.20 33.43
N ASP A 4 -46.24 -15.06 34.11
CA ASP A 4 -47.50 -14.64 34.70
C ASP A 4 -48.49 -14.27 33.59
N LYS A 5 -49.74 -14.68 33.75
CA LYS A 5 -50.75 -14.41 32.73
C LYS A 5 -51.04 -12.92 32.61
N ILE A 6 -51.10 -12.21 33.74
CA ILE A 6 -51.38 -10.79 33.70
C ILE A 6 -50.22 -10.02 33.07
N VAL A 7 -48.99 -10.48 33.29
CA VAL A 7 -47.85 -9.87 32.62
C VAL A 7 -47.96 -10.04 31.11
N ILE A 8 -48.37 -11.24 30.67
CA ILE A 8 -48.57 -11.47 29.24
C ILE A 8 -49.69 -10.60 28.69
N GLN A 9 -50.75 -10.39 29.48
CA GLN A 9 -51.83 -9.51 29.04
C GLN A 9 -51.34 -8.06 28.88
N HIS A 10 -50.54 -7.59 29.83
CA HIS A 10 -49.97 -6.25 29.71
C HIS A 10 -49.08 -6.13 28.49
N LEU A 11 -48.25 -7.15 28.25
CA LEU A 11 -47.37 -7.13 27.07
C LEU A 11 -48.18 -7.13 25.79
N ASN A 12 -49.29 -7.88 25.77
CA ASN A 12 -50.15 -7.90 24.59
C ASN A 12 -50.78 -6.53 24.34
N LYS A 13 -51.22 -5.86 25.40
CA LYS A 13 -51.79 -4.52 25.24
C LYS A 13 -50.75 -3.55 24.70
N ILE A 14 -49.53 -3.61 25.25
CA ILE A 14 -48.46 -2.75 24.76
C ILE A 14 -48.15 -3.07 23.30
N LEU A 15 -48.19 -4.34 22.94
CA LEU A 15 -47.93 -4.74 21.55
C LEU A 15 -48.99 -4.18 20.61
N GLY A 16 -50.26 -4.20 21.03
CA GLY A 16 -51.31 -3.59 20.22
C GLY A 16 -51.10 -2.11 20.04
N ASN A 17 -50.72 -1.42 21.12
CA ASN A 17 -50.41 0.01 21.02
C ASN A 17 -49.26 0.24 20.05
N GLU A 18 -48.24 -0.61 20.10
CA GLU A 18 -47.09 -0.47 19.20
C GLU A 18 -47.50 -0.67 17.75
N LEU A 19 -48.38 -1.63 17.48
CA LEU A 19 -48.86 -1.84 16.11
C LEU A 19 -49.63 -0.63 15.61
N ILE A 20 -50.49 -0.06 16.46
CA ILE A 20 -51.20 1.17 16.09
C ILE A 20 -50.20 2.26 15.73
N ALA A 21 -49.16 2.42 16.56
CA ALA A 21 -48.15 3.44 16.32
C ALA A 21 -47.41 3.19 15.01
N ILE A 22 -47.10 1.92 14.73
CA ILE A 22 -46.42 1.53 13.49
C ILE A 22 -47.23 2.00 12.29
N ASN A 23 -48.51 1.63 12.26
CA ASN A 23 -49.32 1.97 11.10
C ASN A 23 -49.47 3.48 10.94
N GLN A 24 -49.78 4.19 12.04
CA GLN A 24 -49.98 5.62 11.94
C GLN A 24 -48.71 6.34 11.52
N TYR A 25 -47.57 5.95 12.10
CA TYR A 25 -46.31 6.62 11.78
C TYR A 25 -45.91 6.35 10.34
N PHE A 26 -46.11 5.13 9.84
CA PHE A 26 -45.77 4.85 8.46
C PHE A 26 -46.63 5.66 7.50
N LEU A 27 -47.93 5.73 7.76
CA LEU A 27 -48.79 6.53 6.88
C LEU A 27 -48.40 8.00 6.91
N HIS A 28 -48.14 8.54 8.11
CA HIS A 28 -47.75 9.94 8.22
C HIS A 28 -46.43 10.20 7.49
N ALA A 29 -45.47 9.28 7.61
CA ALA A 29 -44.20 9.41 6.91
C ALA A 29 -44.41 9.44 5.41
N ARG A 30 -45.27 8.54 4.91
CA ARG A 30 -45.51 8.49 3.48
C ARG A 30 -46.17 9.78 2.96
N MET A 31 -47.13 10.34 3.69
CA MET A 31 -47.73 11.59 3.21
C MET A 31 -46.75 12.76 3.35
N TYR A 32 -45.91 12.74 4.38
CA TYR A 32 -44.87 13.76 4.49
C TYR A 32 -43.93 13.73 3.28
N GLU A 33 -43.47 12.54 2.89
CA GLU A 33 -42.62 12.46 1.71
C GLU A 33 -43.38 12.77 0.44
N ASP A 34 -44.69 12.49 0.41
CA ASP A 34 -45.49 12.83 -0.75
C ASP A 34 -45.60 14.33 -0.96
N TRP A 35 -45.78 15.10 0.12
CA TRP A 35 -45.87 16.55 0.00
C TRP A 35 -44.54 17.22 -0.32
N GLY A 36 -43.44 16.49 -0.26
CA GLY A 36 -42.14 17.07 -0.50
C GLY A 36 -41.37 17.46 0.74
N LEU A 37 -41.86 17.11 1.93
CA LEU A 37 -41.16 17.39 3.17
C LEU A 37 -40.30 16.20 3.56
N GLU A 38 -39.08 16.18 3.01
CA GLU A 38 -38.20 15.03 3.14
C GLU A 38 -37.73 14.81 4.56
N LYS A 39 -37.44 15.87 5.31
CA LYS A 39 -36.93 15.72 6.67
C LYS A 39 -37.99 15.12 7.60
N LEU A 40 -39.21 15.65 7.55
CA LEU A 40 -40.29 15.11 8.36
C LEU A 40 -40.60 13.68 7.97
N GLY A 41 -40.60 13.40 6.67
CA GLY A 41 -40.84 12.03 6.22
C GLY A 41 -39.78 11.08 6.72
N LYS A 42 -38.51 11.48 6.65
CA LYS A 42 -37.43 10.63 7.11
C LYS A 42 -37.52 10.39 8.62
N HIS A 43 -37.82 11.42 9.40
CA HIS A 43 -37.91 11.23 10.84
C HIS A 43 -39.10 10.37 11.22
N GLU A 44 -40.24 10.56 10.55
CA GLU A 44 -41.39 9.72 10.82
C GLU A 44 -41.13 8.27 10.42
N TYR A 45 -40.40 8.08 9.31
CA TYR A 45 -40.01 6.74 8.90
C TYR A 45 -39.12 6.08 9.96
N HIS A 46 -38.15 6.81 10.49
CA HIS A 46 -37.28 6.26 11.52
C HIS A 46 -38.06 5.93 12.79
N GLU A 47 -38.99 6.81 13.16
CA GLU A 47 -39.84 6.54 14.32
C GLU A 47 -40.69 5.30 14.11
N SER A 48 -41.23 5.13 12.90
CA SER A 48 -42.01 3.94 12.59
C SER A 48 -41.17 2.68 12.65
N ILE A 49 -39.93 2.75 12.17
CA ILE A 49 -39.02 1.61 12.28
C ILE A 49 -38.74 1.28 13.74
N ASP A 50 -38.56 2.31 14.56
CA ASP A 50 -38.35 2.09 15.99
C ASP A 50 -39.56 1.42 16.63
N GLU A 51 -40.76 1.85 16.25
CA GLU A 51 -41.97 1.20 16.73
C GLU A 51 -42.03 -0.26 16.28
N MET A 52 -41.60 -0.53 15.05
CA MET A 52 -41.54 -1.91 14.57
C MET A 52 -40.61 -2.76 15.43
N LYS A 53 -39.44 -2.22 15.76
CA LYS A 53 -38.51 -2.96 16.62
C LYS A 53 -39.07 -3.16 18.03
N HIS A 54 -39.78 -2.16 18.55
CA HIS A 54 -40.45 -2.32 19.84
C HIS A 54 -41.45 -3.46 19.79
N ALA A 55 -42.26 -3.51 18.73
CA ALA A 55 -43.23 -4.58 18.59
C ALA A 55 -42.55 -5.94 18.45
N ASP A 56 -41.43 -5.99 17.73
CA ASP A 56 -40.67 -7.23 17.60
C ASP A 56 -40.18 -7.70 18.97
N LYS A 57 -39.63 -6.78 19.76
CA LYS A 57 -39.14 -7.14 21.09
C LYS A 57 -40.28 -7.67 21.96
N LEU A 58 -41.44 -7.01 21.88
CA LEU A 58 -42.59 -7.46 22.66
C LEU A 58 -43.05 -8.85 22.22
N ILE A 59 -43.06 -9.10 20.91
CA ILE A 59 -43.45 -10.43 20.42
C ILE A 59 -42.49 -11.49 20.92
N LYS A 60 -41.18 -11.19 20.87
CA LYS A 60 -40.19 -12.14 21.37
C LYS A 60 -40.39 -12.42 22.85
N ARG A 61 -40.65 -11.36 23.63
CA ARG A 61 -40.84 -11.55 25.07
C ARG A 61 -42.10 -12.37 25.37
N ILE A 62 -43.18 -12.12 24.62
CA ILE A 62 -44.42 -12.86 24.83
C ILE A 62 -44.23 -14.33 24.48
N LEU A 63 -43.53 -14.59 23.36
CA LEU A 63 -43.30 -15.98 22.96
C LEU A 63 -42.38 -16.69 23.94
N PHE A 64 -41.38 -15.98 24.47
CA PHE A 64 -40.51 -16.59 25.48
C PHE A 64 -41.29 -16.94 26.73
N LEU A 65 -42.23 -16.09 27.12
CA LEU A 65 -43.08 -16.34 28.29
C LEU A 65 -44.18 -17.36 28.01
N GLU A 66 -44.09 -18.08 26.90
CA GLU A 66 -45.07 -19.10 26.51
C GLU A 66 -46.47 -18.54 26.40
N GLY A 67 -46.58 -17.30 25.94
CA GLY A 67 -47.86 -16.67 25.66
C GLY A 67 -48.16 -16.63 24.18
N LEU A 68 -49.31 -16.05 23.86
CA LEU A 68 -49.77 -15.93 22.47
C LEU A 68 -49.84 -14.47 22.08
N PRO A 69 -48.92 -13.97 21.25
CA PRO A 69 -49.01 -12.58 20.80
C PRO A 69 -50.31 -12.32 20.06
N ASN A 70 -50.89 -11.14 20.28
CA ASN A 70 -52.15 -10.74 19.69
C ASN A 70 -51.85 -9.70 18.61
N LEU A 71 -51.56 -10.17 17.41
CA LEU A 71 -51.36 -9.29 16.26
C LEU A 71 -52.66 -8.96 15.55
N GLN A 72 -53.72 -9.73 15.78
CA GLN A 72 -54.99 -9.55 15.08
C GLN A 72 -55.63 -8.20 15.38
N GLU A 73 -55.68 -7.82 16.65
CA GLU A 73 -56.38 -6.61 17.03
C GLU A 73 -55.53 -5.37 16.72
N LEU A 74 -56.09 -4.49 15.91
CA LEU A 74 -55.47 -3.20 15.60
C LEU A 74 -56.52 -2.11 15.80
N GLY A 75 -56.27 -1.24 16.77
CA GLY A 75 -57.27 -0.25 17.13
C GLY A 75 -57.32 0.92 16.17
N LYS A 76 -57.98 1.99 16.62
CA LYS A 76 -58.21 3.17 15.81
C LYS A 76 -56.91 3.85 15.43
N LEU A 77 -56.92 4.61 14.33
CA LEU A 77 -55.73 5.27 13.81
C LEU A 77 -55.99 6.77 13.81
N LEU A 78 -55.10 7.53 14.44
CA LEU A 78 -55.24 8.98 14.55
C LEU A 78 -54.53 9.63 13.37
N ILE A 79 -55.20 9.64 12.22
CA ILE A 79 -54.62 10.14 10.97
C ILE A 79 -54.94 11.62 10.82
N GLY A 80 -53.90 12.42 10.57
CA GLY A 80 -54.07 13.85 10.40
C GLY A 80 -54.10 14.28 8.95
N GLU A 81 -54.51 15.52 8.69
CA GLU A 81 -54.63 16.04 7.33
C GLU A 81 -53.58 17.08 6.98
N HIS A 82 -53.00 17.77 7.97
CA HIS A 82 -51.94 18.74 7.72
C HIS A 82 -50.85 18.55 8.75
N THR A 83 -49.66 19.11 8.44
CA THR A 83 -48.46 18.85 9.21
C THR A 83 -48.64 19.11 10.71
N LYS A 84 -49.23 20.25 11.06
CA LYS A 84 -49.53 20.53 12.45
C LYS A 84 -50.47 19.49 13.04
N GLU A 85 -51.51 19.14 12.28
CA GLU A 85 -52.49 18.18 12.77
C GLU A 85 -51.89 16.80 12.97
N MET A 86 -51.04 16.35 12.02
CA MET A 86 -50.43 15.03 12.19
C MET A 86 -49.40 15.03 13.30
N LEU A 87 -48.67 16.13 13.49
CA LEU A 87 -47.76 16.21 14.62
C LEU A 87 -48.53 16.12 15.94
N GLU A 88 -49.65 16.82 16.04
CA GLU A 88 -50.47 16.76 17.25
C GLU A 88 -51.06 15.37 17.44
N CYS A 89 -51.49 14.72 16.36
CA CYS A 89 -52.01 13.37 16.46
C CYS A 89 -50.95 12.39 16.94
N ASP A 90 -49.73 12.51 16.41
CA ASP A 90 -48.63 11.66 16.86
C ASP A 90 -48.32 11.89 18.33
N LEU A 91 -48.30 13.15 18.76
CA LEU A 91 -48.06 13.45 20.16
C LEU A 91 -49.15 12.88 21.06
N LYS A 92 -50.41 12.98 20.62
CA LYS A 92 -51.52 12.42 21.39
C LYS A 92 -51.42 10.90 21.48
N LEU A 93 -51.06 10.25 20.38
CA LEU A 93 -50.89 8.80 20.40
C LEU A 93 -49.77 8.40 21.35
N GLU A 94 -48.64 9.12 21.31
CA GLU A 94 -47.53 8.81 22.18
C GLU A 94 -47.86 9.04 23.65
N GLN A 95 -48.60 10.10 23.96
CA GLN A 95 -49.04 10.34 25.34
C GLN A 95 -50.10 9.37 25.81
N ALA A 96 -50.91 8.82 24.91
CA ALA A 96 -51.98 7.90 25.30
C ALA A 96 -51.48 6.49 25.58
N GLY A 97 -50.23 6.18 25.24
CA GLY A 97 -49.68 4.86 25.52
C GLY A 97 -48.71 4.86 26.67
N LEU A 98 -48.36 6.05 27.15
CA LEU A 98 -47.45 6.16 28.29
C LEU A 98 -48.02 5.58 29.58
N PRO A 99 -49.28 5.87 29.95
CA PRO A 99 -49.82 5.24 31.18
C PRO A 99 -49.84 3.72 31.13
N ASP A 100 -50.07 3.15 29.95
CA ASP A 100 -50.06 1.69 29.81
C ASP A 100 -48.68 1.13 30.11
N LEU A 101 -47.64 1.77 29.56
CA LEU A 101 -46.27 1.33 29.83
C LEU A 101 -45.93 1.49 31.31
N LYS A 102 -46.36 2.61 31.92
CA LYS A 102 -46.07 2.82 33.33
C LYS A 102 -46.74 1.78 34.21
N ALA A 103 -48.01 1.47 33.92
CA ALA A 103 -48.73 0.44 34.67
C ALA A 103 -48.10 -0.93 34.47
N ALA A 104 -47.67 -1.25 33.25
CA ALA A 104 -47.01 -2.52 32.99
C ALA A 104 -45.70 -2.63 33.77
N ILE A 105 -44.92 -1.55 33.80
CA ILE A 105 -43.66 -1.56 34.56
C ILE A 105 -43.94 -1.74 36.04
N ALA A 106 -44.94 -1.04 36.57
CA ALA A 106 -45.28 -1.17 37.98
C ALA A 106 -45.71 -2.60 38.31
N TYR A 107 -46.54 -3.20 37.46
CA TYR A 107 -46.98 -4.57 37.72
C TYR A 107 -45.83 -5.56 37.63
N CYS A 108 -44.96 -5.41 36.63
CA CYS A 108 -43.82 -6.30 36.50
C CYS A 108 -42.90 -6.19 37.70
N GLU A 109 -42.75 -4.98 38.26
CA GLU A 109 -42.03 -4.82 39.50
C GLU A 109 -42.74 -5.53 40.65
N SER A 110 -44.06 -5.44 40.70
CA SER A 110 -44.81 -6.01 41.82
C SER A 110 -44.70 -7.53 41.91
N VAL A 111 -44.70 -8.23 40.77
CA VAL A 111 -44.70 -9.68 40.76
C VAL A 111 -43.31 -10.26 40.48
N GLY A 112 -42.31 -9.41 40.30
CA GLY A 112 -40.95 -9.89 40.17
C GLY A 112 -40.51 -10.29 38.78
N ASP A 113 -41.18 -9.80 37.74
CA ASP A 113 -40.74 -10.03 36.36
C ASP A 113 -39.82 -8.89 35.94
N TYR A 114 -38.55 -9.01 36.34
CA TYR A 114 -37.62 -7.89 36.24
C TYR A 114 -37.10 -7.72 34.82
N ALA A 115 -36.91 -8.81 34.09
CA ALA A 115 -36.46 -8.70 32.70
C ALA A 115 -37.50 -8.00 31.84
N SER A 116 -38.78 -8.35 32.02
CA SER A 116 -39.84 -7.65 31.32
C SER A 116 -39.89 -6.19 31.73
N ARG A 117 -39.64 -5.91 33.01
CA ARG A 117 -39.61 -4.52 33.47
C ARG A 117 -38.51 -3.74 32.77
N GLU A 118 -37.33 -4.35 32.62
CA GLU A 118 -36.24 -3.67 31.92
C GLU A 118 -36.56 -3.42 30.45
N LEU A 119 -37.16 -4.41 29.78
CA LEU A 119 -37.56 -4.21 28.39
C LEU A 119 -38.58 -3.07 28.27
N LEU A 120 -39.59 -3.07 29.13
CA LEU A 120 -40.59 -2.01 29.11
C LEU A 120 -39.99 -0.67 29.48
N GLU A 121 -38.96 -0.67 30.33
CA GLU A 121 -38.26 0.56 30.68
C GLU A 121 -37.55 1.16 29.46
N ASP A 122 -36.87 0.30 28.69
CA ASP A 122 -36.25 0.77 27.46
C ASP A 122 -37.28 1.33 26.49
N ILE A 123 -38.41 0.62 26.34
CA ILE A 123 -39.47 1.11 25.47
C ILE A 123 -39.99 2.46 25.96
N LEU A 124 -40.14 2.60 27.29
CA LEU A 124 -40.62 3.86 27.86
C LEU A 124 -39.65 4.99 27.58
N GLU A 125 -38.36 4.74 27.71
CA GLU A 125 -37.37 5.77 27.40
C GLU A 125 -37.46 6.20 25.94
N SER A 126 -37.63 5.23 25.04
CA SER A 126 -37.79 5.58 23.63
C SER A 126 -39.04 6.43 23.40
N GLU A 127 -40.14 6.07 24.04
CA GLU A 127 -41.36 6.88 23.93
C GLU A 127 -41.17 8.29 24.48
N GLU A 128 -40.45 8.43 25.59
CA GLU A 128 -40.16 9.77 26.10
C GLU A 128 -39.33 10.59 25.13
N ASP A 129 -38.33 9.97 24.48
CA ASP A 129 -37.57 10.70 23.47
C ASP A 129 -38.45 11.14 22.30
N HIS A 130 -39.34 10.25 21.86
CA HIS A 130 -40.26 10.63 20.78
C HIS A 130 -41.17 11.79 21.19
N ILE A 131 -41.68 11.75 22.42
CA ILE A 131 -42.52 12.84 22.92
C ILE A 131 -41.73 14.14 22.95
N ASP A 132 -40.47 14.08 23.42
CA ASP A 132 -39.64 15.28 23.45
C ASP A 132 -39.46 15.86 22.06
N TRP A 133 -39.17 15.00 21.07
CA TRP A 133 -38.99 15.50 19.71
C TRP A 133 -40.28 16.13 19.18
N LEU A 134 -41.42 15.50 19.44
CA LEU A 134 -42.68 16.03 18.93
C LEU A 134 -43.02 17.38 19.55
N GLU A 135 -42.82 17.50 20.86
CA GLU A 135 -43.08 18.78 21.52
C GLU A 135 -42.11 19.85 21.06
N THR A 136 -40.85 19.49 20.83
CA THR A 136 -39.88 20.44 20.30
C THR A 136 -40.30 20.92 18.92
N GLN A 137 -40.80 20.01 18.08
CA GLN A 137 -41.26 20.39 16.74
C GLN A 137 -42.44 21.36 16.82
N LEU A 138 -43.41 21.07 17.69
CA LEU A 138 -44.56 21.96 17.80
C LEU A 138 -44.16 23.33 18.35
N ASP A 139 -43.27 23.36 19.34
CA ASP A 139 -42.81 24.64 19.88
C ASP A 139 -42.01 25.41 18.82
N LEU A 140 -41.25 24.72 17.99
CA LEU A 140 -40.54 25.39 16.89
C LEU A 140 -41.52 25.96 15.88
N ILE A 141 -42.60 25.23 15.59
CA ILE A 141 -43.64 25.76 14.71
C ILE A 141 -44.20 27.06 15.29
N ASP A 142 -44.47 27.07 16.59
CA ASP A 142 -44.97 28.27 17.24
C ASP A 142 -43.94 29.41 17.19
N LYS A 143 -42.67 29.07 17.36
CA LYS A 143 -41.63 30.10 17.44
C LYS A 143 -41.35 30.74 16.09
N ILE A 144 -41.21 29.95 15.04
CA ILE A 144 -40.75 30.46 13.75
C ILE A 144 -41.84 30.52 12.69
N GLY A 145 -43.06 30.04 12.98
CA GLY A 145 -44.13 30.10 12.01
C GLY A 145 -44.24 28.86 11.16
N LEU A 146 -45.43 28.61 10.61
CA LEU A 146 -45.65 27.41 9.82
C LEU A 146 -44.87 27.44 8.52
N GLU A 147 -44.87 28.59 7.83
CA GLU A 147 -44.21 28.68 6.53
C GLU A 147 -42.69 28.51 6.66
N ASN A 148 -42.09 29.13 7.67
CA ASN A 148 -40.66 28.95 7.89
C ASN A 148 -40.36 27.51 8.29
N TYR A 149 -41.20 26.91 9.14
CA TYR A 149 -40.96 25.55 9.58
C TYR A 149 -41.02 24.56 8.42
N LEU A 150 -42.03 24.70 7.56
CA LEU A 150 -42.21 23.76 6.45
C LEU A 150 -41.08 23.89 5.44
N GLN A 151 -40.54 25.11 5.27
CA GLN A 151 -39.41 25.29 4.36
C GLN A 151 -38.18 24.52 4.85
N SER A 152 -37.93 24.52 6.15
CA SER A 152 -36.78 23.80 6.70
C SER A 152 -36.96 22.29 6.64
N GLN A 153 -38.17 21.80 6.39
CA GLN A 153 -38.43 20.37 6.27
C GLN A 153 -38.33 19.88 4.83
N MET A 154 -38.13 20.77 3.87
CA MET A 154 -38.04 20.39 2.47
C MET A 154 -36.82 19.51 2.21
N ASP A 155 -35.68 19.89 2.77
CA ASP A 155 -34.44 19.14 2.56
C ASP A 155 -33.65 19.02 3.86
N MET B 1 -51.25 13.65 -9.19
CA MET B 1 -52.10 13.28 -10.32
C MET B 1 -53.31 12.49 -9.85
N LYS B 2 -54.49 12.88 -10.32
CA LYS B 2 -55.71 12.16 -9.98
C LYS B 2 -55.82 10.87 -10.78
N GLY B 3 -56.12 9.77 -10.10
CA GLY B 3 -56.34 8.49 -10.73
C GLY B 3 -57.78 8.03 -10.64
N ASP B 4 -58.02 6.85 -11.22
CA ASP B 4 -59.35 6.26 -11.17
C ASP B 4 -59.69 5.83 -9.75
N LYS B 5 -60.95 6.04 -9.36
CA LYS B 5 -61.38 5.66 -8.03
C LYS B 5 -61.35 4.14 -7.86
N ILE B 6 -61.75 3.40 -8.90
CA ILE B 6 -61.75 1.94 -8.82
C ILE B 6 -60.33 1.39 -8.77
N VAL B 7 -59.38 2.02 -9.46
CA VAL B 7 -57.99 1.61 -9.35
C VAL B 7 -57.48 1.81 -7.93
N ILE B 8 -57.86 2.92 -7.30
CA ILE B 8 -57.48 3.16 -5.91
C ILE B 8 -58.13 2.13 -5.00
N GLN B 9 -59.37 1.74 -5.28
CA GLN B 9 -60.03 0.71 -4.48
C GLN B 9 -59.30 -0.61 -4.57
N HIS B 10 -58.89 -1.01 -5.79
CA HIS B 10 -58.13 -2.23 -5.97
C HIS B 10 -56.80 -2.15 -5.23
N LEU B 11 -56.12 -1.01 -5.32
CA LEU B 11 -54.85 -0.84 -4.63
C LEU B 11 -55.02 -0.93 -3.12
N ASN B 12 -56.12 -0.37 -2.60
CA ASN B 12 -56.39 -0.43 -1.18
C ASN B 12 -56.65 -1.87 -0.73
N LYS B 13 -57.39 -2.63 -1.54
CA LYS B 13 -57.64 -4.03 -1.21
C LYS B 13 -56.32 -4.82 -1.18
N ILE B 14 -55.46 -4.60 -2.19
CA ILE B 14 -54.17 -5.27 -2.21
C ILE B 14 -53.34 -4.86 -1.00
N LEU B 15 -53.41 -3.59 -0.61
CA LEU B 15 -52.67 -3.12 0.56
C LEU B 15 -53.15 -3.81 1.83
N GLY B 16 -54.46 -3.97 1.98
CA GLY B 16 -54.97 -4.71 3.13
C GLY B 16 -54.49 -6.15 3.16
N ASN B 17 -54.50 -6.81 2.00
CA ASN B 17 -53.97 -8.16 1.93
C ASN B 17 -52.49 -8.20 2.32
N GLU B 18 -51.73 -7.20 1.87
CA GLU B 18 -50.30 -7.15 2.21
C GLU B 18 -50.09 -6.95 3.69
N LEU B 19 -50.92 -6.12 4.33
CA LEU B 19 -50.81 -5.94 5.78
C LEU B 19 -51.11 -7.25 6.53
N ILE B 20 -52.15 -7.97 6.10
CA ILE B 20 -52.45 -9.26 6.70
C ILE B 20 -51.24 -10.18 6.57
N ALA B 21 -50.64 -10.22 5.38
CA ALA B 21 -49.47 -11.06 5.15
C ALA B 21 -48.30 -10.64 6.04
N ILE B 22 -48.11 -9.33 6.21
CA ILE B 22 -47.03 -8.83 7.06
C ILE B 22 -47.18 -9.38 8.47
N ASN B 23 -48.37 -9.20 9.05
CA ASN B 23 -48.58 -9.64 10.43
C ASN B 23 -48.42 -11.15 10.57
N GLN B 24 -49.04 -11.91 9.66
CA GLN B 24 -48.99 -13.36 9.77
C GLN B 24 -47.56 -13.88 9.62
N TYR B 25 -46.83 -13.34 8.63
CA TYR B 25 -45.47 -13.81 8.39
C TYR B 25 -44.54 -13.43 9.52
N PHE B 26 -44.69 -12.23 10.08
CA PHE B 26 -43.82 -11.86 11.20
C PHE B 26 -44.09 -12.75 12.42
N LEU B 27 -45.36 -13.02 12.72
CA LEU B 27 -45.64 -13.89 13.85
C LEU B 27 -45.09 -15.30 13.61
N HIS B 28 -45.28 -15.84 12.40
CA HIS B 28 -44.76 -17.16 12.11
C HIS B 28 -43.24 -17.20 12.22
N ALA B 29 -42.57 -16.16 11.71
CA ALA B 29 -41.12 -16.09 11.82
C ALA B 29 -40.68 -16.08 13.28
N ARG B 30 -41.38 -15.31 14.11
CA ARG B 30 -40.99 -15.22 15.52
C ARG B 30 -41.16 -16.56 16.23
N MET B 31 -42.25 -17.28 15.97
CA MET B 31 -42.39 -18.59 16.64
C MET B 31 -41.43 -19.62 16.05
N TYR B 32 -41.09 -19.50 14.77
CA TYR B 32 -40.06 -20.36 14.20
C TYR B 32 -38.73 -20.18 14.89
N GLU B 33 -38.32 -18.92 15.09
CA GLU B 33 -37.06 -18.66 15.79
C GLU B 33 -37.18 -19.04 17.26
N ASP B 34 -38.37 -18.95 17.84
CA ASP B 34 -38.56 -19.36 19.22
C ASP B 34 -38.38 -20.87 19.41
N TRP B 35 -38.85 -21.68 18.46
CA TRP B 35 -38.69 -23.13 18.57
C TRP B 35 -37.28 -23.60 18.29
N GLY B 36 -36.39 -22.73 17.83
CA GLY B 36 -35.05 -23.12 17.46
C GLY B 36 -34.85 -23.40 15.99
N LEU B 37 -35.80 -23.05 15.14
CA LEU B 37 -35.71 -23.29 13.70
C LEU B 37 -35.23 -22.01 13.02
N GLU B 38 -33.91 -21.84 13.01
CA GLU B 38 -33.29 -20.61 12.54
C GLU B 38 -33.50 -20.38 11.04
N LYS B 39 -33.40 -21.45 10.24
CA LYS B 39 -33.56 -21.31 8.79
C LYS B 39 -34.97 -20.86 8.42
N LEU B 40 -35.97 -21.56 8.96
CA LEU B 40 -37.35 -21.20 8.68
C LEU B 40 -37.68 -19.81 9.23
N GLY B 41 -37.17 -19.49 10.40
CA GLY B 41 -37.37 -18.17 10.97
C GLY B 41 -36.80 -17.08 10.11
N LYS B 42 -35.56 -17.27 9.63
CA LYS B 42 -34.94 -16.26 8.76
C LYS B 42 -35.70 -16.10 7.45
N HIS B 43 -36.12 -17.22 6.85
CA HIS B 43 -36.83 -17.10 5.58
C HIS B 43 -38.19 -16.44 5.76
N GLU B 44 -38.90 -16.77 6.84
CA GLU B 44 -40.18 -16.13 7.10
C GLU B 44 -40.00 -14.65 7.41
N TYR B 45 -38.92 -14.29 8.10
CA TYR B 45 -38.61 -12.89 8.37
C TYR B 45 -38.37 -12.14 7.07
N HIS B 46 -37.60 -12.73 6.16
CA HIS B 46 -37.34 -12.09 4.87
C HIS B 46 -38.61 -11.96 4.05
N GLU B 47 -39.45 -13.00 4.05
CA GLU B 47 -40.73 -12.93 3.36
C GLU B 47 -41.61 -11.83 3.94
N SER B 48 -41.63 -11.70 5.27
CA SER B 48 -42.39 -10.64 5.91
C SER B 48 -41.88 -9.26 5.49
N ILE B 49 -40.56 -9.08 5.47
CA ILE B 49 -39.99 -7.80 5.07
C ILE B 49 -40.33 -7.49 3.61
N ASP B 50 -40.35 -8.52 2.76
CA ASP B 50 -40.77 -8.33 1.38
C ASP B 50 -42.21 -7.85 1.31
N GLU B 51 -43.07 -8.43 2.16
CA GLU B 51 -44.46 -7.96 2.24
C GLU B 51 -44.54 -6.51 2.70
N MET B 52 -43.68 -6.12 3.64
CA MET B 52 -43.65 -4.73 4.10
C MET B 52 -43.27 -3.79 2.96
N LYS B 53 -42.27 -4.18 2.16
CA LYS B 53 -41.89 -3.35 1.02
C LYS B 53 -43.00 -3.28 -0.01
N HIS B 54 -43.72 -4.38 -0.23
CA HIS B 54 -44.88 -4.35 -1.12
C HIS B 54 -45.93 -3.37 -0.63
N ALA B 55 -46.23 -3.42 0.67
CA ALA B 55 -47.21 -2.50 1.24
C ALA B 55 -46.74 -1.05 1.13
N ASP B 56 -45.45 -0.82 1.33
CA ASP B 56 -44.90 0.53 1.20
C ASP B 56 -45.07 1.04 -0.24
N LYS B 57 -44.78 0.19 -1.22
CA LYS B 57 -44.95 0.57 -2.62
C LYS B 57 -46.40 0.89 -2.92
N LEU B 58 -47.32 0.07 -2.39
CA LEU B 58 -48.74 0.32 -2.61
C LEU B 58 -49.17 1.64 -1.98
N ILE B 59 -48.66 1.95 -0.78
CA ILE B 59 -48.99 3.21 -0.13
C ILE B 59 -48.49 4.38 -0.95
N LYS B 60 -47.26 4.29 -1.47
CA LYS B 60 -46.74 5.36 -2.32
C LYS B 60 -47.60 5.53 -3.56
N ARG B 61 -48.01 4.43 -4.19
CA ARG B 61 -48.81 4.52 -5.40
C ARG B 61 -50.18 5.13 -5.11
N ILE B 62 -50.80 4.75 -4.00
CA ILE B 62 -52.11 5.30 -3.65
C ILE B 62 -51.99 6.79 -3.36
N LEU B 63 -50.94 7.19 -2.64
CA LEU B 63 -50.75 8.60 -2.33
C LEU B 63 -50.47 9.41 -3.60
N PHE B 64 -49.72 8.84 -4.54
CA PHE B 64 -49.48 9.52 -5.80
C PHE B 64 -50.77 9.74 -6.58
N LEU B 65 -51.67 8.77 -6.56
CA LEU B 65 -52.96 8.86 -7.24
C LEU B 65 -53.96 9.72 -6.47
N GLU B 66 -53.48 10.47 -5.48
CA GLU B 66 -54.31 11.36 -4.67
C GLU B 66 -55.45 10.60 -3.98
N GLY B 67 -55.16 9.38 -3.54
CA GLY B 67 -56.09 8.59 -2.78
C GLY B 67 -55.73 8.51 -1.31
N LEU B 68 -56.57 7.77 -0.58
CA LEU B 68 -56.39 7.61 0.87
C LEU B 68 -56.08 6.16 1.20
N PRO B 69 -54.84 5.83 1.56
CA PRO B 69 -54.53 4.45 1.95
C PRO B 69 -55.35 4.02 3.15
N ASN B 70 -55.76 2.75 3.14
CA ASN B 70 -56.58 2.18 4.21
C ASN B 70 -55.70 1.24 5.03
N LEU B 71 -55.01 1.80 6.01
CA LEU B 71 -54.21 1.01 6.94
C LEU B 71 -55.02 0.49 8.13
N GLN B 72 -56.22 1.04 8.34
CA GLN B 72 -57.00 0.74 9.54
C GLN B 72 -57.48 -0.70 9.59
N GLU B 73 -58.10 -1.17 8.51
CA GLU B 73 -58.72 -2.49 8.54
C GLU B 73 -57.66 -3.59 8.42
N LEU B 74 -57.64 -4.46 9.43
CA LEU B 74 -56.81 -5.67 9.42
C LEU B 74 -57.74 -6.87 9.50
N GLY B 75 -57.66 -7.75 8.50
CA GLY B 75 -58.57 -8.86 8.39
C GLY B 75 -58.09 -10.07 9.18
N LYS B 76 -58.61 -11.23 8.76
CA LYS B 76 -58.31 -12.50 9.43
C LYS B 76 -56.83 -12.83 9.35
N LEU B 77 -56.31 -13.49 10.38
CA LEU B 77 -54.89 -13.85 10.44
C LEU B 77 -54.82 -15.37 10.61
N LEU B 78 -54.32 -16.04 9.57
CA LEU B 78 -54.24 -17.51 9.59
C LEU B 78 -53.01 -17.99 10.32
N ILE B 79 -53.10 -18.14 11.64
CA ILE B 79 -51.96 -18.52 12.46
C ILE B 79 -52.01 -20.01 12.73
N GLY B 80 -50.89 -20.69 12.50
CA GLY B 80 -50.79 -22.12 12.72
C GLY B 80 -50.15 -22.47 14.06
N GLU B 81 -50.21 -23.76 14.39
CA GLU B 81 -49.68 -24.27 15.63
C GLU B 81 -48.43 -25.12 15.48
N HIS B 82 -48.20 -25.70 14.30
CA HIS B 82 -47.01 -26.49 14.05
C HIS B 82 -46.48 -26.15 12.66
N THR B 83 -45.21 -26.50 12.43
CA THR B 83 -44.49 -26.09 11.24
C THR B 83 -45.25 -26.41 9.95
N LYS B 84 -45.74 -27.64 9.84
CA LYS B 84 -46.55 -28.03 8.69
C LYS B 84 -47.78 -27.14 8.56
N GLU B 85 -48.48 -26.94 9.68
CA GLU B 85 -49.71 -26.16 9.66
C GLU B 85 -49.44 -24.71 9.29
N MET B 86 -48.36 -24.12 9.81
CA MET B 86 -48.05 -22.74 9.45
C MET B 86 -47.62 -22.61 8.00
N LEU B 87 -46.90 -23.61 7.48
CA LEU B 87 -46.56 -23.59 6.06
C LEU B 87 -47.81 -23.65 5.20
N GLU B 88 -48.76 -24.52 5.55
CA GLU B 88 -50.01 -24.58 4.80
C GLU B 88 -50.80 -23.28 4.93
N CYS B 89 -50.81 -22.67 6.11
CA CYS B 89 -51.52 -21.40 6.30
C CYS B 89 -50.91 -20.30 5.43
N ASP B 90 -49.58 -20.23 5.40
CA ASP B 90 -48.91 -19.26 4.54
C ASP B 90 -49.22 -19.51 3.08
N LEU B 91 -49.22 -20.77 2.65
CA LEU B 91 -49.55 -21.09 1.27
C LEU B 91 -50.99 -20.70 0.93
N LYS B 92 -51.92 -20.95 1.84
CA LYS B 92 -53.32 -20.58 1.61
C LYS B 92 -53.47 -19.06 1.50
N LEU B 93 -52.79 -18.32 2.39
CA LEU B 93 -52.84 -16.87 2.30
C LEU B 93 -52.28 -16.37 0.98
N GLU B 94 -51.12 -16.90 0.57
CA GLU B 94 -50.50 -16.47 -0.67
C GLU B 94 -51.36 -16.81 -1.88
N GLN B 95 -52.02 -17.97 -1.88
CA GLN B 95 -52.91 -18.37 -2.96
C GLN B 95 -54.18 -17.55 -3.01
N ALA B 96 -54.75 -17.19 -1.85
CA ALA B 96 -55.93 -16.34 -1.82
C ALA B 96 -55.58 -14.92 -2.24
N GLY B 97 -54.32 -14.54 -2.07
CA GLY B 97 -53.87 -13.23 -2.51
C GLY B 97 -53.88 -13.04 -4.02
N LEU B 98 -53.60 -14.10 -4.77
CA LEU B 98 -53.40 -14.03 -6.22
C LEU B 98 -54.60 -13.49 -7.00
N PRO B 99 -55.84 -13.99 -6.79
CA PRO B 99 -56.95 -13.54 -7.65
C PRO B 99 -57.18 -12.04 -7.59
N ASP B 100 -56.98 -11.43 -6.42
CA ASP B 100 -57.13 -9.99 -6.30
C ASP B 100 -56.08 -9.26 -7.13
N LEU B 101 -54.83 -9.72 -7.10
CA LEU B 101 -53.78 -9.11 -7.89
C LEU B 101 -54.06 -9.25 -9.38
N LYS B 102 -54.52 -10.43 -9.80
CA LYS B 102 -54.83 -10.64 -11.22
C LYS B 102 -55.98 -9.76 -11.68
N ALA B 103 -57.03 -9.65 -10.86
CA ALA B 103 -58.14 -8.77 -11.20
C ALA B 103 -57.70 -7.31 -11.27
N ALA B 104 -56.86 -6.89 -10.33
CA ALA B 104 -56.35 -5.51 -10.35
C ALA B 104 -55.51 -5.24 -11.59
N ILE B 105 -54.66 -6.19 -11.98
CA ILE B 105 -53.86 -6.03 -13.19
C ILE B 105 -54.76 -5.93 -14.42
N ALA B 106 -55.77 -6.81 -14.51
CA ALA B 106 -56.68 -6.76 -15.64
C ALA B 106 -57.41 -5.43 -15.70
N TYR B 107 -57.88 -4.92 -14.56
CA TYR B 107 -58.59 -3.65 -14.56
C TYR B 107 -57.66 -2.50 -14.94
N CYS B 108 -56.44 -2.49 -14.41
CA CYS B 108 -55.49 -1.44 -14.78
C CYS B 108 -55.19 -1.47 -16.26
N GLU B 109 -55.18 -2.67 -16.86
CA GLU B 109 -55.10 -2.76 -18.31
C GLU B 109 -56.32 -2.14 -18.97
N SER B 110 -57.51 -2.40 -18.41
CA SER B 110 -58.74 -1.95 -19.06
C SER B 110 -58.84 -0.43 -19.13
N VAL B 111 -58.41 0.27 -18.08
CA VAL B 111 -58.55 1.72 -18.01
C VAL B 111 -57.25 2.44 -18.35
N GLY B 112 -56.18 1.71 -18.65
CA GLY B 112 -54.95 2.33 -19.09
C GLY B 112 -54.03 2.85 -18.01
N ASP B 113 -54.13 2.33 -16.78
CA ASP B 113 -53.18 2.67 -15.71
C ASP B 113 -52.01 1.68 -15.77
N TYR B 114 -51.07 1.98 -16.69
CA TYR B 114 -50.03 1.01 -17.02
C TYR B 114 -48.94 0.97 -15.95
N ALA B 115 -48.62 2.10 -15.33
CA ALA B 115 -47.62 2.11 -14.26
C ALA B 115 -48.11 1.30 -13.06
N SER B 116 -49.39 1.46 -12.71
CA SER B 116 -49.97 0.64 -11.65
C SER B 116 -49.94 -0.83 -12.02
N ARG B 117 -50.19 -1.14 -13.29
CA ARG B 117 -50.12 -2.53 -13.74
C ARG B 117 -48.71 -3.08 -13.56
N GLU B 118 -47.70 -2.29 -13.90
CA GLU B 118 -46.32 -2.76 -13.75
C GLU B 118 -45.96 -3.00 -12.29
N LEU B 119 -46.39 -2.09 -11.41
CA LEU B 119 -46.18 -2.30 -9.97
C LEU B 119 -46.86 -3.59 -9.50
N LEU B 120 -48.12 -3.78 -9.88
CA LEU B 120 -48.85 -4.97 -9.46
C LEU B 120 -48.25 -6.22 -10.08
N GLU B 121 -47.64 -6.11 -11.26
CA GLU B 121 -47.01 -7.25 -11.90
C GLU B 121 -45.76 -7.67 -11.14
N ASP B 122 -44.96 -6.70 -10.70
CA ASP B 122 -43.81 -7.01 -9.87
C ASP B 122 -44.26 -7.69 -8.57
N ILE B 123 -45.32 -7.16 -7.95
CA ILE B 123 -45.85 -7.77 -6.74
C ILE B 123 -46.30 -9.20 -7.02
N LEU B 124 -46.98 -9.41 -8.14
CA LEU B 124 -47.48 -10.75 -8.49
C LEU B 124 -46.34 -11.74 -8.70
N GLU B 125 -45.27 -11.30 -9.36
CA GLU B 125 -44.10 -12.17 -9.51
C GLU B 125 -43.52 -12.54 -8.16
N SER B 126 -43.43 -11.58 -7.25
CA SER B 126 -42.92 -11.88 -5.91
C SER B 126 -43.82 -12.90 -5.20
N GLU B 127 -45.13 -12.71 -5.28
CA GLU B 127 -46.05 -13.65 -4.61
C GLU B 127 -45.94 -15.04 -5.21
N GLU B 128 -45.76 -15.12 -6.53
CA GLU B 128 -45.56 -16.41 -7.17
C GLU B 128 -44.28 -17.08 -6.72
N ASP B 129 -43.19 -16.33 -6.54
CA ASP B 129 -41.99 -16.91 -5.96
C ASP B 129 -42.18 -17.42 -4.54
N HIS B 130 -42.88 -16.67 -3.68
CA HIS B 130 -43.21 -17.18 -2.35
C HIS B 130 -44.04 -18.46 -2.43
N ILE B 131 -45.01 -18.53 -3.34
CA ILE B 131 -45.80 -19.74 -3.50
C ILE B 131 -44.91 -20.91 -3.90
N ASP B 132 -43.98 -20.67 -4.85
CA ASP B 132 -43.08 -21.73 -5.27
C ASP B 132 -42.24 -22.23 -4.10
N TRP B 133 -41.71 -21.32 -3.29
CA TRP B 133 -40.91 -21.74 -2.15
C TRP B 133 -41.73 -22.55 -1.16
N LEU B 134 -42.97 -22.11 -0.88
CA LEU B 134 -43.80 -22.80 0.09
C LEU B 134 -44.15 -24.21 -0.39
N GLU B 135 -44.51 -24.34 -1.67
CA GLU B 135 -44.82 -25.66 -2.21
C GLU B 135 -43.59 -26.55 -2.22
N THR B 136 -42.42 -25.99 -2.52
CA THR B 136 -41.19 -26.77 -2.48
C THR B 136 -40.91 -27.28 -1.06
N GLN B 137 -41.14 -26.44 -0.06
CA GLN B 137 -40.92 -26.86 1.32
C GLN B 137 -41.88 -27.97 1.71
N LEU B 138 -43.15 -27.86 1.33
CA LEU B 138 -44.11 -28.91 1.65
C LEU B 138 -43.76 -30.21 0.94
N ASP B 139 -43.34 -30.13 -0.31
CA ASP B 139 -42.93 -31.33 -1.04
C ASP B 139 -41.70 -31.96 -0.41
N LEU B 140 -40.76 -31.14 0.08
CA LEU B 140 -39.60 -31.67 0.77
C LEU B 140 -39.99 -32.36 2.07
N ILE B 141 -40.96 -31.79 2.79
CA ILE B 141 -41.48 -32.45 4.00
C ILE B 141 -42.03 -33.82 3.65
N ASP B 142 -42.81 -33.89 2.56
CA ASP B 142 -43.35 -35.17 2.14
C ASP B 142 -42.25 -36.15 1.72
N LYS B 143 -41.21 -35.65 1.06
CA LYS B 143 -40.16 -36.51 0.54
C LYS B 143 -39.25 -37.07 1.62
N ILE B 144 -38.81 -36.24 2.57
CA ILE B 144 -37.79 -36.64 3.53
C ILE B 144 -38.33 -36.82 4.94
N GLY B 145 -39.60 -36.51 5.18
CA GLY B 145 -40.17 -36.68 6.50
C GLY B 145 -40.07 -35.43 7.36
N LEU B 146 -40.92 -35.33 8.37
CA LEU B 146 -40.96 -34.13 9.21
C LEU B 146 -39.69 -34.00 10.04
N GLU B 147 -39.30 -35.08 10.72
CA GLU B 147 -38.14 -35.01 11.61
C GLU B 147 -36.86 -34.68 10.85
N ASN B 148 -36.66 -35.30 9.68
CA ASN B 148 -35.51 -34.97 8.86
C ASN B 148 -35.57 -33.53 8.37
N TYR B 149 -36.77 -33.06 8.01
CA TYR B 149 -36.91 -31.69 7.53
C TYR B 149 -36.62 -30.68 8.61
N LEU B 150 -37.17 -30.89 9.82
CA LEU B 150 -37.00 -29.93 10.89
C LEU B 150 -35.54 -29.84 11.33
N GLN B 151 -34.80 -30.95 11.20
CA GLN B 151 -33.39 -30.94 11.55
C GLN B 151 -32.60 -30.00 10.65
N SER B 152 -32.93 -29.97 9.35
CA SER B 152 -32.23 -29.07 8.43
C SER B 152 -32.57 -27.62 8.70
N GLN B 153 -33.67 -27.34 9.38
CA GLN B 153 -34.07 -25.98 9.73
C GLN B 153 -33.45 -25.49 11.03
N MET B 154 -32.73 -26.36 11.75
CA MET B 154 -32.09 -26.00 13.00
C MET B 154 -31.04 -24.92 12.81
N ASP B 155 -30.20 -25.08 11.79
CA ASP B 155 -29.15 -24.12 11.51
C ASP B 155 -29.03 -23.84 10.01
N MET C 1 -47.21 -24.63 -8.38
CA MET C 1 -48.43 -23.95 -8.79
C MET C 1 -48.95 -24.52 -10.10
N LYS C 2 -50.22 -24.91 -10.11
CA LYS C 2 -50.83 -25.44 -11.33
C LYS C 2 -51.10 -24.32 -12.32
N GLY C 3 -50.57 -24.48 -13.54
CA GLY C 3 -50.80 -23.52 -14.59
C GLY C 3 -51.87 -23.97 -15.58
N ASP C 4 -52.08 -23.13 -16.60
CA ASP C 4 -53.05 -23.44 -17.64
C ASP C 4 -52.41 -24.37 -18.67
N LYS C 5 -53.17 -25.37 -19.11
CA LYS C 5 -52.61 -26.38 -20.00
C LYS C 5 -52.18 -25.78 -21.34
N ILE C 6 -53.00 -24.88 -21.88
CA ILE C 6 -52.67 -24.25 -23.16
C ILE C 6 -51.45 -23.34 -23.02
N VAL C 7 -51.29 -22.68 -21.88
CA VAL C 7 -50.06 -21.93 -21.63
C VAL C 7 -48.86 -22.87 -21.63
N ILE C 8 -49.01 -24.06 -21.05
CA ILE C 8 -47.94 -25.06 -21.08
C ILE C 8 -47.64 -25.47 -22.51
N GLN C 9 -48.66 -25.67 -23.34
CA GLN C 9 -48.42 -26.04 -24.74
C GLN C 9 -47.68 -24.94 -25.47
N HIS C 10 -48.06 -23.69 -25.27
CA HIS C 10 -47.36 -22.58 -25.90
C HIS C 10 -45.91 -22.51 -25.46
N LEU C 11 -45.67 -22.68 -24.15
CA LEU C 11 -44.30 -22.65 -23.64
C LEU C 11 -43.47 -23.80 -24.22
N ASN C 12 -44.10 -24.97 -24.36
CA ASN C 12 -43.40 -26.11 -24.94
C ASN C 12 -43.05 -25.86 -26.40
N LYS C 13 -43.96 -25.24 -27.15
CA LYS C 13 -43.67 -24.89 -28.54
C LYS C 13 -42.51 -23.91 -28.64
N ILE C 14 -42.51 -22.89 -27.76
CA ILE C 14 -41.41 -21.93 -27.78
C ILE C 14 -40.10 -22.62 -27.42
N LEU C 15 -40.13 -23.53 -26.45
CA LEU C 15 -38.92 -24.27 -26.07
C LEU C 15 -38.42 -25.13 -27.24
N GLY C 16 -39.34 -25.76 -27.97
CA GLY C 16 -38.94 -26.53 -29.13
C GLY C 16 -38.29 -25.68 -30.20
N ASN C 17 -38.81 -24.46 -30.40
CA ASN C 17 -38.16 -23.53 -31.32
C ASN C 17 -36.77 -23.14 -30.82
N GLU C 18 -36.65 -22.90 -29.51
CA GLU C 18 -35.38 -22.47 -28.93
C GLU C 18 -34.31 -23.55 -29.08
N LEU C 19 -34.69 -24.81 -28.93
CA LEU C 19 -33.72 -25.89 -29.11
C LEU C 19 -33.18 -25.94 -30.53
N ILE C 20 -34.07 -25.78 -31.51
CA ILE C 20 -33.65 -25.73 -32.92
C ILE C 20 -32.69 -24.57 -33.12
N ALA C 21 -33.02 -23.41 -32.56
CA ALA C 21 -32.14 -22.25 -32.67
C ALA C 21 -30.78 -22.53 -32.06
N ILE C 22 -30.76 -23.19 -30.90
CA ILE C 22 -29.50 -23.52 -30.24
C ILE C 22 -28.63 -24.36 -31.16
N ASN C 23 -29.19 -25.44 -31.69
CA ASN C 23 -28.39 -26.35 -32.51
C ASN C 23 -27.90 -25.66 -33.77
N GLN C 24 -28.79 -24.97 -34.48
CA GLN C 24 -28.40 -24.32 -35.73
C GLN C 24 -27.34 -23.24 -35.50
N TYR C 25 -27.53 -22.42 -34.47
CA TYR C 25 -26.58 -21.35 -34.20
C TYR C 25 -25.24 -21.90 -33.77
N PHE C 26 -25.21 -22.96 -32.96
CA PHE C 26 -23.94 -23.53 -32.55
C PHE C 26 -23.19 -24.11 -33.74
N LEU C 27 -23.90 -24.83 -34.62
CA LEU C 27 -23.24 -25.39 -35.80
C LEU C 27 -22.70 -24.27 -36.69
N HIS C 28 -23.50 -23.23 -36.92
CA HIS C 28 -23.05 -22.13 -37.75
C HIS C 28 -21.83 -21.45 -37.14
N ALA C 29 -21.84 -21.26 -35.82
CA ALA C 29 -20.69 -20.66 -35.15
C ALA C 29 -19.45 -21.51 -35.35
N ARG C 30 -19.58 -22.83 -35.21
CA ARG C 30 -18.42 -23.69 -35.36
C ARG C 30 -17.87 -23.67 -36.77
N MET C 31 -18.71 -23.66 -37.80
CA MET C 31 -18.17 -23.59 -39.15
C MET C 31 -17.61 -22.19 -39.45
N TYR C 32 -18.16 -21.15 -38.82
CA TYR C 32 -17.55 -19.83 -38.94
C TYR C 32 -16.14 -19.81 -38.37
N GLU C 33 -15.95 -20.39 -37.19
CA GLU C 33 -14.61 -20.49 -36.63
C GLU C 33 -13.70 -21.35 -37.49
N ASP C 34 -14.25 -22.44 -38.05
CA ASP C 34 -13.46 -23.32 -38.90
C ASP C 34 -12.96 -22.61 -40.15
N TRP C 35 -13.79 -21.76 -40.74
CA TRP C 35 -13.40 -21.03 -41.94
C TRP C 35 -12.39 -19.91 -41.66
N GLY C 36 -12.11 -19.62 -40.39
CA GLY C 36 -11.20 -18.54 -40.06
C GLY C 36 -11.88 -17.22 -39.78
N LEU C 37 -13.20 -17.20 -39.68
CA LEU C 37 -13.96 -15.98 -39.40
C LEU C 37 -14.28 -15.93 -37.91
N GLU C 38 -13.29 -15.50 -37.14
CA GLU C 38 -13.38 -15.55 -35.68
C GLU C 38 -14.44 -14.60 -35.14
N LYS C 39 -14.57 -13.42 -35.75
CA LYS C 39 -15.54 -12.44 -35.26
C LYS C 39 -16.97 -12.94 -35.44
N LEU C 40 -17.30 -13.39 -36.64
CA LEU C 40 -18.63 -13.91 -36.92
C LEU C 40 -18.91 -15.16 -36.11
N GLY C 41 -17.90 -16.02 -35.96
CA GLY C 41 -18.08 -17.22 -35.14
C GLY C 41 -18.33 -16.87 -33.69
N LYS C 42 -17.62 -15.88 -33.16
CA LYS C 42 -17.83 -15.46 -31.77
C LYS C 42 -19.23 -14.90 -31.57
N HIS C 43 -19.70 -14.07 -32.50
CA HIS C 43 -21.05 -13.52 -32.37
C HIS C 43 -22.10 -14.63 -32.46
N GLU C 44 -21.91 -15.57 -33.38
CA GLU C 44 -22.83 -16.69 -33.50
C GLU C 44 -22.84 -17.56 -32.25
N TYR C 45 -21.66 -17.78 -31.66
CA TYR C 45 -21.57 -18.55 -30.42
C TYR C 45 -22.31 -17.86 -29.29
N HIS C 46 -22.16 -16.53 -29.19
CA HIS C 46 -22.89 -15.79 -28.16
C HIS C 46 -24.39 -15.84 -28.40
N GLU C 47 -24.82 -15.77 -29.66
CA GLU C 47 -26.24 -15.89 -29.97
C GLU C 47 -26.77 -17.26 -29.57
N SER C 48 -26.01 -18.32 -29.84
CA SER C 48 -26.41 -19.66 -29.44
C SER C 48 -26.50 -19.77 -27.92
N ILE C 49 -25.55 -19.18 -27.20
CA ILE C 49 -25.62 -19.19 -25.73
C ILE C 49 -26.85 -18.46 -25.23
N ASP C 50 -27.20 -17.34 -25.88
CA ASP C 50 -28.41 -16.62 -25.47
C ASP C 50 -29.66 -17.46 -25.72
N GLU C 51 -29.72 -18.16 -26.85
CA GLU C 51 -30.82 -19.09 -27.09
C GLU C 51 -30.85 -20.19 -26.04
N MET C 52 -29.68 -20.63 -25.60
CA MET C 52 -29.57 -21.64 -24.55
C MET C 52 -30.15 -21.14 -23.23
N LYS C 53 -29.83 -19.90 -22.86
CA LYS C 53 -30.42 -19.30 -21.68
C LYS C 53 -31.93 -19.16 -21.79
N HIS C 54 -32.41 -18.80 -22.99
CA HIS C 54 -33.86 -18.73 -23.21
C HIS C 54 -34.51 -20.10 -22.99
N ALA C 55 -33.89 -21.15 -23.53
CA ALA C 55 -34.44 -22.49 -23.34
C ALA C 55 -34.43 -22.89 -21.87
N ASP C 56 -33.37 -22.53 -21.15
CA ASP C 56 -33.29 -22.82 -19.72
C ASP C 56 -34.42 -22.12 -18.98
N LYS C 57 -34.66 -20.84 -19.30
CA LYS C 57 -35.72 -20.09 -18.65
C LYS C 57 -37.09 -20.72 -18.93
N LEU C 58 -37.30 -21.14 -20.18
CA LEU C 58 -38.57 -21.78 -20.53
C LEU C 58 -38.75 -23.09 -19.78
N ILE C 59 -37.68 -23.87 -19.64
CA ILE C 59 -37.76 -25.12 -18.89
C ILE C 59 -38.13 -24.84 -17.44
N LYS C 60 -37.49 -23.83 -16.85
CA LYS C 60 -37.80 -23.47 -15.46
C LYS C 60 -39.26 -23.05 -15.32
N ARG C 61 -39.76 -22.25 -16.26
CA ARG C 61 -41.14 -21.78 -16.17
C ARG C 61 -42.12 -22.93 -16.34
N ILE C 62 -41.84 -23.85 -17.26
CA ILE C 62 -42.72 -25.00 -17.45
C ILE C 62 -42.73 -25.87 -16.20
N LEU C 63 -41.56 -26.05 -15.59
CA LEU C 63 -41.49 -26.87 -14.38
C LEU C 63 -42.22 -26.21 -13.21
N PHE C 64 -42.13 -24.89 -13.10
CA PHE C 64 -42.85 -24.20 -12.04
C PHE C 64 -44.36 -24.37 -12.18
N LEU C 65 -44.86 -24.33 -13.41
CA LEU C 65 -46.29 -24.50 -13.65
C LEU C 65 -46.72 -25.96 -13.61
N GLU C 66 -45.89 -26.85 -13.06
CA GLU C 66 -46.22 -28.27 -12.91
C GLU C 66 -46.51 -28.92 -14.26
N GLY C 67 -45.75 -28.54 -15.29
CA GLY C 67 -45.84 -29.14 -16.59
C GLY C 67 -44.62 -29.97 -16.91
N LEU C 68 -44.67 -30.61 -18.08
CA LEU C 68 -43.59 -31.48 -18.52
C LEU C 68 -42.86 -30.87 -19.70
N PRO C 69 -41.63 -30.39 -19.53
CA PRO C 69 -40.87 -29.86 -20.66
C PRO C 69 -40.66 -30.94 -21.72
N ASN C 70 -40.72 -30.51 -22.98
CA ASN C 70 -40.61 -31.40 -24.14
C ASN C 70 -39.32 -31.07 -24.87
N LEU C 71 -38.22 -31.68 -24.45
CA LEU C 71 -36.93 -31.52 -25.10
C LEU C 71 -36.67 -32.60 -26.14
N GLN C 72 -37.61 -33.54 -26.32
CA GLN C 72 -37.43 -34.65 -27.25
C GLN C 72 -37.60 -34.24 -28.70
N GLU C 73 -38.52 -33.33 -28.99
CA GLU C 73 -38.83 -32.93 -30.36
C GLU C 73 -37.81 -31.92 -30.84
N LEU C 74 -36.94 -32.34 -31.75
CA LEU C 74 -36.00 -31.45 -32.44
C LEU C 74 -36.38 -31.42 -33.91
N GLY C 75 -36.83 -30.26 -34.38
CA GLY C 75 -37.28 -30.12 -35.74
C GLY C 75 -36.12 -29.88 -36.70
N LYS C 76 -36.48 -29.55 -37.93
CA LYS C 76 -35.52 -29.39 -39.00
C LYS C 76 -34.62 -28.18 -38.75
N LEU C 77 -33.32 -28.36 -38.94
CA LEU C 77 -32.37 -27.26 -38.88
C LEU C 77 -32.17 -26.67 -40.26
N LEU C 78 -32.03 -25.34 -40.31
CA LEU C 78 -31.79 -24.62 -41.55
C LEU C 78 -30.29 -24.32 -41.61
N ILE C 79 -29.51 -25.32 -42.03
CA ILE C 79 -28.06 -25.21 -42.06
C ILE C 79 -27.61 -24.70 -43.42
N GLY C 80 -26.81 -23.64 -43.40
CA GLY C 80 -26.27 -23.07 -44.61
C GLY C 80 -24.88 -23.59 -44.92
N GLU C 81 -24.39 -23.22 -46.10
CA GLU C 81 -23.08 -23.67 -46.57
C GLU C 81 -22.12 -22.54 -46.92
N HIS C 82 -22.59 -21.29 -46.97
CA HIS C 82 -21.70 -20.16 -47.14
C HIS C 82 -22.29 -18.98 -46.37
N THR C 83 -21.42 -18.04 -46.00
CA THR C 83 -21.73 -17.02 -45.00
C THR C 83 -23.05 -16.32 -45.24
N LYS C 84 -23.27 -15.84 -46.48
CA LYS C 84 -24.54 -15.21 -46.80
C LYS C 84 -25.70 -16.18 -46.62
N GLU C 85 -25.52 -17.43 -47.05
CA GLU C 85 -26.59 -18.42 -46.95
C GLU C 85 -26.95 -18.70 -45.50
N MET C 86 -25.96 -18.82 -44.61
CA MET C 86 -26.28 -19.15 -43.23
C MET C 86 -26.79 -17.93 -42.46
N LEU C 87 -26.35 -16.72 -42.83
CA LEU C 87 -26.99 -15.54 -42.27
C LEU C 87 -28.45 -15.46 -42.67
N GLU C 88 -28.76 -15.77 -43.94
CA GLU C 88 -30.14 -15.80 -44.38
C GLU C 88 -30.94 -16.89 -43.68
N CYS C 89 -30.32 -18.05 -43.44
CA CYS C 89 -31.01 -19.13 -42.73
C CYS C 89 -31.32 -18.73 -41.29
N ASP C 90 -30.37 -18.08 -40.61
CA ASP C 90 -30.64 -17.60 -39.26
C ASP C 90 -31.73 -16.56 -39.26
N LEU C 91 -31.73 -15.65 -40.24
CA LEU C 91 -32.79 -14.65 -40.32
C LEU C 91 -34.15 -15.32 -40.55
N LYS C 92 -34.19 -16.34 -41.40
CA LYS C 92 -35.44 -17.06 -41.65
C LYS C 92 -35.94 -17.74 -40.39
N LEU C 93 -35.06 -18.41 -39.66
CA LEU C 93 -35.45 -19.06 -38.40
C LEU C 93 -35.97 -18.04 -37.40
N GLU C 94 -35.26 -16.92 -37.27
CA GLU C 94 -35.64 -15.93 -36.26
C GLU C 94 -36.97 -15.29 -36.61
N GLN C 95 -37.21 -15.01 -37.90
CA GLN C 95 -38.49 -14.47 -38.32
C GLN C 95 -39.62 -15.47 -38.13
N ALA C 96 -39.38 -16.75 -38.46
CA ALA C 96 -40.39 -17.77 -38.29
C ALA C 96 -40.71 -18.05 -36.83
N GLY C 97 -39.78 -17.77 -35.92
CA GLY C 97 -40.05 -17.95 -34.50
C GLY C 97 -40.84 -16.82 -33.88
N LEU C 98 -40.95 -15.69 -34.58
CA LEU C 98 -41.67 -14.53 -34.03
C LEU C 98 -43.16 -14.78 -33.81
N PRO C 99 -43.92 -15.29 -34.79
CA PRO C 99 -45.37 -15.39 -34.57
C PRO C 99 -45.76 -16.26 -33.39
N ASP C 100 -44.99 -17.30 -33.10
CA ASP C 100 -45.29 -18.15 -31.94
C ASP C 100 -45.15 -17.37 -30.64
N LEU C 101 -44.09 -16.58 -30.51
CA LEU C 101 -43.91 -15.77 -29.31
C LEU C 101 -45.03 -14.75 -29.14
N LYS C 102 -45.42 -14.09 -30.23
CA LYS C 102 -46.49 -13.11 -30.15
C LYS C 102 -47.83 -13.76 -29.79
N ALA C 103 -48.14 -14.91 -30.38
CA ALA C 103 -49.35 -15.63 -30.03
C ALA C 103 -49.34 -16.07 -28.58
N ALA C 104 -48.19 -16.55 -28.09
CA ALA C 104 -48.08 -16.94 -26.69
C ALA C 104 -48.28 -15.75 -25.75
N ILE C 105 -47.71 -14.59 -26.10
CA ILE C 105 -47.89 -13.41 -25.27
C ILE C 105 -49.35 -12.98 -25.25
N ALA C 106 -50.00 -13.01 -26.42
CA ALA C 106 -51.41 -12.65 -26.49
C ALA C 106 -52.26 -13.61 -25.66
N TYR C 107 -51.99 -14.92 -25.72
CA TYR C 107 -52.77 -15.86 -24.93
C TYR C 107 -52.52 -15.68 -23.44
N CYS C 108 -51.27 -15.44 -23.04
CA CYS C 108 -50.98 -15.21 -21.63
C CYS C 108 -51.69 -13.97 -21.11
N GLU C 109 -51.79 -12.93 -21.94
CA GLU C 109 -52.61 -11.78 -21.59
C GLU C 109 -54.08 -12.17 -21.45
N SER C 110 -54.56 -13.00 -22.38
CA SER C 110 -55.98 -13.36 -22.37
C SER C 110 -56.36 -14.12 -21.11
N VAL C 111 -55.52 -15.07 -20.67
CA VAL C 111 -55.85 -15.90 -19.52
C VAL C 111 -55.25 -15.36 -18.22
N GLY C 112 -54.47 -14.29 -18.27
CA GLY C 112 -53.97 -13.68 -17.06
C GLY C 112 -52.72 -14.29 -16.48
N ASP C 113 -51.90 -14.97 -17.28
CA ASP C 113 -50.60 -15.47 -16.81
C ASP C 113 -49.53 -14.42 -17.12
N TYR C 114 -49.43 -13.46 -16.21
CA TYR C 114 -48.66 -12.25 -16.50
C TYR C 114 -47.15 -12.49 -16.35
N ALA C 115 -46.75 -13.37 -15.43
CA ALA C 115 -45.32 -13.68 -15.29
C ALA C 115 -44.77 -14.35 -16.53
N SER C 116 -45.53 -15.32 -17.07
CA SER C 116 -45.14 -15.94 -18.33
C SER C 116 -45.10 -14.92 -19.45
N ARG C 117 -46.03 -13.96 -19.43
CA ARG C 117 -46.01 -12.91 -20.44
C ARG C 117 -44.75 -12.07 -20.34
N GLU C 118 -44.32 -11.74 -19.13
CA GLU C 118 -43.08 -10.97 -18.97
C GLU C 118 -41.87 -11.75 -19.48
N LEU C 119 -41.82 -13.05 -19.16
CA LEU C 119 -40.74 -13.89 -19.64
C LEU C 119 -40.72 -13.92 -21.17
N LEU C 120 -41.87 -14.14 -21.79
CA LEU C 120 -41.94 -14.19 -23.24
C LEU C 120 -41.65 -12.83 -23.87
N GLU C 121 -41.98 -11.73 -23.18
CA GLU C 121 -41.64 -10.42 -23.68
C GLU C 121 -40.13 -10.21 -23.70
N ASP C 122 -39.44 -10.64 -22.65
CA ASP C 122 -37.98 -10.56 -22.64
C ASP C 122 -37.40 -11.39 -23.77
N ILE C 123 -37.93 -12.60 -23.96
CA ILE C 123 -37.45 -13.46 -25.06
C ILE C 123 -37.68 -12.79 -26.40
N LEU C 124 -38.86 -12.18 -26.58
CA LEU C 124 -39.20 -11.52 -27.84
C LEU C 124 -38.27 -10.34 -28.12
N GLU C 125 -37.95 -9.56 -27.08
CA GLU C 125 -37.02 -8.46 -27.24
C GLU C 125 -35.65 -8.98 -27.69
N SER C 126 -35.19 -10.07 -27.09
CA SER C 126 -33.92 -10.65 -27.52
C SER C 126 -33.98 -11.11 -28.98
N GLU C 127 -35.07 -11.76 -29.37
CA GLU C 127 -35.18 -12.23 -30.75
C GLU C 127 -35.18 -11.07 -31.73
N GLU C 128 -35.86 -9.97 -31.36
CA GLU C 128 -35.84 -8.78 -32.21
C GLU C 128 -34.45 -8.19 -32.32
N ASP C 129 -33.68 -8.21 -31.24
CA ASP C 129 -32.30 -7.72 -31.30
C ASP C 129 -31.46 -8.57 -32.27
N HIS C 130 -31.61 -9.89 -32.18
CA HIS C 130 -30.89 -10.77 -33.12
C HIS C 130 -31.32 -10.52 -34.55
N ILE C 131 -32.62 -10.29 -34.78
CA ILE C 131 -33.10 -9.98 -36.12
C ILE C 131 -32.46 -8.70 -36.64
N ASP C 132 -32.41 -7.67 -35.79
CA ASP C 132 -31.78 -6.41 -36.17
C ASP C 132 -30.32 -6.64 -36.55
N TRP C 133 -29.59 -7.42 -35.75
CA TRP C 133 -28.19 -7.68 -36.05
C TRP C 133 -28.03 -8.40 -37.39
N LEU C 134 -28.87 -9.41 -37.64
CA LEU C 134 -28.76 -10.17 -38.87
C LEU C 134 -29.06 -9.31 -40.10
N GLU C 135 -30.11 -8.49 -40.01
CA GLU C 135 -30.42 -7.60 -41.12
C GLU C 135 -29.33 -6.57 -41.34
N THR C 136 -28.74 -6.06 -40.26
CA THR C 136 -27.63 -5.12 -40.40
C THR C 136 -26.44 -5.79 -41.10
N GLN C 137 -26.14 -7.04 -40.73
CA GLN C 137 -25.03 -7.74 -41.39
C GLN C 137 -25.31 -7.97 -42.87
N LEU C 138 -26.53 -8.37 -43.22
CA LEU C 138 -26.85 -8.58 -44.62
C LEU C 138 -26.78 -7.27 -45.42
N ASP C 139 -27.28 -6.17 -44.84
CA ASP C 139 -27.18 -4.88 -45.51
C ASP C 139 -25.73 -4.44 -45.66
N LEU C 140 -24.89 -4.73 -44.66
CA LEU C 140 -23.47 -4.42 -44.78
C LEU C 140 -22.82 -5.22 -45.89
N ILE C 141 -23.22 -6.49 -46.03
CA ILE C 141 -22.71 -7.32 -47.12
C ILE C 141 -23.09 -6.68 -48.47
N ASP C 142 -24.36 -6.27 -48.59
CA ASP C 142 -24.81 -5.64 -49.82
C ASP C 142 -24.18 -4.27 -50.07
N LYS C 143 -23.73 -3.59 -49.03
CA LYS C 143 -23.19 -2.24 -49.14
C LYS C 143 -21.69 -2.22 -49.42
N ILE C 144 -20.90 -3.06 -48.75
CA ILE C 144 -19.44 -3.03 -48.88
C ILE C 144 -18.90 -4.20 -49.67
N GLY C 145 -19.73 -5.17 -50.04
CA GLY C 145 -19.26 -6.31 -50.80
C GLY C 145 -18.93 -7.51 -49.95
N LEU C 146 -19.00 -8.71 -50.53
CA LEU C 146 -18.74 -9.92 -49.78
C LEU C 146 -17.28 -10.02 -49.35
N GLU C 147 -16.35 -9.69 -50.25
CA GLU C 147 -14.93 -9.83 -49.95
C GLU C 147 -14.50 -8.86 -48.86
N ASN C 148 -14.97 -7.61 -48.93
CA ASN C 148 -14.66 -6.65 -47.87
C ASN C 148 -15.30 -7.06 -46.55
N TYR C 149 -16.54 -7.56 -46.61
CA TYR C 149 -17.22 -7.97 -45.38
C TYR C 149 -16.50 -9.12 -44.70
N LEU C 150 -16.09 -10.14 -45.46
CA LEU C 150 -15.44 -11.30 -44.88
C LEU C 150 -14.08 -10.94 -44.29
N GLN C 151 -13.41 -9.94 -44.86
CA GLN C 151 -12.13 -9.50 -44.31
C GLN C 151 -12.32 -8.89 -42.92
N SER C 152 -13.45 -8.22 -42.70
CA SER C 152 -13.71 -7.62 -41.40
C SER C 152 -14.04 -8.67 -40.35
N GLN C 153 -14.38 -9.88 -40.75
CA GLN C 153 -14.75 -10.94 -39.82
C GLN C 153 -13.59 -11.88 -39.48
N MET C 154 -12.39 -11.62 -40.02
CA MET C 154 -11.25 -12.47 -39.71
C MET C 154 -10.91 -12.42 -38.23
N ASP C 155 -10.96 -11.24 -37.62
CA ASP C 155 -10.73 -11.10 -36.19
C ASP C 155 -11.33 -9.80 -35.67
N MET D 1 -8.00 -30.59 -43.42
CA MET D 1 -7.46 -31.94 -43.64
C MET D 1 -8.60 -32.93 -43.86
N LYS D 2 -8.48 -33.75 -44.90
CA LYS D 2 -9.49 -34.75 -45.21
C LYS D 2 -9.28 -35.97 -44.34
N GLY D 3 -10.32 -36.39 -43.62
CA GLY D 3 -10.26 -37.54 -42.75
C GLY D 3 -10.90 -38.77 -43.36
N ASP D 4 -10.84 -39.87 -42.60
CA ASP D 4 -11.44 -41.12 -43.03
C ASP D 4 -12.95 -41.06 -42.81
N LYS D 5 -13.71 -41.60 -43.76
CA LYS D 5 -15.16 -41.51 -43.70
C LYS D 5 -15.74 -42.23 -42.49
N ILE D 6 -15.23 -43.44 -42.22
CA ILE D 6 -15.74 -44.23 -41.09
C ILE D 6 -15.39 -43.57 -39.76
N VAL D 7 -14.23 -42.92 -39.67
CA VAL D 7 -13.91 -42.16 -38.47
C VAL D 7 -14.91 -41.03 -38.27
N ILE D 8 -15.29 -40.36 -39.35
CA ILE D 8 -16.27 -39.29 -39.26
C ILE D 8 -17.62 -39.85 -38.83
N GLN D 9 -18.00 -41.03 -39.33
CA GLN D 9 -19.25 -41.66 -38.91
C GLN D 9 -19.24 -41.99 -37.42
N HIS D 10 -18.12 -42.51 -36.93
CA HIS D 10 -18.00 -42.81 -35.51
C HIS D 10 -18.11 -41.54 -34.67
N LEU D 11 -17.44 -40.48 -35.12
CA LEU D 11 -17.52 -39.21 -34.41
C LEU D 11 -18.94 -38.67 -34.41
N ASN D 12 -19.66 -38.83 -35.52
CA ASN D 12 -21.04 -38.39 -35.59
C ASN D 12 -21.92 -39.18 -34.63
N LYS D 13 -21.69 -40.50 -34.52
CA LYS D 13 -22.44 -41.31 -33.57
C LYS D 13 -22.19 -40.86 -32.13
N ILE D 14 -20.91 -40.61 -31.80
CA ILE D 14 -20.61 -40.13 -30.46
C ILE D 14 -21.23 -38.76 -30.22
N LEU D 15 -21.26 -37.92 -31.25
CA LEU D 15 -21.89 -36.60 -31.13
C LEU D 15 -23.38 -36.73 -30.85
N GLY D 16 -24.04 -37.66 -31.53
CA GLY D 16 -25.45 -37.89 -31.26
C GLY D 16 -25.69 -38.36 -29.84
N ASN D 17 -24.85 -39.28 -29.35
CA ASN D 17 -24.96 -39.72 -27.97
C ASN D 17 -24.78 -38.55 -27.00
N GLU D 18 -23.79 -37.69 -27.26
CA GLU D 18 -23.56 -36.54 -26.40
C GLU D 18 -24.73 -35.58 -26.44
N LEU D 19 -25.35 -35.40 -27.61
CA LEU D 19 -26.52 -34.53 -27.71
C LEU D 19 -27.69 -35.09 -26.91
N ILE D 20 -27.87 -36.42 -26.93
CA ILE D 20 -28.89 -37.04 -26.09
C ILE D 20 -28.61 -36.76 -24.62
N ALA D 21 -27.35 -36.94 -24.22
CA ALA D 21 -26.97 -36.78 -22.82
C ALA D 21 -27.16 -35.34 -22.37
N ILE D 22 -26.89 -34.38 -23.25
CA ILE D 22 -27.04 -32.96 -22.91
C ILE D 22 -28.47 -32.68 -22.48
N ASN D 23 -29.43 -33.06 -23.33
CA ASN D 23 -30.83 -32.79 -23.03
C ASN D 23 -31.29 -33.55 -21.79
N GLN D 24 -30.93 -34.84 -21.69
CA GLN D 24 -31.37 -35.60 -20.53
C GLN D 24 -30.84 -35.02 -19.23
N TYR D 25 -29.54 -34.69 -19.20
CA TYR D 25 -28.94 -34.17 -17.98
C TYR D 25 -29.47 -32.79 -17.65
N PHE D 26 -29.69 -31.93 -18.65
CA PHE D 26 -30.22 -30.61 -18.35
C PHE D 26 -31.64 -30.69 -17.80
N LEU D 27 -32.48 -31.54 -18.38
CA LEU D 27 -33.84 -31.69 -17.87
C LEU D 27 -33.83 -32.27 -16.46
N HIS D 28 -32.98 -33.26 -16.22
CA HIS D 28 -32.88 -33.82 -14.87
C HIS D 28 -32.40 -32.78 -13.86
N ALA D 29 -31.40 -31.99 -14.25
CA ALA D 29 -30.89 -30.94 -13.37
C ALA D 29 -31.98 -29.93 -13.04
N ARG D 30 -32.71 -29.48 -14.06
CA ARG D 30 -33.77 -28.51 -13.82
C ARG D 30 -34.92 -29.08 -13.00
N MET D 31 -35.20 -30.38 -13.10
CA MET D 31 -36.27 -30.95 -12.28
C MET D 31 -35.77 -31.29 -10.88
N TYR D 32 -34.45 -31.33 -10.68
CA TYR D 32 -33.92 -31.45 -9.33
C TYR D 32 -34.09 -30.14 -8.55
N GLU D 33 -33.75 -29.01 -9.18
CA GLU D 33 -33.85 -27.72 -8.50
C GLU D 33 -35.30 -27.40 -8.16
N ASP D 34 -36.24 -27.85 -9.00
CA ASP D 34 -37.65 -27.62 -8.73
C ASP D 34 -38.11 -28.31 -7.46
N TRP D 35 -37.50 -29.43 -7.10
CA TRP D 35 -37.85 -30.15 -5.88
C TRP D 35 -37.14 -29.63 -4.65
N GLY D 36 -36.24 -28.66 -4.79
CA GLY D 36 -35.48 -28.14 -3.69
C GLY D 36 -34.16 -28.83 -3.43
N LEU D 37 -33.76 -29.77 -4.28
CA LEU D 37 -32.50 -30.49 -4.12
C LEU D 37 -31.42 -29.75 -4.89
N GLU D 38 -30.83 -28.75 -4.22
CA GLU D 38 -29.88 -27.87 -4.88
C GLU D 38 -28.57 -28.59 -5.21
N LYS D 39 -28.11 -29.47 -4.32
CA LYS D 39 -26.84 -30.15 -4.53
C LYS D 39 -26.88 -31.05 -5.76
N LEU D 40 -27.90 -31.90 -5.84
CA LEU D 40 -28.03 -32.80 -6.97
C LEU D 40 -28.27 -32.03 -8.25
N GLY D 41 -29.08 -30.96 -8.17
CA GLY D 41 -29.31 -30.14 -9.35
C GLY D 41 -28.04 -29.49 -9.85
N LYS D 42 -27.22 -28.97 -8.94
CA LYS D 42 -25.96 -28.35 -9.35
C LYS D 42 -25.02 -29.36 -9.99
N HIS D 43 -24.90 -30.55 -9.38
CA HIS D 43 -24.01 -31.56 -9.96
C HIS D 43 -24.51 -32.02 -11.33
N GLU D 44 -25.82 -32.17 -11.48
CA GLU D 44 -26.39 -32.55 -12.77
C GLU D 44 -26.18 -31.45 -13.81
N TYR D 45 -26.31 -30.20 -13.40
CA TYR D 45 -26.05 -29.08 -14.31
C TYR D 45 -24.60 -29.08 -14.78
N HIS D 46 -23.67 -29.32 -13.87
CA HIS D 46 -22.26 -29.41 -14.26
C HIS D 46 -22.00 -30.59 -15.19
N GLU D 47 -22.64 -31.73 -14.93
CA GLU D 47 -22.50 -32.87 -15.83
C GLU D 47 -23.03 -32.54 -17.22
N SER D 48 -24.19 -31.87 -17.29
CA SER D 48 -24.73 -31.47 -18.58
C SER D 48 -23.79 -30.53 -19.31
N ILE D 49 -23.22 -29.56 -18.60
CA ILE D 49 -22.28 -28.63 -19.23
C ILE D 49 -21.05 -29.36 -19.76
N ASP D 50 -20.58 -30.35 -19.01
CA ASP D 50 -19.46 -31.16 -19.51
C ASP D 50 -19.85 -31.91 -20.77
N GLU D 51 -21.09 -32.40 -20.84
CA GLU D 51 -21.57 -33.03 -22.07
C GLU D 51 -21.59 -32.05 -23.23
N MET D 52 -21.99 -30.80 -22.96
CA MET D 52 -21.98 -29.78 -24.02
C MET D 52 -20.56 -29.53 -24.50
N LYS D 53 -19.60 -29.48 -23.58
CA LYS D 53 -18.21 -29.29 -24.00
C LYS D 53 -17.70 -30.47 -24.82
N HIS D 54 -18.11 -31.68 -24.46
CA HIS D 54 -17.77 -32.86 -25.26
C HIS D 54 -18.34 -32.75 -26.66
N ALA D 55 -19.60 -32.31 -26.77
CA ALA D 55 -20.22 -32.13 -28.07
C ALA D 55 -19.49 -31.07 -28.89
N ASP D 56 -19.06 -29.98 -28.23
CA ASP D 56 -18.26 -28.97 -28.90
C ASP D 56 -16.97 -29.55 -29.45
N LYS D 57 -16.27 -30.34 -28.65
CA LYS D 57 -15.02 -30.95 -29.10
C LYS D 57 -15.26 -31.86 -30.30
N LEU D 58 -16.33 -32.66 -30.25
CA LEU D 58 -16.64 -33.56 -31.35
C LEU D 58 -16.99 -32.78 -32.62
N ILE D 59 -17.76 -31.69 -32.47
CA ILE D 59 -18.12 -30.88 -33.62
C ILE D 59 -16.88 -30.27 -34.27
N LYS D 60 -15.97 -29.75 -33.43
CA LYS D 60 -14.73 -29.19 -33.95
C LYS D 60 -13.90 -30.24 -34.67
N ARG D 61 -13.83 -31.45 -34.11
CA ARG D 61 -13.04 -32.52 -34.74
C ARG D 61 -13.66 -32.91 -36.09
N ILE D 62 -14.99 -33.03 -36.14
CA ILE D 62 -15.65 -33.39 -37.39
C ILE D 62 -15.44 -32.31 -38.44
N LEU D 63 -15.54 -31.05 -38.03
CA LEU D 63 -15.33 -29.94 -38.96
C LEU D 63 -13.90 -29.91 -39.47
N PHE D 64 -12.93 -30.20 -38.60
CA PHE D 64 -11.54 -30.23 -39.04
C PHE D 64 -11.31 -31.34 -40.07
N LEU D 65 -11.94 -32.49 -39.87
CA LEU D 65 -11.83 -33.61 -40.79
C LEU D 65 -12.65 -33.43 -42.06
N GLU D 66 -13.14 -32.23 -42.32
CA GLU D 66 -13.94 -31.93 -43.52
C GLU D 66 -15.19 -32.80 -43.60
N GLY D 67 -15.82 -33.03 -42.45
CA GLY D 67 -17.06 -33.78 -42.37
C GLY D 67 -18.22 -32.88 -41.99
N LEU D 68 -19.41 -33.47 -42.00
CA LEU D 68 -20.64 -32.75 -41.69
C LEU D 68 -21.21 -33.23 -40.36
N PRO D 69 -21.15 -32.42 -39.31
CA PRO D 69 -21.76 -32.82 -38.03
C PRO D 69 -23.26 -33.03 -38.17
N ASN D 70 -23.76 -34.04 -37.48
CA ASN D 70 -25.17 -34.40 -37.52
C ASN D 70 -25.80 -34.06 -36.19
N LEU D 71 -26.33 -32.84 -36.07
CA LEU D 71 -27.04 -32.41 -34.88
C LEU D 71 -28.55 -32.55 -35.03
N GLN D 72 -29.02 -33.03 -36.18
CA GLN D 72 -30.46 -33.10 -36.45
C GLN D 72 -31.13 -34.23 -35.67
N GLU D 73 -30.47 -35.37 -35.56
CA GLU D 73 -31.07 -36.55 -34.94
C GLU D 73 -30.88 -36.49 -33.42
N LEU D 74 -31.99 -36.42 -32.70
CA LEU D 74 -32.00 -36.54 -31.24
C LEU D 74 -32.76 -37.82 -30.89
N GLY D 75 -32.11 -38.70 -30.15
CA GLY D 75 -32.67 -39.99 -29.83
C GLY D 75 -33.59 -39.95 -28.63
N LYS D 76 -33.94 -41.14 -28.16
CA LYS D 76 -34.89 -41.31 -27.06
C LYS D 76 -34.27 -40.80 -25.76
N LEU D 77 -34.96 -39.88 -25.10
CA LEU D 77 -34.51 -39.41 -23.78
C LEU D 77 -35.07 -40.32 -22.70
N LEU D 78 -34.20 -40.73 -21.78
CA LEU D 78 -34.59 -41.59 -20.66
C LEU D 78 -34.81 -40.70 -19.44
N ILE D 79 -36.00 -40.10 -19.37
CA ILE D 79 -36.33 -39.13 -18.33
C ILE D 79 -36.99 -39.86 -17.17
N GLY D 80 -36.45 -39.66 -15.96
CA GLY D 80 -37.00 -40.25 -14.77
C GLY D 80 -38.00 -39.32 -14.07
N GLU D 81 -38.71 -39.89 -13.10
CA GLU D 81 -39.71 -39.15 -12.34
C GLU D 81 -39.41 -39.04 -10.86
N HIS D 82 -38.45 -39.79 -10.35
CA HIS D 82 -38.04 -39.66 -8.96
C HIS D 82 -36.54 -39.91 -8.88
N THR D 83 -35.92 -39.39 -7.81
CA THR D 83 -34.47 -39.25 -7.73
C THR D 83 -33.73 -40.55 -8.05
N LYS D 84 -34.17 -41.66 -7.44
CA LYS D 84 -33.55 -42.95 -7.74
C LYS D 84 -33.73 -43.31 -9.21
N GLU D 85 -34.92 -43.08 -9.76
CA GLU D 85 -35.17 -43.34 -11.17
C GLU D 85 -34.30 -42.46 -12.07
N MET D 86 -34.15 -41.19 -11.70
CA MET D 86 -33.28 -40.30 -12.48
C MET D 86 -31.84 -40.80 -12.48
N LEU D 87 -31.33 -41.17 -11.31
CA LEU D 87 -29.95 -41.64 -11.23
C LEU D 87 -29.75 -42.93 -12.02
N GLU D 88 -30.73 -43.83 -11.94
CA GLU D 88 -30.64 -45.07 -12.70
C GLU D 88 -30.71 -44.82 -14.20
N CYS D 89 -31.56 -43.89 -14.63
CA CYS D 89 -31.62 -43.55 -16.05
C CYS D 89 -30.31 -42.95 -16.54
N ASP D 90 -29.72 -42.07 -15.75
CA ASP D 90 -28.43 -41.48 -16.11
C ASP D 90 -27.35 -42.56 -16.21
N LEU D 91 -27.32 -43.47 -15.23
CA LEU D 91 -26.32 -44.55 -15.26
C LEU D 91 -26.53 -45.45 -16.47
N LYS D 92 -27.78 -45.76 -16.80
CA LYS D 92 -28.07 -46.60 -17.96
C LYS D 92 -27.65 -45.92 -19.25
N LEU D 93 -27.91 -44.60 -19.36
CA LEU D 93 -27.48 -43.86 -20.53
C LEU D 93 -25.95 -43.87 -20.66
N GLU D 94 -25.26 -43.65 -19.56
CA GLU D 94 -23.81 -43.62 -19.59
C GLU D 94 -23.25 -44.98 -20.01
N GLN D 95 -23.79 -46.05 -19.42
CA GLN D 95 -23.32 -47.39 -19.73
C GLN D 95 -23.61 -47.75 -21.19
N ALA D 96 -24.77 -47.33 -21.69
CA ALA D 96 -25.11 -47.60 -23.08
C ALA D 96 -24.23 -46.81 -24.04
N GLY D 97 -23.84 -45.60 -23.68
CA GLY D 97 -22.95 -44.82 -24.52
C GLY D 97 -21.49 -45.23 -24.40
N LEU D 98 -21.17 -46.03 -23.38
CA LEU D 98 -19.78 -46.45 -23.19
C LEU D 98 -19.23 -47.29 -24.34
N PRO D 99 -19.90 -48.35 -24.82
CA PRO D 99 -19.26 -49.19 -25.86
C PRO D 99 -18.95 -48.46 -27.15
N ASP D 100 -19.76 -47.46 -27.51
CA ASP D 100 -19.51 -46.73 -28.75
C ASP D 100 -18.18 -46.00 -28.70
N LEU D 101 -17.85 -45.40 -27.55
CA LEU D 101 -16.57 -44.72 -27.42
C LEU D 101 -15.40 -45.70 -27.55
N LYS D 102 -15.53 -46.88 -26.94
CA LYS D 102 -14.46 -47.87 -27.04
C LYS D 102 -14.28 -48.37 -28.47
N ALA D 103 -15.39 -48.61 -29.17
CA ALA D 103 -15.31 -49.03 -30.57
C ALA D 103 -14.67 -47.95 -31.43
N ALA D 104 -15.04 -46.69 -31.17
CA ALA D 104 -14.46 -45.58 -31.94
C ALA D 104 -12.96 -45.46 -31.67
N ILE D 105 -12.54 -45.64 -30.41
CA ILE D 105 -11.12 -45.56 -30.09
C ILE D 105 -10.36 -46.69 -30.76
N ALA D 106 -10.93 -47.90 -30.73
CA ALA D 106 -10.28 -49.03 -31.39
C ALA D 106 -10.14 -48.80 -32.88
N TYR D 107 -11.19 -48.29 -33.53
CA TYR D 107 -11.10 -48.04 -34.96
C TYR D 107 -10.10 -46.93 -35.28
N CYS D 108 -10.08 -45.85 -34.50
CA CYS D 108 -9.13 -44.78 -34.74
C CYS D 108 -7.70 -45.28 -34.57
N GLU D 109 -7.48 -46.19 -33.62
CA GLU D 109 -6.17 -46.82 -33.51
C GLU D 109 -5.87 -47.67 -34.73
N SER D 110 -6.87 -48.37 -35.26
CA SER D 110 -6.65 -49.29 -36.38
C SER D 110 -6.20 -48.55 -37.64
N VAL D 111 -6.77 -47.40 -37.94
CA VAL D 111 -6.50 -46.67 -39.17
C VAL D 111 -5.53 -45.52 -38.97
N GLY D 112 -5.00 -45.36 -37.76
CA GLY D 112 -3.98 -44.35 -37.54
C GLY D 112 -4.47 -42.93 -37.41
N ASP D 113 -5.71 -42.72 -36.93
CA ASP D 113 -6.21 -41.39 -36.62
C ASP D 113 -6.04 -41.13 -35.13
N TYR D 114 -4.83 -40.73 -34.76
CA TYR D 114 -4.45 -40.73 -33.36
C TYR D 114 -5.02 -39.53 -32.60
N ALA D 115 -5.08 -38.35 -33.24
CA ALA D 115 -5.61 -37.19 -32.54
C ALA D 115 -7.06 -37.41 -32.13
N SER D 116 -7.87 -38.00 -33.02
CA SER D 116 -9.20 -38.41 -32.64
C SER D 116 -9.18 -39.42 -31.49
N ARG D 117 -8.16 -40.28 -31.45
CA ARG D 117 -8.10 -41.27 -30.38
C ARG D 117 -7.87 -40.62 -29.03
N GLU D 118 -6.96 -39.64 -28.94
CA GLU D 118 -6.81 -38.90 -27.68
C GLU D 118 -8.07 -38.11 -27.33
N LEU D 119 -8.74 -37.53 -28.33
CA LEU D 119 -10.00 -36.83 -28.05
C LEU D 119 -11.02 -37.77 -27.43
N LEU D 120 -11.25 -38.91 -28.07
CA LEU D 120 -12.22 -39.88 -27.57
C LEU D 120 -11.77 -40.50 -26.25
N GLU D 121 -10.46 -40.57 -26.03
CA GLU D 121 -9.94 -41.10 -24.77
C GLU D 121 -10.27 -40.15 -23.62
N ASP D 122 -10.06 -38.85 -23.83
CA ASP D 122 -10.45 -37.89 -22.80
C ASP D 122 -11.95 -37.95 -22.55
N ILE D 123 -12.74 -38.05 -23.61
CA ILE D 123 -14.19 -38.17 -23.45
C ILE D 123 -14.53 -39.42 -22.63
N LEU D 124 -13.86 -40.54 -22.92
CA LEU D 124 -14.12 -41.79 -22.22
C LEU D 124 -13.77 -41.70 -20.75
N GLU D 125 -12.65 -41.03 -20.44
CA GLU D 125 -12.29 -40.84 -19.03
C GLU D 125 -13.36 -40.01 -18.31
N SER D 126 -13.86 -38.97 -18.96
CA SER D 126 -14.93 -38.20 -18.36
C SER D 126 -16.18 -39.04 -18.14
N GLU D 127 -16.56 -39.85 -19.13
CA GLU D 127 -17.76 -40.67 -18.97
C GLU D 127 -17.58 -41.68 -17.84
N GLU D 128 -16.40 -42.27 -17.70
CA GLU D 128 -16.14 -43.16 -16.58
C GLU D 128 -16.20 -42.44 -15.24
N ASP D 129 -15.75 -41.19 -15.17
CA ASP D 129 -15.91 -40.43 -13.93
C ASP D 129 -17.38 -40.22 -13.58
N HIS D 130 -18.20 -39.89 -14.58
CA HIS D 130 -19.64 -39.77 -14.34
C HIS D 130 -20.24 -41.10 -13.89
N ILE D 131 -19.81 -42.21 -14.49
CA ILE D 131 -20.31 -43.53 -14.07
C ILE D 131 -19.95 -43.78 -12.61
N ASP D 132 -18.72 -43.46 -12.23
CA ASP D 132 -18.28 -43.65 -10.85
C ASP D 132 -19.13 -42.83 -9.90
N TRP D 133 -19.39 -41.57 -10.25
CA TRP D 133 -20.20 -40.72 -9.38
C TRP D 133 -21.61 -41.27 -9.24
N LEU D 134 -22.21 -41.71 -10.34
CA LEU D 134 -23.58 -42.22 -10.30
C LEU D 134 -23.68 -43.48 -9.45
N GLU D 135 -22.73 -44.40 -9.63
CA GLU D 135 -22.74 -45.62 -8.82
C GLU D 135 -22.50 -45.32 -7.35
N THR D 136 -21.61 -44.35 -7.06
CA THR D 136 -21.40 -43.95 -5.68
C THR D 136 -22.67 -43.39 -5.06
N GLN D 137 -23.41 -42.56 -5.82
CA GLN D 137 -24.67 -42.01 -5.31
C GLN D 137 -25.69 -43.10 -5.04
N LEU D 138 -25.81 -44.06 -5.95
CA LEU D 138 -26.79 -45.13 -5.73
C LEU D 138 -26.40 -46.00 -4.53
N ASP D 139 -25.11 -46.32 -4.39
CA ASP D 139 -24.67 -47.08 -3.23
C ASP D 139 -24.88 -46.29 -1.94
N LEU D 140 -24.70 -44.97 -1.98
CA LEU D 140 -24.97 -44.14 -0.82
C LEU D 140 -26.44 -44.17 -0.46
N ILE D 141 -27.32 -44.12 -1.46
CA ILE D 141 -28.76 -44.26 -1.21
C ILE D 141 -29.05 -45.57 -0.52
N ASP D 142 -28.41 -46.65 -0.99
CA ASP D 142 -28.62 -47.96 -0.35
C ASP D 142 -28.10 -47.97 1.09
N LYS D 143 -26.95 -47.32 1.34
CA LYS D 143 -26.35 -47.36 2.67
C LYS D 143 -27.16 -46.55 3.68
N ILE D 144 -27.52 -45.32 3.34
CA ILE D 144 -28.10 -44.41 4.32
C ILE D 144 -29.61 -44.24 4.15
N GLY D 145 -30.20 -44.76 3.10
CA GLY D 145 -31.64 -44.64 2.94
C GLY D 145 -32.00 -43.45 2.08
N LEU D 146 -33.19 -43.51 1.49
CA LEU D 146 -33.63 -42.43 0.59
C LEU D 146 -33.85 -41.13 1.34
N GLU D 147 -34.48 -41.19 2.51
CA GLU D 147 -34.81 -39.96 3.25
C GLU D 147 -33.55 -39.25 3.72
N ASN D 148 -32.59 -40.01 4.25
CA ASN D 148 -31.33 -39.39 4.67
C ASN D 148 -30.57 -38.83 3.48
N TYR D 149 -30.57 -39.55 2.36
CA TYR D 149 -29.85 -39.09 1.17
C TYR D 149 -30.44 -37.80 0.64
N LEU D 150 -31.77 -37.73 0.53
CA LEU D 150 -32.42 -36.56 -0.04
C LEU D 150 -32.22 -35.33 0.83
N GLN D 151 -32.14 -35.52 2.15
CA GLN D 151 -31.89 -34.39 3.05
C GLN D 151 -30.53 -33.77 2.78
N SER D 152 -29.53 -34.61 2.53
CA SER D 152 -28.18 -34.12 2.26
C SER D 152 -28.05 -33.41 0.92
N GLN D 153 -29.03 -33.57 0.03
CA GLN D 153 -29.02 -32.88 -1.25
C GLN D 153 -29.78 -31.56 -1.23
N MET D 154 -30.39 -31.21 -0.09
CA MET D 154 -31.13 -29.96 0.00
C MET D 154 -30.21 -28.75 -0.14
N ASP D 155 -29.08 -28.78 0.57
CA ASP D 155 -28.16 -27.64 0.55
C ASP D 155 -26.73 -28.11 0.29
N MET E 1 -27.49 42.73 -17.90
CA MET E 1 -26.98 43.82 -18.72
C MET E 1 -27.72 43.89 -20.05
N LYS E 2 -28.15 45.08 -20.42
CA LYS E 2 -28.88 45.27 -21.67
C LYS E 2 -27.89 45.35 -22.83
N GLY E 3 -28.07 44.48 -23.83
CA GLY E 3 -27.24 44.47 -25.02
C GLY E 3 -27.92 45.12 -26.20
N ASP E 4 -27.18 45.19 -27.30
CA ASP E 4 -27.71 45.75 -28.54
C ASP E 4 -28.78 44.82 -29.11
N LYS E 5 -29.85 45.43 -29.64
CA LYS E 5 -30.94 44.63 -30.20
C LYS E 5 -30.48 43.83 -31.41
N ILE E 6 -29.69 44.46 -32.29
CA ILE E 6 -29.22 43.77 -33.49
C ILE E 6 -28.25 42.66 -33.15
N VAL E 7 -27.42 42.83 -32.12
CA VAL E 7 -26.57 41.74 -31.66
C VAL E 7 -27.42 40.57 -31.19
N ILE E 8 -28.50 40.86 -30.46
CA ILE E 8 -29.40 39.80 -30.01
C ILE E 8 -30.06 39.11 -31.21
N GLN E 9 -30.42 39.88 -32.24
CA GLN E 9 -31.00 39.29 -33.45
C GLN E 9 -30.02 38.35 -34.14
N HIS E 10 -28.75 38.77 -34.25
CA HIS E 10 -27.74 37.91 -34.86
C HIS E 10 -27.54 36.64 -34.04
N LEU E 11 -27.51 36.79 -32.71
CA LEU E 11 -27.35 35.63 -31.84
C LEU E 11 -28.53 34.68 -31.98
N ASN E 12 -29.74 35.22 -32.11
CA ASN E 12 -30.93 34.38 -32.29
C ASN E 12 -30.88 33.63 -33.61
N LYS E 13 -30.44 34.31 -34.68
CA LYS E 13 -30.33 33.65 -35.98
C LYS E 13 -29.31 32.51 -35.92
N ILE E 14 -28.16 32.76 -35.29
CA ILE E 14 -27.16 31.71 -35.15
C ILE E 14 -27.68 30.58 -34.28
N LEU E 15 -28.47 30.89 -33.25
CA LEU E 15 -29.07 29.86 -32.42
C LEU E 15 -30.02 28.98 -33.22
N GLY E 16 -30.82 29.58 -34.09
CA GLY E 16 -31.69 28.79 -34.97
C GLY E 16 -30.89 27.88 -35.88
N ASN E 17 -29.80 28.41 -36.43
CA ASN E 17 -28.92 27.58 -37.27
C ASN E 17 -28.36 26.40 -36.47
N GLU E 18 -27.96 26.67 -35.22
CA GLU E 18 -27.41 25.61 -34.38
C GLU E 18 -28.46 24.56 -34.06
N LEU E 19 -29.70 24.97 -33.84
CA LEU E 19 -30.77 24.00 -33.59
C LEU E 19 -31.01 23.12 -34.81
N ILE E 20 -31.01 23.73 -36.00
CA ILE E 20 -31.14 22.95 -37.24
C ILE E 20 -30.02 21.93 -37.33
N ALA E 21 -28.79 22.37 -37.04
CA ALA E 21 -27.64 21.47 -37.08
C ALA E 21 -27.77 20.35 -36.07
N ILE E 22 -28.27 20.66 -34.87
CA ILE E 22 -28.47 19.65 -33.83
C ILE E 22 -29.38 18.55 -34.34
N ASN E 23 -30.54 18.94 -34.88
CA ASN E 23 -31.52 17.95 -35.33
C ASN E 23 -30.96 17.12 -36.48
N GLN E 24 -30.37 17.79 -37.48
CA GLN E 24 -29.86 17.07 -38.64
C GLN E 24 -28.75 16.10 -38.25
N TYR E 25 -27.81 16.55 -37.41
CA TYR E 25 -26.69 15.71 -37.03
C TYR E 25 -27.13 14.55 -36.16
N PHE E 26 -28.10 14.75 -35.27
CA PHE E 26 -28.57 13.63 -34.47
C PHE E 26 -29.27 12.59 -35.33
N LEU E 27 -30.10 13.04 -36.29
CA LEU E 27 -30.75 12.07 -37.17
C LEU E 27 -29.72 11.31 -38.01
N HIS E 28 -28.72 12.02 -38.54
CA HIS E 28 -27.69 11.35 -39.33
C HIS E 28 -26.91 10.35 -38.47
N ALA E 29 -26.56 10.75 -37.24
CA ALA E 29 -25.85 9.85 -36.34
C ALA E 29 -26.64 8.59 -36.07
N ARG E 30 -27.94 8.75 -35.79
CA ARG E 30 -28.76 7.58 -35.50
C ARG E 30 -28.96 6.69 -36.72
N MET E 31 -29.05 7.26 -37.93
CA MET E 31 -29.22 6.39 -39.09
C MET E 31 -27.90 5.78 -39.53
N TYR E 32 -26.77 6.33 -39.05
CA TYR E 32 -25.49 5.68 -39.27
C TYR E 32 -25.35 4.42 -38.43
N GLU E 33 -25.72 4.49 -37.15
CA GLU E 33 -25.61 3.31 -36.29
C GLU E 33 -26.57 2.22 -36.72
N ASP E 34 -27.70 2.59 -37.31
CA ASP E 34 -28.65 1.59 -37.79
C ASP E 34 -28.07 0.76 -38.92
N TRP E 35 -27.16 1.33 -39.71
CA TRP E 35 -26.54 0.61 -40.81
C TRP E 35 -25.32 -0.19 -40.39
N GLY E 36 -24.94 -0.15 -39.11
CA GLY E 36 -23.75 -0.82 -38.65
C GLY E 36 -22.48 -0.03 -38.77
N LEU E 37 -22.56 1.25 -39.15
CA LEU E 37 -21.38 2.10 -39.29
C LEU E 37 -21.14 2.85 -37.97
N GLU E 38 -20.43 2.17 -37.08
CA GLU E 38 -20.25 2.65 -35.71
C GLU E 38 -19.39 3.91 -35.66
N LYS E 39 -18.33 3.95 -36.48
CA LYS E 39 -17.42 5.10 -36.44
C LYS E 39 -18.12 6.38 -36.89
N LEU E 40 -18.81 6.32 -38.03
CA LEU E 40 -19.51 7.50 -38.52
C LEU E 40 -20.61 7.92 -37.58
N GLY E 41 -21.34 6.95 -37.02
CA GLY E 41 -22.37 7.28 -36.06
C GLY E 41 -21.82 7.95 -34.83
N LYS E 42 -20.69 7.45 -34.31
CA LYS E 42 -20.08 8.06 -33.13
C LYS E 42 -19.62 9.48 -33.43
N HIS E 43 -19.00 9.70 -34.58
CA HIS E 43 -18.51 11.03 -34.89
C HIS E 43 -19.65 12.01 -35.12
N GLU E 44 -20.72 11.56 -35.78
CA GLU E 44 -21.89 12.43 -35.96
C GLU E 44 -22.57 12.72 -34.63
N TYR E 45 -22.61 11.75 -33.72
CA TYR E 45 -23.15 11.98 -32.39
C TYR E 45 -22.33 13.02 -31.64
N HIS E 46 -21.00 12.92 -31.73
CA HIS E 46 -20.14 13.91 -31.09
C HIS E 46 -20.35 15.30 -31.69
N GLU E 47 -20.50 15.37 -33.01
CA GLU E 47 -20.77 16.65 -33.65
C GLU E 47 -22.10 17.23 -33.21
N SER E 48 -23.12 16.38 -33.08
CA SER E 48 -24.42 16.84 -32.60
C SER E 48 -24.33 17.37 -31.18
N ILE E 49 -23.56 16.68 -30.32
CA ILE E 49 -23.38 17.15 -28.95
C ILE E 49 -22.65 18.50 -28.93
N ASP E 50 -21.67 18.66 -29.82
CA ASP E 50 -20.98 19.94 -29.92
C ASP E 50 -21.92 21.05 -30.36
N GLU E 51 -22.80 20.75 -31.32
CA GLU E 51 -23.82 21.72 -31.73
C GLU E 51 -24.76 22.06 -30.59
N MET E 52 -25.11 21.06 -29.77
CA MET E 52 -25.96 21.31 -28.60
C MET E 52 -25.27 22.26 -27.63
N LYS E 53 -23.98 22.05 -27.39
CA LYS E 53 -23.23 22.94 -26.51
C LYS E 53 -23.15 24.35 -27.08
N HIS E 54 -22.97 24.46 -28.39
CA HIS E 54 -22.98 25.78 -29.03
C HIS E 54 -24.31 26.48 -28.82
N ALA E 55 -25.41 25.75 -29.01
CA ALA E 55 -26.74 26.33 -28.80
C ALA E 55 -26.94 26.75 -27.35
N ASP E 56 -26.44 25.94 -26.42
CA ASP E 56 -26.54 26.27 -25.00
C ASP E 56 -25.78 27.58 -24.71
N LYS E 57 -24.57 27.70 -25.25
CA LYS E 57 -23.78 28.92 -25.03
C LYS E 57 -24.50 30.14 -25.61
N LEU E 58 -25.09 29.98 -26.80
CA LEU E 58 -25.82 31.08 -27.40
C LEU E 58 -27.04 31.45 -26.58
N ILE E 59 -27.73 30.46 -26.02
CA ILE E 59 -28.90 30.74 -25.17
C ILE E 59 -28.47 31.52 -23.94
N LYS E 60 -27.36 31.10 -23.31
CA LYS E 60 -26.88 31.82 -22.14
C LYS E 60 -26.49 33.26 -22.49
N ARG E 61 -25.82 33.45 -23.63
CA ARG E 61 -25.42 34.80 -24.01
C ARG E 61 -26.62 35.69 -24.30
N ILE E 62 -27.64 35.14 -24.97
CA ILE E 62 -28.84 35.91 -25.24
C ILE E 62 -29.55 36.27 -23.94
N LEU E 63 -29.58 35.32 -23.01
CA LEU E 63 -30.21 35.56 -21.71
C LEU E 63 -29.48 36.65 -20.94
N PHE E 64 -28.15 36.64 -20.99
CA PHE E 64 -27.37 37.67 -20.30
C PHE E 64 -27.65 39.04 -20.89
N LEU E 65 -27.80 39.13 -22.21
CA LEU E 65 -28.10 40.38 -22.87
C LEU E 65 -29.56 40.81 -22.73
N GLU E 66 -30.32 40.16 -21.84
CA GLU E 66 -31.72 40.50 -21.58
C GLU E 66 -32.55 40.39 -22.85
N GLY E 67 -32.34 39.31 -23.60
CA GLY E 67 -33.09 39.02 -24.79
C GLY E 67 -33.89 37.73 -24.66
N LEU E 68 -34.69 37.46 -25.67
CA LEU E 68 -35.53 36.27 -25.70
C LEU E 68 -34.99 35.27 -26.72
N PRO E 69 -34.43 34.15 -26.29
CA PRO E 69 -33.99 33.14 -27.26
C PRO E 69 -35.17 32.59 -28.06
N ASN E 70 -34.92 32.32 -29.33
CA ASN E 70 -35.92 31.84 -30.26
C ASN E 70 -35.67 30.36 -30.52
N LEU E 71 -36.20 29.50 -29.65
CA LEU E 71 -36.14 28.06 -29.83
C LEU E 71 -37.27 27.53 -30.70
N GLN E 72 -38.29 28.35 -30.96
CA GLN E 72 -39.48 27.91 -31.67
C GLN E 72 -39.19 27.60 -33.14
N GLU E 73 -38.47 28.48 -33.80
CA GLU E 73 -38.25 28.33 -35.24
C GLU E 73 -37.22 27.24 -35.52
N LEU E 74 -37.66 26.19 -36.20
CA LEU E 74 -36.79 25.14 -36.70
C LEU E 74 -36.98 25.04 -38.21
N GLY E 75 -35.91 25.32 -38.96
CA GLY E 75 -35.98 25.36 -40.40
C GLY E 75 -35.80 24.00 -41.03
N LYS E 76 -35.62 24.02 -42.35
CA LYS E 76 -35.51 22.79 -43.13
C LYS E 76 -34.24 22.04 -42.77
N LEU E 77 -34.38 20.74 -42.49
CA LEU E 77 -33.22 19.87 -42.31
C LEU E 77 -32.80 19.28 -43.65
N LEU E 78 -31.50 19.09 -43.82
CA LEU E 78 -30.92 18.53 -45.04
C LEU E 78 -30.57 17.07 -44.75
N ILE E 79 -31.56 16.20 -44.89
CA ILE E 79 -31.41 14.79 -44.56
C ILE E 79 -31.07 13.99 -45.81
N GLY E 80 -30.00 13.21 -45.74
CA GLY E 80 -29.59 12.35 -46.84
C GLY E 80 -30.17 10.96 -46.71
N GLU E 81 -29.90 10.14 -47.73
CA GLU E 81 -30.38 8.76 -47.75
C GLU E 81 -29.28 7.72 -47.81
N HIS E 82 -28.10 8.05 -48.35
CA HIS E 82 -26.94 7.18 -48.26
C HIS E 82 -25.72 8.02 -47.87
N THR E 83 -24.69 7.33 -47.37
CA THR E 83 -23.60 7.94 -46.63
C THR E 83 -23.00 9.15 -47.33
N LYS E 84 -22.77 9.04 -48.64
CA LYS E 84 -22.20 10.17 -49.38
C LYS E 84 -23.15 11.36 -49.34
N GLU E 85 -24.45 11.12 -49.54
CA GLU E 85 -25.42 12.21 -49.46
C GLU E 85 -25.46 12.82 -48.07
N MET E 86 -25.37 11.99 -47.03
CA MET E 86 -25.33 12.53 -45.67
C MET E 86 -24.13 13.44 -45.47
N LEU E 87 -22.95 13.03 -45.95
CA LEU E 87 -21.77 13.85 -45.78
C LEU E 87 -21.89 15.17 -46.57
N GLU E 88 -22.39 15.11 -47.80
CA GLU E 88 -22.56 16.33 -48.58
C GLU E 88 -23.60 17.24 -47.95
N CYS E 89 -24.67 16.67 -47.40
CA CYS E 89 -25.69 17.48 -46.74
C CYS E 89 -25.12 18.17 -45.51
N ASP E 90 -24.34 17.44 -44.71
CA ASP E 90 -23.71 18.05 -43.55
C ASP E 90 -22.75 19.16 -43.95
N LEU E 91 -21.96 18.93 -45.00
CA LEU E 91 -21.03 19.96 -45.47
C LEU E 91 -21.76 21.18 -45.98
N LYS E 92 -22.85 20.98 -46.72
CA LYS E 92 -23.64 22.10 -47.22
C LYS E 92 -24.26 22.89 -46.07
N LEU E 93 -24.76 22.19 -45.05
CA LEU E 93 -25.33 22.88 -43.91
C LEU E 93 -24.28 23.68 -43.15
N GLU E 94 -23.10 23.10 -42.97
CA GLU E 94 -22.02 23.79 -42.26
C GLU E 94 -21.50 24.99 -43.05
N GLN E 95 -21.37 24.88 -44.37
CA GLN E 95 -20.90 25.99 -45.19
C GLN E 95 -21.93 27.10 -45.28
N ALA E 96 -23.21 26.79 -45.09
CA ALA E 96 -24.26 27.80 -45.15
C ALA E 96 -24.43 28.56 -43.85
N GLY E 97 -23.67 28.22 -42.82
CA GLY E 97 -23.74 28.93 -41.55
C GLY E 97 -22.55 29.82 -41.30
N LEU E 98 -21.48 29.61 -42.09
CA LEU E 98 -20.29 30.46 -41.96
C LEU E 98 -20.58 31.92 -42.27
N PRO E 99 -21.28 32.29 -43.35
CA PRO E 99 -21.54 33.72 -43.58
C PRO E 99 -22.27 34.40 -42.44
N ASP E 100 -23.23 33.71 -41.81
CA ASP E 100 -23.95 34.31 -40.69
C ASP E 100 -23.02 34.56 -39.52
N LEU E 101 -22.16 33.59 -39.19
CA LEU E 101 -21.21 33.78 -38.11
C LEU E 101 -20.23 34.91 -38.41
N LYS E 102 -19.74 34.98 -39.64
CA LYS E 102 -18.80 36.03 -40.01
C LYS E 102 -19.45 37.40 -39.94
N ALA E 103 -20.68 37.54 -40.43
CA ALA E 103 -21.39 38.80 -40.34
C ALA E 103 -21.66 39.19 -38.89
N ALA E 104 -22.02 38.22 -38.05
CA ALA E 104 -22.25 38.51 -36.64
C ALA E 104 -20.98 38.96 -35.94
N ILE E 105 -19.85 38.31 -36.24
CA ILE E 105 -18.58 38.73 -35.65
C ILE E 105 -18.21 40.14 -36.10
N ALA E 106 -18.40 40.43 -37.39
CA ALA E 106 -18.12 41.77 -37.90
C ALA E 106 -18.99 42.82 -37.21
N TYR E 107 -20.27 42.51 -37.04
CA TYR E 107 -21.16 43.47 -36.38
C TYR E 107 -20.79 43.66 -34.91
N CYS E 108 -20.47 42.57 -34.22
CA CYS E 108 -20.05 42.69 -32.82
C CYS E 108 -18.78 43.52 -32.71
N GLU E 109 -17.90 43.44 -33.72
CA GLU E 109 -16.77 44.35 -33.78
C GLU E 109 -17.23 45.78 -33.95
N SER E 110 -18.23 46.00 -34.81
CA SER E 110 -18.64 47.37 -35.13
C SER E 110 -19.20 48.09 -33.91
N VAL E 111 -20.01 47.41 -33.10
CA VAL E 111 -20.68 48.02 -31.96
C VAL E 111 -19.94 47.76 -30.65
N GLY E 112 -18.81 47.07 -30.69
CA GLY E 112 -18.02 46.88 -29.49
C GLY E 112 -18.53 45.85 -28.51
N ASP E 113 -19.23 44.81 -28.99
CA ASP E 113 -19.62 43.69 -28.13
C ASP E 113 -18.56 42.58 -28.26
N TYR E 114 -17.50 42.75 -27.48
CA TYR E 114 -16.30 41.94 -27.69
C TYR E 114 -16.45 40.54 -27.10
N ALA E 115 -17.17 40.40 -25.98
CA ALA E 115 -17.41 39.08 -25.43
C ALA E 115 -18.23 38.22 -26.38
N SER E 116 -19.25 38.81 -26.99
CA SER E 116 -20.01 38.09 -28.02
C SER E 116 -19.13 37.72 -29.20
N ARG E 117 -18.22 38.62 -29.60
CA ARG E 117 -17.29 38.27 -30.67
C ARG E 117 -16.43 37.08 -30.30
N GLU E 118 -15.95 37.03 -29.06
CA GLU E 118 -15.11 35.90 -28.65
C GLU E 118 -15.90 34.60 -28.66
N LEU E 119 -17.14 34.62 -28.16
CA LEU E 119 -17.97 33.43 -28.20
C LEU E 119 -18.21 32.97 -29.63
N LEU E 120 -18.58 33.90 -30.51
CA LEU E 120 -18.85 33.53 -31.91
C LEU E 120 -17.58 33.05 -32.60
N GLU E 121 -16.42 33.61 -32.22
CA GLU E 121 -15.16 33.17 -32.80
C GLU E 121 -14.86 31.73 -32.40
N ASP E 122 -15.10 31.40 -31.13
CA ASP E 122 -14.90 30.02 -30.69
C ASP E 122 -15.79 29.05 -31.47
N ILE E 123 -17.09 29.39 -31.59
CA ILE E 123 -17.96 28.46 -32.30
C ILE E 123 -17.63 28.46 -33.80
N LEU E 124 -17.11 29.55 -34.33
CA LEU E 124 -16.69 29.57 -35.74
C LEU E 124 -15.50 28.65 -35.97
N GLU E 125 -14.54 28.66 -35.04
CA GLU E 125 -13.43 27.72 -35.14
C GLU E 125 -13.92 26.28 -35.07
N SER E 126 -14.88 26.01 -34.20
CA SER E 126 -15.46 24.67 -34.15
C SER E 126 -16.11 24.29 -35.47
N GLU E 127 -16.88 25.21 -36.07
CA GLU E 127 -17.52 24.91 -37.34
C GLU E 127 -16.49 24.66 -38.44
N GLU E 128 -15.40 25.43 -38.43
CA GLU E 128 -14.35 25.21 -39.41
C GLU E 128 -13.69 23.85 -39.24
N ASP E 129 -13.49 23.41 -38.00
CA ASP E 129 -12.97 22.06 -37.78
C ASP E 129 -13.93 20.99 -38.30
N HIS E 130 -15.24 21.15 -38.06
CA HIS E 130 -16.20 20.22 -38.62
C HIS E 130 -16.15 20.20 -40.15
N ILE E 131 -16.03 21.37 -40.77
CA ILE E 131 -15.91 21.43 -42.22
C ILE E 131 -14.66 20.72 -42.70
N ASP E 132 -13.54 20.89 -42.00
CA ASP E 132 -12.31 20.21 -42.37
C ASP E 132 -12.49 18.70 -42.30
N TRP E 133 -13.12 18.21 -41.23
CA TRP E 133 -13.35 16.77 -41.11
C TRP E 133 -14.24 16.25 -42.24
N LEU E 134 -15.32 16.98 -42.54
CA LEU E 134 -16.24 16.55 -43.59
C LEU E 134 -15.56 16.50 -44.95
N GLU E 135 -14.76 17.52 -45.25
CA GLU E 135 -14.04 17.54 -46.52
C GLU E 135 -13.01 16.42 -46.59
N THR E 136 -12.33 16.15 -45.48
CA THR E 136 -11.38 15.05 -45.45
C THR E 136 -12.06 13.72 -45.71
N GLN E 137 -13.23 13.49 -45.11
CA GLN E 137 -13.96 12.25 -45.33
C GLN E 137 -14.41 12.14 -46.79
N LEU E 138 -14.92 13.23 -47.35
CA LEU E 138 -15.39 13.19 -48.73
C LEU E 138 -14.24 12.95 -49.71
N ASP E 139 -13.06 13.49 -49.41
CA ASP E 139 -11.91 13.23 -50.27
C ASP E 139 -11.38 11.81 -50.09
N LEU E 140 -11.45 11.27 -48.87
CA LEU E 140 -11.03 9.90 -48.64
C LEU E 140 -11.93 8.92 -49.36
N ILE E 141 -13.22 9.24 -49.46
CA ILE E 141 -14.14 8.39 -50.21
C ILE E 141 -13.67 8.23 -51.65
N ASP E 142 -13.26 9.32 -52.28
CA ASP E 142 -12.74 9.26 -53.64
C ASP E 142 -11.34 8.66 -53.72
N LYS E 143 -10.53 8.81 -52.69
CA LYS E 143 -9.18 8.23 -52.69
C LYS E 143 -9.19 6.72 -52.57
N ILE E 144 -10.02 6.17 -51.70
CA ILE E 144 -10.00 4.73 -51.42
C ILE E 144 -11.26 4.01 -51.89
N GLY E 145 -12.26 4.72 -52.39
CA GLY E 145 -13.46 4.04 -52.83
C GLY E 145 -14.52 3.97 -51.75
N LEU E 146 -15.77 3.85 -52.20
CA LEU E 146 -16.89 3.82 -51.26
C LEU E 146 -16.89 2.53 -50.44
N GLU E 147 -16.64 1.40 -51.08
CA GLU E 147 -16.67 0.11 -50.36
C GLU E 147 -15.57 0.04 -49.31
N ASN E 148 -14.36 0.47 -49.66
CA ASN E 148 -13.27 0.49 -48.69
C ASN E 148 -13.56 1.47 -47.56
N TYR E 149 -14.13 2.64 -47.90
CA TYR E 149 -14.42 3.64 -46.88
C TYR E 149 -15.46 3.13 -45.89
N LEU E 150 -16.53 2.51 -46.39
CA LEU E 150 -17.60 2.05 -45.51
C LEU E 150 -17.13 0.93 -44.60
N GLN E 151 -16.18 0.12 -45.07
CA GLN E 151 -15.64 -0.96 -44.25
C GLN E 151 -14.90 -0.39 -43.04
N SER E 152 -14.14 0.69 -43.25
CA SER E 152 -13.41 1.29 -42.14
C SER E 152 -14.34 1.93 -41.12
N GLN E 153 -15.58 2.24 -41.51
CA GLN E 153 -16.55 2.84 -40.61
C GLN E 153 -17.31 1.82 -39.79
N MET E 154 -17.15 0.53 -40.09
CA MET E 154 -17.87 -0.50 -39.34
C MET E 154 -17.38 -0.56 -37.89
N ASP E 155 -16.07 -0.61 -37.70
CA ASP E 155 -15.50 -0.70 -36.35
C ASP E 155 -14.63 0.51 -36.05
N MET F 1 -36.30 -4.73 -38.98
CA MET F 1 -37.54 -5.40 -39.37
C MET F 1 -38.62 -4.38 -39.72
N LYS F 2 -39.57 -4.78 -40.56
CA LYS F 2 -40.63 -3.88 -40.98
C LYS F 2 -41.75 -3.88 -39.95
N GLY F 3 -42.06 -2.69 -39.43
CA GLY F 3 -43.09 -2.53 -38.43
C GLY F 3 -44.41 -2.02 -39.02
N ASP F 4 -45.40 -1.90 -38.14
CA ASP F 4 -46.70 -1.40 -38.54
C ASP F 4 -46.61 0.10 -38.84
N LYS F 5 -47.33 0.53 -39.88
CA LYS F 5 -47.29 1.94 -40.27
C LYS F 5 -47.89 2.83 -39.19
N ILE F 6 -49.01 2.42 -38.60
CA ILE F 6 -49.68 3.23 -37.59
C ILE F 6 -48.86 3.28 -36.31
N VAL F 7 -48.14 2.20 -35.99
CA VAL F 7 -47.23 2.23 -34.86
C VAL F 7 -46.14 3.26 -35.09
N ILE F 8 -45.60 3.32 -36.31
CA ILE F 8 -44.60 4.32 -36.64
C ILE F 8 -45.19 5.72 -36.56
N GLN F 9 -46.43 5.91 -36.98
CA GLN F 9 -47.08 7.22 -36.86
C GLN F 9 -47.20 7.64 -35.40
N HIS F 10 -47.61 6.72 -34.54
CA HIS F 10 -47.72 7.03 -33.11
C HIS F 10 -46.35 7.38 -32.53
N LEU F 11 -45.32 6.61 -32.90
CA LEU F 11 -43.97 6.88 -32.41
C LEU F 11 -43.49 8.24 -32.88
N ASN F 12 -43.81 8.62 -34.12
CA ASN F 12 -43.43 9.92 -34.62
C ASN F 12 -44.14 11.04 -33.86
N LYS F 13 -45.42 10.84 -33.54
CA LYS F 13 -46.16 11.82 -32.76
C LYS F 13 -45.53 12.02 -31.39
N ILE F 14 -45.20 10.91 -30.71
CA ILE F 14 -44.57 11.02 -29.40
C ILE F 14 -43.19 11.66 -29.53
N LEU F 15 -42.48 11.37 -30.61
CA LEU F 15 -41.17 11.98 -30.83
C LEU F 15 -41.28 13.50 -30.96
N GLY F 16 -42.29 13.96 -31.71
CA GLY F 16 -42.52 15.40 -31.80
C GLY F 16 -42.84 16.02 -30.46
N ASN F 17 -43.68 15.34 -29.66
CA ASN F 17 -43.98 15.82 -28.33
C ASN F 17 -42.70 15.92 -27.49
N GLU F 18 -41.83 14.91 -27.59
CA GLU F 18 -40.59 14.91 -26.83
C GLU F 18 -39.67 16.04 -27.27
N LEU F 19 -39.63 16.34 -28.57
CA LEU F 19 -38.82 17.46 -29.04
C LEU F 19 -39.34 18.78 -28.48
N ILE F 20 -40.66 18.96 -28.48
CA ILE F 20 -41.24 20.15 -27.89
C ILE F 20 -40.83 20.26 -26.42
N ALA F 21 -40.91 19.14 -25.69
CA ALA F 21 -40.52 19.13 -24.29
C ALA F 21 -39.05 19.47 -24.11
N ILE F 22 -38.19 18.94 -24.99
CA ILE F 22 -36.76 19.22 -24.91
C ILE F 22 -36.52 20.72 -25.00
N ASN F 23 -37.09 21.35 -26.03
CA ASN F 23 -36.85 22.78 -26.23
C ASN F 23 -37.39 23.60 -25.06
N GLN F 24 -38.64 23.32 -24.65
CA GLN F 24 -39.24 24.11 -23.58
C GLN F 24 -38.47 23.95 -22.28
N TYR F 25 -38.10 22.71 -21.93
CA TYR F 25 -37.41 22.47 -20.67
C TYR F 25 -36.00 23.06 -20.68
N PHE F 26 -35.30 23.00 -21.81
CA PHE F 26 -33.98 23.61 -21.85
C PHE F 26 -34.07 25.12 -21.71
N LEU F 27 -35.04 25.75 -22.37
CA LEU F 27 -35.16 27.20 -22.23
C LEU F 27 -35.54 27.57 -20.80
N HIS F 28 -36.46 26.82 -20.18
CA HIS F 28 -36.82 27.11 -18.80
C HIS F 28 -35.64 26.91 -17.86
N ALA F 29 -34.86 25.85 -18.08
CA ALA F 29 -33.69 25.59 -17.24
C ALA F 29 -32.69 26.73 -17.36
N ARG F 30 -32.44 27.19 -18.59
CA ARG F 30 -31.50 28.28 -18.77
C ARG F 30 -31.98 29.59 -18.18
N MET F 31 -33.29 29.87 -18.24
CA MET F 31 -33.75 31.13 -17.65
C MET F 31 -33.90 31.01 -16.14
N TYR F 32 -33.90 29.80 -15.60
CA TYR F 32 -33.82 29.64 -14.15
C TYR F 32 -32.44 29.99 -13.62
N GLU F 33 -31.39 29.50 -14.29
CA GLU F 33 -30.03 29.78 -13.84
C GLU F 33 -29.71 31.28 -13.95
N ASP F 34 -30.30 31.94 -14.95
CA ASP F 34 -30.04 33.36 -15.13
C ASP F 34 -30.57 34.19 -13.97
N TRP F 35 -31.70 33.78 -13.40
CA TRP F 35 -32.27 34.48 -12.24
C TRP F 35 -31.54 34.16 -10.95
N GLY F 36 -30.65 33.18 -10.94
CA GLY F 36 -29.97 32.79 -9.72
C GLY F 36 -30.58 31.62 -8.99
N LEU F 37 -31.53 30.93 -9.61
CA LEU F 37 -32.19 29.77 -8.98
C LEU F 37 -31.52 28.49 -9.46
N GLU F 38 -30.44 28.12 -8.75
CA GLU F 38 -29.61 27.00 -9.14
C GLU F 38 -30.34 25.66 -9.06
N LYS F 39 -31.13 25.45 -8.01
CA LYS F 39 -31.82 24.18 -7.84
C LYS F 39 -32.83 23.93 -8.97
N LEU F 40 -33.68 24.92 -9.23
CA LEU F 40 -34.67 24.77 -10.29
C LEU F 40 -34.02 24.63 -11.65
N GLY F 41 -32.95 25.40 -11.88
CA GLY F 41 -32.22 25.29 -13.13
C GLY F 41 -31.64 23.90 -13.33
N LYS F 42 -31.02 23.35 -12.28
CA LYS F 42 -30.43 22.02 -12.40
C LYS F 42 -31.50 20.96 -12.62
N HIS F 43 -32.63 21.05 -11.91
CA HIS F 43 -33.66 20.04 -12.07
C HIS F 43 -34.30 20.11 -13.46
N GLU F 44 -34.53 21.34 -13.96
CA GLU F 44 -35.07 21.48 -15.30
C GLU F 44 -34.09 21.02 -16.36
N TYR F 45 -32.78 21.24 -16.13
CA TYR F 45 -31.77 20.74 -17.04
C TYR F 45 -31.77 19.22 -17.08
N HIS F 46 -31.89 18.58 -15.91
CA HIS F 46 -31.95 17.12 -15.87
C HIS F 46 -33.20 16.59 -16.54
N GLU F 47 -34.34 17.26 -16.32
CA GLU F 47 -35.57 16.86 -16.99
C GLU F 47 -35.44 17.01 -18.51
N SER F 48 -34.83 18.09 -18.97
CA SER F 48 -34.59 18.27 -20.39
C SER F 48 -33.74 17.15 -20.96
N ILE F 49 -32.65 16.80 -20.26
CA ILE F 49 -31.77 15.72 -20.72
C ILE F 49 -32.53 14.40 -20.76
N ASP F 50 -33.42 14.16 -19.79
CA ASP F 50 -34.25 12.96 -19.82
C ASP F 50 -35.15 12.96 -21.05
N GLU F 51 -35.73 14.11 -21.39
CA GLU F 51 -36.52 14.21 -22.60
C GLU F 51 -35.69 13.93 -23.84
N MET F 52 -34.43 14.40 -23.85
CA MET F 52 -33.54 14.13 -24.97
C MET F 52 -33.28 12.64 -25.12
N LYS F 53 -33.05 11.95 -24.00
CA LYS F 53 -32.84 10.50 -24.05
C LYS F 53 -34.09 9.78 -24.53
N HIS F 54 -35.27 10.25 -24.09
CA HIS F 54 -36.52 9.67 -24.59
C HIS F 54 -36.64 9.83 -26.10
N ALA F 55 -36.32 11.03 -26.60
CA ALA F 55 -36.39 11.27 -28.04
C ALA F 55 -35.40 10.38 -28.79
N ASP F 56 -34.20 10.21 -28.23
CA ASP F 56 -33.20 9.34 -28.86
C ASP F 56 -33.71 7.90 -28.93
N LYS F 57 -34.31 7.43 -27.84
CA LYS F 57 -34.85 6.07 -27.81
C LYS F 57 -35.96 5.90 -28.85
N LEU F 58 -36.82 6.90 -28.97
CA LEU F 58 -37.88 6.84 -29.98
C LEU F 58 -37.29 6.86 -31.39
N ILE F 59 -36.23 7.63 -31.61
CA ILE F 59 -35.59 7.67 -32.92
C ILE F 59 -35.03 6.30 -33.27
N LYS F 60 -34.37 5.65 -32.30
CA LYS F 60 -33.85 4.31 -32.53
C LYS F 60 -34.98 3.33 -32.84
N ARG F 61 -36.09 3.42 -32.11
CA ARG F 61 -37.20 2.49 -32.34
C ARG F 61 -37.81 2.69 -33.72
N ILE F 62 -37.98 3.96 -34.13
CA ILE F 62 -38.54 4.25 -35.45
C ILE F 62 -37.59 3.74 -36.54
N LEU F 63 -36.29 3.94 -36.34
CA LEU F 63 -35.31 3.48 -37.32
C LEU F 63 -35.31 1.97 -37.44
N PHE F 64 -35.43 1.26 -36.31
CA PHE F 64 -35.48 -0.19 -36.35
C PHE F 64 -36.70 -0.68 -37.11
N LEU F 65 -37.83 -0.02 -36.96
CA LEU F 65 -39.06 -0.36 -37.65
C LEU F 65 -39.06 0.10 -39.11
N GLU F 66 -37.91 0.49 -39.64
CA GLU F 66 -37.77 0.92 -41.03
C GLU F 66 -38.69 2.10 -41.35
N GLY F 67 -38.78 3.05 -40.42
CA GLY F 67 -39.54 4.26 -40.61
C GLY F 67 -38.64 5.49 -40.66
N LEU F 68 -39.27 6.62 -40.95
CA LEU F 68 -38.56 7.89 -41.04
C LEU F 68 -38.91 8.77 -39.85
N PRO F 69 -37.97 9.01 -38.93
CA PRO F 69 -38.24 9.94 -37.82
C PRO F 69 -38.55 11.33 -38.35
N ASN F 70 -39.48 12.00 -37.68
CA ASN F 70 -39.95 13.33 -38.08
C ASN F 70 -39.47 14.33 -37.03
N LEU F 71 -38.24 14.81 -37.20
CA LEU F 71 -37.69 15.86 -36.37
C LEU F 71 -37.91 17.25 -36.96
N GLN F 72 -38.47 17.34 -38.16
CA GLN F 72 -38.68 18.62 -38.81
C GLN F 72 -39.77 19.43 -38.11
N GLU F 73 -40.79 18.77 -37.60
CA GLU F 73 -41.92 19.45 -36.99
C GLU F 73 -41.65 19.77 -35.52
N LEU F 74 -41.62 21.07 -35.21
CA LEU F 74 -41.53 21.55 -33.84
C LEU F 74 -42.75 22.42 -33.57
N GLY F 75 -43.61 21.96 -32.67
CA GLY F 75 -44.85 22.64 -32.40
C GLY F 75 -44.69 23.80 -31.43
N LYS F 76 -45.82 24.25 -30.89
CA LYS F 76 -45.84 25.40 -30.01
C LYS F 76 -45.05 25.13 -28.73
N LEU F 77 -44.35 26.15 -28.26
CA LEU F 77 -43.60 26.09 -27.01
C LEU F 77 -44.35 26.88 -25.95
N LEU F 78 -44.55 26.27 -24.78
CA LEU F 78 -45.28 26.90 -23.68
C LEU F 78 -44.26 27.51 -22.73
N ILE F 79 -43.74 28.67 -23.09
CA ILE F 79 -42.68 29.32 -22.32
C ILE F 79 -43.31 30.30 -21.34
N GLY F 80 -42.98 30.14 -20.07
CA GLY F 80 -43.46 31.06 -19.04
C GLY F 80 -42.56 32.26 -18.87
N GLU F 81 -42.98 33.15 -17.97
CA GLU F 81 -42.21 34.36 -17.67
C GLU F 81 -41.81 34.49 -16.21
N HIS F 82 -42.54 33.84 -15.29
CA HIS F 82 -42.16 33.81 -13.89
C HIS F 82 -42.29 32.38 -13.38
N THR F 83 -41.57 32.09 -12.30
CA THR F 83 -41.34 30.72 -11.84
C THR F 83 -42.61 29.90 -11.73
N LYS F 84 -43.65 30.45 -11.11
CA LYS F 84 -44.92 29.74 -11.03
C LYS F 84 -45.49 29.49 -12.42
N GLU F 85 -45.40 30.49 -13.30
CA GLU F 85 -45.89 30.33 -14.67
C GLU F 85 -45.10 29.26 -15.40
N MET F 86 -43.78 29.21 -15.21
CA MET F 86 -42.98 28.16 -15.84
C MET F 86 -43.40 26.78 -15.34
N LEU F 87 -43.62 26.64 -14.03
CA LEU F 87 -44.02 25.34 -13.51
C LEU F 87 -45.38 24.92 -14.04
N GLU F 88 -46.34 25.85 -14.11
CA GLU F 88 -47.64 25.49 -14.66
C GLU F 88 -47.54 25.16 -16.15
N CYS F 89 -46.69 25.86 -16.90
CA CYS F 89 -46.51 25.54 -18.32
C CYS F 89 -45.92 24.14 -18.49
N ASP F 90 -44.90 23.80 -17.69
CA ASP F 90 -44.33 22.46 -17.77
C ASP F 90 -45.35 21.40 -17.39
N LEU F 91 -46.14 21.64 -16.34
CA LEU F 91 -47.16 20.69 -15.94
C LEU F 91 -48.22 20.52 -17.01
N LYS F 92 -48.64 21.62 -17.64
CA LYS F 92 -49.64 21.53 -18.71
C LYS F 92 -49.11 20.75 -19.91
N LEU F 93 -47.85 21.00 -20.30
CA LEU F 93 -47.26 20.25 -21.39
C LEU F 93 -47.17 18.77 -21.06
N GLU F 94 -46.72 18.45 -19.85
CA GLU F 94 -46.57 17.06 -19.44
C GLU F 94 -47.91 16.35 -19.37
N GLN F 95 -48.95 17.00 -18.88
CA GLN F 95 -50.29 16.42 -18.85
C GLN F 95 -50.87 16.25 -20.25
N ALA F 96 -50.63 17.21 -21.15
CA ALA F 96 -51.11 17.07 -22.52
C ALA F 96 -50.37 15.98 -23.28
N GLY F 97 -49.13 15.66 -22.89
CA GLY F 97 -48.39 14.60 -23.53
C GLY F 97 -48.83 13.21 -23.14
N LEU F 98 -49.50 13.08 -21.99
CA LEU F 98 -49.89 11.76 -21.48
C LEU F 98 -50.87 11.02 -22.38
N PRO F 99 -51.98 11.61 -22.85
CA PRO F 99 -52.95 10.82 -23.63
C PRO F 99 -52.37 10.18 -24.88
N ASP F 100 -51.41 10.83 -25.53
CA ASP F 100 -50.77 10.24 -26.70
C ASP F 100 -50.03 8.97 -26.34
N LEU F 101 -49.28 8.99 -25.24
CA LEU F 101 -48.55 7.80 -24.81
C LEU F 101 -49.50 6.66 -24.48
N LYS F 102 -50.60 6.96 -23.76
CA LYS F 102 -51.55 5.92 -23.41
C LYS F 102 -52.22 5.33 -24.64
N ALA F 103 -52.63 6.18 -25.59
CA ALA F 103 -53.23 5.70 -26.83
C ALA F 103 -52.24 4.84 -27.61
N ALA F 104 -50.97 5.25 -27.67
CA ALA F 104 -49.97 4.46 -28.39
C ALA F 104 -49.73 3.12 -27.71
N ILE F 105 -49.71 3.09 -26.38
CA ILE F 105 -49.53 1.82 -25.67
C ILE F 105 -50.71 0.90 -25.95
N ALA F 106 -51.93 1.44 -25.92
CA ALA F 106 -53.11 0.64 -26.22
C ALA F 106 -53.05 0.09 -27.64
N TYR F 107 -52.65 0.92 -28.60
CA TYR F 107 -52.57 0.45 -29.98
C TYR F 107 -51.49 -0.62 -30.14
N CYS F 108 -50.33 -0.43 -29.50
CA CYS F 108 -49.27 -1.43 -29.58
C CYS F 108 -49.72 -2.75 -28.98
N GLU F 109 -50.56 -2.70 -27.93
CA GLU F 109 -51.19 -3.91 -27.46
C GLU F 109 -52.12 -4.51 -28.50
N SER F 110 -52.87 -3.66 -29.20
CA SER F 110 -53.86 -4.15 -30.15
C SER F 110 -53.22 -4.94 -31.28
N VAL F 111 -52.10 -4.45 -31.82
CA VAL F 111 -51.45 -5.08 -32.96
C VAL F 111 -50.27 -5.96 -32.54
N GLY F 112 -50.01 -6.09 -31.24
CA GLY F 112 -48.98 -6.99 -30.80
C GLY F 112 -47.55 -6.52 -30.99
N ASP F 113 -47.30 -5.21 -30.88
CA ASP F 113 -45.92 -4.69 -30.90
C ASP F 113 -45.48 -4.45 -29.47
N TYR F 114 -45.03 -5.53 -28.83
CA TYR F 114 -44.84 -5.53 -27.38
C TYR F 114 -43.56 -4.81 -26.98
N ALA F 115 -42.52 -4.87 -27.80
CA ALA F 115 -41.29 -4.14 -27.48
C ALA F 115 -41.53 -2.63 -27.50
N SER F 116 -42.28 -2.15 -28.49
CA SER F 116 -42.66 -0.73 -28.51
C SER F 116 -43.52 -0.38 -27.31
N ARG F 117 -44.41 -1.28 -26.90
CA ARG F 117 -45.22 -1.01 -25.71
C ARG F 117 -44.34 -0.89 -24.47
N GLU F 118 -43.33 -1.75 -24.33
CA GLU F 118 -42.44 -1.65 -23.19
C GLU F 118 -41.66 -0.33 -23.20
N LEU F 119 -41.19 0.07 -24.37
CA LEU F 119 -40.51 1.37 -24.49
C LEU F 119 -41.42 2.51 -24.07
N LEU F 120 -42.65 2.53 -24.58
CA LEU F 120 -43.59 3.59 -24.26
C LEU F 120 -44.01 3.55 -22.79
N GLU F 121 -44.05 2.34 -22.20
CA GLU F 121 -44.35 2.23 -20.78
C GLU F 121 -43.25 2.85 -19.93
N ASP F 122 -41.99 2.62 -20.30
CA ASP F 122 -40.89 3.27 -19.60
C ASP F 122 -40.99 4.79 -19.73
N ILE F 123 -41.29 5.26 -20.94
CA ILE F 123 -41.42 6.70 -21.16
C ILE F 123 -42.55 7.26 -20.29
N LEU F 124 -43.70 6.56 -20.25
CA LEU F 124 -44.85 7.02 -19.47
C LEU F 124 -44.53 7.05 -17.98
N GLU F 125 -43.81 6.03 -17.50
CA GLU F 125 -43.41 6.02 -16.10
C GLU F 125 -42.52 7.22 -15.78
N SER F 126 -41.63 7.59 -16.69
CA SER F 126 -40.82 8.79 -16.46
C SER F 126 -41.69 10.05 -16.46
N GLU F 127 -42.63 10.14 -17.42
CA GLU F 127 -43.46 11.35 -17.50
C GLU F 127 -44.31 11.52 -16.25
N GLU F 128 -44.82 10.42 -15.70
CA GLU F 128 -45.58 10.50 -14.46
C GLU F 128 -44.74 10.99 -13.29
N ASP F 129 -43.47 10.59 -13.21
CA ASP F 129 -42.56 11.11 -12.20
C ASP F 129 -42.33 12.60 -12.34
N HIS F 130 -42.13 13.08 -13.58
CA HIS F 130 -42.01 14.52 -13.79
C HIS F 130 -43.29 15.25 -13.37
N ILE F 131 -44.46 14.68 -13.68
CA ILE F 131 -45.72 15.29 -13.26
C ILE F 131 -45.79 15.35 -11.74
N ASP F 132 -45.39 14.27 -11.06
CA ASP F 132 -45.41 14.25 -9.61
C ASP F 132 -44.50 15.33 -9.04
N TRP F 133 -43.31 15.49 -9.61
CA TRP F 133 -42.39 16.51 -9.13
C TRP F 133 -42.97 17.91 -9.31
N LEU F 134 -43.55 18.18 -10.49
CA LEU F 134 -44.10 19.51 -10.75
C LEU F 134 -45.27 19.81 -9.81
N GLU F 135 -46.14 18.83 -9.59
CA GLU F 135 -47.26 19.02 -8.67
C GLU F 135 -46.77 19.25 -7.24
N THR F 136 -45.73 18.51 -6.82
CA THR F 136 -45.17 18.71 -5.50
C THR F 136 -44.58 20.12 -5.36
N GLN F 137 -43.90 20.60 -6.39
CA GLN F 137 -43.34 21.95 -6.34
C GLN F 137 -44.44 23.00 -6.23
N LEU F 138 -45.52 22.84 -7.01
CA LEU F 138 -46.61 23.81 -6.94
C LEU F 138 -47.30 23.77 -5.57
N ASP F 139 -47.48 22.57 -5.01
CA ASP F 139 -48.05 22.46 -3.67
C ASP F 139 -47.14 23.08 -2.62
N LEU F 140 -45.83 22.92 -2.76
CA LEU F 140 -44.91 23.57 -1.83
C LEU F 140 -44.98 25.08 -1.95
N ILE F 141 -45.13 25.59 -3.17
CA ILE F 141 -45.30 27.04 -3.36
C ILE F 141 -46.54 27.51 -2.63
N ASP F 142 -47.64 26.78 -2.77
CA ASP F 142 -48.87 27.15 -2.07
C ASP F 142 -48.80 26.94 -0.56
N LYS F 143 -47.90 26.09 -0.08
CA LYS F 143 -47.77 25.79 1.33
C LYS F 143 -46.86 26.74 2.09
N ILE F 144 -45.70 27.08 1.52
CA ILE F 144 -44.71 27.89 2.22
C ILE F 144 -44.59 29.30 1.65
N GLY F 145 -45.24 29.61 0.55
CA GLY F 145 -45.15 30.94 -0.01
C GLY F 145 -44.14 31.02 -1.13
N LEU F 146 -44.35 32.01 -2.01
CA LEU F 146 -43.46 32.17 -3.15
C LEU F 146 -42.06 32.61 -2.73
N GLU F 147 -41.98 33.58 -1.80
CA GLU F 147 -40.68 34.09 -1.38
C GLU F 147 -39.87 33.02 -0.65
N ASN F 148 -40.52 32.26 0.22
CA ASN F 148 -39.82 31.17 0.91
C ASN F 148 -39.39 30.10 -0.07
N TYR F 149 -40.24 29.77 -1.04
CA TYR F 149 -39.91 28.73 -2.02
C TYR F 149 -38.73 29.15 -2.89
N LEU F 150 -38.71 30.40 -3.34
CA LEU F 150 -37.65 30.86 -4.22
C LEU F 150 -36.31 30.90 -3.49
N GLN F 151 -36.33 31.19 -2.20
CA GLN F 151 -35.10 31.19 -1.41
C GLN F 151 -34.47 29.80 -1.38
N SER F 152 -35.30 28.77 -1.24
CA SER F 152 -34.80 27.39 -1.22
C SER F 152 -34.23 26.95 -2.56
N GLN F 153 -34.56 27.65 -3.65
CA GLN F 153 -34.02 27.33 -4.96
C GLN F 153 -32.73 28.07 -5.27
N MET F 154 -32.29 28.97 -4.38
CA MET F 154 -31.06 29.72 -4.62
C MET F 154 -29.85 28.78 -4.67
N ASP F 155 -29.78 27.84 -3.74
CA ASP F 155 -28.65 26.91 -3.68
C ASP F 155 -29.13 25.48 -3.62
N MET G 1 10.17 46.73 -24.92
CA MET G 1 9.60 47.14 -26.20
C MET G 1 8.82 48.44 -26.05
N LYS G 2 9.11 49.40 -26.93
CA LYS G 2 8.41 50.68 -26.89
C LYS G 2 6.97 50.50 -27.34
N GLY G 3 6.04 51.06 -26.56
CA GLY G 3 4.64 51.04 -26.89
C GLY G 3 4.14 52.41 -27.34
N ASP G 4 2.86 52.45 -27.70
CA ASP G 4 2.23 53.70 -28.11
C ASP G 4 1.82 54.47 -26.86
N LYS G 5 2.05 55.79 -26.88
CA LYS G 5 1.81 56.60 -25.69
C LYS G 5 0.33 56.61 -25.30
N ILE G 6 -0.56 56.68 -26.29
CA ILE G 6 -1.99 56.70 -26.00
C ILE G 6 -2.43 55.37 -25.41
N VAL G 7 -1.84 54.27 -25.87
CA VAL G 7 -2.11 52.97 -25.27
C VAL G 7 -1.70 52.96 -23.81
N ILE G 8 -0.55 53.57 -23.49
CA ILE G 8 -0.10 53.69 -22.11
C ILE G 8 -1.09 54.50 -21.29
N GLN G 9 -1.60 55.61 -21.84
CA GLN G 9 -2.56 56.41 -21.11
C GLN G 9 -3.85 55.64 -20.84
N HIS G 10 -4.32 54.88 -21.84
CA HIS G 10 -5.52 54.07 -21.63
C HIS G 10 -5.29 53.00 -20.57
N LEU G 11 -4.12 52.35 -20.60
CA LEU G 11 -3.81 51.34 -19.62
C LEU G 11 -3.73 51.94 -18.21
N ASN G 12 -3.18 53.16 -18.11
CA ASN G 12 -3.13 53.83 -16.82
C ASN G 12 -4.52 54.18 -16.31
N LYS G 13 -5.41 54.61 -17.22
CA LYS G 13 -6.79 54.89 -16.83
C LYS G 13 -7.47 53.63 -16.30
N ILE G 14 -7.31 52.52 -17.01
CA ILE G 14 -7.90 51.26 -16.56
C ILE G 14 -7.29 50.83 -15.22
N LEU G 15 -5.99 51.04 -15.06
CA LEU G 15 -5.34 50.68 -13.79
C LEU G 15 -5.89 51.50 -12.63
N GLY G 16 -6.11 52.80 -12.84
CA GLY G 16 -6.71 53.61 -11.80
C GLY G 16 -8.12 53.14 -11.44
N ASN G 17 -8.91 52.81 -12.46
CA ASN G 17 -10.24 52.26 -12.19
C ASN G 17 -10.15 50.97 -11.39
N GLU G 18 -9.17 50.12 -11.73
CA GLU G 18 -9.01 48.86 -11.02
C GLU G 18 -8.60 49.08 -9.56
N LEU G 19 -7.76 50.08 -9.31
CA LEU G 19 -7.40 50.40 -7.93
C LEU G 19 -8.61 50.88 -7.13
N ILE G 20 -9.42 51.74 -7.75
CA ILE G 20 -10.66 52.18 -7.10
C ILE G 20 -11.52 50.97 -6.75
N ALA G 21 -11.68 50.05 -7.70
CA ALA G 21 -12.48 48.86 -7.47
C ALA G 21 -11.89 47.99 -6.37
N ILE G 22 -10.57 47.88 -6.32
CA ILE G 22 -9.90 47.09 -5.29
C ILE G 22 -10.26 47.63 -3.92
N ASN G 23 -10.07 48.93 -3.71
CA ASN G 23 -10.34 49.50 -2.39
C ASN G 23 -11.81 49.39 -2.02
N GLN G 24 -12.71 49.74 -2.95
CA GLN G 24 -14.13 49.70 -2.63
C GLN G 24 -14.59 48.28 -2.32
N TYR G 25 -14.13 47.31 -3.11
CA TYR G 25 -14.57 45.93 -2.92
C TYR G 25 -14.01 45.36 -1.63
N PHE G 26 -12.76 45.68 -1.28
CA PHE G 26 -12.22 45.18 -0.03
C PHE G 26 -12.96 45.76 1.16
N LEU G 27 -13.26 47.05 1.12
CA LEU G 27 -14.00 47.67 2.21
C LEU G 27 -15.40 47.07 2.34
N HIS G 28 -16.08 46.87 1.21
CA HIS G 28 -17.41 46.26 1.25
C HIS G 28 -17.34 44.83 1.76
N ALA G 29 -16.33 44.07 1.33
CA ALA G 29 -16.18 42.70 1.78
C ALA G 29 -15.99 42.63 3.29
N ARG G 30 -15.10 43.48 3.82
CA ARG G 30 -14.86 43.46 5.25
C ARG G 30 -16.02 44.00 6.06
N MET G 31 -16.85 44.89 5.47
CA MET G 31 -18.03 45.36 6.18
C MET G 31 -19.13 44.31 6.16
N TYR G 32 -19.14 43.44 5.14
CA TYR G 32 -20.10 42.35 5.09
C TYR G 32 -19.82 41.32 6.18
N GLU G 33 -18.55 40.93 6.35
CA GLU G 33 -18.21 39.94 7.36
C GLU G 33 -18.49 40.47 8.76
N ASP G 34 -18.34 41.78 8.95
CA ASP G 34 -18.61 42.37 10.27
C ASP G 34 -20.07 42.24 10.66
N TRP G 35 -20.98 42.26 9.68
CA TRP G 35 -22.41 42.14 9.96
C TRP G 35 -22.85 40.70 10.14
N GLY G 36 -21.98 39.73 9.90
CA GLY G 36 -22.36 38.34 9.97
C GLY G 36 -22.78 37.72 8.66
N LEU G 37 -22.53 38.40 7.54
CA LEU G 37 -22.88 37.87 6.22
C LEU G 37 -21.64 37.27 5.57
N GLU G 38 -21.34 36.03 5.98
CA GLU G 38 -20.13 35.36 5.53
C GLU G 38 -20.12 35.13 4.02
N LYS G 39 -21.26 34.74 3.46
CA LYS G 39 -21.29 34.38 2.04
C LYS G 39 -21.07 35.59 1.15
N LEU G 40 -21.80 36.69 1.42
CA LEU G 40 -21.64 37.90 0.64
C LEU G 40 -20.24 38.49 0.83
N GLY G 41 -19.73 38.45 2.07
CA GLY G 41 -18.38 38.94 2.31
C GLY G 41 -17.34 38.12 1.56
N LYS G 42 -17.51 36.81 1.53
CA LYS G 42 -16.56 35.96 0.81
C LYS G 42 -16.59 36.25 -0.69
N HIS G 43 -17.79 36.42 -1.25
CA HIS G 43 -17.86 36.72 -2.69
C HIS G 43 -17.26 38.09 -3.00
N GLU G 44 -17.51 39.08 -2.14
CA GLU G 44 -16.91 40.40 -2.34
C GLU G 44 -15.39 40.34 -2.21
N TYR G 45 -14.88 39.54 -1.27
CA TYR G 45 -13.45 39.36 -1.13
C TYR G 45 -12.85 38.73 -2.38
N HIS G 46 -13.52 37.72 -2.94
CA HIS G 46 -13.04 37.11 -4.18
C HIS G 46 -13.05 38.11 -5.32
N GLU G 47 -14.09 38.94 -5.41
CA GLU G 47 -14.13 39.97 -6.44
C GLU G 47 -12.98 40.96 -6.27
N SER G 48 -12.68 41.34 -5.03
CA SER G 48 -11.58 42.25 -4.76
C SER G 48 -10.25 41.64 -5.17
N ILE G 49 -10.06 40.35 -4.89
CA ILE G 49 -8.83 39.67 -5.30
C ILE G 49 -8.72 39.63 -6.82
N ASP G 50 -9.84 39.41 -7.50
CA ASP G 50 -9.83 39.43 -8.96
C ASP G 50 -9.44 40.80 -9.49
N GLU G 51 -9.96 41.86 -8.87
CA GLU G 51 -9.57 43.21 -9.27
C GLU G 51 -8.09 43.44 -9.02
N MET G 52 -7.56 42.89 -7.92
CA MET G 52 -6.14 43.00 -7.63
C MET G 52 -5.31 42.33 -8.72
N LYS G 53 -5.72 41.15 -9.16
CA LYS G 53 -5.02 40.46 -10.24
C LYS G 53 -5.11 41.24 -11.54
N HIS G 54 -6.26 41.85 -11.82
CA HIS G 54 -6.38 42.70 -13.00
C HIS G 54 -5.40 43.87 -12.94
N ALA G 55 -5.30 44.51 -11.77
CA ALA G 55 -4.36 45.62 -11.61
C ALA G 55 -2.93 45.16 -11.80
N ASP G 56 -2.60 43.98 -11.27
CA ASP G 56 -1.25 43.43 -11.45
C ASP G 56 -0.95 43.18 -12.93
N LYS G 57 -1.92 42.62 -13.65
CA LYS G 57 -1.73 42.36 -15.08
C LYS G 57 -1.53 43.66 -15.85
N LEU G 58 -2.30 44.69 -15.50
CA LEU G 58 -2.14 45.99 -16.15
C LEU G 58 -0.78 46.60 -15.85
N ILE G 59 -0.31 46.46 -14.60
CA ILE G 59 1.00 47.00 -14.23
C ILE G 59 2.09 46.29 -15.02
N LYS G 60 1.98 44.96 -15.14
CA LYS G 60 2.95 44.21 -15.93
C LYS G 60 2.96 44.65 -17.38
N ARG G 61 1.78 44.85 -17.96
CA ARG G 61 1.70 45.27 -19.36
C ARG G 61 2.29 46.66 -19.56
N ILE G 62 2.01 47.57 -18.62
CA ILE G 62 2.55 48.93 -18.73
C ILE G 62 4.07 48.91 -18.61
N LEU G 63 4.59 48.11 -17.68
CA LEU G 63 6.04 48.04 -17.52
C LEU G 63 6.71 47.41 -18.73
N PHE G 64 6.05 46.41 -19.34
CA PHE G 64 6.60 45.81 -20.55
C PHE G 64 6.69 46.82 -21.69
N LEU G 65 5.68 47.67 -21.82
CA LEU G 65 5.65 48.68 -22.87
C LEU G 65 6.52 49.89 -22.56
N GLU G 66 7.43 49.78 -21.60
CA GLU G 66 8.34 50.86 -21.22
C GLU G 66 7.58 52.10 -20.77
N GLY G 67 6.47 51.91 -20.06
CA GLY G 67 5.70 52.98 -19.50
C GLY G 67 5.87 53.08 -18.00
N LEU G 68 5.14 54.03 -17.41
CA LEU G 68 5.20 54.29 -15.98
C LEU G 68 3.83 54.09 -15.36
N PRO G 69 3.59 53.01 -14.61
CA PRO G 69 2.30 52.83 -13.96
C PRO G 69 1.99 53.96 -13.00
N ASN G 70 0.71 54.35 -12.95
CA ASN G 70 0.24 55.45 -12.13
C ASN G 70 -0.64 54.87 -11.03
N LEU G 71 -0.03 54.48 -9.91
CA LEU G 71 -0.76 54.03 -8.74
C LEU G 71 -0.99 55.14 -7.73
N GLN G 72 -0.50 56.35 -8.00
CA GLN G 72 -0.62 57.45 -7.05
C GLN G 72 -2.04 58.01 -7.00
N GLU G 73 -2.75 58.03 -8.12
CA GLU G 73 -4.07 58.62 -8.21
C GLU G 73 -5.12 57.59 -7.82
N LEU G 74 -5.78 57.81 -6.69
CA LEU G 74 -6.92 57.02 -6.25
C LEU G 74 -8.15 57.92 -6.23
N GLY G 75 -9.17 57.54 -7.00
CA GLY G 75 -10.36 58.35 -7.12
C GLY G 75 -11.35 58.08 -6.02
N LYS G 76 -12.53 58.68 -6.18
CA LYS G 76 -13.59 58.58 -5.18
C LYS G 76 -14.16 57.17 -5.16
N LEU G 77 -14.22 56.57 -3.97
CA LEU G 77 -14.89 55.29 -3.80
C LEU G 77 -16.37 55.48 -3.52
N LEU G 78 -17.18 54.56 -4.02
CA LEU G 78 -18.63 54.57 -3.82
C LEU G 78 -18.94 53.60 -2.70
N ILE G 79 -18.77 54.07 -1.46
CA ILE G 79 -18.97 53.22 -0.29
C ILE G 79 -20.42 53.30 0.17
N GLY G 80 -21.05 52.14 0.35
CA GLY G 80 -22.41 52.06 0.82
C GLY G 80 -22.48 51.76 2.31
N GLU G 81 -23.69 51.83 2.84
CA GLU G 81 -23.93 51.60 4.27
C GLU G 81 -24.92 50.49 4.57
N HIS G 82 -25.69 50.03 3.59
CA HIS G 82 -26.53 48.86 3.77
C HIS G 82 -26.43 47.99 2.52
N THR G 83 -26.70 46.70 2.68
CA THR G 83 -26.38 45.69 1.67
C THR G 83 -26.86 46.06 0.27
N LYS G 84 -28.13 46.47 0.16
CA LYS G 84 -28.65 46.90 -1.12
C LYS G 84 -27.88 48.10 -1.66
N GLU G 85 -27.57 49.05 -0.79
CA GLU G 85 -26.86 50.26 -1.21
C GLU G 85 -25.48 49.93 -1.75
N MET G 86 -24.75 49.04 -1.09
CA MET G 86 -23.39 48.74 -1.54
C MET G 86 -23.39 47.82 -2.76
N LEU G 87 -24.40 46.94 -2.89
CA LEU G 87 -24.54 46.20 -4.13
C LEU G 87 -24.80 47.15 -5.30
N GLU G 88 -25.66 48.15 -5.10
CA GLU G 88 -25.89 49.13 -6.14
C GLU G 88 -24.65 49.96 -6.43
N CYS G 89 -23.87 50.30 -5.41
CA CYS G 89 -22.63 51.04 -5.62
C CYS G 89 -21.63 50.23 -6.43
N ASP G 90 -21.48 48.94 -6.14
CA ASP G 90 -20.62 48.09 -6.93
C ASP G 90 -21.10 48.00 -8.37
N LEU G 91 -22.43 47.89 -8.56
CA LEU G 91 -22.97 47.84 -9.92
C LEU G 91 -22.68 49.14 -10.67
N LYS G 92 -22.83 50.28 -10.00
CA LYS G 92 -22.54 51.56 -10.63
C LYS G 92 -21.06 51.67 -11.00
N LEU G 93 -20.18 51.21 -10.11
CA LEU G 93 -18.74 51.24 -10.40
C LEU G 93 -18.43 50.39 -11.63
N GLU G 94 -18.99 49.18 -11.69
CA GLU G 94 -18.72 48.31 -12.83
C GLU G 94 -19.28 48.89 -14.12
N GLN G 95 -20.48 49.47 -14.07
CA GLN G 95 -21.06 50.06 -15.27
C GLN G 95 -20.25 51.27 -15.74
N ALA G 96 -19.75 52.07 -14.80
CA ALA G 96 -18.93 53.21 -15.17
C ALA G 96 -17.57 52.80 -15.71
N GLY G 97 -17.05 51.65 -15.27
CA GLY G 97 -15.77 51.18 -15.77
C GLY G 97 -15.81 50.56 -17.15
N LEU G 98 -16.99 50.17 -17.62
CA LEU G 98 -17.09 49.51 -18.92
C LEU G 98 -16.67 50.39 -20.10
N PRO G 99 -17.15 51.64 -20.24
CA PRO G 99 -16.81 52.40 -21.45
C PRO G 99 -15.31 52.61 -21.64
N ASP G 100 -14.56 52.76 -20.55
CA ASP G 100 -13.12 52.93 -20.68
C ASP G 100 -12.45 51.69 -21.28
N LEU G 101 -12.86 50.51 -20.82
CA LEU G 101 -12.32 49.26 -21.37
C LEU G 101 -12.65 49.12 -22.85
N LYS G 102 -13.89 49.43 -23.22
CA LYS G 102 -14.29 49.33 -24.63
C LYS G 102 -13.53 50.31 -25.50
N ALA G 103 -13.36 51.56 -25.03
CA ALA G 103 -12.57 52.53 -25.78
C ALA G 103 -11.12 52.10 -25.91
N ALA G 104 -10.53 51.53 -24.84
CA ALA G 104 -9.17 51.05 -24.91
C ALA G 104 -9.04 49.91 -25.92
N ILE G 105 -10.00 48.99 -25.93
CA ILE G 105 -9.96 47.89 -26.88
C ILE G 105 -10.09 48.42 -28.31
N ALA G 106 -10.97 49.38 -28.52
CA ALA G 106 -11.13 49.97 -29.85
C ALA G 106 -9.83 50.63 -30.31
N TYR G 107 -9.18 51.38 -29.41
CA TYR G 107 -7.93 52.03 -29.79
C TYR G 107 -6.82 51.01 -30.06
N CYS G 108 -6.75 49.95 -29.26
CA CYS G 108 -5.75 48.92 -29.50
C CYS G 108 -5.98 48.23 -30.84
N GLU G 109 -7.25 48.04 -31.22
CA GLU G 109 -7.54 47.57 -32.57
C GLU G 109 -7.06 48.57 -33.62
N SER G 110 -7.30 49.86 -33.37
CA SER G 110 -6.95 50.88 -34.36
C SER G 110 -5.45 50.95 -34.62
N VAL G 111 -4.64 50.89 -33.57
CA VAL G 111 -3.19 51.04 -33.70
C VAL G 111 -2.47 49.71 -33.76
N GLY G 112 -3.18 48.58 -33.71
CA GLY G 112 -2.55 47.29 -33.88
C GLY G 112 -1.80 46.75 -32.69
N ASP G 113 -2.16 47.15 -31.47
CA ASP G 113 -1.58 46.58 -30.26
C ASP G 113 -2.50 45.45 -29.80
N TYR G 114 -2.26 44.26 -30.36
CA TYR G 114 -3.22 43.17 -30.22
C TYR G 114 -3.07 42.43 -28.90
N ALA G 115 -1.85 42.33 -28.36
CA ALA G 115 -1.68 41.68 -27.06
C ALA G 115 -2.39 42.45 -25.96
N SER G 116 -2.24 43.78 -25.96
CA SER G 116 -2.98 44.61 -25.02
C SER G 116 -4.48 44.46 -25.23
N ARG G 117 -4.91 44.32 -26.49
CA ARG G 117 -6.32 44.11 -26.77
C ARG G 117 -6.83 42.82 -26.16
N GLU G 118 -6.05 41.74 -26.25
CA GLU G 118 -6.46 40.47 -25.65
C GLU G 118 -6.52 40.59 -24.13
N LEU G 119 -5.53 41.28 -23.53
CA LEU G 119 -5.55 41.52 -22.09
C LEU G 119 -6.82 42.26 -21.67
N LEU G 120 -7.13 43.35 -22.37
CA LEU G 120 -8.31 44.14 -22.03
C LEU G 120 -9.59 43.37 -22.31
N GLU G 121 -9.58 42.47 -23.31
CA GLU G 121 -10.75 41.63 -23.54
C GLU G 121 -11.00 40.68 -22.38
N ASP G 122 -9.94 40.07 -21.85
CA ASP G 122 -10.10 39.22 -20.67
C ASP G 122 -10.63 40.03 -19.49
N ILE G 123 -10.08 41.23 -19.29
CA ILE G 123 -10.54 42.08 -18.19
C ILE G 123 -12.02 42.44 -18.36
N LEU G 124 -12.41 42.77 -19.60
CA LEU G 124 -13.78 43.14 -19.89
C LEU G 124 -14.74 41.96 -19.64
N GLU G 125 -14.31 40.76 -20.03
CA GLU G 125 -15.13 39.58 -19.76
C GLU G 125 -15.34 39.39 -18.27
N SER G 126 -14.27 39.57 -17.48
CA SER G 126 -14.41 39.45 -16.03
C SER G 126 -15.36 40.51 -15.48
N GLU G 127 -15.24 41.76 -15.95
CA GLU G 127 -16.12 42.81 -15.45
C GLU G 127 -17.57 42.53 -15.80
N GLU G 128 -17.82 42.00 -17.00
CA GLU G 128 -19.17 41.61 -17.38
C GLU G 128 -19.71 40.50 -16.49
N ASP G 129 -18.86 39.54 -16.12
CA ASP G 129 -19.30 38.49 -15.20
C ASP G 129 -19.70 39.07 -13.84
N HIS G 130 -18.88 39.99 -13.32
CA HIS G 130 -19.23 40.65 -12.06
C HIS G 130 -20.54 41.43 -12.18
N ILE G 131 -20.75 42.10 -13.31
CA ILE G 131 -21.99 42.84 -13.53
C ILE G 131 -23.18 41.88 -13.51
N ASP G 132 -23.04 40.73 -14.17
CA ASP G 132 -24.10 39.73 -14.19
C ASP G 132 -24.41 39.27 -12.77
N TRP G 133 -23.38 39.00 -11.98
CA TRP G 133 -23.59 38.55 -10.61
C TRP G 133 -24.31 39.60 -9.78
N LEU G 134 -23.91 40.87 -9.92
CA LEU G 134 -24.52 41.94 -9.13
C LEU G 134 -25.98 42.12 -9.50
N GLU G 135 -26.28 42.10 -10.81
CA GLU G 135 -27.67 42.24 -11.24
C GLU G 135 -28.51 41.06 -10.78
N THR G 136 -27.94 39.85 -10.82
CA THR G 136 -28.65 38.69 -10.32
C THR G 136 -28.97 38.83 -8.83
N GLN G 137 -28.00 39.31 -8.05
CA GLN G 137 -28.24 39.50 -6.62
C GLN G 137 -29.32 40.53 -6.37
N LEU G 138 -29.30 41.64 -7.08
CA LEU G 138 -30.33 42.66 -6.88
C LEU G 138 -31.72 42.14 -7.28
N ASP G 139 -31.79 41.40 -8.39
CA ASP G 139 -33.07 40.82 -8.80
C ASP G 139 -33.56 39.78 -7.80
N LEU G 140 -32.64 39.03 -7.21
CA LEU G 140 -33.01 38.06 -6.17
C LEU G 140 -33.53 38.78 -4.93
N ILE G 141 -32.93 39.92 -4.58
CA ILE G 141 -33.45 40.72 -3.48
C ILE G 141 -34.87 41.15 -3.77
N ASP G 142 -35.11 41.62 -5.00
CA ASP G 142 -36.47 42.05 -5.36
C ASP G 142 -37.44 40.89 -5.42
N LYS G 143 -36.96 39.68 -5.69
CA LYS G 143 -37.83 38.52 -5.84
C LYS G 143 -38.21 37.91 -4.50
N ILE G 144 -37.22 37.66 -3.63
CA ILE G 144 -37.45 36.93 -2.39
C ILE G 144 -37.49 37.83 -1.17
N GLY G 145 -37.21 39.10 -1.31
CA GLY G 145 -37.28 40.00 -0.16
C GLY G 145 -35.93 40.20 0.50
N LEU G 146 -35.78 41.33 1.18
CA LEU G 146 -34.51 41.64 1.83
C LEU G 146 -34.22 40.70 2.98
N GLU G 147 -35.22 40.41 3.82
CA GLU G 147 -35.01 39.56 4.98
C GLU G 147 -34.63 38.14 4.59
N ASN G 148 -35.33 37.59 3.59
CA ASN G 148 -34.98 36.26 3.11
C ASN G 148 -33.59 36.26 2.46
N TYR G 149 -33.28 37.29 1.69
CA TYR G 149 -31.98 37.35 1.01
C TYR G 149 -30.84 37.41 2.01
N LEU G 150 -30.97 38.26 3.04
CA LEU G 150 -29.91 38.41 4.02
C LEU G 150 -29.71 37.15 4.84
N GLN G 151 -30.78 36.38 5.06
CA GLN G 151 -30.64 35.11 5.78
C GLN G 151 -29.78 34.13 4.99
N SER G 152 -29.95 34.09 3.67
CA SER G 152 -29.17 33.17 2.86
C SER G 152 -27.70 33.56 2.79
N GLN G 153 -27.36 34.80 3.14
CA GLN G 153 -25.98 35.26 3.15
C GLN G 153 -25.25 34.93 4.45
N MET G 154 -25.95 34.36 5.42
CA MET G 154 -25.31 33.92 6.65
C MET G 154 -24.60 32.60 6.43
N ASP G 155 -23.35 32.52 6.89
CA ASP G 155 -22.52 31.31 6.81
C ASP G 155 -22.21 30.89 5.38
N MET H 1 -18.68 46.64 19.31
CA MET H 1 -18.23 47.33 20.51
C MET H 1 -17.73 48.72 20.17
N LYS H 2 -18.19 49.72 20.93
CA LYS H 2 -17.76 51.09 20.71
C LYS H 2 -16.35 51.29 21.25
N GLY H 3 -15.46 51.84 20.42
CA GLY H 3 -14.10 52.12 20.82
C GLY H 3 -13.86 53.61 21.04
N ASP H 4 -12.64 53.91 21.46
CA ASP H 4 -12.23 55.30 21.68
C ASP H 4 -11.97 55.95 20.33
N LYS H 5 -12.44 57.19 20.17
CA LYS H 5 -12.34 57.89 18.89
C LYS H 5 -10.88 58.12 18.48
N ILE H 6 -10.04 58.52 19.43
CA ILE H 6 -8.64 58.76 19.12
C ILE H 6 -7.92 57.46 18.76
N VAL H 7 -8.29 56.34 19.38
CA VAL H 7 -7.73 55.05 18.98
C VAL H 7 -8.11 54.76 17.53
N ILE H 8 -9.35 55.05 17.15
CA ILE H 8 -9.77 54.83 15.77
C ILE H 8 -9.01 55.75 14.83
N GLN H 9 -8.73 56.99 15.24
CA GLN H 9 -7.95 57.89 14.42
C GLN H 9 -6.53 57.37 14.21
N HIS H 10 -5.91 56.86 15.27
CA HIS H 10 -4.58 56.28 15.14
C HIS H 10 -4.60 55.07 14.21
N LEU H 11 -5.61 54.23 14.35
CA LEU H 11 -5.73 53.06 13.49
C LEU H 11 -5.90 53.47 12.03
N ASN H 12 -6.68 54.53 11.80
CA ASN H 12 -6.86 55.03 10.43
C ASN H 12 -5.56 55.57 9.86
N LYS H 13 -4.77 56.27 10.68
CA LYS H 13 -3.48 56.76 10.22
C LYS H 13 -2.55 55.61 9.85
N ILE H 14 -2.49 54.58 10.70
CA ILE H 14 -1.66 53.42 10.38
C ILE H 14 -2.17 52.72 9.13
N LEU H 15 -3.49 52.67 8.95
CA LEU H 15 -4.06 52.06 7.75
C LEU H 15 -3.66 52.82 6.50
N GLY H 16 -3.67 54.16 6.58
CA GLY H 16 -3.20 54.95 5.44
C GLY H 16 -1.75 54.71 5.12
N ASN H 17 -0.91 54.60 6.16
CA ASN H 17 0.50 54.28 5.93
C ASN H 17 0.65 52.91 5.25
N GLU H 18 -0.14 51.93 5.70
CA GLU H 18 -0.09 50.60 5.10
C GLU H 18 -0.56 50.65 3.65
N LEU H 19 -1.57 51.47 3.36
CA LEU H 19 -2.03 51.61 1.98
C LEU H 19 -0.94 52.19 1.10
N ILE H 20 -0.21 53.19 1.60
CA ILE H 20 0.91 53.74 0.85
C ILE H 20 1.96 52.65 0.58
N ALA H 21 2.27 51.89 1.62
CA ALA H 21 3.31 50.86 1.52
C ALA H 21 2.91 49.77 0.53
N ILE H 22 1.63 49.42 0.49
CA ILE H 22 1.16 48.38 -0.43
C ILE H 22 1.48 48.76 -1.87
N ASN H 23 1.07 49.97 -2.26
CA ASN H 23 1.27 50.41 -3.64
C ASN H 23 2.75 50.56 -3.96
N GLN H 24 3.51 51.17 -3.04
CA GLN H 24 4.93 51.35 -3.31
C GLN H 24 5.65 50.02 -3.47
N TYR H 25 5.40 49.08 -2.56
CA TYR H 25 6.07 47.79 -2.62
C TYR H 25 5.65 47.00 -3.84
N PHE H 26 4.35 47.04 -4.21
CA PHE H 26 3.93 46.30 -5.39
C PHE H 26 4.55 46.86 -6.66
N LEU H 27 4.60 48.19 -6.80
CA LEU H 27 5.22 48.77 -7.99
C LEU H 27 6.71 48.45 -8.03
N HIS H 28 7.39 48.52 -6.87
CA HIS H 28 8.81 48.17 -6.84
C HIS H 28 9.02 46.70 -7.20
N ALA H 29 8.16 45.81 -6.68
CA ALA H 29 8.28 44.39 -6.99
C ALA H 29 8.09 44.13 -8.48
N ARG H 30 7.08 44.76 -9.09
CA ARG H 30 6.85 44.58 -10.51
C ARG H 30 7.95 45.20 -11.36
N MET H 31 8.59 46.26 -10.90
CA MET H 31 9.70 46.83 -11.68
C MET H 31 10.97 46.01 -11.51
N TYR H 32 11.11 45.31 -10.38
CA TYR H 32 12.25 44.40 -10.21
C TYR H 32 12.15 43.21 -11.15
N GLU H 33 10.99 42.56 -11.20
CA GLU H 33 10.82 41.40 -12.06
C GLU H 33 10.93 41.77 -13.54
N ASP H 34 10.62 43.03 -13.88
CA ASP H 34 10.75 43.48 -15.26
C ASP H 34 12.19 43.53 -15.71
N TRP H 35 13.13 43.82 -14.82
CA TRP H 35 14.55 43.91 -15.17
C TRP H 35 15.25 42.56 -15.13
N GLY H 36 14.57 41.50 -14.71
CA GLY H 36 15.19 40.19 -14.60
C GLY H 36 15.67 39.84 -13.21
N LEU H 37 15.47 40.71 -12.23
CA LEU H 37 15.86 40.45 -10.85
C LEU H 37 14.72 39.74 -10.12
N GLU H 38 14.67 38.42 -10.31
CA GLU H 38 13.57 37.62 -9.79
C GLU H 38 13.59 37.55 -8.26
N LYS H 39 14.79 37.49 -7.68
CA LYS H 39 14.91 37.38 -6.23
C LYS H 39 14.35 38.61 -5.53
N LEU H 40 14.80 39.80 -5.95
CA LEU H 40 14.34 41.03 -5.36
C LEU H 40 12.85 41.25 -5.62
N GLY H 41 12.40 40.91 -6.83
CA GLY H 41 10.99 41.03 -7.14
C GLY H 41 10.13 40.14 -6.26
N LYS H 42 10.56 38.90 -6.06
CA LYS H 42 9.80 37.98 -5.20
C LYS H 42 9.77 38.49 -3.76
N HIS H 43 10.90 38.97 -3.24
CA HIS H 43 10.92 39.44 -1.86
C HIS H 43 10.05 40.68 -1.69
N GLU H 44 10.10 41.60 -2.65
CA GLU H 44 9.27 42.79 -2.57
C GLU H 44 7.79 42.45 -2.71
N TYR H 45 7.47 41.46 -3.54
CA TYR H 45 6.10 40.99 -3.66
C TYR H 45 5.60 40.42 -2.34
N HIS H 46 6.44 39.61 -1.67
CA HIS H 46 6.05 39.05 -0.38
C HIS H 46 5.85 40.15 0.67
N GLU H 47 6.75 41.14 0.67
CA GLU H 47 6.59 42.26 1.59
C GLU H 47 5.31 43.05 1.31
N SER H 48 4.99 43.24 0.03
CA SER H 48 3.75 43.92 -0.32
C SER H 48 2.54 43.15 0.17
N ILE H 49 2.54 41.82 0.00
CA ILE H 49 1.43 41.01 0.49
C ILE H 49 1.32 41.09 2.00
N ASP H 50 2.46 41.13 2.70
CA ASP H 50 2.42 41.32 4.15
C ASP H 50 1.79 42.66 4.51
N GLU H 51 2.08 43.70 3.73
CA GLU H 51 1.46 45.00 3.95
C GLU H 51 -0.05 44.92 3.74
N MET H 52 -0.48 44.18 2.72
CA MET H 52 -1.92 44.00 2.49
C MET H 52 -2.57 43.31 3.67
N LYS H 53 -1.91 42.28 4.23
CA LYS H 53 -2.46 41.61 5.39
C LYS H 53 -2.54 42.54 6.60
N HIS H 54 -1.53 43.39 6.78
CA HIS H 54 -1.57 44.38 7.86
C HIS H 54 -2.75 45.32 7.67
N ALA H 55 -2.95 45.81 6.45
CA ALA H 55 -4.07 46.71 6.19
C ALA H 55 -5.40 46.02 6.43
N ASP H 56 -5.51 44.75 6.05
CA ASP H 56 -6.73 43.99 6.29
C ASP H 56 -7.00 43.87 7.78
N LYS H 57 -5.96 43.56 8.56
CA LYS H 57 -6.12 43.45 10.01
C LYS H 57 -6.57 44.77 10.61
N LEU H 58 -5.98 45.87 10.16
CA LEU H 58 -6.36 47.19 10.66
C LEU H 58 -7.81 47.51 10.29
N ILE H 59 -8.23 47.14 9.08
CA ILE H 59 -9.60 47.37 8.65
C ILE H 59 -10.57 46.60 9.54
N LYS H 60 -10.23 45.34 9.82
CA LYS H 60 -11.08 44.53 10.71
C LYS H 60 -11.16 45.15 12.10
N ARG H 61 -10.03 45.63 12.62
CA ARG H 61 -10.03 46.22 13.96
C ARG H 61 -10.86 47.50 13.99
N ILE H 62 -10.74 48.33 12.96
CA ILE H 62 -11.53 49.57 12.91
C ILE H 62 -13.01 49.25 12.82
N LEU H 63 -13.37 48.27 12.00
CA LEU H 63 -14.77 47.91 11.84
C LEU H 63 -15.35 47.32 13.13
N PHE H 64 -14.55 46.52 13.84
CA PHE H 64 -15.01 45.99 15.12
C PHE H 64 -15.25 47.11 16.13
N LEU H 65 -14.38 48.11 16.14
CA LEU H 65 -14.50 49.26 17.03
C LEU H 65 -15.60 50.23 16.59
N GLU H 66 -16.45 49.83 15.66
CA GLU H 66 -17.54 50.66 15.14
C GLU H 66 -17.03 51.97 14.55
N GLY H 67 -15.86 51.92 13.91
CA GLY H 67 -15.31 53.06 13.21
C GLY H 67 -15.47 52.94 11.71
N LEU H 68 -15.00 53.98 11.01
CA LEU H 68 -15.09 54.03 9.56
C LEU H 68 -13.68 53.99 8.96
N PRO H 69 -13.27 52.87 8.35
CA PRO H 69 -11.96 52.83 7.71
C PRO H 69 -11.85 53.87 6.61
N ASN H 70 -10.66 54.45 6.48
CA ASN H 70 -10.38 55.50 5.51
C ASN H 70 -9.46 54.94 4.44
N LEU H 71 -10.03 54.34 3.40
CA LEU H 71 -9.27 53.84 2.26
C LEU H 71 -9.05 54.91 1.21
N GLN H 72 -9.68 56.08 1.34
CA GLN H 72 -9.63 57.09 0.29
C GLN H 72 -8.27 57.79 0.26
N GLU H 73 -7.71 58.08 1.42
CA GLU H 73 -6.47 58.86 1.49
C GLU H 73 -5.28 57.99 1.11
N LEU H 74 -4.69 58.28 -0.05
CA LEU H 74 -3.45 57.65 -0.50
C LEU H 74 -2.40 58.74 -0.61
N GLY H 75 -1.34 58.63 0.19
CA GLY H 75 -0.31 59.63 0.23
C GLY H 75 0.70 59.47 -0.89
N LYS H 76 1.76 60.27 -0.81
CA LYS H 76 2.80 60.29 -1.83
C LYS H 76 3.53 58.95 -1.86
N LEU H 77 3.74 58.41 -3.05
CA LEU H 77 4.53 57.20 -3.23
C LEU H 77 6.00 57.58 -3.43
N LEU H 78 6.90 56.86 -2.76
CA LEU H 78 8.34 57.09 -2.87
C LEU H 78 8.89 56.01 -3.80
N ILE H 79 8.80 56.24 -5.10
CA ILE H 79 9.19 55.27 -6.11
C ILE H 79 10.58 55.62 -6.63
N GLY H 80 11.47 54.62 -6.64
CA GLY H 80 12.80 54.82 -7.17
C GLY H 80 12.91 54.37 -8.62
N GLU H 81 14.08 54.63 -9.19
CA GLU H 81 14.34 54.29 -10.59
C GLU H 81 15.48 53.31 -10.78
N HIS H 82 16.25 53.00 -9.73
CA HIS H 82 17.26 51.96 -9.80
C HIS H 82 17.30 51.24 -8.45
N THR H 83 17.87 50.04 -8.47
CA THR H 83 17.76 49.10 -7.35
C THR H 83 18.16 49.74 -6.02
N LYS H 84 19.32 50.39 -5.98
CA LYS H 84 19.74 51.06 -4.76
C LYS H 84 18.76 52.15 -4.36
N GLU H 85 18.29 52.93 -5.34
CA GLU H 85 17.35 54.02 -5.05
C GLU H 85 16.06 53.48 -4.48
N MET H 86 15.53 52.39 -5.05
CA MET H 86 14.29 51.82 -4.53
C MET H 86 14.49 51.20 -3.15
N LEU H 87 15.64 50.60 -2.90
CA LEU H 87 15.90 50.08 -1.56
C LEU H 87 15.94 51.20 -0.53
N GLU H 88 16.60 52.31 -0.84
CA GLU H 88 16.60 53.44 0.09
C GLU H 88 15.22 54.05 0.24
N CYS H 89 14.43 54.12 -0.85
CA CYS H 89 13.07 54.61 -0.73
C CYS H 89 12.22 53.73 0.17
N ASP H 90 12.35 52.41 0.03
CA ASP H 90 11.62 51.49 0.88
C ASP H 90 12.04 51.63 2.33
N LEU H 91 13.35 51.76 2.57
CA LEU H 91 13.84 51.93 3.94
C LEU H 91 13.33 53.23 4.55
N LYS H 92 13.30 54.31 3.76
CA LYS H 92 12.79 55.57 4.26
C LYS H 92 11.30 55.49 4.55
N LEU H 93 10.54 54.78 3.71
CA LEU H 93 9.12 54.58 3.98
C LEU H 93 8.92 53.80 5.28
N GLU H 94 9.72 52.75 5.48
CA GLU H 94 9.62 51.97 6.72
C GLU H 94 9.95 52.82 7.93
N GLN H 95 11.01 53.62 7.85
CA GLN H 95 11.43 54.43 8.99
C GLN H 95 10.39 55.51 9.31
N ALA H 96 9.80 56.10 8.28
CA ALA H 96 8.84 57.19 8.49
C ALA H 96 7.55 56.70 9.12
N GLY H 97 7.22 55.42 9.02
CA GLY H 97 6.01 54.90 9.59
C GLY H 97 6.19 54.34 10.98
N LEU H 98 7.44 54.19 11.41
CA LEU H 98 7.71 53.65 12.74
C LEU H 98 7.22 54.55 13.87
N PRO H 99 7.47 55.87 13.86
CA PRO H 99 6.97 56.69 14.99
C PRO H 99 5.45 56.65 15.15
N ASP H 100 4.71 56.53 14.05
CA ASP H 100 3.26 56.46 14.15
C ASP H 100 2.81 55.20 14.88
N LEU H 101 3.43 54.06 14.56
CA LEU H 101 3.09 52.82 15.24
C LEU H 101 3.41 52.91 16.73
N LYS H 102 4.58 53.46 17.07
CA LYS H 102 4.96 53.58 18.47
C LYS H 102 4.03 54.50 19.23
N ALA H 103 3.65 55.63 18.62
CA ALA H 103 2.71 56.54 19.27
C ALA H 103 1.35 55.87 19.46
N ALA H 104 0.90 55.12 18.46
CA ALA H 104 -0.37 54.41 18.57
C ALA H 104 -0.33 53.38 19.69
N ILE H 105 0.78 52.65 19.80
CA ILE H 105 0.93 51.65 20.86
C ILE H 105 0.90 52.33 22.23
N ALA H 106 1.62 53.44 22.36
CA ALA H 106 1.66 54.16 23.63
C ALA H 106 0.27 54.66 24.01
N TYR H 107 -0.46 55.22 23.04
CA TYR H 107 -1.80 55.71 23.35
C TYR H 107 -2.76 54.57 23.71
N CYS H 108 -2.69 53.46 22.97
CA CYS H 108 -3.56 52.33 23.28
C CYS H 108 -3.26 51.78 24.68
N GLU H 109 -1.99 51.80 25.07
CA GLU H 109 -1.65 51.44 26.44
C GLU H 109 -2.22 52.44 27.44
N SER H 110 -2.19 53.73 27.10
CA SER H 110 -2.62 54.76 28.04
C SER H 110 -4.12 54.72 28.32
N VAL H 111 -4.94 54.27 27.37
CA VAL H 111 -6.39 54.28 27.54
C VAL H 111 -6.94 52.86 27.72
N GLY H 112 -6.08 51.86 27.81
CA GLY H 112 -6.53 50.52 28.10
C GLY H 112 -7.13 49.76 26.94
N ASP H 113 -6.71 50.05 25.71
CA ASP H 113 -7.12 49.26 24.54
C ASP H 113 -6.01 48.27 24.22
N TYR H 114 -6.01 47.17 24.96
CA TYR H 114 -4.87 46.26 24.96
C TYR H 114 -4.85 45.34 23.74
N ALA H 115 -6.02 44.96 23.23
CA ALA H 115 -6.06 44.16 22.01
C ALA H 115 -5.51 44.92 20.82
N SER H 116 -5.89 46.19 20.70
CA SER H 116 -5.33 47.03 19.65
C SER H 116 -3.82 47.18 19.83
N ARG H 117 -3.36 47.30 21.07
CA ARG H 117 -1.93 47.39 21.32
C ARG H 117 -1.22 46.12 20.87
N GLU H 118 -1.80 44.95 21.13
CA GLU H 118 -1.18 43.69 20.71
C GLU H 118 -1.11 43.61 19.19
N LEU H 119 -2.18 44.01 18.51
CA LEU H 119 -2.17 44.02 17.05
C LEU H 119 -1.10 44.97 16.52
N LEU H 120 -1.02 46.17 17.09
CA LEU H 120 -0.03 47.14 16.64
C LEU H 120 1.39 46.68 16.96
N GLU H 121 1.58 45.93 18.05
CA GLU H 121 2.88 45.38 18.35
C GLU H 121 3.30 44.34 17.32
N ASP H 122 2.37 43.48 16.91
CA ASP H 122 2.67 42.54 15.84
C ASP H 122 3.07 43.27 14.56
N ILE H 123 2.30 44.31 14.21
CA ILE H 123 2.63 45.10 13.03
C ILE H 123 4.01 45.74 13.17
N LEU H 124 4.33 46.26 14.36
CA LEU H 124 5.62 46.90 14.57
C LEU H 124 6.76 45.91 14.43
N GLU H 125 6.58 44.70 14.94
CA GLU H 125 7.60 43.66 14.77
C GLU H 125 7.81 43.35 13.30
N SER H 126 6.72 43.25 12.53
CA SER H 126 6.87 43.00 11.11
C SER H 126 7.62 44.13 10.40
N GLU H 127 7.26 45.38 10.71
CA GLU H 127 7.97 46.51 10.12
C GLU H 127 9.44 46.53 10.50
N GLU H 128 9.77 46.18 11.73
CA GLU H 128 11.17 46.09 12.12
C GLU H 128 11.91 45.00 11.36
N ASP H 129 11.25 43.86 11.10
CA ASP H 129 11.88 42.83 10.29
C ASP H 129 12.16 43.32 8.86
N HIS H 130 11.21 44.03 8.26
CA HIS H 130 11.45 44.61 6.94
C HIS H 130 12.60 45.62 6.97
N ILE H 131 12.66 46.43 8.02
CA ILE H 131 13.76 47.40 8.15
C ILE H 131 15.10 46.68 8.22
N ASP H 132 15.15 45.61 9.01
CA ASP H 132 16.38 44.82 9.13
C ASP H 132 16.79 44.25 7.78
N TRP H 133 15.83 43.70 7.04
CA TRP H 133 16.14 43.14 5.72
C TRP H 133 16.69 44.20 4.77
N LEU H 134 16.05 45.38 4.74
CA LEU H 134 16.49 46.43 3.84
C LEU H 134 17.89 46.92 4.20
N GLU H 135 18.16 47.10 5.49
CA GLU H 135 19.49 47.53 5.90
C GLU H 135 20.54 46.47 5.58
N THR H 136 20.19 45.19 5.76
CA THR H 136 21.11 44.12 5.40
C THR H 136 21.41 44.13 3.90
N GLN H 137 20.39 44.36 3.08
CA GLN H 137 20.60 44.42 1.63
C GLN H 137 21.50 45.58 1.25
N LEU H 138 21.30 46.75 1.84
CA LEU H 138 22.15 47.89 1.52
C LEU H 138 23.58 47.65 1.97
N ASP H 139 23.76 47.06 3.15
CA ASP H 139 25.11 46.74 3.62
C ASP H 139 25.78 45.71 2.70
N LEU H 140 25.01 44.74 2.20
CA LEU H 140 25.56 43.77 1.27
C LEU H 140 25.97 44.44 -0.04
N ILE H 141 25.16 45.39 -0.51
CA ILE H 141 25.54 46.15 -1.70
C ILE H 141 26.87 46.85 -1.47
N ASP H 142 27.03 47.44 -0.29
CA ASP H 142 28.30 48.10 0.03
C ASP H 142 29.46 47.11 0.07
N LYS H 143 29.22 45.92 0.64
CA LYS H 143 30.32 44.97 0.82
C LYS H 143 30.77 44.35 -0.49
N ILE H 144 29.83 43.89 -1.32
CA ILE H 144 30.19 43.06 -2.47
C ILE H 144 30.10 43.85 -3.77
N GLY H 145 29.52 45.03 -3.71
CA GLY H 145 29.44 45.85 -4.92
C GLY H 145 28.08 45.71 -5.58
N LEU H 146 27.75 46.69 -6.43
CA LEU H 146 26.45 46.69 -7.10
C LEU H 146 26.33 45.54 -8.10
N GLU H 147 27.39 45.28 -8.87
CA GLU H 147 27.30 44.28 -9.92
C GLU H 147 27.12 42.88 -9.34
N ASN H 148 27.93 42.53 -8.34
CA ASN H 148 27.80 41.22 -7.70
C ASN H 148 26.43 41.06 -7.06
N TYR H 149 25.96 42.11 -6.37
CA TYR H 149 24.66 42.05 -5.72
C TYR H 149 23.55 41.84 -6.74
N LEU H 150 23.58 42.59 -7.84
CA LEU H 150 22.55 42.46 -8.86
C LEU H 150 22.61 41.09 -9.55
N GLN H 151 23.82 40.54 -9.68
CA GLN H 151 23.94 39.17 -10.19
C GLN H 151 23.30 38.17 -9.24
N SER H 152 23.47 38.39 -7.93
CA SER H 152 22.88 37.47 -6.95
C SER H 152 21.36 37.51 -6.97
N GLN H 153 20.77 38.60 -7.46
CA GLN H 153 19.32 38.72 -7.54
C GLN H 153 18.75 38.23 -8.87
N MET H 154 19.60 37.74 -9.78
CA MET H 154 19.13 37.26 -11.07
C MET H 154 18.20 36.06 -10.90
N ASP H 155 18.57 35.14 -10.02
CA ASP H 155 17.76 33.95 -9.79
C ASP H 155 17.67 33.62 -8.31
N MET I 1 -11.08 23.55 -46.97
CA MET I 1 -11.83 24.76 -47.25
C MET I 1 -10.97 25.75 -48.02
N LYS I 2 -11.52 26.32 -49.09
CA LYS I 2 -10.81 27.33 -49.86
C LYS I 2 -10.71 28.63 -49.08
N GLY I 3 -9.52 29.21 -49.04
CA GLY I 3 -9.28 30.46 -48.37
C GLY I 3 -8.86 31.56 -49.34
N ASP I 4 -8.71 32.76 -48.78
CA ASP I 4 -8.28 33.91 -49.56
C ASP I 4 -6.82 33.74 -49.98
N LYS I 5 -6.52 34.09 -51.24
CA LYS I 5 -5.17 33.92 -51.75
C LYS I 5 -4.18 34.84 -51.04
N ILE I 6 -4.59 36.07 -50.75
CA ILE I 6 -3.70 37.02 -50.08
C ILE I 6 -3.45 36.58 -48.63
N VAL I 7 -4.45 35.99 -47.98
CA VAL I 7 -4.24 35.45 -46.65
C VAL I 7 -3.20 34.33 -46.69
N ILE I 8 -3.29 33.46 -47.70
CA ILE I 8 -2.30 32.40 -47.86
C ILE I 8 -0.92 32.97 -48.13
N GLN I 9 -0.84 34.05 -48.91
CA GLN I 9 0.45 34.70 -49.15
C GLN I 9 1.05 35.25 -47.86
N HIS I 10 0.23 35.90 -47.03
CA HIS I 10 0.70 36.40 -45.75
C HIS I 10 1.18 35.27 -44.86
N LEU I 11 0.42 34.17 -44.83
CA LEU I 11 0.82 33.02 -44.01
C LEU I 11 2.13 32.43 -44.51
N ASN I 12 2.32 32.40 -45.83
CA ASN I 12 3.57 31.89 -46.40
C ASN I 12 4.75 32.77 -46.01
N LYS I 13 4.56 34.09 -46.04
CA LYS I 13 5.63 35.00 -45.65
C LYS I 13 5.99 34.81 -44.17
N ILE I 14 4.96 34.68 -43.32
CA ILE I 14 5.22 34.44 -41.89
C ILE I 14 5.93 33.11 -41.70
N LEU I 15 5.56 32.10 -42.49
CA LEU I 15 6.21 30.79 -42.39
C LEU I 15 7.68 30.88 -42.78
N GLY I 16 8.00 31.65 -43.82
CA GLY I 16 9.40 31.85 -44.17
C GLY I 16 10.17 32.54 -43.07
N ASN I 17 9.57 33.56 -42.46
CA ASN I 17 10.22 34.22 -41.32
C ASN I 17 10.45 33.24 -40.18
N GLU I 18 9.47 32.37 -39.92
CA GLU I 18 9.60 31.38 -38.85
C GLU I 18 10.73 30.40 -39.14
N LEU I 19 10.87 29.98 -40.40
CA LEU I 19 11.97 29.09 -40.76
C LEU I 19 13.32 29.75 -40.56
N ILE I 20 13.43 31.02 -40.96
CA ILE I 20 14.67 31.77 -40.71
C ILE I 20 14.98 31.78 -39.21
N ALA I 21 13.96 32.06 -38.39
CA ALA I 21 14.14 32.11 -36.95
C ALA I 21 14.57 30.76 -36.40
N ILE I 22 13.98 29.68 -36.92
CA ILE I 22 14.31 28.32 -36.50
C ILE I 22 15.80 28.07 -36.72
N ASN I 23 16.27 28.33 -37.94
CA ASN I 23 17.66 28.03 -38.24
C ASN I 23 18.61 28.87 -37.40
N GLN I 24 18.35 30.19 -37.32
CA GLN I 24 19.24 31.07 -36.57
C GLN I 24 19.27 30.70 -35.09
N TYR I 25 18.10 30.44 -34.49
CA TYR I 25 18.04 30.13 -33.08
C TYR I 25 18.72 28.80 -32.78
N PHE I 26 18.55 27.79 -33.65
CA PHE I 26 19.22 26.52 -33.42
C PHE I 26 20.73 26.67 -33.49
N LEU I 27 21.23 27.40 -34.48
CA LEU I 27 22.68 27.59 -34.56
C LEU I 27 23.21 28.35 -33.35
N HIS I 28 22.51 29.40 -32.93
CA HIS I 28 22.94 30.17 -31.77
C HIS I 28 22.93 29.31 -30.51
N ALA I 29 21.90 28.47 -30.35
CA ALA I 29 21.84 27.57 -29.21
C ALA I 29 23.02 26.61 -29.20
N ARG I 30 23.34 26.06 -30.38
CA ARG I 30 24.45 25.11 -30.45
C ARG I 30 25.78 25.78 -30.11
N MET I 31 26.03 27.00 -30.58
CA MET I 31 27.30 27.64 -30.22
C MET I 31 27.31 28.06 -28.76
N TYR I 32 26.15 28.44 -28.21
CA TYR I 32 26.07 28.73 -26.78
C TYR I 32 26.45 27.51 -25.94
N GLU I 33 25.90 26.34 -26.29
CA GLU I 33 26.26 25.13 -25.55
C GLU I 33 27.70 24.73 -25.83
N ASP I 34 28.23 25.05 -27.01
CA ASP I 34 29.61 24.74 -27.31
C ASP I 34 30.58 25.54 -26.44
N TRP I 35 30.28 26.83 -26.21
CA TRP I 35 31.15 27.64 -25.37
C TRP I 35 31.06 27.32 -23.89
N GLY I 36 30.10 26.49 -23.48
CA GLY I 36 29.91 26.16 -22.08
C GLY I 36 28.85 26.97 -21.38
N LEU I 37 28.08 27.78 -22.10
CA LEU I 37 27.00 28.56 -21.50
C LEU I 37 25.69 27.78 -21.62
N GLU I 38 25.47 26.91 -20.63
CA GLU I 38 24.36 25.97 -20.66
C GLU I 38 23.00 26.66 -20.59
N LYS I 39 22.88 27.71 -19.77
CA LYS I 39 21.59 28.37 -19.62
C LYS I 39 21.16 29.06 -20.91
N LEU I 40 22.06 29.83 -21.52
CA LEU I 40 21.75 30.49 -22.77
C LEU I 40 21.46 29.47 -23.86
N GLY I 41 22.23 28.40 -23.91
CA GLY I 41 21.98 27.36 -24.88
C GLY I 41 20.62 26.72 -24.72
N LYS I 42 20.24 26.43 -23.48
CA LYS I 42 18.94 25.83 -23.21
C LYS I 42 17.81 26.77 -23.59
N HIS I 43 17.93 28.05 -23.25
CA HIS I 43 16.86 28.98 -23.59
C HIS I 43 16.75 29.19 -25.09
N GLU I 44 17.88 29.28 -25.79
CA GLU I 44 17.84 29.41 -27.24
C GLU I 44 17.26 28.16 -27.89
N TYR I 45 17.57 26.99 -27.33
CA TYR I 45 17.00 25.74 -27.82
C TYR I 45 15.48 25.74 -27.65
N HIS I 46 14.99 26.18 -26.48
CA HIS I 46 13.55 26.23 -26.26
C HIS I 46 12.88 27.23 -27.20
N GLU I 47 13.52 28.38 -27.42
CA GLU I 47 12.99 29.36 -28.35
C GLU I 47 12.94 28.79 -29.77
N SER I 48 13.97 28.05 -30.17
CA SER I 48 13.99 27.43 -31.49
C SER I 48 12.88 26.38 -31.62
N ILE I 49 12.63 25.61 -30.56
CA ILE I 49 11.54 24.65 -30.58
C ILE I 49 10.20 25.38 -30.72
N ASP I 50 10.05 26.50 -30.02
CA ASP I 50 8.82 27.28 -30.14
C ASP I 50 8.64 27.80 -31.56
N GLU I 51 9.73 28.25 -32.18
CA GLU I 51 9.65 28.66 -33.59
C GLU I 51 9.27 27.49 -34.49
N MET I 52 9.79 26.30 -34.19
CA MET I 52 9.40 25.12 -34.95
C MET I 52 7.90 24.86 -34.84
N LYS I 53 7.36 24.96 -33.63
CA LYS I 53 5.92 24.75 -33.45
C LYS I 53 5.11 25.83 -34.17
N HIS I 54 5.60 27.07 -34.15
CA HIS I 54 4.93 28.14 -34.91
C HIS I 54 4.89 27.81 -36.40
N ALA I 55 6.01 27.35 -36.94
CA ALA I 55 6.06 26.98 -38.35
C ALA I 55 5.13 25.82 -38.64
N ASP I 56 5.06 24.84 -37.74
CA ASP I 56 4.15 23.72 -37.91
C ASP I 56 2.70 24.20 -37.95
N LYS I 57 2.33 25.10 -37.03
CA LYS I 57 0.97 25.61 -37.00
C LYS I 57 0.65 26.36 -38.28
N LEU I 58 1.61 27.15 -38.77
CA LEU I 58 1.38 27.88 -40.02
C LEU I 58 1.21 26.92 -41.20
N ILE I 59 2.02 25.86 -41.23
CA ILE I 59 1.90 24.88 -42.32
C ILE I 59 0.53 24.21 -42.28
N LYS I 60 0.07 23.85 -41.08
CA LYS I 60 -1.25 23.24 -40.94
C LYS I 60 -2.34 24.20 -41.42
N ARG I 61 -2.23 25.48 -41.05
CA ARG I 61 -3.24 26.44 -41.47
C ARG I 61 -3.24 26.64 -42.98
N ILE I 62 -2.04 26.69 -43.59
CA ILE I 62 -1.96 26.87 -45.04
C ILE I 62 -2.54 25.67 -45.76
N LEU I 63 -2.23 24.46 -45.28
CA LEU I 63 -2.76 23.27 -45.92
C LEU I 63 -4.27 23.16 -45.74
N PHE I 64 -4.79 23.57 -44.58
CA PHE I 64 -6.23 23.59 -44.39
C PHE I 64 -6.91 24.55 -45.35
N LEU I 65 -6.28 25.70 -45.59
CA LEU I 65 -6.81 26.69 -46.52
C LEU I 65 -6.59 26.31 -47.97
N GLU I 66 -6.21 25.06 -48.24
CA GLU I 66 -5.98 24.55 -49.60
C GLU I 66 -4.92 25.36 -50.33
N GLY I 67 -3.90 25.82 -49.60
CA GLY I 67 -2.76 26.49 -50.18
C GLY I 67 -1.53 25.60 -50.21
N LEU I 68 -0.45 26.16 -50.75
CA LEU I 68 0.81 25.44 -50.88
C LEU I 68 1.87 26.07 -49.99
N PRO I 69 2.25 25.43 -48.88
CA PRO I 69 3.32 25.98 -48.03
C PRO I 69 4.61 26.13 -48.81
N ASN I 70 5.32 27.21 -48.55
CA ASN I 70 6.58 27.52 -49.22
C ASN I 70 7.72 27.28 -48.23
N LEU I 71 8.19 26.04 -48.16
CA LEU I 71 9.34 25.69 -47.35
C LEU I 71 10.66 25.88 -48.07
N GLN I 72 10.64 26.00 -49.40
CA GLN I 72 11.85 26.11 -50.20
C GLN I 72 12.64 27.37 -49.89
N GLU I 73 11.95 28.51 -49.83
CA GLU I 73 12.66 29.78 -49.66
C GLU I 73 13.07 29.96 -48.21
N LEU I 74 14.37 30.14 -48.00
CA LEU I 74 14.93 30.46 -46.69
C LEU I 74 15.85 31.65 -46.85
N GLY I 75 15.50 32.76 -46.21
CA GLY I 75 16.23 34.00 -46.41
C GLY I 75 17.53 34.04 -45.63
N LYS I 76 18.07 35.26 -45.52
CA LYS I 76 19.37 35.48 -44.89
C LYS I 76 19.33 35.11 -43.41
N LEU I 77 20.50 34.81 -42.84
CA LEU I 77 20.61 34.39 -41.45
C LEU I 77 21.49 35.38 -40.71
N LEU I 78 20.99 35.94 -39.62
CA LEU I 78 21.71 36.93 -38.83
C LEU I 78 22.52 36.22 -37.76
N ILE I 79 23.67 35.67 -38.16
CA ILE I 79 24.51 34.88 -37.27
C ILE I 79 25.53 35.78 -36.58
N GLY I 80 25.59 35.68 -35.25
CA GLY I 80 26.52 36.49 -34.48
C GLY I 80 27.77 35.73 -34.08
N GLU I 81 28.79 36.46 -33.60
CA GLU I 81 30.06 35.85 -33.24
C GLU I 81 30.33 35.83 -31.73
N HIS I 82 29.68 36.71 -30.97
CA HIS I 82 29.82 36.71 -29.52
C HIS I 82 28.46 36.90 -28.88
N THR I 83 28.37 36.56 -27.59
CA THR I 83 27.09 36.49 -26.88
C THR I 83 26.26 37.76 -27.03
N LYS I 84 26.88 38.91 -26.81
CA LYS I 84 26.19 40.18 -27.01
C LYS I 84 25.72 40.33 -28.45
N GLU I 85 26.59 39.98 -29.40
CA GLU I 85 26.25 40.13 -30.80
C GLU I 85 25.12 39.19 -31.21
N MET I 86 25.14 37.95 -30.74
CA MET I 86 24.05 37.04 -31.10
C MET I 86 22.74 37.42 -30.41
N LEU I 87 22.81 37.92 -29.19
CA LEU I 87 21.60 38.42 -28.55
C LEU I 87 21.01 39.58 -29.33
N GLU I 88 21.85 40.51 -29.78
CA GLU I 88 21.37 41.63 -30.58
C GLU I 88 20.82 41.17 -31.92
N CYS I 89 21.47 40.19 -32.55
CA CYS I 89 20.98 39.64 -33.81
C CYS I 89 19.61 38.98 -33.63
N ASP I 90 19.45 38.22 -32.55
CA ASP I 90 18.15 37.60 -32.28
C ASP I 90 17.09 38.65 -32.04
N LEU I 91 17.41 39.70 -31.29
CA LEU I 91 16.44 40.77 -31.05
C LEU I 91 16.06 41.48 -32.34
N LYS I 92 17.05 41.71 -33.22
CA LYS I 92 16.77 42.35 -34.50
C LYS I 92 15.88 41.47 -35.38
N LEU I 93 16.16 40.17 -35.40
CA LEU I 93 15.32 39.24 -36.16
C LEU I 93 13.90 39.24 -35.63
N GLU I 94 13.74 39.21 -34.31
CA GLU I 94 12.40 39.20 -33.73
C GLU I 94 11.65 40.51 -33.99
N GLN I 95 12.34 41.65 -33.94
CA GLN I 95 11.72 42.92 -34.28
C GLN I 95 11.41 43.08 -35.76
N ALA I 96 12.17 42.42 -36.63
CA ALA I 96 11.96 42.56 -38.07
C ALA I 96 10.80 41.71 -38.59
N GLY I 97 10.25 40.82 -37.78
CA GLY I 97 9.12 40.01 -38.20
C GLY I 97 7.83 40.44 -37.56
N LEU I 98 7.92 41.36 -36.59
CA LEU I 98 6.72 41.86 -35.93
C LEU I 98 5.81 42.64 -36.87
N PRO I 99 6.29 43.58 -37.70
CA PRO I 99 5.38 44.26 -38.63
C PRO I 99 4.67 43.32 -39.58
N ASP I 100 5.34 42.24 -40.00
CA ASP I 100 4.69 41.27 -40.88
C ASP I 100 3.51 40.60 -40.19
N LEU I 101 3.70 40.19 -38.94
CA LEU I 101 2.61 39.60 -38.18
C LEU I 101 1.49 40.60 -37.97
N LYS I 102 1.83 41.86 -37.66
CA LYS I 102 0.79 42.87 -37.45
C LYS I 102 -0.01 43.12 -38.72
N ALA I 103 0.66 43.22 -39.87
CA ALA I 103 -0.04 43.41 -41.14
C ALA I 103 -0.90 42.21 -41.49
N ALA I 104 -0.40 40.99 -41.22
CA ALA I 104 -1.19 39.80 -41.47
C ALA I 104 -2.44 39.77 -40.60
N ILE I 105 -2.32 40.13 -39.32
CA ILE I 105 -3.48 40.17 -38.44
C ILE I 105 -4.48 41.21 -38.92
N ALA I 106 -3.99 42.39 -39.31
CA ALA I 106 -4.90 43.43 -39.81
C ALA I 106 -5.64 42.97 -41.06
N TYR I 107 -4.93 42.33 -41.99
CA TYR I 107 -5.59 41.87 -43.21
C TYR I 107 -6.58 40.76 -42.92
N CYS I 108 -6.23 39.82 -42.04
CA CYS I 108 -7.17 38.75 -41.70
C CYS I 108 -8.42 39.31 -41.04
N GLU I 109 -8.26 40.36 -40.23
CA GLU I 109 -9.43 41.05 -39.70
C GLU I 109 -10.25 41.71 -40.80
N SER I 110 -9.58 42.30 -41.79
CA SER I 110 -10.29 43.04 -42.84
C SER I 110 -11.17 42.15 -43.70
N VAL I 111 -10.72 40.93 -44.02
CA VAL I 111 -11.45 40.05 -44.92
C VAL I 111 -12.24 38.97 -44.18
N GLY I 112 -12.18 38.97 -42.84
CA GLY I 112 -13.00 38.07 -42.07
C GLY I 112 -12.44 36.68 -41.84
N ASP I 113 -11.12 36.50 -41.95
CA ASP I 113 -10.48 35.23 -41.61
C ASP I 113 -10.07 35.27 -40.14
N TYR I 114 -11.05 34.99 -39.27
CA TYR I 114 -10.87 35.23 -37.84
C TYR I 114 -10.05 34.14 -37.19
N ALA I 115 -10.18 32.90 -37.64
CA ALA I 115 -9.36 31.82 -37.08
C ALA I 115 -7.89 32.03 -37.36
N SER I 116 -7.56 32.44 -38.59
CA SER I 116 -6.18 32.78 -38.91
C SER I 116 -5.71 33.97 -38.09
N ARG I 117 -6.60 34.93 -37.84
CA ARG I 117 -6.23 36.07 -37.02
C ARG I 117 -5.90 35.63 -35.60
N GLU I 118 -6.68 34.71 -35.04
CA GLU I 118 -6.38 34.20 -33.70
C GLU I 118 -5.06 33.44 -33.65
N LEU I 119 -4.78 32.62 -34.67
CA LEU I 119 -3.50 31.93 -34.74
C LEU I 119 -2.34 32.92 -34.79
N LEU I 120 -2.45 33.92 -35.66
CA LEU I 120 -1.39 34.92 -35.77
C LEU I 120 -1.28 35.76 -34.50
N GLU I 121 -2.39 35.95 -33.78
CA GLU I 121 -2.36 36.67 -32.51
C GLU I 121 -1.56 35.90 -31.47
N ASP I 122 -1.78 34.58 -31.41
CA ASP I 122 -0.98 33.75 -30.50
C ASP I 122 0.48 33.81 -30.87
N ILE I 123 0.79 33.74 -32.17
CA ILE I 123 2.19 33.83 -32.61
C ILE I 123 2.78 35.18 -32.21
N LEU I 124 2.00 36.25 -32.38
CA LEU I 124 2.48 37.59 -32.03
C LEU I 124 2.76 37.70 -30.54
N GLU I 125 1.90 37.13 -29.70
CA GLU I 125 2.15 37.14 -28.26
C GLU I 125 3.45 36.40 -27.94
N SER I 126 3.68 35.25 -28.58
CA SER I 126 4.92 34.52 -28.34
C SER I 126 6.15 35.33 -28.75
N GLU I 127 6.10 35.97 -29.93
CA GLU I 127 7.22 36.81 -30.35
C GLU I 127 7.43 38.00 -29.42
N GLU I 128 6.36 38.59 -28.91
CA GLU I 128 6.51 39.67 -27.94
C GLU I 128 7.17 39.20 -26.65
N ASP I 129 6.81 38.00 -26.17
CA ASP I 129 7.49 37.46 -24.99
C ASP I 129 8.97 37.22 -25.26
N HIS I 130 9.31 36.70 -26.45
CA HIS I 130 10.71 36.52 -26.80
C HIS I 130 11.47 37.85 -26.84
N ILE I 131 10.83 38.89 -27.40
CA ILE I 131 11.45 40.21 -27.42
C ILE I 131 11.68 40.71 -26.00
N ASP I 132 10.70 40.52 -25.12
CA ASP I 132 10.86 40.94 -23.73
C ASP I 132 12.04 40.24 -23.08
N TRP I 133 12.17 38.93 -23.29
CA TRP I 133 13.28 38.20 -22.70
C TRP I 133 14.61 38.69 -23.24
N LEU I 134 14.69 38.94 -24.55
CA LEU I 134 15.95 39.37 -25.15
C LEU I 134 16.36 40.75 -24.64
N GLU I 135 15.39 41.68 -24.55
CA GLU I 135 15.70 43.01 -24.02
C GLU I 135 16.10 42.94 -22.55
N THR I 136 15.44 42.07 -21.78
CA THR I 136 15.82 41.90 -20.38
C THR I 136 17.24 41.39 -20.26
N GLN I 137 17.62 40.43 -21.13
CA GLN I 137 18.98 39.91 -21.10
C GLN I 137 20.00 41.00 -21.42
N LEU I 138 19.73 41.81 -22.46
CA LEU I 138 20.66 42.87 -22.81
C LEU I 138 20.78 43.92 -21.71
N ASP I 139 19.65 44.28 -21.10
CA ASP I 139 19.69 45.24 -19.99
C ASP I 139 20.42 44.67 -18.79
N LEU I 140 20.29 43.37 -18.54
CA LEU I 140 21.04 42.73 -17.47
C LEU I 140 22.54 42.73 -17.76
N ILE I 141 22.91 42.51 -19.03
CA ILE I 141 24.31 42.62 -19.42
C ILE I 141 24.84 44.02 -19.11
N ASP I 142 24.05 45.05 -19.44
CA ASP I 142 24.46 46.41 -19.15
C ASP I 142 24.56 46.66 -17.64
N LYS I 143 23.63 46.08 -16.88
CA LYS I 143 23.58 46.35 -15.44
C LYS I 143 24.71 45.69 -14.68
N ILE I 144 25.00 44.42 -14.97
CA ILE I 144 25.93 43.64 -14.16
C ILE I 144 27.25 43.36 -14.87
N GLY I 145 27.39 43.74 -16.13
CA GLY I 145 28.65 43.51 -16.83
C GLY I 145 28.67 42.22 -17.60
N LEU I 146 29.52 42.15 -18.63
CA LEU I 146 29.59 40.95 -19.47
C LEU I 146 30.15 39.76 -18.69
N GLU I 147 31.21 39.98 -17.91
CA GLU I 147 31.84 38.87 -17.21
C GLU I 147 30.91 38.26 -16.16
N ASN I 148 30.22 39.10 -15.40
CA ASN I 148 29.26 38.60 -14.43
C ASN I 148 28.10 37.89 -15.12
N TYR I 149 27.61 38.45 -16.23
CA TYR I 149 26.49 37.85 -16.94
C TYR I 149 26.86 36.48 -17.49
N LEU I 150 28.02 36.35 -18.09
CA LEU I 150 28.42 35.07 -18.69
C LEU I 150 28.64 34.01 -17.63
N GLN I 151 29.11 34.40 -16.45
CA GLN I 151 29.27 33.45 -15.36
C GLN I 151 27.94 32.85 -14.94
N SER I 152 26.89 33.67 -14.86
CA SER I 152 25.57 33.17 -14.49
C SER I 152 24.94 32.28 -15.55
N GLN I 153 25.46 32.29 -16.78
CA GLN I 153 24.95 31.45 -17.85
C GLN I 153 25.67 30.11 -17.93
N MET I 154 26.71 29.90 -17.13
CA MET I 154 27.46 28.65 -17.15
C MET I 154 26.59 27.48 -16.72
N ASP I 155 25.82 27.65 -15.66
CA ASP I 155 24.98 26.59 -15.14
C ASP I 155 23.61 27.12 -14.73
N MET J 1 38.84 21.62 -30.46
CA MET J 1 39.89 20.92 -31.22
C MET J 1 39.76 21.23 -32.71
N LYS J 2 40.89 21.56 -33.34
CA LYS J 2 40.89 21.82 -34.77
C LYS J 2 40.84 20.50 -35.54
N GLY J 3 39.94 20.45 -36.53
CA GLY J 3 39.84 19.31 -37.42
C GLY J 3 40.27 19.66 -38.84
N ASP J 4 40.21 18.64 -39.70
CA ASP J 4 40.54 18.83 -41.11
C ASP J 4 39.49 19.71 -41.77
N LYS J 5 39.94 20.61 -42.65
CA LYS J 5 39.01 21.48 -43.37
C LYS J 5 38.12 20.68 -44.30
N ILE J 6 38.67 19.66 -44.96
CA ILE J 6 37.88 18.84 -45.88
C ILE J 6 36.86 18.00 -45.12
N VAL J 7 37.20 17.52 -43.92
CA VAL J 7 36.22 16.82 -43.11
C VAL J 7 35.06 17.74 -42.75
N ILE J 8 35.37 18.99 -42.40
CA ILE J 8 34.33 19.96 -42.10
C ILE J 8 33.48 20.24 -43.33
N GLN J 9 34.11 20.28 -44.52
CA GLN J 9 33.34 20.48 -45.74
C GLN J 9 32.37 19.34 -45.99
N HIS J 10 32.83 18.10 -45.79
CA HIS J 10 31.96 16.95 -45.95
C HIS J 10 30.82 16.99 -44.94
N LEU J 11 31.12 17.35 -43.70
CA LEU J 11 30.09 17.45 -42.67
C LEU J 11 29.07 18.52 -43.01
N ASN J 12 29.53 19.64 -43.57
CA ASN J 12 28.62 20.71 -43.97
C ASN J 12 27.71 20.26 -45.11
N LYS J 13 28.27 19.52 -46.08
CA LYS J 13 27.44 19.00 -47.17
C LYS J 13 26.38 18.05 -46.65
N ILE J 14 26.78 17.15 -45.73
CA ILE J 14 25.80 16.23 -45.14
C ILE J 14 24.75 17.00 -44.36
N LEU J 15 25.15 18.06 -43.67
CA LEU J 15 24.20 18.88 -42.93
C LEU J 15 23.19 19.54 -43.85
N GLY J 16 23.65 20.06 -44.99
CA GLY J 16 22.72 20.62 -45.96
C GLY J 16 21.73 19.59 -46.49
N ASN J 17 22.23 18.38 -46.78
CA ASN J 17 21.32 17.32 -47.20
C ASN J 17 20.30 17.01 -46.12
N GLU J 18 20.73 16.99 -44.86
CA GLU J 18 19.82 16.70 -43.76
C GLU J 18 18.76 17.78 -43.62
N LEU J 19 19.14 19.06 -43.81
CA LEU J 19 18.16 20.13 -43.77
C LEU J 19 17.13 20.00 -44.88
N ILE J 20 17.58 19.66 -46.09
CA ILE J 20 16.65 19.42 -47.19
C ILE J 20 15.67 18.31 -46.81
N ALA J 21 16.20 17.22 -46.24
CA ALA J 21 15.36 16.10 -45.83
C ALA J 21 14.36 16.53 -44.76
N ILE J 22 14.80 17.36 -43.81
CA ILE J 22 13.92 17.84 -42.75
C ILE J 22 12.73 18.56 -43.35
N ASN J 23 13.00 19.53 -44.23
CA ASN J 23 11.90 20.31 -44.80
C ASN J 23 10.96 19.44 -45.62
N GLN J 24 11.53 18.60 -46.50
CA GLN J 24 10.69 17.78 -47.37
C GLN J 24 9.84 16.81 -46.56
N TYR J 25 10.43 16.15 -45.57
CA TYR J 25 9.70 15.18 -44.77
C TYR J 25 8.62 15.84 -43.93
N PHE J 26 8.91 17.01 -43.35
CA PHE J 26 7.88 17.69 -42.57
C PHE J 26 6.70 18.11 -43.45
N LEU J 27 6.98 18.65 -44.63
CA LEU J 27 5.88 19.03 -45.51
C LEU J 27 5.07 17.80 -45.93
N HIS J 28 5.75 16.71 -46.29
CA HIS J 28 5.03 15.50 -46.68
C HIS J 28 4.18 14.98 -45.53
N ALA J 29 4.71 14.98 -44.32
CA ALA J 29 3.95 14.55 -43.15
C ALA J 29 2.71 15.40 -42.96
N ARG J 30 2.87 16.71 -43.09
CA ARG J 30 1.72 17.60 -42.89
C ARG J 30 0.63 17.37 -43.92
N MET J 31 0.98 17.18 -45.19
CA MET J 31 -0.07 16.92 -46.17
C MET J 31 -0.66 15.52 -46.02
N TYR J 32 0.15 14.56 -45.55
CA TYR J 32 -0.39 13.24 -45.24
C TYR J 32 -1.46 13.32 -44.15
N GLU J 33 -1.16 14.06 -43.08
CA GLU J 33 -2.16 14.21 -42.02
C GLU J 33 -3.33 15.06 -42.49
N ASP J 34 -3.10 15.99 -43.41
CA ASP J 34 -4.20 16.78 -43.97
C ASP J 34 -5.17 15.95 -44.77
N TRP J 35 -4.68 14.97 -45.54
CA TRP J 35 -5.56 14.12 -46.33
C TRP J 35 -6.31 13.09 -45.49
N GLY J 36 -5.98 12.94 -44.22
CA GLY J 36 -6.58 11.94 -43.39
C GLY J 36 -5.79 10.66 -43.24
N LEU J 37 -4.53 10.64 -43.70
CA LEU J 37 -3.69 9.45 -43.62
C LEU J 37 -2.81 9.55 -42.38
N GLU J 38 -3.38 9.15 -41.26
CA GLU J 38 -2.73 9.30 -39.95
C GLU J 38 -1.46 8.47 -39.83
N LYS J 39 -1.48 7.23 -40.33
CA LYS J 39 -0.30 6.37 -40.21
C LYS J 39 0.88 6.93 -41.00
N LEU J 40 0.66 7.26 -42.27
CA LEU J 40 1.72 7.82 -43.09
C LEU J 40 2.20 9.14 -42.54
N GLY J 41 1.28 9.98 -42.07
CA GLY J 41 1.64 11.25 -41.48
C GLY J 41 2.51 11.08 -40.25
N LYS J 42 2.15 10.15 -39.37
CA LYS J 42 2.94 9.91 -38.16
C LYS J 42 4.33 9.38 -38.51
N HIS J 43 4.41 8.45 -39.47
CA HIS J 43 5.72 7.90 -39.81
C HIS J 43 6.59 8.95 -40.48
N GLU J 44 6.02 9.78 -41.34
CA GLU J 44 6.80 10.84 -41.97
C GLU J 44 7.23 11.87 -40.95
N TYR J 45 6.38 12.15 -39.96
CA TYR J 45 6.76 13.06 -38.88
C TYR J 45 7.93 12.51 -38.08
N HIS J 46 7.89 11.21 -37.75
CA HIS J 46 9.00 10.60 -37.02
C HIS J 46 10.28 10.59 -37.85
N GLU J 47 10.17 10.30 -39.14
CA GLU J 47 11.33 10.35 -40.02
C GLU J 47 11.92 11.75 -40.08
N SER J 48 11.05 12.77 -40.15
CA SER J 48 11.51 14.15 -40.15
C SER J 48 12.25 14.48 -38.87
N ILE J 49 11.69 14.07 -37.72
CA ILE J 49 12.35 14.34 -36.44
C ILE J 49 13.70 13.64 -36.36
N ASP J 50 13.78 12.43 -36.92
CA ASP J 50 15.06 11.74 -36.99
C ASP J 50 16.07 12.54 -37.81
N GLU J 51 15.61 13.11 -38.93
CA GLU J 51 16.47 13.98 -39.72
C GLU J 51 16.92 15.20 -38.93
N MET J 52 16.03 15.77 -38.12
CA MET J 52 16.40 16.91 -37.28
C MET J 52 17.49 16.53 -36.28
N LYS J 53 17.36 15.35 -35.66
CA LYS J 53 18.41 14.91 -34.73
C LYS J 53 19.71 14.65 -35.45
N HIS J 54 19.67 14.11 -36.67
CA HIS J 54 20.89 13.95 -37.46
C HIS J 54 21.55 15.29 -37.72
N ALA J 55 20.76 16.29 -38.11
CA ALA J 55 21.31 17.61 -38.36
C ALA J 55 21.89 18.22 -37.09
N ASP J 56 21.23 18.00 -35.96
CA ASP J 56 21.74 18.50 -34.68
C ASP J 56 23.09 17.87 -34.35
N LYS J 57 23.20 16.56 -34.55
CA LYS J 57 24.47 15.88 -34.31
C LYS J 57 25.56 16.42 -35.21
N LEU J 58 25.23 16.65 -36.48
CA LEU J 58 26.21 17.21 -37.41
C LEU J 58 26.65 18.60 -36.99
N ILE J 59 25.70 19.42 -36.52
CA ILE J 59 26.05 20.78 -36.07
C ILE J 59 26.98 20.70 -34.86
N LYS J 60 26.68 19.81 -33.91
CA LYS J 60 27.57 19.65 -32.76
C LYS J 60 28.96 19.21 -33.19
N ARG J 61 29.04 18.27 -34.13
CA ARG J 61 30.34 17.79 -34.56
C ARG J 61 31.13 18.88 -35.29
N ILE J 62 30.46 19.67 -36.12
CA ILE J 62 31.14 20.75 -36.83
C ILE J 62 31.63 21.80 -35.84
N LEU J 63 30.80 22.14 -34.85
CA LEU J 63 31.21 23.12 -33.85
C LEU J 63 32.37 22.61 -33.01
N PHE J 64 32.37 21.33 -32.68
CA PHE J 64 33.49 20.75 -31.93
C PHE J 64 34.79 20.84 -32.73
N LEU J 65 34.71 20.61 -34.03
CA LEU J 65 35.88 20.70 -34.90
C LEU J 65 36.26 22.14 -35.22
N GLU J 66 35.69 23.09 -34.48
CA GLU J 66 35.98 24.52 -34.64
C GLU J 66 35.70 24.99 -36.07
N GLY J 67 34.63 24.47 -36.67
CA GLY J 67 34.18 24.89 -37.97
C GLY J 67 32.91 25.72 -37.89
N LEU J 68 32.44 26.12 -39.07
CA LEU J 68 31.25 26.96 -39.18
C LEU J 68 30.13 26.20 -39.87
N PRO J 69 29.10 25.79 -39.15
CA PRO J 69 27.97 25.10 -39.81
C PRO J 69 27.30 26.01 -40.84
N ASN J 70 26.87 25.40 -41.94
CA ASN J 70 26.25 26.11 -43.04
C ASN J 70 24.76 25.79 -43.03
N LEU J 71 23.99 26.55 -42.25
CA LEU J 71 22.54 26.42 -42.21
C LEU J 71 21.85 27.25 -43.28
N GLN J 72 22.56 28.20 -43.91
CA GLN J 72 21.96 29.16 -44.81
C GLN J 72 21.43 28.52 -46.09
N GLU J 73 22.27 27.71 -46.76
CA GLU J 73 21.88 27.18 -48.05
C GLU J 73 20.89 26.04 -47.91
N LEU J 74 19.73 26.21 -48.53
CA LEU J 74 18.71 25.16 -48.63
C LEU J 74 18.52 24.85 -50.11
N GLY J 75 18.74 23.59 -50.49
CA GLY J 75 18.70 23.20 -51.88
C GLY J 75 17.30 22.84 -52.34
N LYS J 76 17.26 22.06 -53.42
CA LYS J 76 16.01 21.66 -54.04
C LYS J 76 15.15 20.83 -53.09
N LEU J 77 13.84 20.95 -53.19
CA LEU J 77 12.90 20.24 -52.32
C LEU J 77 11.99 19.42 -53.22
N LEU J 78 12.13 18.09 -53.16
CA LEU J 78 11.35 17.19 -54.01
C LEU J 78 9.97 16.94 -53.42
N ILE J 79 9.01 17.81 -53.72
CA ILE J 79 7.67 17.73 -53.16
C ILE J 79 6.74 17.04 -54.15
N GLY J 80 6.01 16.04 -53.67
CA GLY J 80 5.09 15.28 -54.50
C GLY J 80 3.65 15.77 -54.36
N GLU J 81 2.80 15.25 -55.25
CA GLU J 81 1.39 15.61 -55.28
C GLU J 81 0.46 14.51 -54.81
N HIS J 82 0.87 13.25 -54.90
CA HIS J 82 0.06 12.14 -54.42
C HIS J 82 0.94 11.17 -53.66
N THR J 83 0.30 10.30 -52.87
CA THR J 83 1.00 9.43 -51.93
C THR J 83 2.12 8.63 -52.58
N LYS J 84 1.82 8.01 -53.72
CA LYS J 84 2.85 7.27 -54.46
C LYS J 84 3.98 8.20 -54.88
N GLU J 85 3.65 9.37 -55.40
CA GLU J 85 4.67 10.30 -55.86
C GLU J 85 5.53 10.81 -54.71
N MET J 86 4.92 11.11 -53.57
CA MET J 86 5.71 11.57 -52.43
C MET J 86 6.59 10.46 -51.88
N LEU J 87 6.09 9.23 -51.88
CA LEU J 87 6.93 8.12 -51.46
C LEU J 87 8.14 7.96 -52.38
N GLU J 88 7.92 8.06 -53.68
CA GLU J 88 9.04 7.98 -54.62
C GLU J 88 10.00 9.14 -54.45
N CYS J 89 9.48 10.35 -54.20
CA CYS J 89 10.34 11.51 -53.97
C CYS J 89 11.20 11.32 -52.72
N ASP J 90 10.60 10.82 -51.64
CA ASP J 90 11.36 10.54 -50.43
C ASP J 90 12.42 9.49 -50.67
N LEU J 91 12.09 8.42 -51.39
CA LEU J 91 13.06 7.39 -51.71
C LEU J 91 14.21 7.95 -52.56
N LYS J 92 13.89 8.81 -53.53
CA LYS J 92 14.92 9.41 -54.36
C LYS J 92 15.86 10.29 -53.53
N LEU J 93 15.28 11.09 -52.63
CA LEU J 93 16.10 11.93 -51.76
C LEU J 93 17.01 11.07 -50.88
N GLU J 94 16.45 10.03 -50.28
CA GLU J 94 17.23 9.17 -49.40
C GLU J 94 18.35 8.46 -50.16
N GLN J 95 18.08 8.01 -51.39
CA GLN J 95 19.08 7.37 -52.23
C GLN J 95 20.17 8.32 -52.70
N ALA J 96 19.81 9.56 -53.03
CA ALA J 96 20.79 10.55 -53.43
C ALA J 96 21.64 10.97 -52.23
N GLY J 97 21.10 10.83 -51.03
CA GLY J 97 21.85 11.13 -49.82
C GLY J 97 23.02 10.19 -49.56
N LEU J 98 22.86 8.92 -49.93
CA LEU J 98 23.83 7.87 -49.57
C LEU J 98 25.25 8.11 -50.09
N PRO J 99 25.46 8.43 -51.38
CA PRO J 99 26.85 8.54 -51.88
C PRO J 99 27.68 9.56 -51.13
N ASP J 100 27.06 10.67 -50.72
CA ASP J 100 27.77 11.67 -49.95
C ASP J 100 28.22 11.13 -48.60
N LEU J 101 27.33 10.39 -47.92
CA LEU J 101 27.68 9.79 -46.65
C LEU J 101 28.80 8.78 -46.80
N LYS J 102 28.73 7.95 -47.84
CA LYS J 102 29.78 6.95 -48.07
C LYS J 102 31.12 7.60 -48.36
N ALA J 103 31.12 8.65 -49.20
CA ALA J 103 32.36 9.36 -49.48
C ALA J 103 32.92 10.02 -48.22
N ALA J 104 32.06 10.60 -47.40
CA ALA J 104 32.52 11.22 -46.15
C ALA J 104 33.11 10.19 -45.20
N ILE J 105 32.48 9.01 -45.10
CA ILE J 105 33.02 7.95 -44.25
C ILE J 105 34.38 7.49 -44.76
N ALA J 106 34.49 7.30 -46.07
CA ALA J 106 35.78 6.89 -46.64
C ALA J 106 36.86 7.93 -46.38
N TYR J 107 36.54 9.21 -46.54
CA TYR J 107 37.53 10.25 -46.30
C TYR J 107 37.91 10.32 -44.83
N CYS J 108 36.94 10.21 -43.93
CA CYS J 108 37.26 10.22 -42.50
C CYS J 108 38.15 9.04 -42.13
N GLU J 109 37.96 7.91 -42.80
CA GLU J 109 38.90 6.80 -42.65
C GLU J 109 40.28 7.18 -43.15
N SER J 110 40.35 7.88 -44.29
CA SER J 110 41.64 8.17 -44.90
C SER J 110 42.51 9.07 -44.03
N VAL J 111 41.91 10.06 -43.37
CA VAL J 111 42.67 11.03 -42.58
C VAL J 111 42.62 10.72 -41.09
N GLY J 112 41.93 9.66 -40.68
CA GLY J 112 41.95 9.24 -39.30
C GLY J 112 40.99 9.96 -38.37
N ASP J 113 39.91 10.53 -38.89
CA ASP J 113 38.86 11.12 -38.06
C ASP J 113 37.82 10.05 -37.75
N TYR J 114 38.15 9.23 -36.75
CA TYR J 114 37.38 8.01 -36.51
C TYR J 114 36.06 8.30 -35.79
N ALA J 115 36.04 9.29 -34.91
CA ALA J 115 34.79 9.66 -34.25
C ALA J 115 33.78 10.21 -35.25
N SER J 116 34.25 11.03 -36.19
CA SER J 116 33.38 11.52 -37.25
C SER J 116 32.89 10.35 -38.11
N ARG J 117 33.74 9.37 -38.37
CA ARG J 117 33.31 8.20 -39.13
C ARG J 117 32.21 7.44 -38.38
N GLU J 118 32.35 7.29 -37.07
CA GLU J 118 31.32 6.60 -36.30
C GLU J 118 29.99 7.34 -36.33
N LEU J 119 30.04 8.67 -36.19
CA LEU J 119 28.82 9.47 -36.30
C LEU J 119 28.17 9.30 -37.67
N LEU J 120 28.97 9.40 -38.73
CA LEU J 120 28.43 9.26 -40.08
C LEU J 120 27.94 7.84 -40.33
N GLU J 121 28.54 6.85 -39.66
CA GLU J 121 28.09 5.48 -39.81
C GLU J 121 26.72 5.28 -39.18
N ASP J 122 26.51 5.85 -38.00
CA ASP J 122 25.18 5.81 -37.39
C ASP J 122 24.15 6.49 -38.29
N ILE J 123 24.51 7.65 -38.85
CA ILE J 123 23.61 8.34 -39.76
C ILE J 123 23.31 7.46 -40.98
N LEU J 124 24.33 6.81 -41.52
CA LEU J 124 24.15 5.96 -42.70
C LEU J 124 23.23 4.78 -42.41
N GLU J 125 23.39 4.16 -41.23
CA GLU J 125 22.47 3.08 -40.85
C GLU J 125 21.04 3.58 -40.77
N SER J 126 20.84 4.77 -40.20
CA SER J 126 19.49 5.33 -40.13
C SER J 126 18.92 5.56 -41.52
N GLU J 127 19.72 6.12 -42.43
CA GLU J 127 19.23 6.38 -43.78
C GLU J 127 18.90 5.09 -44.50
N GLU J 128 19.70 4.04 -44.29
CA GLU J 128 19.41 2.74 -44.87
C GLU J 128 18.10 2.16 -44.34
N ASP J 129 17.82 2.33 -43.04
CA ASP J 129 16.52 1.92 -42.51
C ASP J 129 15.35 2.68 -43.13
N HIS J 130 15.49 3.99 -43.30
CA HIS J 130 14.45 4.75 -44.01
C HIS J 130 14.26 4.25 -45.44
N ILE J 131 15.35 3.95 -46.14
CA ILE J 131 15.24 3.42 -47.49
C ILE J 131 14.50 2.09 -47.48
N ASP J 132 14.82 1.21 -46.52
CA ASP J 132 14.15 -0.07 -46.43
C ASP J 132 12.65 0.13 -46.21
N TRP J 133 12.27 1.04 -45.31
CA TRP J 133 10.85 1.28 -45.07
C TRP J 133 10.15 1.80 -46.32
N LEU J 134 10.81 2.73 -47.02
CA LEU J 134 10.18 3.32 -48.20
C LEU J 134 9.98 2.28 -49.30
N GLU J 135 10.99 1.45 -49.53
CA GLU J 135 10.86 0.39 -50.54
C GLU J 135 9.81 -0.62 -50.13
N THR J 136 9.72 -0.94 -48.85
CA THR J 136 8.69 -1.86 -48.37
C THR J 136 7.30 -1.29 -48.62
N GLN J 137 7.12 0.01 -48.37
CA GLN J 137 5.83 0.65 -48.61
C GLN J 137 5.47 0.62 -50.09
N LEU J 138 6.43 0.91 -50.97
CA LEU J 138 6.14 0.89 -52.40
C LEU J 138 5.81 -0.53 -52.87
N ASP J 139 6.52 -1.53 -52.36
CA ASP J 139 6.24 -2.91 -52.71
C ASP J 139 4.85 -3.32 -52.21
N LEU J 140 4.46 -2.85 -51.02
CA LEU J 140 3.13 -3.13 -50.52
C LEU J 140 2.06 -2.48 -51.39
N ILE J 141 2.32 -1.26 -51.86
CA ILE J 141 1.39 -0.61 -52.79
C ILE J 141 1.23 -1.46 -54.04
N ASP J 142 2.34 -1.97 -54.58
CA ASP J 142 2.26 -2.82 -55.75
C ASP J 142 1.50 -4.12 -55.46
N LYS J 143 1.71 -4.69 -54.27
CA LYS J 143 1.12 -5.98 -53.94
C LYS J 143 -0.37 -5.91 -53.69
N ILE J 144 -0.84 -4.92 -52.93
CA ILE J 144 -2.23 -4.88 -52.48
C ILE J 144 -3.05 -3.78 -53.16
N GLY J 145 -2.43 -2.94 -53.97
CA GLY J 145 -3.17 -1.89 -54.66
C GLY J 145 -3.19 -0.59 -53.89
N LEU J 146 -3.43 0.51 -54.60
CA LEU J 146 -3.39 1.83 -53.97
C LEU J 146 -4.55 2.01 -52.99
N GLU J 147 -5.77 1.69 -53.42
CA GLU J 147 -6.93 1.90 -52.56
C GLU J 147 -6.87 1.06 -51.29
N ASN J 148 -6.45 -0.19 -51.40
CA ASN J 148 -6.28 -1.02 -50.21
C ASN J 148 -5.18 -0.48 -49.32
N TYR J 149 -4.09 0.02 -49.92
CA TYR J 149 -2.99 0.55 -49.13
C TYR J 149 -3.39 1.82 -48.39
N LEU J 150 -4.07 2.74 -49.08
CA LEU J 150 -4.43 4.00 -48.45
C LEU J 150 -5.42 3.80 -47.31
N GLN J 151 -6.25 2.76 -47.41
CA GLN J 151 -7.19 2.46 -46.34
C GLN J 151 -6.47 2.09 -45.06
N SER J 152 -5.38 1.32 -45.16
CA SER J 152 -4.63 0.95 -43.96
C SER J 152 -3.90 2.14 -43.35
N GLN J 153 -3.69 3.21 -44.11
CA GLN J 153 -3.06 4.41 -43.60
C GLN J 153 -4.03 5.38 -42.95
N MET J 154 -5.34 5.09 -43.01
CA MET J 154 -6.35 5.95 -42.42
C MET J 154 -6.18 6.05 -40.92
N ASP J 155 -5.99 4.91 -40.25
CA ASP J 155 -5.84 4.89 -38.81
C ASP J 155 -4.71 3.97 -38.39
N MET K 1 16.92 -2.39 -51.12
CA MET K 1 18.16 -1.80 -51.61
C MET K 1 19.06 -2.85 -52.23
N LYS K 2 19.50 -2.61 -53.46
CA LYS K 2 20.39 -3.54 -54.14
C LYS K 2 21.79 -3.47 -53.54
N GLY K 3 22.32 -4.62 -53.13
CA GLY K 3 23.67 -4.69 -52.59
C GLY K 3 24.65 -5.26 -53.59
N ASP K 4 25.90 -5.34 -53.15
CA ASP K 4 26.96 -5.90 -53.97
C ASP K 4 26.89 -7.42 -53.95
N LYS K 5 27.08 -8.05 -55.11
CA LYS K 5 26.93 -9.49 -55.22
C LYS K 5 27.96 -10.24 -54.37
N ILE K 6 29.21 -9.76 -54.40
CA ILE K 6 30.26 -10.42 -53.61
C ILE K 6 30.01 -10.24 -52.12
N VAL K 7 29.46 -9.11 -51.70
CA VAL K 7 29.05 -8.96 -50.30
C VAL K 7 27.99 -9.99 -49.94
N ILE K 8 27.04 -10.23 -50.87
CA ILE K 8 26.03 -11.26 -50.66
C ILE K 8 26.68 -12.63 -50.52
N GLN K 9 27.67 -12.94 -51.37
CA GLN K 9 28.35 -14.23 -51.27
C GLN K 9 29.06 -14.38 -49.93
N HIS K 10 29.73 -13.33 -49.47
CA HIS K 10 30.40 -13.39 -48.17
C HIS K 10 29.40 -13.60 -47.05
N LEU K 11 28.27 -12.88 -47.09
CA LEU K 11 27.24 -13.02 -46.07
C LEU K 11 26.66 -14.44 -46.08
N ASN K 12 26.48 -15.00 -47.28
CA ASN K 12 25.97 -16.36 -47.38
C ASN K 12 26.95 -17.37 -46.80
N LYS K 13 28.24 -17.17 -47.05
CA LYS K 13 29.25 -18.05 -46.47
C LYS K 13 29.25 -17.97 -44.95
N ILE K 14 29.14 -16.76 -44.41
CA ILE K 14 29.10 -16.61 -42.95
C ILE K 14 27.84 -17.28 -42.39
N LEU K 15 26.71 -17.13 -43.09
CA LEU K 15 25.48 -17.79 -42.65
C LEU K 15 25.61 -19.31 -42.67
N GLY K 16 26.26 -19.84 -43.70
CA GLY K 16 26.50 -21.28 -43.75
C GLY K 16 27.36 -21.76 -42.61
N ASN K 17 28.37 -20.97 -42.24
CA ASN K 17 29.16 -21.32 -41.06
C ASN K 17 28.32 -21.26 -39.78
N GLU K 18 27.46 -20.25 -39.68
CA GLU K 18 26.63 -20.08 -38.48
C GLU K 18 25.67 -21.24 -38.31
N LEU K 19 25.11 -21.75 -39.40
CA LEU K 19 24.20 -22.90 -39.30
C LEU K 19 24.92 -24.13 -38.76
N ILE K 20 26.13 -24.38 -39.26
CA ILE K 20 26.95 -25.49 -38.76
C ILE K 20 27.20 -25.32 -37.27
N ALA K 21 27.55 -24.10 -36.86
CA ALA K 21 27.78 -23.83 -35.45
C ALA K 21 26.52 -24.08 -34.62
N ILE K 22 25.37 -23.67 -35.14
CA ILE K 22 24.10 -23.89 -34.44
C ILE K 22 23.89 -25.38 -34.18
N ASN K 23 24.00 -26.18 -35.24
CA ASN K 23 23.73 -27.61 -35.10
C ASN K 23 24.71 -28.27 -34.15
N GLN K 24 26.00 -28.01 -34.34
CA GLN K 24 27.02 -28.65 -33.51
C GLN K 24 26.87 -28.24 -32.04
N TYR K 25 26.64 -26.96 -31.79
CA TYR K 25 26.52 -26.50 -30.40
C TYR K 25 25.27 -27.04 -29.75
N PHE K 26 24.15 -27.13 -30.47
CA PHE K 26 22.95 -27.68 -29.88
C PHE K 26 23.13 -29.16 -29.53
N LEU K 27 23.75 -29.92 -30.45
CA LEU K 27 23.98 -31.33 -30.17
C LEU K 27 24.91 -31.51 -28.97
N HIS K 28 25.99 -30.73 -28.91
CA HIS K 28 26.91 -30.82 -27.79
C HIS K 28 26.22 -30.46 -26.48
N ALA K 29 25.39 -29.42 -26.51
CA ALA K 29 24.65 -29.03 -25.31
C ALA K 29 23.74 -30.16 -24.84
N ARG K 30 23.04 -30.80 -25.78
CA ARG K 30 22.13 -31.87 -25.40
C ARG K 30 22.86 -33.06 -24.81
N MET K 31 24.01 -33.45 -25.36
CA MET K 31 24.74 -34.56 -24.74
C MET K 31 25.37 -34.16 -23.42
N TYR K 32 25.73 -32.88 -23.26
CA TYR K 32 26.18 -32.40 -21.96
C TYR K 32 25.09 -32.54 -20.91
N GLU K 33 23.86 -32.13 -21.25
CA GLU K 33 22.75 -32.31 -20.32
C GLU K 33 22.47 -33.79 -20.06
N ASP K 34 22.59 -34.61 -21.11
CA ASP K 34 22.35 -36.05 -20.96
C ASP K 34 23.35 -36.68 -20.00
N TRP K 35 24.61 -36.27 -20.06
CA TRP K 35 25.63 -36.83 -19.16
C TRP K 35 25.49 -36.35 -17.73
N GLY K 36 24.60 -35.40 -17.46
CA GLY K 36 24.46 -34.87 -16.12
C GLY K 36 25.27 -33.62 -15.85
N LEU K 37 25.87 -33.03 -16.88
CA LEU K 37 26.66 -31.81 -16.73
C LEU K 37 25.79 -30.61 -17.11
N GLU K 38 24.97 -30.18 -16.14
CA GLU K 38 23.96 -29.17 -16.40
C GLU K 38 24.59 -27.80 -16.69
N LYS K 39 25.68 -27.47 -16.00
CA LYS K 39 26.32 -26.17 -16.19
C LYS K 39 26.90 -26.04 -17.60
N LEU K 40 27.68 -27.03 -18.01
CA LEU K 40 28.28 -27.02 -19.33
C LEU K 40 27.21 -27.10 -20.41
N GLY K 41 26.17 -27.90 -20.18
CA GLY K 41 25.07 -27.96 -21.13
C GLY K 41 24.34 -26.64 -21.27
N LYS K 42 24.12 -25.95 -20.16
CA LYS K 42 23.46 -24.65 -20.20
C LYS K 42 24.30 -23.63 -20.98
N HIS K 43 25.62 -23.61 -20.72
CA HIS K 43 26.46 -22.66 -21.44
C HIS K 43 26.50 -22.98 -22.93
N GLU K 44 26.56 -24.27 -23.28
CA GLU K 44 26.55 -24.66 -24.68
C GLU K 44 25.23 -24.30 -25.35
N TYR K 45 24.12 -24.48 -24.63
CA TYR K 45 22.81 -24.11 -25.16
C TYR K 45 22.73 -22.62 -25.43
N HIS K 46 23.26 -21.81 -24.50
CA HIS K 46 23.27 -20.36 -24.70
C HIS K 46 24.16 -19.98 -25.88
N GLU K 47 25.29 -20.66 -26.04
CA GLU K 47 26.15 -20.40 -27.18
C GLU K 47 25.45 -20.74 -28.49
N SER K 48 24.72 -21.85 -28.53
CA SER K 48 23.95 -22.22 -29.72
C SER K 48 22.88 -21.18 -30.01
N ILE K 49 22.19 -20.69 -28.98
CA ILE K 49 21.19 -19.64 -29.19
C ILE K 49 21.82 -18.37 -29.73
N ASP K 50 23.01 -18.02 -29.26
CA ASP K 50 23.69 -16.84 -29.79
C ASP K 50 24.06 -17.03 -31.26
N GLU K 51 24.53 -18.22 -31.63
CA GLU K 51 24.79 -18.52 -33.03
C GLU K 51 23.50 -18.43 -33.84
N MET K 52 22.38 -18.84 -33.25
CA MET K 52 21.08 -18.76 -33.90
C MET K 52 20.69 -17.30 -34.18
N LYS K 53 20.91 -16.43 -33.20
CA LYS K 53 20.66 -15.01 -33.40
C LYS K 53 21.57 -14.43 -34.48
N HIS K 54 22.83 -14.86 -34.51
CA HIS K 54 23.73 -14.42 -35.57
C HIS K 54 23.22 -14.83 -36.94
N ALA K 55 22.75 -16.07 -37.07
CA ALA K 55 22.21 -16.54 -38.34
C ALA K 55 20.97 -15.74 -38.73
N ASP K 56 20.12 -15.43 -37.75
CA ASP K 56 18.92 -14.63 -38.02
C ASP K 56 19.32 -13.26 -38.54
N LYS K 57 20.30 -12.62 -37.90
CA LYS K 57 20.75 -11.31 -38.33
C LYS K 57 21.32 -11.35 -39.75
N LEU K 58 22.09 -12.40 -40.04
CA LEU K 58 22.64 -12.54 -41.39
C LEU K 58 21.55 -12.73 -42.42
N ILE K 59 20.52 -13.51 -42.09
CA ILE K 59 19.39 -13.71 -43.02
C ILE K 59 18.70 -12.38 -43.27
N LYS K 60 18.47 -11.60 -42.21
CA LYS K 60 17.83 -10.30 -42.37
C LYS K 60 18.67 -9.38 -43.25
N ARG K 61 19.99 -9.37 -43.04
CA ARG K 61 20.85 -8.50 -43.84
C ARG K 61 20.87 -8.91 -45.30
N ILE K 62 20.91 -10.23 -45.55
CA ILE K 62 20.90 -10.71 -46.94
C ILE K 62 19.60 -10.35 -47.61
N LEU K 63 18.48 -10.48 -46.89
CA LEU K 63 17.18 -10.15 -47.47
C LEU K 63 17.05 -8.65 -47.73
N PHE K 64 17.61 -7.82 -46.85
CA PHE K 64 17.56 -6.38 -47.09
C PHE K 64 18.32 -6.00 -48.36
N LEU K 65 19.45 -6.64 -48.59
CA LEU K 65 20.25 -6.36 -49.78
C LEU K 65 19.70 -7.03 -51.03
N GLU K 66 18.46 -7.50 -51.00
CA GLU K 66 17.79 -8.13 -52.15
C GLU K 66 18.56 -9.35 -52.64
N GLY K 67 19.09 -10.14 -51.70
CA GLY K 67 19.76 -11.38 -52.02
C GLY K 67 18.95 -12.57 -51.55
N LEU K 68 19.47 -13.76 -51.87
CA LEU K 68 18.80 -15.01 -51.53
C LEU K 68 19.59 -15.74 -50.46
N PRO K 69 19.10 -15.82 -49.22
CA PRO K 69 19.79 -16.59 -48.20
C PRO K 69 19.90 -18.05 -48.59
N ASN K 70 21.03 -18.66 -48.24
CA ASN K 70 21.34 -20.05 -48.58
C ASN K 70 21.39 -20.86 -47.30
N LEU K 71 20.23 -21.36 -46.87
CA LEU K 71 20.13 -22.21 -45.70
C LEU K 71 20.19 -23.69 -46.06
N GLN K 72 20.31 -24.02 -47.35
CA GLN K 72 20.31 -25.40 -47.81
C GLN K 72 21.63 -26.11 -47.54
N GLU K 73 22.76 -25.41 -47.66
CA GLU K 73 24.08 -26.02 -47.52
C GLU K 73 24.42 -26.13 -46.04
N LEU K 74 24.42 -27.36 -45.54
CA LEU K 74 24.88 -27.68 -44.18
C LEU K 74 26.13 -28.54 -44.31
N GLY K 75 27.27 -28.00 -43.89
CA GLY K 75 28.52 -28.70 -44.01
C GLY K 75 28.75 -29.67 -42.86
N LYS K 76 29.97 -30.19 -42.82
CA LYS K 76 30.32 -31.23 -41.86
C LYS K 76 30.31 -30.68 -40.44
N LEU K 77 29.69 -31.41 -39.52
CA LEU K 77 29.74 -31.07 -38.10
C LEU K 77 30.92 -31.77 -37.44
N LEU K 78 31.55 -31.07 -36.51
CA LEU K 78 32.67 -31.60 -35.73
C LEU K 78 32.12 -32.04 -34.38
N ILE K 79 31.53 -33.23 -34.36
CA ILE K 79 30.88 -33.76 -33.16
C ILE K 79 31.88 -34.57 -32.35
N GLY K 80 32.01 -34.23 -31.07
CA GLY K 80 32.88 -34.94 -30.17
C GLY K 80 32.14 -36.01 -29.38
N GLU K 81 32.92 -36.82 -28.65
CA GLU K 81 32.37 -37.92 -27.86
C GLU K 81 32.72 -37.85 -26.38
N HIS K 82 33.61 -36.96 -25.96
CA HIS K 82 33.86 -36.74 -24.55
C HIS K 82 34.20 -35.27 -24.36
N THR K 83 33.99 -34.78 -23.13
CA THR K 83 33.94 -33.35 -22.84
C THR K 83 35.13 -32.59 -23.41
N LYS K 84 36.35 -33.08 -23.16
CA LYS K 84 37.53 -32.44 -23.72
C LYS K 84 37.49 -32.45 -25.24
N GLU K 85 37.08 -33.57 -25.83
CA GLU K 85 37.03 -33.68 -27.29
C GLU K 85 36.05 -32.69 -27.90
N MET K 86 34.87 -32.53 -27.29
CA MET K 86 33.88 -31.63 -27.88
C MET K 86 34.21 -30.16 -27.60
N LEU K 87 34.86 -29.87 -26.47
CA LEU K 87 35.38 -28.52 -26.29
C LEU K 87 36.43 -28.19 -27.34
N GLU K 88 37.32 -29.14 -27.64
CA GLU K 88 38.31 -28.93 -28.69
C GLU K 88 37.65 -28.79 -30.06
N CYS K 89 36.60 -29.56 -30.32
CA CYS K 89 35.89 -29.44 -31.60
C CYS K 89 35.23 -28.07 -31.74
N ASP K 90 34.61 -27.57 -30.67
CA ASP K 90 34.03 -26.23 -30.70
C ASP K 90 35.11 -25.18 -30.92
N LEU K 91 36.25 -25.33 -30.25
CA LEU K 91 37.34 -24.38 -30.46
C LEU K 91 37.83 -24.41 -31.90
N LYS K 92 37.95 -25.61 -32.47
CA LYS K 92 38.37 -25.73 -33.87
C LYS K 92 37.40 -25.06 -34.81
N LEU K 93 36.10 -25.29 -34.61
CA LEU K 93 35.08 -24.65 -35.44
C LEU K 93 35.15 -23.12 -35.32
N GLU K 94 35.27 -22.64 -34.09
CA GLU K 94 35.25 -21.20 -33.86
C GLU K 94 36.49 -20.53 -34.47
N GLN K 95 37.64 -21.18 -34.35
CA GLN K 95 38.86 -20.65 -34.97
C GLN K 95 38.78 -20.69 -36.49
N ALA K 96 38.23 -21.78 -37.06
CA ALA K 96 38.11 -21.88 -38.51
C ALA K 96 37.09 -20.89 -39.07
N GLY K 97 36.13 -20.46 -38.26
CA GLY K 97 35.18 -19.47 -38.72
C GLY K 97 35.70 -18.05 -38.71
N LEU K 98 36.82 -17.82 -38.02
CA LEU K 98 37.37 -16.46 -37.92
C LEU K 98 37.83 -15.89 -39.25
N PRO K 99 38.64 -16.58 -40.07
CA PRO K 99 39.16 -15.93 -41.29
C PRO K 99 38.08 -15.47 -42.24
N ASP K 100 36.96 -16.19 -42.32
CA ASP K 100 35.87 -15.77 -43.19
C ASP K 100 35.27 -14.44 -42.74
N LEU K 101 35.06 -14.28 -41.43
CA LEU K 101 34.53 -13.03 -40.92
C LEU K 101 35.48 -11.87 -41.17
N LYS K 102 36.78 -12.08 -40.95
CA LYS K 102 37.75 -11.02 -41.18
C LYS K 102 37.83 -10.65 -42.66
N ALA K 103 37.82 -11.63 -43.55
CA ALA K 103 37.81 -11.33 -44.98
C ALA K 103 36.55 -10.60 -45.40
N ALA K 104 35.41 -10.98 -44.84
CA ALA K 104 34.16 -10.28 -45.15
C ALA K 104 34.20 -8.83 -44.66
N ILE K 105 34.75 -8.60 -43.47
CA ILE K 105 34.85 -7.25 -42.95
C ILE K 105 35.78 -6.41 -43.82
N ALA K 106 36.92 -6.99 -44.22
CA ALA K 106 37.84 -6.28 -45.10
C ALA K 106 37.20 -5.94 -46.43
N TYR K 107 36.45 -6.87 -47.02
CA TYR K 107 35.80 -6.58 -48.29
C TYR K 107 34.71 -5.52 -48.14
N CYS K 108 33.93 -5.58 -47.06
CA CYS K 108 32.91 -4.57 -46.84
C CYS K 108 33.53 -3.19 -46.67
N GLU K 109 34.67 -3.11 -46.01
CA GLU K 109 35.41 -1.85 -45.95
C GLU K 109 35.86 -1.42 -47.35
N SER K 110 36.33 -2.37 -48.15
CA SER K 110 36.85 -2.04 -49.47
C SER K 110 35.77 -1.46 -50.38
N VAL K 111 34.57 -2.05 -50.36
CA VAL K 111 33.50 -1.62 -51.26
C VAL K 111 32.56 -0.62 -50.60
N GLY K 112 32.73 -0.31 -49.32
CA GLY K 112 31.93 0.71 -48.68
C GLY K 112 30.59 0.27 -48.15
N ASP K 113 30.40 -1.02 -47.85
CA ASP K 113 29.18 -1.50 -47.21
C ASP K 113 29.40 -1.50 -45.69
N TYR K 114 29.20 -0.33 -45.11
CA TYR K 114 29.62 -0.10 -43.73
C TYR K 114 28.65 -0.73 -42.72
N ALA K 115 27.36 -0.76 -43.05
CA ALA K 115 26.39 -1.40 -42.15
C ALA K 115 26.65 -2.89 -42.01
N SER K 116 26.92 -3.55 -43.15
CA SER K 116 27.30 -4.95 -43.10
C SER K 116 28.59 -5.15 -42.32
N ARG K 117 29.53 -4.21 -42.44
CA ARG K 117 30.76 -4.28 -41.67
C ARG K 117 30.49 -4.20 -40.18
N GLU K 118 29.58 -3.31 -39.76
CA GLU K 118 29.24 -3.22 -38.35
C GLU K 118 28.61 -4.52 -37.84
N LEU K 119 27.70 -5.09 -38.65
CA LEU K 119 27.08 -6.36 -38.28
C LEU K 119 28.14 -7.45 -38.11
N LEU K 120 29.04 -7.56 -39.09
CA LEU K 120 30.07 -8.59 -39.02
C LEU K 120 31.06 -8.32 -37.89
N GLU K 121 31.28 -7.06 -37.53
CA GLU K 121 32.14 -6.75 -36.40
C GLU K 121 31.50 -7.23 -35.10
N ASP K 122 30.20 -7.01 -34.94
CA ASP K 122 29.51 -7.52 -33.75
C ASP K 122 29.60 -9.04 -33.70
N ILE K 123 29.39 -9.69 -34.84
CA ILE K 123 29.49 -11.15 -34.89
C ILE K 123 30.89 -11.61 -34.52
N LEU K 124 31.91 -10.92 -35.04
CA LEU K 124 33.30 -11.27 -34.76
C LEU K 124 33.63 -11.12 -33.29
N GLU K 125 33.13 -10.05 -32.66
CA GLU K 125 33.34 -9.87 -31.23
C GLU K 125 32.71 -11.02 -30.44
N SER K 126 31.51 -11.43 -30.83
CA SER K 126 30.88 -12.57 -30.17
C SER K 126 31.72 -13.84 -30.33
N GLU K 127 32.21 -14.09 -31.55
CA GLU K 127 33.00 -15.29 -31.79
C GLU K 127 34.28 -15.27 -30.96
N GLU K 128 34.91 -14.10 -30.84
CA GLU K 128 36.10 -13.99 -30.01
C GLU K 128 35.79 -14.26 -28.55
N ASP K 129 34.63 -13.80 -28.07
CA ASP K 129 34.23 -14.09 -26.69
C ASP K 129 34.06 -15.59 -26.46
N HIS K 130 33.41 -16.28 -27.41
CA HIS K 130 33.27 -17.73 -27.30
C HIS K 130 34.63 -18.42 -27.33
N ILE K 131 35.55 -17.94 -28.17
CA ILE K 131 36.89 -18.51 -28.22
C ILE K 131 37.59 -18.35 -26.88
N ASP K 132 37.47 -17.16 -26.28
CA ASP K 132 38.07 -16.92 -24.97
C ASP K 132 37.50 -17.88 -23.93
N TRP K 133 36.18 -18.07 -23.94
CA TRP K 133 35.57 -18.99 -22.98
C TRP K 133 36.07 -20.41 -23.17
N LEU K 134 36.15 -20.87 -24.42
CA LEU K 134 36.58 -22.24 -24.69
C LEU K 134 38.02 -22.46 -24.25
N GLU K 135 38.90 -21.50 -24.57
CA GLU K 135 40.29 -21.63 -24.16
C GLU K 135 40.42 -21.59 -22.64
N THR K 136 39.63 -20.75 -21.97
CA THR K 136 39.64 -20.72 -20.51
C THR K 136 39.22 -22.07 -19.93
N GLN K 137 38.17 -22.68 -20.51
CA GLN K 137 37.73 -23.98 -20.03
C GLN K 137 38.80 -25.05 -20.23
N LEU K 138 39.45 -25.07 -21.39
CA LEU K 138 40.49 -26.05 -21.62
C LEU K 138 41.68 -25.85 -20.68
N ASP K 139 42.08 -24.60 -20.44
CA ASP K 139 43.15 -24.33 -19.49
C ASP K 139 42.76 -24.73 -18.07
N LEU K 140 41.49 -24.53 -17.70
CA LEU K 140 41.03 -24.97 -16.39
C LEU K 140 41.08 -26.48 -16.27
N ILE K 141 40.73 -27.18 -17.35
CA ILE K 141 40.84 -28.65 -17.36
C ILE K 141 42.29 -29.06 -17.14
N ASP K 142 43.22 -28.41 -17.84
CA ASP K 142 44.63 -28.73 -17.67
C ASP K 142 45.18 -28.32 -16.32
N LYS K 143 44.56 -27.35 -15.65
CA LYS K 143 45.06 -26.83 -14.38
C LYS K 143 44.52 -27.59 -13.17
N ILE K 144 43.24 -27.93 -13.14
CA ILE K 144 42.62 -28.57 -11.99
C ILE K 144 42.31 -30.04 -12.20
N GLY K 145 42.50 -30.56 -13.41
CA GLY K 145 42.23 -31.96 -13.68
C GLY K 145 40.85 -32.20 -14.26
N LEU K 146 40.70 -33.31 -15.00
CA LEU K 146 39.41 -33.60 -15.62
C LEU K 146 38.35 -33.93 -14.59
N GLU K 147 38.69 -34.72 -13.58
CA GLU K 147 37.70 -35.14 -12.59
C GLU K 147 37.20 -33.96 -11.77
N ASN K 148 38.11 -33.08 -11.35
CA ASN K 148 37.70 -31.88 -10.62
C ASN K 148 36.88 -30.97 -11.50
N TYR K 149 37.28 -30.82 -12.77
CA TYR K 149 36.55 -29.94 -13.68
C TYR K 149 35.13 -30.43 -13.91
N LEU K 150 34.95 -31.73 -14.14
CA LEU K 150 33.63 -32.27 -14.42
C LEU K 150 32.72 -32.17 -13.20
N GLN K 151 33.29 -32.23 -11.99
CA GLN K 151 32.49 -32.06 -10.79
C GLN K 151 31.92 -30.66 -10.70
N SER K 152 32.66 -29.67 -11.18
CA SER K 152 32.17 -28.29 -11.14
C SER K 152 31.06 -28.05 -12.16
N GLN K 153 30.90 -28.94 -13.15
CA GLN K 153 29.90 -28.78 -14.18
C GLN K 153 28.61 -29.55 -13.89
N MET K 154 28.52 -30.23 -12.74
CA MET K 154 27.31 -30.97 -12.43
C MET K 154 26.11 -30.02 -12.28
N ASP K 155 26.32 -28.88 -11.63
CA ASP K 155 25.27 -27.88 -11.52
C ASP K 155 25.87 -26.50 -11.23
N MET L 1 19.15 -45.69 -20.76
CA MET L 1 18.36 -46.85 -21.17
C MET L 1 18.58 -47.17 -22.64
N LYS L 2 18.84 -48.44 -22.94
CA LYS L 2 19.05 -48.85 -24.32
C LYS L 2 17.71 -49.07 -25.01
N GLY L 3 17.51 -48.41 -26.15
CA GLY L 3 16.28 -48.52 -26.90
C GLY L 3 16.42 -49.43 -28.11
N ASP L 4 15.30 -49.56 -28.83
CA ASP L 4 15.27 -50.36 -30.05
C ASP L 4 15.93 -49.59 -31.18
N LYS L 5 16.70 -50.29 -32.01
CA LYS L 5 17.42 -49.63 -33.10
C LYS L 5 16.47 -49.01 -34.11
N ILE L 6 15.42 -49.73 -34.48
CA ILE L 6 14.47 -49.23 -35.48
C ILE L 6 13.70 -48.03 -34.94
N VAL L 7 13.38 -48.03 -33.64
CA VAL L 7 12.75 -46.86 -33.04
C VAL L 7 13.68 -45.66 -33.15
N ILE L 8 14.98 -45.86 -32.91
CA ILE L 8 15.94 -44.78 -33.03
C ILE L 8 16.03 -44.28 -34.47
N GLN L 9 15.97 -45.21 -35.44
CA GLN L 9 15.98 -44.80 -36.84
C GLN L 9 14.75 -43.96 -37.19
N HIS L 10 13.58 -44.36 -36.69
CA HIS L 10 12.37 -43.60 -36.94
C HIS L 10 12.47 -42.21 -36.32
N LEU L 11 12.99 -42.14 -35.09
CA LEU L 11 13.17 -40.84 -34.43
C LEU L 11 14.15 -39.97 -35.20
N ASN L 12 15.21 -40.58 -35.75
CA ASN L 12 16.17 -39.83 -36.55
C ASN L 12 15.53 -39.29 -37.83
N LYS L 13 14.67 -40.08 -38.46
CA LYS L 13 13.97 -39.61 -39.65
C LYS L 13 13.05 -38.44 -39.33
N ILE L 14 12.31 -38.55 -38.22
CA ILE L 14 11.45 -37.44 -37.81
C ILE L 14 12.29 -36.20 -37.47
N LEU L 15 13.46 -36.42 -36.85
CA LEU L 15 14.35 -35.30 -36.55
C LEU L 15 14.83 -34.60 -37.80
N GLY L 16 15.16 -35.38 -38.84
CA GLY L 16 15.56 -34.79 -40.11
C GLY L 16 14.44 -33.98 -40.73
N ASN L 17 13.21 -34.51 -40.69
CA ASN L 17 12.07 -33.76 -41.20
C ASN L 17 11.89 -32.46 -40.43
N GLU L 18 12.02 -32.51 -39.10
CA GLU L 18 11.88 -31.30 -38.29
C GLU L 18 12.97 -30.30 -38.60
N LEU L 19 14.20 -30.77 -38.85
CA LEU L 19 15.28 -29.87 -39.21
C LEU L 19 15.02 -29.20 -40.55
N ILE L 20 14.46 -29.93 -41.52
CA ILE L 20 14.05 -29.32 -42.79
C ILE L 20 13.02 -28.24 -42.53
N ALA L 21 12.02 -28.55 -41.72
CA ALA L 21 10.93 -27.62 -41.46
C ALA L 21 11.42 -26.36 -40.76
N ILE L 22 12.40 -26.51 -39.86
CA ILE L 22 12.95 -25.37 -39.13
C ILE L 22 13.49 -24.34 -40.11
N ASN L 23 14.38 -24.79 -41.01
CA ASN L 23 15.00 -23.88 -41.96
C ASN L 23 13.97 -23.29 -42.92
N GLN L 24 13.07 -24.12 -43.44
CA GLN L 24 12.08 -23.61 -44.39
C GLN L 24 11.20 -22.55 -43.74
N TYR L 25 10.70 -22.83 -42.53
CA TYR L 25 9.80 -21.90 -41.86
C TYR L 25 10.53 -20.63 -41.45
N PHE L 26 11.78 -20.73 -41.00
CA PHE L 26 12.50 -19.53 -40.62
C PHE L 26 12.78 -18.63 -41.82
N LEU L 27 13.18 -19.24 -42.95
CA LEU L 27 13.42 -18.44 -44.15
C LEU L 27 12.13 -17.80 -44.64
N HIS L 28 11.03 -18.55 -44.62
CA HIS L 28 9.75 -17.98 -45.04
C HIS L 28 9.33 -16.84 -44.12
N ALA L 29 9.50 -17.02 -42.81
CA ALA L 29 9.16 -15.97 -41.85
C ALA L 29 9.97 -14.72 -42.10
N ARG L 30 11.28 -14.87 -42.30
CA ARG L 30 12.13 -13.72 -42.53
C ARG L 30 11.84 -13.04 -43.87
N MET L 31 11.38 -13.79 -44.88
CA MET L 31 11.05 -13.14 -46.14
C MET L 31 9.64 -12.55 -46.11
N TYR L 32 8.82 -12.95 -45.14
CA TYR L 32 7.54 -12.28 -44.93
C TYR L 32 7.74 -10.88 -44.33
N GLU L 33 8.58 -10.78 -43.30
CA GLU L 33 8.80 -9.49 -42.66
C GLU L 33 9.45 -8.50 -43.61
N ASP L 34 10.29 -8.99 -44.53
CA ASP L 34 10.92 -8.13 -45.51
C ASP L 34 9.89 -7.46 -46.43
N TRP L 35 8.77 -8.12 -46.69
CA TRP L 35 7.72 -7.56 -47.53
C TRP L 35 6.76 -6.66 -46.78
N GLY L 36 6.90 -6.53 -45.47
CA GLY L 36 6.01 -5.73 -44.66
C GLY L 36 4.83 -6.48 -44.10
N LEU L 37 4.75 -7.80 -44.28
CA LEU L 37 3.65 -8.61 -43.77
C LEU L 37 4.02 -9.12 -42.38
N GLU L 38 3.76 -8.28 -41.38
CA GLU L 38 4.20 -8.58 -40.02
C GLU L 38 3.41 -9.74 -39.41
N LYS L 39 2.12 -9.83 -39.71
CA LYS L 39 1.30 -10.87 -39.11
C LYS L 39 1.72 -12.25 -39.57
N LEU L 40 1.86 -12.42 -40.89
CA LEU L 40 2.27 -13.71 -41.44
C LEU L 40 3.68 -14.05 -41.02
N GLY L 41 4.57 -13.05 -40.99
CA GLY L 41 5.92 -13.28 -40.53
C GLY L 41 5.99 -13.74 -39.08
N LYS L 42 5.19 -13.12 -38.22
CA LYS L 42 5.17 -13.50 -36.82
C LYS L 42 4.63 -14.92 -36.64
N HIS L 43 3.55 -15.26 -37.35
CA HIS L 43 3.01 -16.61 -37.23
C HIS L 43 3.99 -17.65 -37.76
N GLU L 44 4.67 -17.33 -38.86
CA GLU L 44 5.67 -18.24 -39.41
C GLU L 44 6.86 -18.40 -38.46
N TYR L 45 7.28 -17.31 -37.82
CA TYR L 45 8.35 -17.39 -36.84
C TYR L 45 7.96 -18.28 -35.66
N HIS L 46 6.73 -18.14 -35.18
CA HIS L 46 6.26 -19.01 -34.10
C HIS L 46 6.20 -20.47 -34.54
N GLU L 47 5.74 -20.73 -35.76
CA GLU L 47 5.74 -22.10 -36.28
C GLU L 47 7.15 -22.66 -36.34
N SER L 48 8.11 -21.86 -36.81
CA SER L 48 9.49 -22.31 -36.86
C SER L 48 10.01 -22.63 -35.47
N ILE L 49 9.73 -21.78 -34.48
CA ILE L 49 10.18 -22.02 -33.11
C ILE L 49 9.57 -23.31 -32.56
N ASP L 50 8.30 -23.57 -32.89
CA ASP L 50 7.69 -24.82 -32.47
C ASP L 50 8.40 -26.01 -33.12
N GLU L 51 8.81 -25.88 -34.37
CA GLU L 51 9.59 -26.94 -35.01
C GLU L 51 10.92 -27.14 -34.30
N MET L 52 11.56 -26.06 -33.88
CA MET L 52 12.82 -26.19 -33.13
C MET L 52 12.60 -26.93 -31.82
N LYS L 53 11.49 -26.63 -31.13
CA LYS L 53 11.19 -27.35 -29.89
C LYS L 53 10.93 -28.82 -30.15
N HIS L 54 10.24 -29.14 -31.25
CA HIS L 54 10.03 -30.53 -31.62
C HIS L 54 11.35 -31.24 -31.87
N ALA L 55 12.27 -30.58 -32.58
CA ALA L 55 13.57 -31.17 -32.84
C ALA L 55 14.35 -31.37 -31.54
N ASP L 56 14.26 -30.41 -30.63
CA ASP L 56 14.90 -30.56 -29.32
C ASP L 56 14.36 -31.77 -28.58
N LYS L 57 13.04 -31.94 -28.57
CA LYS L 57 12.43 -33.09 -27.91
C LYS L 57 12.92 -34.40 -28.53
N LEU L 58 12.97 -34.44 -29.86
CA LEU L 58 13.44 -35.65 -30.53
C LEU L 58 14.91 -35.93 -30.21
N ILE L 59 15.73 -34.89 -30.15
CA ILE L 59 17.14 -35.07 -29.81
C ILE L 59 17.29 -35.64 -28.40
N LYS L 60 16.51 -35.08 -27.46
CA LYS L 60 16.54 -35.60 -26.09
C LYS L 60 16.11 -37.06 -26.04
N ARG L 61 15.06 -37.42 -26.79
CA ARG L 61 14.58 -38.80 -26.77
C ARG L 61 15.62 -39.75 -27.36
N ILE L 62 16.26 -39.34 -28.45
CA ILE L 62 17.29 -40.17 -29.08
C ILE L 62 18.47 -40.35 -28.13
N LEU L 63 18.87 -39.26 -27.46
CA LEU L 63 19.99 -39.34 -26.52
C LEU L 63 19.66 -40.23 -25.33
N PHE L 64 18.41 -40.17 -24.85
CA PHE L 64 18.01 -41.03 -23.74
C PHE L 64 18.07 -42.50 -24.15
N LEU L 65 17.65 -42.81 -25.37
CA LEU L 65 17.67 -44.18 -25.88
C LEU L 65 19.06 -44.64 -26.29
N GLU L 66 20.11 -43.91 -25.89
CA GLU L 66 21.50 -44.26 -26.20
C GLU L 66 21.74 -44.35 -27.71
N GLY L 67 21.12 -43.44 -28.46
CA GLY L 67 21.30 -43.35 -29.89
C GLY L 67 22.07 -42.10 -30.28
N LEU L 68 22.37 -42.01 -31.58
CA LEU L 68 23.12 -40.87 -32.12
C LEU L 68 22.23 -40.01 -32.99
N PRO L 69 21.87 -38.81 -32.54
CA PRO L 69 21.06 -37.92 -33.39
C PRO L 69 21.80 -37.57 -34.68
N ASN L 70 21.06 -37.49 -35.77
CA ASN L 70 21.61 -37.20 -37.09
C ASN L 70 21.14 -35.81 -37.50
N LEU L 71 21.94 -34.79 -37.16
CA LEU L 71 21.68 -33.42 -37.57
C LEU L 71 22.46 -33.03 -38.82
N GLN L 72 23.27 -33.94 -39.36
CA GLN L 72 24.12 -33.62 -40.49
C GLN L 72 23.34 -33.49 -41.79
N GLU L 73 22.35 -34.35 -42.00
CA GLU L 73 21.62 -34.38 -43.26
C GLU L 73 20.49 -33.36 -43.23
N LEU L 74 20.56 -32.38 -44.12
CA LEU L 74 19.48 -31.43 -44.37
C LEU L 74 18.96 -31.66 -45.78
N GLY L 75 17.66 -31.91 -45.89
CA GLY L 75 17.07 -32.25 -47.17
C GLY L 75 16.71 -31.03 -47.99
N LYS L 76 15.94 -31.28 -49.04
CA LYS L 76 15.56 -30.24 -49.99
C LYS L 76 14.58 -29.26 -49.34
N LEU L 77 14.92 -27.98 -49.36
CA LEU L 77 14.01 -26.96 -48.85
C LEU L 77 13.07 -26.52 -49.97
N LEU L 78 11.77 -26.46 -49.65
CA LEU L 78 10.74 -26.03 -50.59
C LEU L 78 10.45 -24.56 -50.33
N ILE L 79 11.28 -23.69 -50.90
CA ILE L 79 11.21 -22.26 -50.67
C ILE L 79 10.35 -21.63 -51.74
N GLY L 80 9.34 -20.87 -51.32
CA GLY L 80 8.47 -20.16 -52.24
C GLY L 80 8.94 -18.74 -52.51
N GLU L 81 8.31 -18.13 -53.51
CA GLU L 81 8.66 -16.77 -53.91
C GLU L 81 7.52 -15.77 -53.75
N HIS L 82 6.29 -16.24 -53.54
CA HIS L 82 5.17 -15.34 -53.27
C HIS L 82 4.26 -16.02 -52.27
N THR L 83 3.46 -15.20 -51.58
CA THR L 83 2.74 -15.62 -50.38
C THR L 83 1.94 -16.90 -50.58
N LYS L 84 1.18 -16.97 -51.67
CA LYS L 84 0.43 -18.19 -51.96
C LYS L 84 1.37 -19.38 -52.18
N GLU L 85 2.47 -19.15 -52.90
CA GLU L 85 3.45 -20.21 -53.12
C GLU L 85 4.10 -20.65 -51.81
N MET L 86 4.42 -19.69 -50.93
CA MET L 86 4.98 -20.04 -49.62
C MET L 86 4.01 -20.89 -48.82
N LEU L 87 2.74 -20.49 -48.77
CA LEU L 87 1.76 -21.25 -48.00
C LEU L 87 1.57 -22.65 -48.57
N GLU L 88 1.53 -22.76 -49.89
CA GLU L 88 1.39 -24.07 -50.52
C GLU L 88 2.61 -24.95 -50.27
N CYS L 89 3.82 -24.39 -50.33
CA CYS L 89 5.02 -25.15 -50.02
C CYS L 89 5.02 -25.63 -48.58
N ASP L 90 4.61 -24.77 -47.64
CA ASP L 90 4.53 -25.17 -46.24
C ASP L 90 3.53 -26.29 -46.05
N LEU L 91 2.35 -26.17 -46.68
CA LEU L 91 1.34 -27.23 -46.57
C LEU L 91 1.83 -28.53 -47.16
N LYS L 92 2.53 -28.47 -48.30
CA LYS L 92 3.07 -29.67 -48.92
C LYS L 92 4.12 -30.33 -48.04
N LEU L 93 4.98 -29.52 -47.41
CA LEU L 93 5.98 -30.06 -46.49
C LEU L 93 5.31 -30.75 -45.30
N GLU L 94 4.29 -30.10 -44.74
CA GLU L 94 3.61 -30.68 -43.58
C GLU L 94 2.93 -32.00 -43.96
N GLN L 95 2.25 -32.01 -45.10
CA GLN L 95 1.57 -33.23 -45.54
C GLN L 95 2.55 -34.34 -45.84
N ALA L 96 3.70 -34.00 -46.44
CA ALA L 96 4.71 -35.00 -46.72
C ALA L 96 5.35 -35.54 -45.44
N GLY L 97 5.50 -34.71 -44.42
CA GLY L 97 6.05 -35.17 -43.16
C GLY L 97 5.05 -35.90 -42.29
N LEU L 98 3.76 -35.79 -42.64
CA LEU L 98 2.72 -36.45 -41.85
C LEU L 98 2.83 -37.98 -41.82
N PRO L 99 2.97 -38.68 -42.95
CA PRO L 99 2.96 -40.16 -42.87
C PRO L 99 4.09 -40.75 -42.04
N ASP L 100 5.24 -40.09 -42.01
CA ASP L 100 6.37 -40.61 -41.23
C ASP L 100 6.04 -40.66 -39.75
N LEU L 101 5.37 -39.63 -39.23
CA LEU L 101 4.98 -39.62 -37.84
C LEU L 101 4.01 -40.74 -37.53
N LYS L 102 3.04 -40.98 -38.41
CA LYS L 102 2.07 -42.06 -38.19
C LYS L 102 2.75 -43.43 -38.22
N ALA L 103 3.67 -43.63 -39.16
CA ALA L 103 4.40 -44.89 -39.21
C ALA L 103 5.24 -45.10 -37.96
N ALA L 104 5.88 -44.02 -37.49
CA ALA L 104 6.68 -44.11 -36.27
C ALA L 104 5.82 -44.44 -35.06
N ILE L 105 4.63 -43.82 -34.97
CA ILE L 105 3.74 -44.09 -33.86
C ILE L 105 3.27 -45.54 -33.90
N ALA L 106 2.91 -46.03 -35.09
CA ALA L 106 2.48 -47.41 -35.22
C ALA L 106 3.59 -48.38 -34.82
N TYR L 107 4.82 -48.12 -35.25
CA TYR L 107 5.92 -49.01 -34.88
C TYR L 107 6.20 -48.95 -33.38
N CYS L 108 6.19 -47.77 -32.78
CA CYS L 108 6.42 -47.66 -31.35
C CYS L 108 5.34 -48.40 -30.56
N GLU L 109 4.11 -48.36 -31.05
CA GLU L 109 3.05 -49.17 -30.44
C GLU L 109 3.34 -50.65 -30.61
N SER L 110 3.86 -51.05 -31.77
CA SER L 110 4.07 -52.47 -32.05
C SER L 110 5.11 -53.09 -31.11
N VAL L 111 6.18 -52.37 -30.81
CA VAL L 111 7.29 -52.92 -30.03
C VAL L 111 7.24 -52.46 -28.57
N GLY L 112 6.21 -51.72 -28.18
CA GLY L 112 6.07 -51.35 -26.79
C GLY L 112 6.94 -50.22 -26.31
N ASP L 113 7.30 -49.28 -27.19
CA ASP L 113 8.02 -48.07 -26.79
C ASP L 113 7.01 -46.92 -26.63
N TYR L 114 6.34 -46.92 -25.48
CA TYR L 114 5.17 -46.08 -25.32
C TYR L 114 5.53 -44.62 -25.11
N ALA L 115 6.60 -44.34 -24.36
CA ALA L 115 6.96 -42.94 -24.12
C ALA L 115 7.26 -42.23 -25.43
N SER L 116 8.00 -42.89 -26.33
CA SER L 116 8.19 -42.35 -27.67
C SER L 116 6.86 -42.16 -28.39
N ARG L 117 5.89 -43.04 -28.13
CA ARG L 117 4.61 -42.90 -28.81
C ARG L 117 3.87 -41.65 -28.36
N GLU L 118 3.84 -41.36 -27.06
CA GLU L 118 3.27 -40.09 -26.61
C GLU L 118 4.04 -38.88 -27.14
N LEU L 119 5.38 -38.98 -27.19
CA LEU L 119 6.15 -37.87 -27.75
C LEU L 119 5.75 -37.60 -29.21
N LEU L 120 5.74 -38.66 -30.02
CA LEU L 120 5.39 -38.51 -31.44
C LEU L 120 3.92 -38.13 -31.61
N GLU L 121 3.07 -38.52 -30.65
CA GLU L 121 1.66 -38.15 -30.71
C GLU L 121 1.47 -36.66 -30.49
N ASP L 122 2.18 -36.10 -29.51
CA ASP L 122 2.15 -34.66 -29.31
C ASP L 122 2.68 -33.93 -30.54
N ILE L 123 3.78 -34.44 -31.12
CA ILE L 123 4.31 -33.83 -32.33
C ILE L 123 3.28 -33.88 -33.45
N LEU L 124 2.58 -35.01 -33.60
CA LEU L 124 1.58 -35.17 -34.65
C LEU L 124 0.42 -34.21 -34.46
N GLU L 125 -0.04 -34.04 -33.22
CA GLU L 125 -1.10 -33.06 -32.95
C GLU L 125 -0.66 -31.66 -33.35
N SER L 126 0.58 -31.29 -33.03
CA SER L 126 1.07 -29.98 -33.43
C SER L 126 1.10 -29.85 -34.95
N GLU L 127 1.59 -30.89 -35.65
CA GLU L 127 1.66 -30.81 -37.10
C GLU L 127 0.27 -30.68 -37.72
N GLU L 128 -0.72 -31.40 -37.18
CA GLU L 128 -2.08 -31.26 -37.64
C GLU L 128 -2.64 -29.86 -37.39
N ASP L 129 -2.28 -29.24 -36.26
CA ASP L 129 -2.69 -27.84 -36.04
C ASP L 129 -2.11 -26.92 -37.09
N HIS L 130 -0.83 -27.10 -37.42
CA HIS L 130 -0.22 -26.30 -38.49
C HIS L 130 -0.91 -26.54 -39.83
N ILE L 131 -1.26 -27.79 -40.12
CA ILE L 131 -1.98 -28.10 -41.37
C ILE L 131 -3.31 -27.37 -41.40
N ASP L 132 -4.04 -27.39 -40.28
CA ASP L 132 -5.32 -26.70 -40.20
C ASP L 132 -5.16 -25.22 -40.45
N TRP L 133 -4.14 -24.60 -39.83
CA TRP L 133 -3.92 -23.18 -40.02
C TRP L 133 -3.60 -22.85 -41.48
N LEU L 134 -2.75 -23.66 -42.10
CA LEU L 134 -2.34 -23.41 -43.48
C LEU L 134 -3.54 -23.53 -44.42
N GLU L 135 -4.35 -24.56 -44.25
CA GLU L 135 -5.53 -24.73 -45.09
C GLU L 135 -6.52 -23.60 -44.87
N THR L 136 -6.68 -23.17 -43.62
CA THR L 136 -7.57 -22.04 -43.33
C THR L 136 -7.08 -20.78 -44.04
N GLN L 137 -5.76 -20.53 -44.03
CA GLN L 137 -5.23 -19.36 -44.71
C GLN L 137 -5.45 -19.42 -46.21
N LEU L 138 -5.24 -20.60 -46.81
CA LEU L 138 -5.45 -20.71 -48.26
C LEU L 138 -6.92 -20.54 -48.61
N ASP L 139 -7.82 -21.12 -47.82
CA ASP L 139 -9.26 -20.93 -48.06
C ASP L 139 -9.66 -19.47 -47.88
N LEU L 140 -9.06 -18.78 -46.91
CA LEU L 140 -9.33 -17.36 -46.73
C LEU L 140 -8.86 -16.55 -47.93
N ILE L 141 -7.70 -16.90 -48.48
CA ILE L 141 -7.22 -16.25 -49.70
C ILE L 141 -8.23 -16.44 -50.81
N ASP L 142 -8.76 -17.65 -50.95
CA ASP L 142 -9.77 -17.91 -51.98
C ASP L 142 -11.04 -17.10 -51.73
N LYS L 143 -11.46 -16.99 -50.47
CA LYS L 143 -12.72 -16.31 -50.16
C LYS L 143 -12.63 -14.81 -50.38
N ILE L 144 -11.59 -14.17 -49.86
CA ILE L 144 -11.52 -12.71 -49.84
C ILE L 144 -10.58 -12.14 -50.88
N GLY L 145 -9.80 -12.96 -51.56
CA GLY L 145 -8.92 -12.44 -52.59
C GLY L 145 -7.52 -12.21 -52.05
N LEU L 146 -6.54 -12.20 -52.95
CA LEU L 146 -5.15 -12.01 -52.54
C LEU L 146 -4.91 -10.61 -51.98
N GLU L 147 -5.45 -9.59 -52.63
CA GLU L 147 -5.19 -8.22 -52.20
C GLU L 147 -5.79 -7.94 -50.82
N ASN L 148 -7.02 -8.38 -50.59
CA ASN L 148 -7.64 -8.21 -49.29
C ASN L 148 -6.88 -9.01 -48.23
N TYR L 149 -6.46 -10.23 -48.56
CA TYR L 149 -5.76 -11.06 -47.59
C TYR L 149 -4.42 -10.43 -47.19
N LEU L 150 -3.66 -9.95 -48.17
CA LEU L 150 -2.33 -9.41 -47.88
C LEU L 150 -2.43 -8.13 -47.06
N GLN L 151 -3.50 -7.35 -47.25
CA GLN L 151 -3.68 -6.15 -46.46
C GLN L 151 -3.85 -6.49 -44.98
N SER L 152 -4.60 -7.56 -44.70
CA SER L 152 -4.84 -7.96 -43.31
C SER L 152 -3.59 -8.53 -42.65
N GLN L 153 -2.56 -8.87 -43.41
CA GLN L 153 -1.31 -9.37 -42.86
C GLN L 153 -0.29 -8.26 -42.62
N MET L 154 -0.61 -7.02 -42.98
CA MET L 154 0.33 -5.92 -42.80
C MET L 154 0.58 -5.65 -41.32
N ASP L 155 -0.49 -5.60 -40.53
CA ASP L 155 -0.36 -5.30 -39.11
C ASP L 155 -1.13 -6.31 -38.25
N MET M 1 47.88 23.68 7.01
CA MET M 1 48.75 23.55 8.17
C MET M 1 50.09 22.95 7.76
N LYS M 2 51.17 23.58 8.21
CA LYS M 2 52.51 23.09 7.89
C LYS M 2 52.88 21.94 8.83
N GLY M 3 53.23 20.79 8.25
CA GLY M 3 53.65 19.63 9.01
C GLY M 3 55.16 19.46 9.01
N ASP M 4 55.60 18.44 9.74
CA ASP M 4 57.01 18.11 9.81
C ASP M 4 57.48 17.57 8.47
N LYS M 5 58.70 17.97 8.05
CA LYS M 5 59.23 17.53 6.77
C LYS M 5 59.46 16.02 6.75
N ILE M 6 59.99 15.48 7.85
CA ILE M 6 60.26 14.04 7.91
C ILE M 6 58.98 13.23 7.94
N VAL M 7 57.93 13.75 8.58
CA VAL M 7 56.63 13.08 8.52
C VAL M 7 56.13 13.04 7.08
N ILE M 8 56.30 14.14 6.34
CA ILE M 8 55.89 14.17 4.94
C ILE M 8 56.72 13.17 4.13
N GLN M 9 58.01 13.04 4.43
CA GLN M 9 58.84 12.08 3.74
C GLN M 9 58.38 10.65 3.99
N HIS M 10 58.04 10.33 5.24
CA HIS M 10 57.54 9.00 5.56
C HIS M 10 56.21 8.74 4.84
N LEU M 11 55.34 9.74 4.82
CA LEU M 11 54.06 9.59 4.13
C LEU M 11 54.26 9.38 2.64
N ASN M 12 55.23 10.08 2.05
CA ASN M 12 55.52 9.92 0.63
C ASN M 12 56.05 8.52 0.34
N LYS M 13 56.93 8.01 1.20
CA LYS M 13 57.45 6.66 1.02
C LYS M 13 56.33 5.62 1.09
N ILE M 14 55.45 5.77 2.08
CA ILE M 14 54.32 4.86 2.19
C ILE M 14 53.39 4.99 0.99
N LEU M 15 53.22 6.20 0.47
CA LEU M 15 52.40 6.40 -0.73
C LEU M 15 53.00 5.67 -1.93
N GLY M 16 54.32 5.73 -2.09
CA GLY M 16 54.96 4.98 -3.16
C GLY M 16 54.76 3.49 -3.01
N ASN M 17 54.86 2.99 -1.77
CA ASN M 17 54.60 1.58 -1.52
C ASN M 17 53.16 1.21 -1.91
N GLU M 18 52.21 2.08 -1.56
CA GLU M 18 50.81 1.84 -1.87
C GLU M 18 50.58 1.83 -3.37
N LEU M 19 51.25 2.72 -4.11
CA LEU M 19 51.12 2.72 -5.57
C LEU M 19 51.64 1.43 -6.17
N ILE M 20 52.80 0.96 -5.68
CA ILE M 20 53.34 -0.32 -6.13
C ILE M 20 52.33 -1.43 -5.89
N ALA M 21 51.74 -1.44 -4.69
CA ALA M 21 50.75 -2.46 -4.34
C ALA M 21 49.53 -2.36 -5.25
N ILE M 22 49.09 -1.14 -5.57
CA ILE M 22 47.94 -0.95 -6.46
C ILE M 22 48.20 -1.61 -7.79
N ASN M 23 49.35 -1.30 -8.40
CA ASN M 23 49.65 -1.84 -9.73
C ASN M 23 49.77 -3.35 -9.69
N GLN M 24 50.52 -3.88 -8.71
CA GLN M 24 50.72 -5.32 -8.64
C GLN M 24 49.40 -6.06 -8.42
N TYR M 25 48.58 -5.56 -7.50
CA TYR M 25 47.33 -6.24 -7.19
C TYR M 25 46.34 -6.15 -8.34
N PHE M 26 46.30 -5.03 -9.06
CA PHE M 26 45.40 -4.96 -10.20
C PHE M 26 45.83 -5.92 -11.31
N LEU M 27 47.14 -5.99 -11.57
CA LEU M 27 47.60 -6.94 -12.59
C LEU M 27 47.30 -8.38 -12.19
N HIS M 28 47.54 -8.72 -10.91
CA HIS M 28 47.24 -10.07 -10.45
C HIS M 28 45.75 -10.37 -10.54
N ALA M 29 44.91 -9.41 -10.15
CA ALA M 29 43.46 -9.59 -10.25
C ALA M 29 43.04 -9.85 -11.67
N ARG M 30 43.55 -9.05 -12.62
CA ARG M 30 43.17 -9.23 -14.01
C ARG M 30 43.68 -10.54 -14.59
N MET M 31 44.86 -11.02 -14.18
CA MET M 31 45.33 -12.29 -14.74
C MET M 31 44.67 -13.46 -14.04
N TYR M 32 44.06 -13.24 -12.88
CA TYR M 32 43.25 -14.28 -12.26
C TYR M 32 41.95 -14.51 -13.03
N GLU M 33 41.25 -13.42 -13.39
CA GLU M 33 40.00 -13.56 -14.13
C GLU M 33 40.23 -14.15 -15.50
N ASP M 34 41.40 -13.90 -16.09
CA ASP M 34 41.70 -14.47 -17.40
C ASP M 34 41.80 -15.98 -17.36
N TRP M 35 42.19 -16.54 -16.21
CA TRP M 35 42.29 -17.99 -16.06
C TRP M 35 40.98 -18.65 -15.66
N GLY M 36 39.92 -17.86 -15.47
CA GLY M 36 38.65 -18.41 -15.01
C GLY M 36 38.51 -18.52 -13.51
N LEU M 37 39.46 -17.98 -12.74
CA LEU M 37 39.41 -18.03 -11.28
C LEU M 37 38.74 -16.75 -10.78
N GLU M 38 37.41 -16.80 -10.73
CA GLU M 38 36.60 -15.62 -10.43
C GLU M 38 36.77 -15.17 -8.98
N LYS M 39 36.83 -16.12 -8.05
CA LYS M 39 36.95 -15.76 -6.64
C LYS M 39 38.26 -15.03 -6.34
N LEU M 40 39.37 -15.61 -6.80
CA LEU M 40 40.66 -14.98 -6.56
C LEU M 40 40.76 -13.64 -7.25
N GLY M 41 40.24 -13.54 -8.48
CA GLY M 41 40.23 -12.28 -9.17
C GLY M 41 39.43 -11.22 -8.45
N LYS M 42 38.26 -11.59 -7.94
CA LYS M 42 37.42 -10.65 -7.20
C LYS M 42 38.12 -10.17 -5.93
N HIS M 43 38.75 -11.10 -5.20
CA HIS M 43 39.39 -10.70 -3.96
C HIS M 43 40.61 -9.83 -4.21
N GLU M 44 41.38 -10.15 -5.25
CA GLU M 44 42.53 -9.31 -5.61
C GLU M 44 42.08 -7.94 -6.09
N TYR M 45 40.97 -7.87 -6.82
CA TYR M 45 40.40 -6.58 -7.23
C TYR M 45 40.00 -5.75 -6.02
N HIS M 46 39.35 -6.39 -5.05
CA HIS M 46 38.97 -5.68 -3.83
C HIS M 46 40.20 -5.18 -3.07
N GLU M 47 41.24 -6.01 -3.00
CA GLU M 47 42.47 -5.59 -2.35
C GLU M 47 43.12 -4.42 -3.07
N SER M 48 43.10 -4.44 -4.40
CA SER M 48 43.64 -3.33 -5.18
C SER M 48 42.86 -2.05 -4.93
N ILE M 49 41.53 -2.16 -4.84
CA ILE M 49 40.71 -0.99 -4.55
C ILE M 49 41.02 -0.45 -3.15
N ASP M 50 41.24 -1.35 -2.19
CA ASP M 50 41.61 -0.92 -0.85
C ASP M 50 42.95 -0.20 -0.86
N GLU M 51 43.91 -0.71 -1.63
CA GLU M 51 45.20 -0.03 -1.76
C GLU M 51 45.03 1.34 -2.41
N MET M 52 44.12 1.45 -3.39
CA MET M 52 43.86 2.74 -4.00
C MET M 52 43.29 3.73 -2.98
N LYS M 53 42.38 3.27 -2.14
CA LYS M 53 41.83 4.14 -1.10
C LYS M 53 42.90 4.55 -0.09
N HIS M 54 43.81 3.63 0.25
CA HIS M 54 44.92 3.97 1.12
C HIS M 54 45.79 5.06 0.50
N ALA M 55 46.10 4.91 -0.79
CA ALA M 55 46.91 5.91 -1.47
C ALA M 55 46.19 7.26 -1.52
N ASP M 56 44.87 7.24 -1.74
CA ASP M 56 44.09 8.47 -1.74
C ASP M 56 44.17 9.17 -0.38
N LYS M 57 44.02 8.39 0.70
CA LYS M 57 44.10 8.96 2.04
C LYS M 57 45.47 9.57 2.30
N LEU M 58 46.52 8.87 1.86
CA LEU M 58 47.87 9.39 2.05
C LEU M 58 48.08 10.66 1.24
N ILE M 59 47.53 10.73 0.03
CA ILE M 59 47.64 11.93 -0.78
C ILE M 59 46.96 13.11 -0.09
N LYS M 60 45.76 12.86 0.44
CA LYS M 60 45.05 13.93 1.14
C LYS M 60 45.83 14.39 2.37
N ARG M 61 46.40 13.45 3.13
CA ARG M 61 47.15 13.84 4.32
C ARG M 61 48.40 14.63 3.97
N ILE M 62 49.11 14.23 2.91
CA ILE M 62 50.29 14.97 2.48
C ILE M 62 49.89 16.36 2.01
N LEU M 63 48.77 16.46 1.31
CA LEU M 63 48.29 17.76 0.84
C LEU M 63 47.94 18.68 2.00
N PHE M 64 47.30 18.12 3.03
CA PHE M 64 46.95 18.92 4.21
C PHE M 64 48.20 19.43 4.90
N LEU M 65 49.25 18.62 4.97
CA LEU M 65 50.50 19.02 5.59
C LEU M 65 51.35 19.94 4.70
N GLU M 66 50.76 20.47 3.62
CA GLU M 66 51.45 21.39 2.72
C GLU M 66 52.71 20.76 2.13
N GLY M 67 52.58 19.50 1.70
CA GLY M 67 53.66 18.79 1.05
C GLY M 67 53.29 18.41 -0.38
N LEU M 68 54.28 17.86 -1.07
CA LEU M 68 54.11 17.45 -2.46
C LEU M 68 54.07 15.93 -2.55
N PRO M 69 52.91 15.33 -2.85
CA PRO M 69 52.86 13.88 -3.04
C PRO M 69 53.74 13.46 -4.20
N ASN M 70 54.37 12.30 -4.05
CA ASN M 70 55.29 11.75 -5.05
C ASN M 70 54.59 10.58 -5.74
N LEU M 71 53.82 10.89 -6.77
CA LEU M 71 53.18 9.87 -7.60
C LEU M 71 54.08 9.38 -8.71
N GLN M 72 55.19 10.08 -8.97
CA GLN M 72 56.05 9.78 -10.10
C GLN M 72 56.80 8.46 -9.92
N GLU M 73 57.35 8.23 -8.74
CA GLU M 73 58.17 7.06 -8.52
C GLU M 73 57.32 5.81 -8.37
N LEU M 74 57.49 4.87 -9.29
CA LEU M 74 56.87 3.55 -9.22
C LEU M 74 57.98 2.51 -9.27
N GLY M 75 58.12 1.75 -8.19
CA GLY M 75 59.20 0.79 -8.08
C GLY M 75 58.86 -0.55 -8.72
N LYS M 76 59.71 -1.53 -8.42
CA LYS M 76 59.59 -2.85 -9.02
C LYS M 76 58.32 -3.54 -8.54
N LEU M 77 57.54 -4.08 -9.48
CA LEU M 77 56.40 -4.92 -9.14
C LEU M 77 56.83 -6.38 -9.05
N LEU M 78 56.22 -7.11 -8.13
CA LEU M 78 56.51 -8.52 -7.90
C LEU M 78 55.39 -9.33 -8.57
N ILE M 79 55.54 -9.57 -9.87
CA ILE M 79 54.52 -10.24 -10.66
C ILE M 79 54.83 -11.72 -10.75
N GLY M 80 53.85 -12.56 -10.42
CA GLY M 80 54.00 -13.99 -10.53
C GLY M 80 53.48 -14.52 -11.85
N GLU M 81 53.66 -15.83 -12.04
CA GLU M 81 53.21 -16.49 -13.27
C GLU M 81 52.18 -17.58 -13.06
N HIS M 82 52.15 -18.22 -11.88
CA HIS M 82 51.06 -19.12 -11.53
C HIS M 82 50.61 -18.82 -10.10
N THR M 83 49.40 -19.28 -9.79
CA THR M 83 48.64 -18.81 -8.63
C THR M 83 49.45 -18.82 -7.34
N LYS M 84 50.21 -19.89 -7.10
CA LYS M 84 51.00 -19.94 -5.88
C LYS M 84 52.06 -18.84 -5.88
N GLU M 85 52.72 -18.62 -7.02
CA GLU M 85 53.70 -17.54 -7.10
C GLU M 85 53.05 -16.18 -6.90
N MET M 86 51.84 -15.98 -7.45
CA MET M 86 51.13 -14.73 -7.22
C MET M 86 50.87 -14.50 -5.75
N LEU M 87 50.41 -15.54 -5.03
CA LEU M 87 50.13 -15.38 -3.61
C LEU M 87 51.40 -15.10 -2.82
N GLU M 88 52.48 -15.81 -3.12
CA GLU M 88 53.74 -15.55 -2.41
C GLU M 88 54.27 -14.17 -2.72
N CYS M 89 54.13 -13.71 -3.96
CA CYS M 89 54.57 -12.37 -4.32
C CYS M 89 53.78 -11.31 -3.57
N ASP M 90 52.45 -11.49 -3.49
CA ASP M 90 51.62 -10.55 -2.75
C ASP M 90 52.00 -10.54 -1.28
N LEU M 91 52.23 -11.72 -0.70
CA LEU M 91 52.61 -11.79 0.71
C LEU M 91 53.96 -11.14 0.96
N LYS M 92 54.92 -11.35 0.06
CA LYS M 92 56.23 -10.72 0.19
C LYS M 92 56.12 -9.21 0.09
N LEU M 93 55.31 -8.72 -0.84
CA LEU M 93 55.12 -7.28 -0.98
C LEU M 93 54.47 -6.68 0.26
N GLU M 94 53.46 -7.36 0.80
CA GLU M 94 52.78 -6.87 1.99
C GLU M 94 53.68 -6.90 3.23
N GLN M 95 54.49 -7.94 3.39
CA GLN M 95 55.40 -8.04 4.53
C GLN M 95 56.54 -7.03 4.43
N ALA M 96 56.88 -6.59 3.23
CA ALA M 96 57.96 -5.62 3.03
C ALA M 96 57.50 -4.19 3.23
N GLY M 97 56.22 -3.97 3.51
CA GLY M 97 55.73 -2.62 3.76
C GLY M 97 55.40 -2.39 5.22
N LEU M 98 55.33 -3.47 6.01
CA LEU M 98 55.08 -3.32 7.43
C LEU M 98 56.18 -2.56 8.17
N PRO M 99 57.47 -2.82 7.95
CA PRO M 99 58.49 -2.02 8.67
C PRO M 99 58.40 -0.53 8.41
N ASP M 100 58.08 -0.14 7.17
CA ASP M 100 57.94 1.28 6.86
C ASP M 100 56.78 1.90 7.63
N LEU M 101 55.64 1.22 7.66
CA LEU M 101 54.50 1.72 8.40
C LEU M 101 54.79 1.81 9.89
N LYS M 102 55.45 0.79 10.45
CA LYS M 102 55.77 0.80 11.87
C LYS M 102 56.74 1.92 12.21
N ALA M 103 57.77 2.13 11.39
CA ALA M 103 58.70 3.23 11.60
C ALA M 103 58.00 4.59 11.49
N ALA M 104 57.10 4.74 10.52
CA ALA M 104 56.36 5.98 10.38
C ALA M 104 55.46 6.25 11.57
N ILE M 105 54.80 5.21 12.09
CA ILE M 105 53.96 5.39 13.27
C ILE M 105 54.81 5.77 14.47
N ALA M 106 55.95 5.12 14.63
CA ALA M 106 56.85 5.46 15.74
C ALA M 106 57.32 6.90 15.65
N TYR M 107 57.68 7.34 14.44
CA TYR M 107 58.14 8.72 14.28
C TYR M 107 57.03 9.72 14.54
N CYS M 108 55.83 9.43 14.04
CA CYS M 108 54.69 10.32 14.29
C CYS M 108 54.39 10.40 15.78
N GLU M 109 54.62 9.31 16.52
CA GLU M 109 54.58 9.37 17.97
C GLU M 109 55.65 10.29 18.52
N SER M 110 56.86 10.20 17.97
CA SER M 110 57.98 10.95 18.53
C SER M 110 57.77 12.46 18.42
N VAL M 111 57.24 12.93 17.28
CA VAL M 111 57.09 14.36 17.04
C VAL M 111 55.67 14.84 17.31
N GLY M 112 54.78 13.95 17.76
CA GLY M 112 53.45 14.38 18.13
C GLY M 112 52.49 14.64 16.99
N ASP M 113 52.65 13.96 15.85
CA ASP M 113 51.67 14.04 14.76
C ASP M 113 50.68 12.88 14.91
N TYR M 114 49.68 13.11 15.77
CA TYR M 114 48.82 12.02 16.22
C TYR M 114 47.78 11.65 15.17
N ALA M 115 47.28 12.63 14.41
CA ALA M 115 46.33 12.31 13.34
C ALA M 115 46.98 11.45 12.27
N SER M 116 48.22 11.77 11.91
CA SER M 116 48.96 10.91 10.98
C SER M 116 49.17 9.52 11.55
N ARG M 117 49.45 9.43 12.85
CA ARG M 117 49.57 8.11 13.47
C ARG M 117 48.28 7.32 13.36
N GLU M 118 47.13 7.97 13.59
CA GLU M 118 45.86 7.27 13.49
C GLU M 118 45.60 6.78 12.07
N LEU M 119 45.88 7.62 11.07
CA LEU M 119 45.72 7.21 9.68
C LEU M 119 46.62 6.01 9.36
N LEU M 120 47.89 6.10 9.74
CA LEU M 120 48.82 5.01 9.45
C LEU M 120 48.44 3.74 10.20
N GLU M 121 47.88 3.89 11.41
CA GLU M 121 47.43 2.74 12.17
C GLU M 121 46.27 2.04 11.48
N ASP M 122 45.33 2.82 10.94
CA ASP M 122 44.22 2.23 10.20
C ASP M 122 44.73 1.45 8.99
N ILE M 123 45.63 2.07 8.21
CA ILE M 123 46.09 1.34 7.03
C ILE M 123 46.98 0.17 7.42
N LEU M 124 47.66 0.25 8.58
CA LEU M 124 48.45 -0.89 9.06
C LEU M 124 47.55 -2.06 9.44
N GLU M 125 46.42 -1.78 10.10
CA GLU M 125 45.47 -2.84 10.38
C GLU M 125 44.94 -3.47 9.10
N SER M 126 44.67 -2.64 8.09
CA SER M 126 44.24 -3.18 6.81
C SER M 126 45.31 -4.09 6.20
N GLU M 127 46.57 -3.67 6.23
CA GLU M 127 47.64 -4.49 5.67
C GLU M 127 47.78 -5.80 6.44
N GLU M 128 47.62 -5.76 7.76
CA GLU M 128 47.68 -6.98 8.55
C GLU M 128 46.54 -7.93 8.20
N ASP M 129 45.34 -7.40 7.95
CA ASP M 129 44.25 -8.26 7.49
C ASP M 129 44.54 -8.89 6.13
N HIS M 130 45.11 -8.12 5.20
CA HIS M 130 45.52 -8.70 3.92
C HIS M 130 46.56 -9.80 4.11
N ILE M 131 47.53 -9.58 5.00
CA ILE M 131 48.53 -10.62 5.26
C ILE M 131 47.88 -11.86 5.84
N ASP M 132 46.92 -11.70 6.75
CA ASP M 132 46.22 -12.84 7.32
C ASP M 132 45.50 -13.63 6.24
N TRP M 133 44.81 -12.93 5.33
CA TRP M 133 44.11 -13.61 4.25
C TRP M 133 45.09 -14.37 3.35
N LEU M 134 46.21 -13.74 3.00
CA LEU M 134 47.18 -14.37 2.11
C LEU M 134 47.77 -15.61 2.76
N GLU M 135 48.11 -15.53 4.05
CA GLU M 135 48.65 -16.68 4.75
C GLU M 135 47.62 -17.80 4.85
N THR M 136 46.36 -17.44 5.11
CA THR M 136 45.31 -18.46 5.15
C THR M 136 45.16 -19.17 3.83
N GLN M 137 45.21 -18.42 2.72
CA GLN M 137 45.10 -19.05 1.40
C GLN M 137 46.29 -19.96 1.13
N LEU M 138 47.51 -19.51 1.47
CA LEU M 138 48.69 -20.32 1.22
C LEU M 138 48.68 -21.59 2.07
N ASP M 139 48.12 -21.52 3.28
CA ASP M 139 48.02 -22.72 4.11
C ASP M 139 46.92 -23.64 3.61
N LEU M 140 45.83 -23.08 3.09
CA LEU M 140 44.77 -23.91 2.53
C LEU M 140 45.25 -24.66 1.30
N ILE M 141 46.13 -24.03 0.52
CA ILE M 141 46.70 -24.72 -0.65
C ILE M 141 47.40 -26.00 -0.24
N ASP M 142 48.18 -25.95 0.84
CA ASP M 142 48.86 -27.13 1.35
C ASP M 142 47.92 -28.09 2.06
N LYS M 143 46.85 -27.60 2.67
CA LYS M 143 45.90 -28.46 3.38
C LYS M 143 45.06 -29.30 2.41
N ILE M 144 44.58 -28.69 1.32
CA ILE M 144 43.65 -29.37 0.42
C ILE M 144 44.25 -29.65 -0.96
N GLY M 145 45.44 -29.17 -1.24
CA GLY M 145 46.02 -29.42 -2.55
C GLY M 145 45.75 -28.30 -3.53
N LEU M 146 46.63 -28.20 -4.52
CA LEU M 146 46.50 -27.12 -5.51
C LEU M 146 45.26 -27.32 -6.38
N GLU M 147 45.01 -28.55 -6.83
CA GLU M 147 43.88 -28.79 -7.73
C GLU M 147 42.56 -28.54 -7.02
N ASN M 148 42.42 -29.00 -5.78
CA ASN M 148 41.20 -28.72 -5.02
C ASN M 148 41.05 -27.23 -4.75
N TYR M 149 42.16 -26.54 -4.44
CA TYR M 149 42.09 -25.12 -4.14
C TYR M 149 41.65 -24.33 -5.37
N LEU M 150 42.21 -24.63 -6.54
CA LEU M 150 41.89 -23.88 -7.74
C LEU M 150 40.45 -24.09 -8.16
N GLN M 151 39.91 -25.28 -7.88
CA GLN M 151 38.51 -25.56 -8.22
C GLN M 151 37.57 -24.66 -7.41
N SER M 152 37.89 -24.45 -6.13
CA SER M 152 37.05 -23.59 -5.30
C SER M 152 37.11 -22.13 -5.74
N GLN M 153 38.17 -21.75 -6.47
CA GLN M 153 38.32 -20.38 -6.93
C GLN M 153 37.60 -20.12 -8.25
N MET M 154 37.07 -21.16 -8.89
CA MET M 154 36.37 -20.98 -10.16
C MET M 154 35.09 -20.18 -9.97
N ASP M 155 34.26 -20.59 -9.01
CA ASP M 155 33.00 -19.92 -8.77
C ASP M 155 32.96 -19.32 -7.36
N MET N 1 43.16 -16.12 -27.16
CA MET N 1 43.72 -16.33 -28.49
C MET N 1 45.02 -15.54 -28.66
N LYS N 2 45.87 -16.01 -29.57
CA LYS N 2 47.15 -15.35 -29.80
C LYS N 2 46.99 -14.20 -30.77
N GLY N 3 47.36 -13.00 -30.32
CA GLY N 3 47.24 -11.81 -31.14
C GLY N 3 48.57 -11.40 -31.77
N ASP N 4 48.50 -10.34 -32.57
CA ASP N 4 49.69 -9.81 -33.22
C ASP N 4 50.61 -9.16 -32.18
N LYS N 5 51.92 -9.36 -32.36
CA LYS N 5 52.88 -8.80 -31.41
C LYS N 5 52.88 -7.27 -31.44
N ILE N 6 52.81 -6.68 -32.63
CA ILE N 6 52.84 -5.22 -32.74
C ILE N 6 51.55 -4.62 -32.21
N VAL N 7 50.43 -5.31 -32.35
CA VAL N 7 49.19 -4.85 -31.75
C VAL N 7 49.33 -4.82 -30.23
N ILE N 8 49.95 -5.84 -29.66
CA ILE N 8 50.19 -5.86 -28.22
C ILE N 8 51.14 -4.74 -27.81
N GLN N 9 52.14 -4.44 -28.63
CA GLN N 9 53.04 -3.33 -28.32
C GLN N 9 52.29 -2.01 -28.30
N HIS N 10 51.41 -1.79 -29.28
CA HIS N 10 50.62 -0.56 -29.32
C HIS N 10 49.71 -0.47 -28.10
N LEU N 11 49.07 -1.59 -27.74
CA LEU N 11 48.19 -1.61 -26.58
C LEU N 11 48.97 -1.31 -25.30
N ASN N 12 50.19 -1.83 -25.21
CA ASN N 12 51.02 -1.54 -24.04
C ASN N 12 51.40 -0.07 -23.98
N LYS N 13 51.71 0.53 -25.13
CA LYS N 13 52.02 1.95 -25.18
C LYS N 13 50.84 2.79 -24.70
N ILE N 14 49.64 2.47 -25.20
CA ILE N 14 48.46 3.22 -24.78
C ILE N 14 48.18 2.97 -23.30
N LEU N 15 48.45 1.77 -22.81
CA LEU N 15 48.26 1.48 -21.39
C LEU N 15 49.18 2.33 -20.53
N GLY N 16 50.44 2.48 -20.94
CA GLY N 16 51.34 3.36 -20.22
C GLY N 16 50.87 4.80 -20.22
N ASN N 17 50.39 5.26 -21.37
CA ASN N 17 49.82 6.61 -21.44
C ASN N 17 48.65 6.77 -20.48
N GLU N 18 47.79 5.75 -20.42
CA GLU N 18 46.63 5.81 -19.53
C GLU N 18 47.05 5.82 -18.07
N LEU N 19 48.10 5.08 -17.72
CA LEU N 19 48.59 5.11 -16.34
C LEU N 19 49.13 6.49 -15.98
N ILE N 20 49.88 7.11 -16.90
CA ILE N 20 50.35 8.46 -16.68
C ILE N 20 49.16 9.40 -16.43
N ALA N 21 48.12 9.26 -17.26
CA ALA N 21 46.94 10.10 -17.12
C ALA N 21 46.25 9.86 -15.79
N ILE N 22 46.17 8.59 -15.35
CA ILE N 22 45.55 8.27 -14.08
C ILE N 22 46.25 9.00 -12.94
N ASN N 23 47.58 8.88 -12.90
CA ASN N 23 48.32 9.50 -11.80
C ASN N 23 48.19 11.02 -11.83
N GLN N 24 48.37 11.62 -13.01
CA GLN N 24 48.31 13.08 -13.11
C GLN N 24 46.93 13.60 -12.74
N TYR N 25 45.88 12.96 -13.25
CA TYR N 25 44.53 13.43 -12.99
C TYR N 25 44.13 13.23 -11.54
N PHE N 26 44.55 12.13 -10.92
CA PHE N 26 44.23 11.96 -9.50
C PHE N 26 44.93 13.00 -8.65
N LEU N 27 46.21 13.29 -8.93
CA LEU N 27 46.90 14.30 -8.15
C LEU N 27 46.27 15.68 -8.35
N HIS N 28 45.90 16.01 -9.60
CA HIS N 28 45.26 17.29 -9.85
C HIS N 28 43.91 17.38 -9.15
N ALA N 29 43.13 16.29 -9.19
CA ALA N 29 41.84 16.27 -8.52
C ALA N 29 42.00 16.49 -7.02
N ARG N 30 42.97 15.80 -6.42
CA ARG N 30 43.17 15.96 -4.99
C ARG N 30 43.67 17.35 -4.62
N MET N 31 44.50 17.98 -5.45
CA MET N 31 44.95 19.32 -5.09
C MET N 31 43.90 20.38 -5.43
N TYR N 32 42.90 20.02 -6.23
CA TYR N 32 41.77 20.92 -6.43
C TYR N 32 40.88 20.96 -5.19
N GLU N 33 40.58 19.79 -4.61
CA GLU N 33 39.74 19.76 -3.41
C GLU N 33 40.42 20.45 -2.24
N ASP N 34 41.74 20.36 -2.17
CA ASP N 34 42.47 21.00 -1.07
C ASP N 34 42.33 22.50 -1.10
N TRP N 35 42.24 23.11 -2.28
CA TRP N 35 42.06 24.54 -2.42
C TRP N 35 40.62 24.99 -2.19
N GLY N 36 39.68 24.06 -2.07
CA GLY N 36 38.29 24.41 -1.91
C GLY N 36 37.50 24.47 -3.19
N LEU N 37 38.05 23.99 -4.30
CA LEU N 37 37.37 23.98 -5.59
C LEU N 37 36.71 22.62 -5.82
N GLU N 38 35.50 22.49 -5.30
CA GLU N 38 34.79 21.21 -5.30
C GLU N 38 34.43 20.75 -6.71
N LYS N 39 33.98 21.67 -7.56
CA LYS N 39 33.56 21.30 -8.91
C LYS N 39 34.72 20.74 -9.73
N LEU N 40 35.84 21.48 -9.75
CA LEU N 40 37.00 21.03 -10.51
C LEU N 40 37.57 19.74 -9.94
N GLY N 41 37.59 19.64 -8.61
CA GLY N 41 38.05 18.41 -7.99
C GLY N 41 37.20 17.20 -8.37
N LYS N 42 35.87 17.37 -8.34
CA LYS N 42 34.98 16.27 -8.70
C LYS N 42 35.14 15.89 -10.17
N HIS N 43 35.25 16.87 -11.06
CA HIS N 43 35.36 16.55 -12.47
C HIS N 43 36.70 15.89 -12.79
N GLU N 44 37.78 16.36 -12.15
CA GLU N 44 39.07 15.70 -12.35
C GLU N 44 39.09 14.30 -11.76
N TYR N 45 38.40 14.09 -10.63
CA TYR N 45 38.29 12.76 -10.06
C TYR N 45 37.54 11.82 -11.01
N HIS N 46 36.46 12.30 -11.61
CA HIS N 46 35.71 11.48 -12.57
C HIS N 46 36.54 11.18 -13.80
N GLU N 47 37.30 12.17 -14.29
CA GLU N 47 38.18 11.94 -15.43
C GLU N 47 39.27 10.92 -15.09
N SER N 48 39.82 11.01 -13.88
CA SER N 48 40.81 10.03 -13.44
C SER N 48 40.21 8.62 -13.42
N ILE N 49 39.00 8.48 -12.86
CA ILE N 49 38.35 7.18 -12.80
C ILE N 49 38.09 6.65 -14.21
N ASP N 50 37.73 7.53 -15.14
CA ASP N 50 37.55 7.11 -16.53
C ASP N 50 38.86 6.59 -17.11
N GLU N 51 39.96 7.27 -16.81
CA GLU N 51 41.28 6.79 -17.24
C GLU N 51 41.59 5.42 -16.64
N MET N 52 41.21 5.21 -15.37
CA MET N 52 41.42 3.92 -14.73
C MET N 52 40.64 2.82 -15.44
N LYS N 53 39.39 3.11 -15.80
CA LYS N 53 38.58 2.13 -16.53
C LYS N 53 39.18 1.84 -17.90
N HIS N 54 39.69 2.87 -18.58
CA HIS N 54 40.37 2.67 -19.85
C HIS N 54 41.58 1.75 -19.69
N ALA N 55 42.38 1.99 -18.66
CA ALA N 55 43.55 1.15 -18.41
C ALA N 55 43.15 -0.27 -18.11
N ASP N 56 42.07 -0.45 -17.34
CA ASP N 56 41.59 -1.80 -17.03
C ASP N 56 41.16 -2.51 -18.31
N LYS N 57 40.45 -1.81 -19.19
CA LYS N 57 40.01 -2.40 -20.44
C LYS N 57 41.19 -2.80 -21.31
N LEU N 58 42.22 -1.94 -21.35
CA LEU N 58 43.42 -2.28 -22.10
C LEU N 58 44.14 -3.48 -21.51
N ILE N 59 44.16 -3.59 -20.17
CA ILE N 59 44.79 -4.73 -19.52
C ILE N 59 44.06 -6.01 -19.91
N LYS N 60 42.73 -5.98 -19.88
CA LYS N 60 41.95 -7.15 -20.29
C LYS N 60 42.24 -7.51 -21.74
N ARG N 61 42.30 -6.51 -22.63
CA ARG N 61 42.55 -6.81 -24.03
C ARG N 61 43.93 -7.41 -24.25
N ILE N 62 44.95 -6.88 -23.55
CA ILE N 62 46.30 -7.42 -23.68
C ILE N 62 46.34 -8.84 -23.15
N LEU N 63 45.66 -9.10 -22.04
CA LEU N 63 45.63 -10.43 -21.45
C LEU N 63 44.95 -11.42 -22.38
N PHE N 64 43.86 -11.00 -23.03
CA PHE N 64 43.18 -11.88 -23.96
C PHE N 64 44.07 -12.25 -25.14
N LEU N 65 44.86 -11.30 -25.62
CA LEU N 65 45.79 -11.52 -26.71
C LEU N 65 47.05 -12.27 -26.29
N GLU N 66 47.05 -12.84 -25.09
CA GLU N 66 48.18 -13.62 -24.58
C GLU N 66 49.46 -12.78 -24.52
N GLY N 67 49.32 -11.53 -24.10
CA GLY N 67 50.45 -10.64 -23.92
C GLY N 67 50.66 -10.29 -22.45
N LEU N 68 51.75 -9.57 -22.21
CA LEU N 68 52.10 -9.14 -20.86
C LEU N 68 51.88 -7.65 -20.71
N PRO N 69 50.88 -7.22 -19.92
CA PRO N 69 50.71 -5.79 -19.67
C PRO N 69 51.94 -5.20 -18.99
N ASN N 70 52.27 -3.97 -19.37
CA ASN N 70 53.45 -3.27 -18.86
C ASN N 70 52.97 -2.12 -17.98
N LEU N 71 52.73 -2.43 -16.71
CA LEU N 71 52.40 -1.43 -15.71
C LEU N 71 53.64 -0.92 -14.97
N GLN N 72 54.80 -1.50 -15.22
CA GLN N 72 56.02 -1.10 -14.52
C GLN N 72 56.47 0.29 -14.93
N GLU N 73 56.28 0.65 -16.19
CA GLU N 73 56.76 1.93 -16.71
C GLU N 73 55.75 3.04 -16.45
N LEU N 74 56.16 4.02 -15.65
CA LEU N 74 55.39 5.24 -15.42
C LEU N 74 56.25 6.42 -15.86
N GLY N 75 55.81 7.11 -16.90
CA GLY N 75 56.58 8.19 -17.47
C GLY N 75 56.40 9.50 -16.73
N LYS N 76 56.81 10.57 -17.38
CA LYS N 76 56.78 11.90 -16.77
C LYS N 76 55.34 12.32 -16.46
N LEU N 77 55.18 13.00 -15.33
CA LEU N 77 53.90 13.55 -14.91
C LEU N 77 53.92 15.06 -15.12
N LEU N 78 52.89 15.58 -15.77
CA LEU N 78 52.79 17.02 -16.06
C LEU N 78 51.92 17.66 -14.98
N ILE N 79 52.51 17.89 -13.82
CA ILE N 79 51.77 18.40 -12.67
C ILE N 79 51.89 19.93 -12.65
N GLY N 80 50.74 20.60 -12.63
CA GLY N 80 50.72 22.06 -12.53
C GLY N 80 50.76 22.55 -11.10
N GLU N 81 50.77 23.87 -10.95
CA GLU N 81 50.79 24.50 -9.64
C GLU N 81 49.63 25.46 -9.41
N HIS N 82 49.02 25.99 -10.47
CA HIS N 82 47.82 26.82 -10.34
C HIS N 82 46.81 26.37 -11.38
N THR N 83 45.54 26.68 -11.12
CA THR N 83 44.41 26.08 -11.83
C THR N 83 44.55 26.16 -13.35
N LYS N 84 44.90 27.34 -13.87
CA LYS N 84 45.12 27.45 -15.31
C LYS N 84 46.26 26.54 -15.76
N GLU N 85 47.35 26.49 -14.98
CA GLU N 85 48.46 25.63 -15.32
C GLU N 85 48.05 24.16 -15.30
N MET N 86 47.24 23.76 -14.32
CA MET N 86 46.76 22.38 -14.29
C MET N 86 45.92 22.06 -15.52
N LEU N 87 45.03 22.98 -15.91
CA LEU N 87 44.19 22.73 -17.08
C LEU N 87 45.04 22.62 -18.35
N GLU N 88 46.03 23.50 -18.51
CA GLU N 88 46.89 23.40 -19.69
C GLU N 88 47.72 22.12 -19.67
N CYS N 89 48.18 21.69 -18.49
CA CYS N 89 48.93 20.44 -18.40
C CYS N 89 48.05 19.25 -18.80
N ASP N 90 46.82 19.21 -18.30
CA ASP N 90 45.91 18.13 -18.67
C ASP N 90 45.62 18.15 -20.17
N LEU N 91 45.39 19.34 -20.74
CA LEU N 91 45.13 19.45 -22.17
C LEU N 91 46.33 19.00 -22.98
N LYS N 92 47.54 19.38 -22.56
CA LYS N 92 48.74 18.97 -23.28
C LYS N 92 48.93 17.45 -23.23
N LEU N 93 48.71 16.85 -22.06
CA LEU N 93 48.81 15.39 -21.96
C LEU N 93 47.77 14.71 -22.84
N GLU N 94 46.54 15.20 -22.81
CA GLU N 94 45.47 14.59 -23.60
C GLU N 94 45.74 14.72 -25.10
N GLN N 95 46.22 15.87 -25.55
CA GLN N 95 46.59 16.05 -26.95
C GLN N 95 47.77 15.20 -27.36
N ALA N 96 48.78 15.04 -26.49
CA ALA N 96 49.91 14.19 -26.81
C ALA N 96 49.52 12.71 -26.83
N GLY N 97 48.48 12.32 -26.11
CA GLY N 97 48.03 10.96 -26.13
C GLY N 97 47.25 10.56 -27.38
N LEU N 98 46.71 11.55 -28.09
CA LEU N 98 45.89 11.26 -29.27
C LEU N 98 46.63 10.57 -30.40
N PRO N 99 47.82 11.03 -30.84
CA PRO N 99 48.44 10.38 -32.01
C PRO N 99 48.72 8.90 -31.83
N ASP N 100 49.02 8.46 -30.61
CA ASP N 100 49.24 7.04 -30.36
C ASP N 100 47.98 6.23 -30.61
N LEU N 101 46.83 6.73 -30.13
CA LEU N 101 45.57 6.04 -30.35
C LEU N 101 45.23 5.96 -31.82
N LYS N 102 45.42 7.07 -32.56
CA LYS N 102 45.12 7.06 -33.99
C LYS N 102 46.03 6.10 -34.74
N ALA N 103 47.32 6.10 -34.44
CA ALA N 103 48.24 5.18 -35.08
C ALA N 103 47.89 3.73 -34.76
N ALA N 104 47.51 3.45 -33.52
CA ALA N 104 47.12 2.09 -33.15
C ALA N 104 45.83 1.66 -33.86
N ILE N 105 44.87 2.57 -34.00
CA ILE N 105 43.64 2.24 -34.73
C ILE N 105 43.96 1.94 -36.19
N ALA N 106 44.81 2.76 -36.80
CA ALA N 106 45.21 2.53 -38.18
C ALA N 106 45.90 1.18 -38.34
N TYR N 107 46.80 0.84 -37.41
CA TYR N 107 47.49 -0.44 -37.50
C TYR N 107 46.54 -1.61 -37.31
N CYS N 108 45.61 -1.49 -36.35
CA CYS N 108 44.63 -2.55 -36.14
C CYS N 108 43.76 -2.75 -37.37
N GLU N 109 43.47 -1.67 -38.09
CA GLU N 109 42.83 -1.81 -39.40
C GLU N 109 43.73 -2.54 -40.38
N SER N 110 45.02 -2.23 -40.37
CA SER N 110 45.94 -2.80 -41.36
C SER N 110 46.02 -4.32 -41.22
N VAL N 111 46.08 -4.84 -40.00
CA VAL N 111 46.25 -6.27 -39.77
C VAL N 111 44.94 -6.96 -39.43
N GLY N 112 43.82 -6.23 -39.45
CA GLY N 112 42.53 -6.84 -39.24
C GLY N 112 42.21 -7.26 -37.82
N ASP N 113 42.65 -6.50 -36.83
CA ASP N 113 42.25 -6.72 -35.43
C ASP N 113 41.13 -5.74 -35.08
N TYR N 114 39.92 -6.13 -35.47
CA TYR N 114 38.81 -5.18 -35.47
C TYR N 114 38.25 -4.96 -34.07
N ALA N 115 38.27 -5.98 -33.22
CA ALA N 115 37.81 -5.79 -31.84
C ALA N 115 38.71 -4.80 -31.09
N SER N 116 40.03 -4.92 -31.27
CA SER N 116 40.94 -3.94 -30.69
C SER N 116 40.70 -2.55 -31.25
N ARG N 117 40.40 -2.46 -32.55
CA ARG N 117 40.09 -1.16 -33.13
C ARG N 117 38.84 -0.56 -32.50
N GLU N 118 37.81 -1.36 -32.27
CA GLU N 118 36.61 -0.84 -31.63
C GLU N 118 36.90 -0.36 -30.21
N LEU N 119 37.70 -1.12 -29.46
CA LEU N 119 38.09 -0.70 -28.13
C LEU N 119 38.82 0.64 -28.16
N LEU N 120 39.82 0.76 -29.06
CA LEU N 120 40.59 1.99 -29.15
C LEU N 120 39.74 3.14 -29.66
N GLU N 121 38.73 2.86 -30.49
CA GLU N 121 37.82 3.89 -30.94
C GLU N 121 37.00 4.44 -29.79
N ASP N 122 36.50 3.56 -28.92
CA ASP N 122 35.79 4.02 -27.74
C ASP N 122 36.70 4.88 -26.86
N ILE N 123 37.95 4.43 -26.67
CA ILE N 123 38.89 5.20 -25.87
C ILE N 123 39.14 6.58 -26.48
N LEU N 124 39.31 6.62 -27.80
CA LEU N 124 39.56 7.88 -28.49
C LEU N 124 38.37 8.83 -28.39
N GLU N 125 37.15 8.28 -28.50
CA GLU N 125 35.97 9.11 -28.34
C GLU N 125 35.89 9.70 -26.94
N SER N 126 36.29 8.94 -25.92
CA SER N 126 36.34 9.50 -24.58
C SER N 126 37.41 10.59 -24.47
N GLU N 127 38.59 10.34 -25.04
CA GLU N 127 39.67 11.33 -24.93
C GLU N 127 39.30 12.64 -25.61
N GLU N 128 38.61 12.56 -26.75
CA GLU N 128 38.15 13.77 -27.41
C GLU N 128 37.16 14.56 -26.57
N ASP N 129 36.27 13.88 -25.85
CA ASP N 129 35.36 14.55 -24.93
C ASP N 129 36.11 15.26 -23.80
N HIS N 130 37.12 14.59 -23.23
CA HIS N 130 37.94 15.27 -22.21
C HIS N 130 38.65 16.49 -22.80
N ILE N 131 39.16 16.38 -24.03
CA ILE N 131 39.79 17.53 -24.67
C ILE N 131 38.79 18.67 -24.85
N ASP N 132 37.57 18.34 -25.28
CA ASP N 132 36.54 19.35 -25.45
C ASP N 132 36.23 20.05 -24.13
N TRP N 133 36.12 19.28 -23.05
CA TRP N 133 35.84 19.87 -21.75
C TRP N 133 36.97 20.81 -21.31
N LEU N 134 38.21 20.37 -21.47
CA LEU N 134 39.35 21.19 -21.05
C LEU N 134 39.42 22.48 -21.87
N GLU N 135 39.20 22.39 -23.18
CA GLU N 135 39.20 23.58 -24.01
C GLU N 135 38.07 24.53 -23.65
N THR N 136 36.88 23.98 -23.34
CA THR N 136 35.77 24.82 -22.91
C THR N 136 36.09 25.53 -21.60
N GLN N 137 36.73 24.83 -20.67
CA GLN N 137 37.10 25.46 -19.40
C GLN N 137 38.10 26.59 -19.61
N LEU N 138 39.10 26.36 -20.47
CA LEU N 138 40.08 27.42 -20.72
C LEU N 138 39.43 28.62 -21.42
N ASP N 139 38.53 28.36 -22.36
CA ASP N 139 37.81 29.45 -23.01
C ASP N 139 36.93 30.21 -22.03
N LEU N 140 36.29 29.51 -21.10
CA LEU N 140 35.50 30.19 -20.07
C LEU N 140 36.39 31.04 -19.18
N ILE N 141 37.59 30.54 -18.85
CA ILE N 141 38.53 31.35 -18.07
C ILE N 141 38.87 32.63 -18.82
N ASP N 142 39.15 32.52 -20.11
CA ASP N 142 39.45 33.70 -20.91
C ASP N 142 38.25 34.61 -21.14
N LYS N 143 37.04 34.09 -21.00
CA LYS N 143 35.82 34.84 -21.25
C LYS N 143 35.32 35.60 -20.02
N ILE N 144 35.31 34.95 -18.85
CA ILE N 144 34.73 35.55 -17.65
C ILE N 144 35.78 35.95 -16.62
N GLY N 145 37.04 35.61 -16.82
CA GLY N 145 38.06 35.98 -15.88
C GLY N 145 38.40 34.86 -14.92
N LEU N 146 39.62 34.91 -14.38
CA LEU N 146 40.08 33.87 -13.46
C LEU N 146 39.30 33.89 -12.16
N GLU N 147 39.10 35.09 -11.58
CA GLU N 147 38.42 35.19 -10.29
C GLU N 147 36.96 34.74 -10.41
N ASN N 148 36.27 35.15 -11.47
CA ASN N 148 34.89 34.71 -11.68
C ASN N 148 34.83 33.21 -11.91
N TYR N 149 35.77 32.67 -12.68
CA TYR N 149 35.77 31.23 -12.96
C TYR N 149 36.00 30.42 -11.70
N LEU N 150 36.95 30.84 -10.86
CA LEU N 150 37.27 30.09 -9.66
C LEU N 150 36.13 30.11 -8.66
N GLN N 151 35.34 31.19 -8.65
CA GLN N 151 34.19 31.26 -7.77
C GLN N 151 33.15 30.21 -8.14
N SER N 152 32.94 30.00 -9.44
CA SER N 152 31.98 29.01 -9.90
C SER N 152 32.43 27.59 -9.60
N GLN N 153 33.71 27.36 -9.31
CA GLN N 153 34.21 26.05 -8.95
C GLN N 153 34.17 25.78 -7.46
N MET N 154 33.77 26.77 -6.66
CA MET N 154 33.70 26.58 -5.21
C MET N 154 32.67 25.52 -4.84
N ASP N 155 31.50 25.57 -5.47
CA ASP N 155 30.44 24.62 -5.16
C ASP N 155 29.89 23.98 -6.44
N MET O 1 36.14 6.60 39.48
CA MET O 1 37.53 6.17 39.41
C MET O 1 38.47 7.35 39.60
N LYS O 2 39.43 7.20 40.52
CA LYS O 2 40.40 8.26 40.76
C LYS O 2 41.34 8.40 39.58
N GLY O 3 41.54 9.64 39.12
CA GLY O 3 42.47 9.93 38.06
C GLY O 3 43.71 10.64 38.57
N ASP O 4 44.62 10.90 37.63
CA ASP O 4 45.85 11.61 37.96
C ASP O 4 45.57 13.10 38.00
N LYS O 5 46.13 13.79 38.99
CA LYS O 5 45.83 15.20 39.18
C LYS O 5 46.29 16.04 38.00
N ILE O 6 47.47 15.75 37.45
CA ILE O 6 47.98 16.52 36.33
C ILE O 6 47.11 16.30 35.10
N VAL O 7 46.59 15.09 34.93
CA VAL O 7 45.64 14.84 33.83
C VAL O 7 44.40 15.70 34.01
N ILE O 8 43.93 15.84 35.25
CA ILE O 8 42.78 16.71 35.53
C ILE O 8 43.10 18.15 35.18
N GLN O 9 44.29 18.62 35.54
CA GLN O 9 44.67 19.99 35.20
C GLN O 9 44.73 20.21 33.69
N HIS O 10 45.28 19.25 32.96
CA HIS O 10 45.32 19.35 31.50
C HIS O 10 43.92 19.38 30.91
N LEU O 11 43.04 18.51 31.41
CA LEU O 11 41.67 18.47 30.92
C LEU O 11 40.94 19.78 31.22
N ASN O 12 41.22 20.38 32.38
CA ASN O 12 40.61 21.67 32.72
C ASN O 12 41.13 22.77 31.80
N LYS O 13 42.43 22.74 31.47
CA LYS O 13 42.97 23.71 30.53
C LYS O 13 42.30 23.58 29.16
N ILE O 14 42.15 22.36 28.67
CA ILE O 14 41.50 22.15 27.38
C ILE O 14 40.04 22.60 27.46
N LEU O 15 39.38 22.35 28.58
CA LEU O 15 37.99 22.75 28.74
C LEU O 15 37.85 24.27 28.70
N GLY O 16 38.77 24.99 29.35
CA GLY O 16 38.74 26.44 29.28
C GLY O 16 38.95 26.95 27.87
N ASN O 17 39.89 26.35 27.14
CA ASN O 17 40.09 26.72 25.75
C ASN O 17 38.83 26.47 24.93
N GLU O 18 38.14 25.35 25.19
CA GLU O 18 36.93 25.04 24.46
C GLU O 18 35.82 26.03 24.77
N LEU O 19 35.73 26.48 26.03
CA LEU O 19 34.72 27.49 26.36
C LEU O 19 35.01 28.81 25.64
N ILE O 20 36.28 29.21 25.60
CA ILE O 20 36.67 30.40 24.85
C ILE O 20 36.24 30.26 23.40
N ALA O 21 36.53 29.10 22.80
CA ALA O 21 36.15 28.86 21.40
C ALA O 21 34.64 28.90 21.22
N ILE O 22 33.89 28.33 22.17
CA ILE O 22 32.44 28.33 22.09
C ILE O 22 31.92 29.76 22.01
N ASN O 23 32.34 30.61 22.94
CA ASN O 23 31.83 31.98 22.95
C ASN O 23 32.25 32.74 21.71
N GLN O 24 33.52 32.65 21.32
CA GLN O 24 33.98 33.40 20.15
C GLN O 24 33.28 32.94 18.89
N TYR O 25 33.12 31.63 18.72
CA TYR O 25 32.50 31.11 17.50
C TYR O 25 31.02 31.45 17.45
N PHE O 26 30.32 31.41 18.59
CA PHE O 26 28.91 31.77 18.57
C PHE O 26 28.74 33.25 18.23
N LEU O 27 29.57 34.10 18.81
CA LEU O 27 29.48 35.53 18.50
C LEU O 27 29.78 35.79 17.03
N HIS O 28 30.81 35.15 16.49
CA HIS O 28 31.13 35.33 15.07
C HIS O 28 30.01 34.81 14.18
N ALA O 29 29.44 33.65 14.54
CA ALA O 29 28.35 33.09 13.76
C ALA O 29 27.16 34.03 13.72
N ARG O 30 26.77 34.57 14.87
CA ARG O 30 25.63 35.45 14.91
C ARG O 30 25.92 36.81 14.27
N MET O 31 27.18 37.23 14.23
CA MET O 31 27.51 38.48 13.53
C MET O 31 27.55 38.26 12.02
N TYR O 32 27.83 37.03 11.58
CA TYR O 32 27.79 36.71 10.16
C TYR O 32 26.36 36.76 9.63
N GLU O 33 25.42 36.15 10.35
CA GLU O 33 24.02 36.13 9.90
C GLU O 33 23.44 37.53 9.87
N ASP O 34 23.90 38.40 10.78
CA ASP O 34 23.40 39.77 10.81
C ASP O 34 23.78 40.54 9.55
N TRP O 35 24.94 40.22 8.95
CA TRP O 35 25.39 40.89 7.74
C TRP O 35 24.75 40.33 6.48
N GLY O 36 24.00 39.24 6.58
CA GLY O 36 23.44 38.60 5.41
C GLY O 36 24.26 37.48 4.83
N LEU O 37 25.26 36.99 5.57
CA LEU O 37 26.11 35.90 5.12
C LEU O 37 25.65 34.60 5.76
N GLU O 38 24.60 34.02 5.18
CA GLU O 38 23.96 32.85 5.76
C GLU O 38 24.91 31.65 5.77
N LYS O 39 25.67 31.45 4.70
CA LYS O 39 26.51 30.26 4.59
C LYS O 39 27.64 30.27 5.61
N LEU O 40 28.36 31.40 5.70
CA LEU O 40 29.44 31.52 6.66
C LEU O 40 28.91 31.47 8.09
N GLY O 41 27.77 32.12 8.33
CA GLY O 41 27.18 32.05 9.65
C GLY O 41 26.77 30.64 10.05
N LYS O 42 26.22 29.89 9.10
CA LYS O 42 25.83 28.52 9.38
C LYS O 42 27.04 27.66 9.69
N HIS O 43 28.13 27.82 8.92
CA HIS O 43 29.32 27.02 9.20
C HIS O 43 29.93 27.39 10.55
N GLU O 44 29.96 28.69 10.88
CA GLU O 44 30.46 29.10 12.19
C GLU O 44 29.58 28.57 13.32
N TYR O 45 28.26 28.55 13.12
CA TYR O 45 27.36 27.99 14.11
C TYR O 45 27.63 26.50 14.31
N HIS O 46 27.85 25.76 13.22
CA HIS O 46 28.18 24.35 13.34
C HIS O 46 29.49 24.15 14.08
N GLU O 47 30.49 24.98 13.79
CA GLU O 47 31.76 24.90 14.50
C GLU O 47 31.57 25.17 16.00
N SER O 48 30.73 26.15 16.33
CA SER O 48 30.46 26.45 17.73
C SER O 48 29.78 25.29 18.43
N ILE O 49 28.84 24.63 17.74
CA ILE O 49 28.17 23.47 18.32
C ILE O 49 29.16 22.33 18.54
N ASP O 50 30.09 22.16 17.59
CA ASP O 50 31.13 21.14 17.77
C ASP O 50 32.01 21.45 18.97
N GLU O 51 32.36 22.72 19.16
CA GLU O 51 33.13 23.10 20.35
C GLU O 51 32.33 22.84 21.62
N MET O 52 31.01 23.07 21.57
CA MET O 52 30.16 22.79 22.72
C MET O 52 30.18 21.31 23.06
N LYS O 53 30.09 20.45 22.04
CA LYS O 53 30.16 19.01 22.28
C LYS O 53 31.52 18.59 22.82
N HIS O 54 32.59 19.20 22.34
CA HIS O 54 33.92 18.94 22.90
C HIS O 54 33.98 19.31 24.37
N ALA O 55 33.42 20.46 24.73
CA ALA O 55 33.41 20.88 26.13
C ALA O 55 32.60 19.92 26.98
N ASP O 56 31.46 19.46 26.45
CA ASP O 56 30.64 18.48 27.17
C ASP O 56 31.41 17.19 27.40
N LYS O 57 32.12 16.71 26.38
CA LYS O 57 32.91 15.49 26.50
C LYS O 57 33.99 15.65 27.55
N LEU O 58 34.66 16.80 27.55
CA LEU O 58 35.69 17.07 28.55
C LEU O 58 35.11 17.12 29.96
N ILE O 59 33.93 17.73 30.11
CA ILE O 59 33.29 17.80 31.42
C ILE O 59 32.95 16.40 31.91
N LYS O 60 32.42 15.56 31.01
CA LYS O 60 32.10 14.19 31.38
C LYS O 60 33.35 13.42 31.81
N ARG O 61 34.45 13.59 31.07
CA ARG O 61 35.68 12.90 31.42
C ARG O 61 36.23 13.36 32.76
N ILE O 62 36.18 14.67 33.02
CA ILE O 62 36.68 15.20 34.28
C ILE O 62 35.82 14.68 35.44
N LEU O 63 34.50 14.66 35.26
CA LEU O 63 33.63 14.17 36.33
C LEU O 63 33.83 12.68 36.58
N PHE O 64 34.09 11.90 35.51
CA PHE O 64 34.37 10.49 35.68
C PHE O 64 35.64 10.27 36.49
N LEU O 65 36.67 11.07 36.25
CA LEU O 65 37.93 10.95 36.97
C LEU O 65 37.89 11.57 38.36
N GLU O 66 36.69 11.82 38.90
CA GLU O 66 36.52 12.39 40.24
C GLU O 66 37.21 13.73 40.38
N GLY O 67 37.17 14.54 39.32
CA GLY O 67 37.70 15.87 39.33
C GLY O 67 36.60 16.92 39.38
N LEU O 68 37.03 18.18 39.34
CA LEU O 68 36.12 19.32 39.39
C LEU O 68 36.27 20.17 38.13
N PRO O 69 35.31 20.13 37.21
CA PRO O 69 35.40 20.98 36.02
C PRO O 69 35.45 22.46 36.38
N ASN O 70 36.25 23.21 35.63
CA ASN O 70 36.46 24.63 35.86
C ASN O 70 35.83 25.41 34.71
N LEU O 71 34.54 25.71 34.83
CA LEU O 71 33.84 26.54 33.86
C LEU O 71 33.81 28.01 34.27
N GLN O 72 34.36 28.35 35.42
CA GLN O 72 34.31 29.72 35.91
C GLN O 72 35.26 30.64 35.15
N GLU O 73 36.42 30.14 34.73
CA GLU O 73 37.43 30.94 34.08
C GLU O 73 37.16 31.01 32.59
N LEU O 74 36.80 32.18 32.10
CA LEU O 74 36.66 32.46 30.67
C LEU O 74 37.71 33.48 30.27
N GLY O 75 38.57 33.11 29.33
CA GLY O 75 39.66 33.98 28.93
C GLY O 75 39.23 34.98 27.86
N LYS O 76 40.24 35.68 27.34
CA LYS O 76 40.00 36.72 26.35
C LYS O 76 39.56 36.11 25.03
N LEU O 77 38.45 36.61 24.49
CA LEU O 77 38.02 36.21 23.15
C LEU O 77 38.66 37.10 22.11
N LEU O 78 38.94 36.51 20.94
CA LEU O 78 39.52 37.22 19.81
C LEU O 78 38.39 37.55 18.84
N ILE O 79 37.67 38.63 19.13
CA ILE O 79 36.51 39.01 18.33
C ILE O 79 36.95 39.95 17.22
N GLY O 80 36.55 39.62 15.99
CA GLY O 80 36.86 40.42 14.82
C GLY O 80 35.69 41.31 14.43
N GLU O 81 35.96 42.21 13.48
CA GLU O 81 34.97 43.16 13.02
C GLU O 81 34.67 43.08 11.53
N HIS O 82 35.51 42.42 10.74
CA HIS O 82 35.21 42.17 9.34
C HIS O 82 35.60 40.74 9.01
N THR O 83 34.97 40.18 7.98
CA THR O 83 35.01 38.75 7.71
C THR O 83 36.42 38.17 7.70
N LYS O 84 37.33 38.84 6.98
CA LYS O 84 38.72 38.39 6.98
C LYS O 84 39.32 38.43 8.37
N GLU O 85 39.03 39.50 9.12
CA GLU O 85 39.58 39.65 10.46
C GLU O 85 39.12 38.54 11.38
N MET O 86 37.84 38.18 11.34
CA MET O 86 37.33 37.17 12.25
C MET O 86 37.73 35.76 11.81
N LEU O 87 37.87 35.53 10.49
CA LEU O 87 38.45 34.27 10.05
C LEU O 87 39.88 34.12 10.55
N GLU O 88 40.67 35.19 10.48
CA GLU O 88 42.02 35.14 11.02
C GLU O 88 42.03 34.95 12.53
N CYS O 89 41.09 35.58 13.23
CA CYS O 89 40.99 35.39 14.69
C CYS O 89 40.67 33.95 15.04
N ASP O 90 39.73 33.33 14.32
CA ASP O 90 39.43 31.92 14.55
C ASP O 90 40.64 31.05 14.27
N LEU O 91 41.38 31.36 13.19
CA LEU O 91 42.58 30.59 12.88
C LEU O 91 43.62 30.73 13.98
N LYS O 92 43.80 31.94 14.50
CA LYS O 92 44.75 32.15 15.60
C LYS O 92 44.33 31.40 16.85
N LEU O 93 43.04 31.40 17.16
CA LEU O 93 42.54 30.66 18.32
C LEU O 93 42.82 29.16 18.16
N GLU O 94 42.53 28.62 16.98
CA GLU O 94 42.76 27.19 16.77
C GLU O 94 44.24 26.84 16.83
N GLN O 95 45.09 27.70 16.25
CA GLN O 95 46.53 27.43 16.28
C GLN O 95 47.07 27.51 17.71
N ALA O 96 46.57 28.46 18.50
CA ALA O 96 46.99 28.57 19.89
C ALA O 96 46.49 27.42 20.75
N GLY O 97 45.34 26.83 20.39
CA GLY O 97 44.82 25.71 21.14
C GLY O 97 45.50 24.38 20.87
N LEU O 98 46.23 24.27 19.76
CA LEU O 98 46.86 23.00 19.40
C LEU O 98 47.92 22.55 20.40
N PRO O 99 48.89 23.39 20.82
CA PRO O 99 49.96 22.86 21.68
C PRO O 99 49.46 22.27 22.99
N ASP O 100 48.38 22.83 23.55
CA ASP O 100 47.84 22.28 24.80
C ASP O 100 47.32 20.87 24.60
N LEU O 101 46.59 20.63 23.49
CA LEU O 101 46.09 19.30 23.21
C LEU O 101 47.22 18.30 23.02
N LYS O 102 48.26 18.71 22.28
CA LYS O 102 49.40 17.81 22.05
C LYS O 102 50.13 17.50 23.34
N ALA O 103 50.35 18.50 24.20
CA ALA O 103 50.97 18.27 25.49
C ALA O 103 50.12 17.35 26.37
N ALA O 104 48.80 17.53 26.35
CA ALA O 104 47.92 16.67 27.13
C ALA O 104 47.99 15.23 26.63
N ILE O 105 48.01 15.04 25.31
CA ILE O 105 48.11 13.70 24.75
C ILE O 105 49.45 13.06 25.13
N ALA O 106 50.53 13.83 25.06
CA ALA O 106 51.84 13.31 25.44
C ALA O 106 51.85 12.89 26.91
N TYR O 107 51.27 13.72 27.79
CA TYR O 107 51.24 13.36 29.21
C TYR O 107 50.38 12.13 29.46
N CYS O 108 49.23 12.02 28.78
CA CYS O 108 48.39 10.85 28.94
C CYS O 108 49.10 9.59 28.46
N GLU O 109 49.90 9.70 27.40
CA GLU O 109 50.77 8.58 27.03
C GLU O 109 51.77 8.26 28.12
N SER O 110 52.37 9.30 28.71
CA SER O 110 53.41 9.08 29.72
C SER O 110 52.88 8.38 30.95
N VAL O 111 51.70 8.75 31.44
CA VAL O 111 51.15 8.18 32.67
C VAL O 111 50.17 7.05 32.40
N GLY O 112 49.91 6.71 31.15
CA GLY O 112 49.07 5.57 30.86
C GLY O 112 47.58 5.79 30.98
N ASP O 113 47.11 7.02 30.83
CA ASP O 113 45.67 7.30 30.80
C ASP O 113 45.23 7.30 29.34
N TYR O 114 44.90 6.11 28.84
CA TYR O 114 44.73 5.93 27.41
C TYR O 114 43.36 6.34 26.92
N ALA O 115 42.32 6.20 27.76
CA ALA O 115 40.99 6.65 27.35
C ALA O 115 40.95 8.16 27.17
N SER O 116 41.55 8.89 28.11
CA SER O 116 41.68 10.33 27.95
C SER O 116 42.50 10.68 26.72
N ARG O 117 43.52 9.88 26.42
CA ARG O 117 44.31 10.11 25.23
C ARG O 117 43.48 9.96 23.96
N GLU O 118 42.62 8.94 23.91
CA GLU O 118 41.76 8.77 22.74
C GLU O 118 40.77 9.92 22.62
N LEU O 119 40.21 10.36 23.75
CA LEU O 119 39.32 11.53 23.73
C LEU O 119 40.03 12.76 23.17
N LEU O 120 41.23 13.04 23.68
CA LEU O 120 41.97 14.21 23.20
C LEU O 120 42.42 14.05 21.76
N GLU O 121 42.66 12.81 21.32
CA GLU O 121 42.99 12.59 19.91
C GLU O 121 41.81 12.94 19.01
N ASP O 122 40.60 12.53 19.40
CA ASP O 122 39.42 12.91 18.63
C ASP O 122 39.25 14.43 18.60
N ILE O 123 39.45 15.08 19.75
CA ILE O 123 39.33 16.54 19.81
C ILE O 123 40.37 17.20 18.90
N LEU O 124 41.60 16.68 18.93
CA LEU O 124 42.68 17.23 18.12
C LEU O 124 42.38 17.07 16.63
N GLU O 125 41.84 15.91 16.24
CA GLU O 125 41.46 15.71 14.84
C GLU O 125 40.41 16.72 14.42
N SER O 126 39.41 16.97 15.27
CA SER O 126 38.40 17.97 14.95
C SER O 126 39.02 19.36 14.81
N GLU O 127 39.92 19.72 15.73
CA GLU O 127 40.54 21.05 15.65
C GLU O 127 41.36 21.19 14.38
N GLU O 128 42.06 20.13 13.99
CA GLU O 128 42.81 20.16 12.73
C GLU O 128 41.89 20.33 11.53
N ASP O 129 40.72 19.68 11.55
CA ASP O 129 39.76 19.86 10.46
C ASP O 129 39.29 21.32 10.37
N HIS O 130 38.98 21.92 11.53
CA HIS O 130 38.60 23.33 11.54
C HIS O 130 39.73 24.22 11.03
N ILE O 131 40.98 23.91 11.40
CA ILE O 131 42.11 24.68 10.90
C ILE O 131 42.20 24.58 9.38
N ASP O 132 42.03 23.37 8.85
CA ASP O 132 42.06 23.18 7.40
C ASP O 132 40.98 24.01 6.72
N TRP O 133 39.77 24.01 7.29
CA TRP O 133 38.68 24.78 6.69
C TRP O 133 38.99 26.27 6.70
N LEU O 134 39.52 26.77 7.82
CA LEU O 134 39.81 28.20 7.93
C LEU O 134 40.89 28.62 6.94
N GLU O 135 41.96 27.81 6.83
CA GLU O 135 43.02 28.12 5.88
C GLU O 135 42.51 28.06 4.46
N THR O 136 41.65 27.09 4.15
CA THR O 136 41.06 27.02 2.82
C THR O 136 40.23 28.26 2.51
N GLN O 137 39.45 28.73 3.49
CA GLN O 137 38.65 29.93 3.27
C GLN O 137 39.53 31.15 3.04
N LEU O 138 40.60 31.30 3.82
CA LEU O 138 41.48 32.46 3.63
C LEU O 138 42.19 32.40 2.27
N ASP O 139 42.63 31.21 1.86
CA ASP O 139 43.26 31.07 0.55
C ASP O 139 42.28 31.34 -0.57
N LEU O 140 41.01 30.93 -0.39
CA LEU O 140 39.99 31.24 -1.39
C LEU O 140 39.73 32.73 -1.47
N ILE O 141 39.76 33.43 -0.33
CA ILE O 141 39.64 34.89 -0.35
C ILE O 141 40.78 35.49 -1.15
N ASP O 142 42.00 35.00 -0.92
CA ASP O 142 43.15 35.53 -1.67
C ASP O 142 43.08 35.17 -3.15
N LYS O 143 42.42 34.06 -3.49
CA LYS O 143 42.37 33.61 -4.88
C LYS O 143 41.30 34.34 -5.69
N ILE O 144 40.08 34.40 -5.16
CA ILE O 144 38.95 34.93 -5.93
C ILE O 144 38.56 36.34 -5.52
N GLY O 145 39.16 36.90 -4.50
CA GLY O 145 38.85 38.26 -4.11
C GLY O 145 37.81 38.32 -3.01
N LEU O 146 37.82 39.42 -2.25
CA LEU O 146 36.89 39.57 -1.15
C LEU O 146 35.45 39.71 -1.62
N GLU O 147 35.22 40.50 -2.67
CA GLU O 147 33.86 40.73 -3.14
C GLU O 147 33.25 39.45 -3.69
N ASN O 148 34.01 38.70 -4.47
CA ASN O 148 33.51 37.42 -4.98
C ASN O 148 33.28 36.43 -3.84
N TYR O 149 34.18 36.39 -2.87
CA TYR O 149 34.05 35.45 -1.76
C TYR O 149 32.81 35.74 -0.94
N LEU O 150 32.58 37.03 -0.62
CA LEU O 150 31.43 37.39 0.21
C LEU O 150 30.11 37.14 -0.50
N GLN O 151 30.10 37.24 -1.84
CA GLN O 151 28.89 36.93 -2.58
C GLN O 151 28.51 35.46 -2.46
N SER O 152 29.51 34.57 -2.48
CA SER O 152 29.23 33.15 -2.36
C SER O 152 28.75 32.77 -0.96
N GLN O 153 28.95 33.64 0.03
CA GLN O 153 28.50 33.38 1.39
C GLN O 153 27.05 33.81 1.61
N MET O 154 26.43 34.42 0.62
CA MET O 154 25.02 34.77 0.72
C MET O 154 24.15 33.55 0.46
N ASP O 155 23.17 33.34 1.34
CA ASP O 155 22.19 32.24 1.24
C ASP O 155 22.85 30.86 1.37
N MET P 1 19.22 48.70 12.47
CA MET P 1 18.49 49.78 13.13
C MET P 1 19.19 50.19 14.42
N LYS P 2 19.38 51.50 14.60
CA LYS P 2 20.02 52.00 15.81
C LYS P 2 19.03 51.95 16.96
N GLY P 3 19.46 51.35 18.09
CA GLY P 3 18.64 51.28 19.27
C GLY P 3 19.12 52.23 20.37
N ASP P 4 18.37 52.23 21.46
CA ASP P 4 18.71 53.06 22.62
C ASP P 4 19.87 52.41 23.36
N LYS P 5 20.84 53.22 23.79
CA LYS P 5 22.04 52.70 24.44
C LYS P 5 21.73 51.99 25.75
N ILE P 6 20.84 52.58 26.55
CA ILE P 6 20.47 51.96 27.82
C ILE P 6 19.72 50.65 27.61
N VAL P 7 18.91 50.55 26.57
CA VAL P 7 18.27 49.28 26.24
C VAL P 7 19.32 48.23 25.91
N ILE P 8 20.36 48.62 25.17
CA ILE P 8 21.43 47.69 24.85
C ILE P 8 22.18 47.28 26.10
N GLN P 9 22.37 48.21 27.05
CA GLN P 9 23.03 47.87 28.31
C GLN P 9 22.20 46.87 29.10
N HIS P 10 20.89 47.06 29.15
CA HIS P 10 20.02 46.11 29.85
C HIS P 10 20.08 44.74 29.18
N LEU P 11 20.06 44.73 27.85
CA LEU P 11 20.13 43.46 27.12
C LEU P 11 21.45 42.76 27.39
N ASN P 12 22.54 43.53 27.47
CA ASN P 12 23.85 42.94 27.77
C ASN P 12 23.88 42.36 29.17
N LYS P 13 23.26 43.05 30.13
CA LYS P 13 23.20 42.53 31.50
C LYS P 13 22.41 41.21 31.55
N ILE P 14 21.27 41.17 30.86
CA ILE P 14 20.49 39.93 30.82
C ILE P 14 21.27 38.83 30.12
N LEU P 15 22.03 39.18 29.07
CA LEU P 15 22.85 38.20 28.38
C LEU P 15 23.93 37.63 29.29
N GLY P 16 24.54 38.48 30.11
CA GLY P 16 25.51 37.98 31.08
C GLY P 16 24.89 37.05 32.09
N ASN P 17 23.69 37.38 32.57
CA ASN P 17 22.98 36.48 33.48
C ASN P 17 22.70 35.14 32.82
N GLU P 18 22.28 35.17 31.55
CA GLU P 18 22.01 33.93 30.82
C GLU P 18 23.29 33.12 30.63
N LEU P 19 24.41 33.80 30.39
CA LEU P 19 25.69 33.10 30.27
C LEU P 19 26.06 32.41 31.56
N ILE P 20 25.83 33.07 32.70
CA ILE P 20 26.08 32.44 34.00
C ILE P 20 25.21 31.19 34.15
N ALA P 21 23.92 31.35 33.81
CA ALA P 21 22.96 30.25 33.98
C ALA P 21 23.32 29.06 33.11
N ILE P 22 23.81 29.33 31.90
CA ILE P 22 24.17 28.24 30.98
C ILE P 22 25.22 27.34 31.61
N ASN P 23 26.31 27.94 32.09
CA ASN P 23 27.40 27.17 32.67
C ASN P 23 26.96 26.46 33.93
N GLN P 24 26.25 27.17 34.81
CA GLN P 24 25.83 26.56 36.06
C GLN P 24 24.91 25.36 35.81
N TYR P 25 23.92 25.53 34.93
CA TYR P 25 22.98 24.46 34.66
C TYR P 25 23.65 23.29 33.97
N PHE P 26 24.57 23.56 33.03
CA PHE P 26 25.24 22.45 32.36
C PHE P 26 26.12 21.65 33.32
N LEU P 27 26.86 22.33 34.20
CA LEU P 27 27.68 21.61 35.16
C LEU P 27 26.81 20.81 36.12
N HIS P 28 25.69 21.40 36.58
CA HIS P 28 24.78 20.66 37.45
C HIS P 28 24.20 19.45 36.75
N ALA P 29 23.80 19.61 35.47
CA ALA P 29 23.25 18.49 34.72
C ALA P 29 24.26 17.37 34.57
N ARG P 30 25.51 17.71 34.23
CA ARG P 30 26.53 16.69 34.09
C ARG P 30 26.90 16.04 35.41
N MET P 31 26.80 16.76 36.53
CA MET P 31 27.08 16.13 37.82
C MET P 31 25.92 15.26 38.28
N TYR P 32 24.69 15.58 37.84
CA TYR P 32 23.56 14.71 38.14
C TYR P 32 23.66 13.37 37.42
N GLU P 33 23.95 13.40 36.12
CA GLU P 33 24.05 12.17 35.36
C GLU P 33 25.23 11.32 35.82
N ASP P 34 26.25 11.95 36.40
CA ASP P 34 27.39 11.20 36.92
C ASP P 34 27.02 10.36 38.12
N TRP P 35 26.07 10.79 38.94
CA TRP P 35 25.65 10.05 40.12
C TRP P 35 24.60 9.00 39.83
N GLY P 36 24.11 8.92 38.60
CA GLY P 36 23.06 7.98 38.26
C GLY P 36 21.66 8.55 38.27
N LEU P 37 21.51 9.84 38.55
CA LEU P 37 20.21 10.50 38.56
C LEU P 37 19.90 11.03 37.16
N GLU P 38 19.40 10.12 36.32
CA GLU P 38 19.17 10.44 34.91
C GLU P 38 18.04 11.46 34.73
N LYS P 39 17.01 11.36 35.55
CA LYS P 39 15.86 12.27 35.44
C LYS P 39 16.28 13.72 35.69
N LEU P 40 16.95 13.95 36.82
CA LEU P 40 17.39 15.30 37.17
C LEU P 40 18.42 15.81 36.17
N GLY P 41 19.33 14.93 35.74
CA GLY P 41 20.31 15.34 34.74
C GLY P 41 19.67 15.76 33.44
N LYS P 42 18.68 14.99 32.98
CA LYS P 42 17.99 15.33 31.74
C LYS P 42 17.24 16.65 31.87
N HIS P 43 16.56 16.87 33.00
CA HIS P 43 15.82 18.12 33.16
C HIS P 43 16.76 19.32 33.24
N GLU P 44 17.87 19.17 33.94
CA GLU P 44 18.83 20.26 34.04
C GLU P 44 19.49 20.53 32.69
N TYR P 45 19.73 19.48 31.90
CA TYR P 45 20.26 19.65 30.56
C TYR P 45 19.29 20.42 29.68
N HIS P 46 18.00 20.08 29.76
CA HIS P 46 17.00 20.81 28.99
C HIS P 46 16.91 22.26 29.42
N GLU P 47 16.96 22.52 30.73
CA GLU P 47 16.95 23.89 31.20
C GLU P 47 18.18 24.66 30.73
N SER P 48 19.35 24.01 30.72
CA SER P 48 20.56 24.65 30.22
C SER P 48 20.42 25.00 28.75
N ILE P 49 19.87 24.08 27.94
CA ILE P 49 19.66 24.36 26.52
C ILE P 49 18.68 25.52 26.34
N ASP P 50 17.66 25.59 27.18
CA ASP P 50 16.75 26.73 27.13
C ASP P 50 17.48 28.03 27.42
N GLU P 51 18.40 28.00 28.40
CA GLU P 51 19.21 29.19 28.69
C GLU P 51 20.07 29.58 27.50
N MET P 52 20.63 28.58 26.80
CA MET P 52 21.41 28.87 25.61
C MET P 52 20.56 29.52 24.54
N LYS P 53 19.33 29.04 24.35
CA LYS P 53 18.44 29.66 23.38
C LYS P 53 18.09 31.09 23.77
N HIS P 54 17.89 31.33 25.07
CA HIS P 54 17.65 32.70 25.53
C HIS P 54 18.84 33.61 25.23
N ALA P 55 20.06 33.11 25.49
CA ALA P 55 21.25 33.90 25.21
C ALA P 55 21.39 34.17 23.72
N ASP P 56 21.08 33.18 22.89
CA ASP P 56 21.13 33.37 21.44
C ASP P 56 20.15 34.45 21.01
N LYS P 57 18.92 34.40 21.54
CA LYS P 57 17.93 35.42 21.20
C LYS P 57 18.39 36.81 21.62
N LEU P 58 18.98 36.92 22.80
CA LEU P 58 19.48 38.21 23.26
C LEU P 58 20.63 38.70 22.38
N ILE P 59 21.50 37.79 21.95
CA ILE P 59 22.60 38.16 21.07
C ILE P 59 22.06 38.69 19.75
N LYS P 60 21.06 38.00 19.19
CA LYS P 60 20.45 38.47 17.95
C LYS P 60 19.82 39.85 18.13
N ARG P 61 19.13 40.06 19.25
CA ARG P 61 18.48 41.35 19.48
C ARG P 61 19.51 42.47 19.62
N ILE P 62 20.61 42.20 20.34
CA ILE P 62 21.66 43.21 20.51
C ILE P 62 22.30 43.53 19.16
N LEU P 63 22.56 42.50 18.36
CA LEU P 63 23.19 42.72 17.06
C LEU P 63 22.27 43.49 16.12
N PHE P 64 20.97 43.21 16.16
CA PHE P 64 20.02 43.96 15.35
C PHE P 64 20.00 45.43 15.75
N LEU P 65 20.06 45.71 17.05
CA LEU P 65 20.07 47.06 17.58
C LEU P 65 21.42 47.76 17.38
N GLU P 66 22.30 47.20 16.56
CA GLU P 66 23.62 47.76 16.28
C GLU P 66 24.45 47.92 17.55
N GLY P 67 24.29 47.00 18.50
CA GLY P 67 25.09 46.98 19.70
C GLY P 67 26.17 45.91 19.66
N LEU P 68 26.95 45.86 20.74
CA LEU P 68 28.05 44.91 20.85
C LEU P 68 27.75 43.92 21.98
N PRO P 69 27.41 42.67 21.67
CA PRO P 69 27.19 41.69 22.73
C PRO P 69 28.44 41.49 23.56
N ASN P 70 28.24 41.30 24.86
CA ASN P 70 29.32 41.14 25.82
C ASN P 70 29.31 39.70 26.32
N LEU P 71 30.04 38.83 25.60
CA LEU P 71 30.22 37.44 25.99
C LEU P 71 31.39 37.25 26.95
N GLN P 72 32.19 38.29 27.17
CA GLN P 72 33.41 38.14 27.94
C GLN P 72 33.13 38.00 29.43
N GLU P 73 32.18 38.78 29.94
CA GLU P 73 31.91 38.82 31.37
C GLU P 73 31.16 37.56 31.80
N LEU P 74 31.83 36.69 32.54
CA LEU P 74 31.22 35.53 33.17
C LEU P 74 31.35 35.69 34.68
N GLY P 75 30.22 35.80 35.36
CA GLY P 75 30.21 36.02 36.79
C GLY P 75 30.39 34.74 37.58
N LYS P 76 30.20 34.87 38.90
CA LYS P 76 30.39 33.75 39.82
C LYS P 76 29.36 32.67 39.54
N LEU P 77 29.82 31.42 39.51
CA LEU P 77 28.92 30.28 39.38
C LEU P 77 28.53 29.79 40.77
N LEU P 78 27.25 29.48 40.94
CA LEU P 78 26.73 28.98 42.22
C LEU P 78 26.56 27.47 42.08
N ILE P 79 27.65 26.73 42.29
CA ILE P 79 27.67 25.29 42.09
C ILE P 79 27.52 24.61 43.44
N GLY P 80 26.59 23.65 43.51
CA GLY P 80 26.40 22.87 44.72
C GLY P 80 27.13 21.54 44.68
N GLU P 81 27.09 20.85 45.81
CA GLU P 81 27.77 19.57 45.94
C GLU P 81 26.84 18.40 46.24
N HIS P 82 25.58 18.66 46.54
CA HIS P 82 24.59 17.60 46.67
C HIS P 82 23.26 18.09 46.13
N THR P 83 22.38 17.14 45.83
CA THR P 83 21.17 17.40 45.05
C THR P 83 20.35 18.56 45.62
N LYS P 84 20.08 18.54 46.92
CA LYS P 84 19.35 19.63 47.54
C LYS P 84 20.10 20.95 47.41
N GLU P 85 21.43 20.90 47.63
CA GLU P 85 22.23 22.11 47.55
C GLU P 85 22.20 22.70 46.15
N MET P 86 22.32 21.85 45.12
CA MET P 86 22.28 22.35 43.75
C MET P 86 20.90 22.87 43.38
N LEU P 87 19.84 22.23 43.88
CA LEU P 87 18.50 22.77 43.62
C LEU P 87 18.32 24.14 44.24
N GLU P 88 18.78 24.33 45.48
CA GLU P 88 18.69 25.66 46.08
C GLU P 88 19.59 26.67 45.37
N CYS P 89 20.77 26.25 44.91
CA CYS P 89 21.63 27.16 44.15
C CYS P 89 20.96 27.59 42.85
N ASP P 90 20.32 26.65 42.14
CA ASP P 90 19.62 26.98 40.91
C ASP P 90 18.45 27.92 41.19
N LEU P 91 17.70 27.65 42.26
CA LEU P 91 16.58 28.53 42.61
C LEU P 91 17.06 29.94 42.96
N LYS P 92 18.17 30.04 43.69
CA LYS P 92 18.71 31.34 44.04
C LYS P 92 19.20 32.08 42.80
N LEU P 93 19.81 31.36 41.85
CA LEU P 93 20.22 31.98 40.60
C LEU P 93 19.02 32.50 39.82
N GLU P 94 17.94 31.71 39.77
CA GLU P 94 16.73 32.14 39.07
C GLU P 94 16.13 33.39 39.71
N GLN P 95 16.05 33.41 41.04
CA GLN P 95 15.44 34.54 41.72
C GLN P 95 16.30 35.79 41.59
N ALA P 96 17.63 35.63 41.59
CA ALA P 96 18.52 36.78 41.52
C ALA P 96 18.48 37.46 40.16
N GLY P 97 18.05 36.75 39.12
CA GLY P 97 17.99 37.33 37.78
C GLY P 97 16.63 37.89 37.43
N LEU P 98 15.63 37.61 38.26
CA LEU P 98 14.29 38.11 38.01
C LEU P 98 14.19 39.63 38.06
N PRO P 99 14.73 40.33 39.07
CA PRO P 99 14.61 41.79 39.09
C PRO P 99 15.22 42.46 37.87
N ASP P 100 16.31 41.91 37.33
CA ASP P 100 16.93 42.50 36.15
C ASP P 100 16.00 42.43 34.94
N LEU P 101 15.34 41.28 34.74
CA LEU P 101 14.40 41.15 33.63
C LEU P 101 13.22 42.12 33.80
N LYS P 102 12.70 42.24 35.01
CA LYS P 102 11.57 43.14 35.24
C LYS P 102 11.96 44.59 35.00
N ALA P 103 13.15 44.98 35.47
CA ALA P 103 13.63 46.34 35.24
C ALA P 103 13.84 46.61 33.75
N ALA P 104 14.37 45.63 33.04
CA ALA P 104 14.57 45.77 31.60
C ALA P 104 13.24 45.92 30.88
N ILE P 105 12.23 45.13 31.28
CA ILE P 105 10.92 45.23 30.66
C ILE P 105 10.30 46.59 30.92
N ALA P 106 10.42 47.07 32.16
CA ALA P 106 9.87 48.38 32.50
C ALA P 106 10.55 49.49 31.70
N TYR P 107 11.87 49.43 31.56
CA TYR P 107 12.57 50.46 30.80
C TYR P 107 12.21 50.39 29.32
N CYS P 108 12.14 49.18 28.75
CA CYS P 108 11.77 49.06 27.35
C CYS P 108 10.37 49.59 27.10
N GLU P 109 9.47 49.39 28.06
CA GLU P 109 8.15 50.00 27.95
C GLU P 109 8.23 51.52 28.03
N SER P 110 9.11 52.04 28.89
CA SER P 110 9.18 53.49 29.10
C SER P 110 9.71 54.24 27.88
N VAL P 111 10.56 53.62 27.06
CA VAL P 111 11.16 54.30 25.91
C VAL P 111 10.60 53.79 24.60
N GLY P 112 9.59 52.91 24.65
CA GLY P 112 8.93 52.49 23.43
C GLY P 112 9.66 51.44 22.60
N ASP P 113 10.49 50.61 23.23
CA ASP P 113 11.11 49.48 22.54
C ASP P 113 10.28 48.22 22.83
N TYR P 114 9.20 48.09 22.05
CA TYR P 114 8.17 47.10 22.39
C TYR P 114 8.57 45.70 21.95
N ALA P 115 9.32 45.57 20.86
CA ALA P 115 9.79 44.23 20.46
C ALA P 115 10.74 43.64 21.48
N SER P 116 11.66 44.47 21.99
CA SER P 116 12.55 44.02 23.05
C SER P 116 11.75 43.65 24.30
N ARG P 117 10.69 44.41 24.61
CA ARG P 117 9.86 44.08 25.75
C ARG P 117 9.17 42.74 25.56
N GLU P 118 8.69 42.44 24.35
CA GLU P 118 8.05 41.16 24.09
C GLU P 118 9.04 40.02 24.26
N LEU P 119 10.26 40.19 23.74
CA LEU P 119 11.29 39.17 23.91
C LEU P 119 11.61 38.95 25.39
N LEU P 120 11.77 40.04 26.13
CA LEU P 120 12.09 39.93 27.55
C LEU P 120 10.93 39.33 28.33
N GLU P 121 9.69 39.57 27.90
CA GLU P 121 8.55 38.95 28.55
C GLU P 121 8.54 37.44 28.32
N ASP P 122 8.86 37.00 27.11
CA ASP P 122 8.98 35.56 26.87
C ASP P 122 10.06 34.95 27.76
N ILE P 123 11.21 35.63 27.86
CA ILE P 123 12.29 35.14 28.72
C ILE P 123 11.83 35.09 30.18
N LEU P 124 11.09 36.11 30.62
CA LEU P 124 10.62 36.16 32.00
C LEU P 124 9.66 35.02 32.29
N GLU P 125 8.77 34.71 31.34
CA GLU P 125 7.86 33.59 31.51
C GLU P 125 8.64 32.28 31.63
N SER P 126 9.67 32.10 30.80
CA SER P 126 10.47 30.90 30.91
C SER P 126 11.17 30.79 32.27
N GLU P 127 11.76 31.90 32.73
CA GLU P 127 12.40 31.89 34.04
C GLU P 127 11.41 31.59 35.16
N GLU P 128 10.20 32.12 35.08
CA GLU P 128 9.18 31.80 36.07
C GLU P 128 8.80 30.32 36.04
N ASP P 129 8.74 29.71 34.85
CA ASP P 129 8.48 28.28 34.78
C ASP P 129 9.59 27.47 35.45
N HIS P 130 10.85 27.84 35.21
CA HIS P 130 11.95 27.17 35.89
C HIS P 130 11.87 27.36 37.40
N ILE P 131 11.51 28.55 37.86
CA ILE P 131 11.36 28.80 39.29
C ILE P 131 10.28 27.90 39.88
N ASP P 132 9.16 27.79 39.18
CA ASP P 132 8.07 26.93 39.63
C ASP P 132 8.52 25.48 39.73
N TRP P 133 9.26 25.00 38.72
CA TRP P 133 9.74 23.62 38.75
C TRP P 133 10.68 23.38 39.93
N LEU P 134 11.61 24.32 40.17
CA LEU P 134 12.56 24.14 41.26
C LEU P 134 11.87 24.14 42.61
N GLU P 135 10.90 25.05 42.80
CA GLU P 135 10.16 25.08 44.06
C GLU P 135 9.34 23.82 44.25
N THR P 136 8.74 23.31 43.17
CA THR P 136 7.99 22.06 43.25
C THR P 136 8.91 20.90 43.65
N GLN P 137 10.11 20.86 43.07
CA GLN P 137 11.05 19.80 43.42
C GLN P 137 11.46 19.87 44.89
N LEU P 138 11.74 21.07 45.39
CA LEU P 138 12.12 21.21 46.80
C LEU P 138 10.97 20.82 47.72
N ASP P 139 9.75 21.22 47.37
CA ASP P 139 8.59 20.84 48.16
C ASP P 139 8.38 19.32 48.14
N LEU P 140 8.62 18.69 46.99
CA LEU P 140 8.51 17.24 46.91
C LEU P 140 9.58 16.57 47.79
N ILE P 141 10.79 17.11 47.79
CA ILE P 141 11.83 16.59 48.68
C ILE P 141 11.36 16.66 50.13
N ASP P 142 10.74 17.78 50.51
CA ASP P 142 10.22 17.91 51.86
C ASP P 142 9.11 16.90 52.15
N LYS P 143 8.23 16.67 51.16
CA LYS P 143 7.08 15.80 51.41
C LYS P 143 7.47 14.34 51.50
N ILE P 144 8.29 13.85 50.57
CA ILE P 144 8.50 12.40 50.45
C ILE P 144 9.86 12.00 51.01
N GLY P 145 10.71 12.97 51.28
CA GLY P 145 12.01 12.65 51.85
C GLY P 145 13.09 12.63 50.78
N LEU P 146 14.34 12.74 51.21
CA LEU P 146 15.45 12.78 50.28
C LEU P 146 15.64 11.43 49.57
N GLU P 147 15.53 10.33 50.32
CA GLU P 147 15.81 9.03 49.73
C GLU P 147 14.78 8.66 48.66
N ASN P 148 13.49 8.84 48.97
CA ASN P 148 12.45 8.55 47.99
C ASN P 148 12.60 9.44 46.76
N TYR P 149 12.88 10.73 46.98
CA TYR P 149 13.03 11.65 45.87
C TYR P 149 14.20 11.24 44.97
N LEU P 150 15.34 10.91 45.58
CA LEU P 150 16.51 10.51 44.79
C LEU P 150 16.27 9.19 44.08
N GLN P 151 15.47 8.30 44.68
CA GLN P 151 15.08 7.08 43.98
C GLN P 151 14.22 7.39 42.76
N SER P 152 13.33 8.37 42.88
CA SER P 152 12.47 8.73 41.76
C SER P 152 13.26 9.33 40.60
N GLN P 153 14.45 9.87 40.86
CA GLN P 153 15.29 10.45 39.83
C GLN P 153 16.26 9.44 39.22
N MET P 154 16.23 8.19 39.68
CA MET P 154 17.13 7.18 39.14
C MET P 154 16.87 6.94 37.66
N ASP P 155 15.60 6.85 37.28
CA ASP P 155 15.24 6.61 35.88
C ASP P 155 14.07 7.50 35.46
N MET Q 1 50.55 -14.55 10.81
CA MET Q 1 51.74 -13.73 11.02
C MET Q 1 52.35 -13.99 12.40
N LYS Q 2 53.66 -14.19 12.43
CA LYS Q 2 54.35 -14.40 13.69
C LYS Q 2 54.41 -13.11 14.49
N GLY Q 3 54.09 -13.21 15.78
CA GLY Q 3 54.13 -12.08 16.68
C GLY Q 3 55.16 -12.25 17.78
N ASP Q 4 55.30 -11.19 18.57
CA ASP Q 4 56.22 -11.21 19.70
C ASP Q 4 55.72 -12.16 20.77
N LYS Q 5 56.63 -12.93 21.37
CA LYS Q 5 56.24 -13.91 22.38
C LYS Q 5 55.70 -13.22 23.64
N ILE Q 6 56.32 -12.11 24.04
CA ILE Q 6 55.87 -11.40 25.22
C ILE Q 6 54.49 -10.79 25.01
N VAL Q 7 54.21 -10.32 23.79
CA VAL Q 7 52.89 -9.82 23.48
C VAL Q 7 51.85 -10.93 23.60
N ILE Q 8 52.18 -12.13 23.11
CA ILE Q 8 51.28 -13.26 23.23
C ILE Q 8 51.07 -13.64 24.69
N GLN Q 9 52.13 -13.56 25.51
CA GLN Q 9 51.99 -13.85 26.93
C GLN Q 9 51.05 -12.85 27.61
N HIS Q 10 51.20 -11.56 27.28
CA HIS Q 10 50.32 -10.54 27.84
C HIS Q 10 48.87 -10.78 27.42
N LEU Q 11 48.67 -11.12 26.14
CA LEU Q 11 47.32 -11.40 25.65
C LEU Q 11 46.73 -12.61 26.35
N ASN Q 12 47.55 -13.62 26.62
CA ASN Q 12 47.08 -14.80 27.34
C ASN Q 12 46.66 -14.46 28.77
N LYS Q 13 47.45 -13.62 29.43
CA LYS Q 13 47.09 -13.20 30.79
C LYS Q 13 45.78 -12.43 30.79
N ILE Q 14 45.61 -11.52 29.83
CA ILE Q 14 44.37 -10.75 29.73
C ILE Q 14 43.20 -11.69 29.44
N LEU Q 15 43.43 -12.71 28.61
CA LEU Q 15 42.39 -13.67 28.29
C LEU Q 15 41.97 -14.45 29.53
N GLY Q 16 42.93 -14.85 30.36
CA GLY Q 16 42.59 -15.52 31.61
C GLY Q 16 41.77 -14.64 32.53
N ASN Q 17 42.16 -13.36 32.63
CA ASN Q 17 41.36 -12.42 33.43
C ASN Q 17 39.95 -12.30 32.88
N GLU Q 18 39.81 -12.26 31.55
CA GLU Q 18 38.49 -12.15 30.93
C GLU Q 18 37.64 -13.38 31.23
N LEU Q 19 38.25 -14.57 31.20
CA LEU Q 19 37.51 -15.78 31.54
C LEU Q 19 37.03 -15.76 32.98
N ILE Q 20 37.90 -15.33 33.90
CA ILE Q 20 37.49 -15.18 35.30
C ILE Q 20 36.28 -14.23 35.39
N ALA Q 21 36.36 -13.10 34.69
CA ALA Q 21 35.27 -12.13 34.72
C ALA Q 21 33.99 -12.72 34.15
N ILE Q 22 34.10 -13.50 33.07
CA ILE Q 22 32.95 -14.16 32.45
C ILE Q 22 32.24 -15.03 33.47
N ASN Q 23 32.99 -15.92 34.13
CA ASN Q 23 32.37 -16.84 35.05
C ASN Q 23 31.73 -16.11 36.24
N GLN Q 24 32.47 -15.16 36.83
CA GLN Q 24 31.94 -14.46 37.99
C GLN Q 24 30.70 -13.66 37.64
N TYR Q 25 30.72 -12.95 36.50
CA TYR Q 25 29.59 -12.13 36.11
C TYR Q 25 28.38 -12.97 35.79
N PHE Q 26 28.57 -14.11 35.12
CA PHE Q 26 27.43 -14.97 34.83
C PHE Q 26 26.80 -15.51 36.10
N LEU Q 27 27.62 -15.96 37.05
CA LEU Q 27 27.06 -16.47 38.30
C LEU Q 27 26.32 -15.37 39.05
N HIS Q 28 26.91 -14.17 39.12
CA HIS Q 28 26.27 -13.06 39.82
C HIS Q 28 24.94 -12.70 39.15
N ALA Q 29 24.92 -12.69 37.81
CA ALA Q 29 23.69 -12.40 37.09
C ALA Q 29 22.62 -13.42 37.41
N ARG Q 30 23.00 -14.70 37.43
CA ARG Q 30 22.01 -15.74 37.72
C ARG Q 30 21.45 -15.63 39.13
N MET Q 31 22.28 -15.34 40.13
CA MET Q 31 21.72 -15.18 41.48
C MET Q 31 20.89 -13.90 41.60
N TYR Q 32 21.27 -12.84 40.88
CA TYR Q 32 20.45 -11.63 40.85
C TYR Q 32 19.07 -11.93 40.29
N GLU Q 33 18.99 -12.65 39.17
CA GLU Q 33 17.68 -13.00 38.63
C GLU Q 33 16.96 -14.00 39.53
N ASP Q 34 17.70 -14.83 40.26
CA ASP Q 34 17.06 -15.77 41.18
C ASP Q 34 16.37 -15.05 42.33
N TRP Q 35 17.00 -14.00 42.87
CA TRP Q 35 16.39 -13.26 43.97
C TRP Q 35 15.23 -12.38 43.54
N GLY Q 36 15.00 -12.22 42.24
CA GLY Q 36 13.94 -11.37 41.75
C GLY Q 36 14.37 -9.97 41.36
N LEU Q 37 15.68 -9.70 41.33
CA LEU Q 37 16.18 -8.40 40.92
C LEU Q 37 16.53 -8.44 39.43
N GLU Q 38 15.50 -8.18 38.61
CA GLU Q 38 15.60 -8.34 37.17
C GLU Q 38 16.57 -7.35 36.54
N LYS Q 39 16.59 -6.11 37.01
CA LYS Q 39 17.45 -5.10 36.40
C LYS Q 39 18.93 -5.41 36.63
N LEU Q 40 19.29 -5.74 37.87
CA LEU Q 40 20.67 -6.10 38.17
C LEU Q 40 21.07 -7.36 37.42
N GLY Q 41 20.18 -8.34 37.36
CA GLY Q 41 20.47 -9.56 36.62
C GLY Q 41 20.70 -9.29 35.15
N LYS Q 42 19.86 -8.45 34.55
CA LYS Q 42 20.01 -8.13 33.13
C LYS Q 42 21.32 -7.38 32.88
N HIS Q 43 21.68 -6.42 33.73
CA HIS Q 43 22.91 -5.69 33.51
C HIS Q 43 24.13 -6.58 33.71
N GLU Q 44 24.11 -7.45 34.72
CA GLU Q 44 25.22 -8.37 34.92
C GLU Q 44 25.33 -9.35 33.76
N TYR Q 45 24.19 -9.78 33.21
CA TYR Q 45 24.19 -10.65 32.04
C TYR Q 45 24.82 -9.94 30.85
N HIS Q 46 24.46 -8.67 30.62
CA HIS Q 46 25.05 -7.93 29.51
C HIS Q 46 26.55 -7.73 29.71
N GLU Q 47 26.97 -7.44 30.94
CA GLU Q 47 28.39 -7.32 31.23
C GLU Q 47 29.13 -8.62 30.98
N SER Q 48 28.52 -9.75 31.36
CA SER Q 48 29.13 -11.05 31.13
C SER Q 48 29.25 -11.34 29.63
N ILE Q 49 28.23 -10.96 28.86
CA ILE Q 49 28.30 -11.12 27.41
C ILE Q 49 29.43 -10.27 26.83
N ASP Q 50 29.58 -9.06 27.34
CA ASP Q 50 30.66 -8.19 26.89
C ASP Q 50 32.02 -8.81 27.21
N GLU Q 51 32.15 -9.40 28.40
CA GLU Q 51 33.38 -10.11 28.74
C GLU Q 51 33.62 -11.29 27.81
N MET Q 52 32.55 -11.99 27.44
CA MET Q 52 32.68 -13.08 26.48
C MET Q 52 33.22 -12.59 25.15
N LYS Q 53 32.69 -11.47 24.66
CA LYS Q 53 33.17 -10.91 23.40
C LYS Q 53 34.62 -10.45 23.51
N HIS Q 54 35.00 -9.89 24.66
CA HIS Q 54 36.40 -9.52 24.89
C HIS Q 54 37.31 -10.74 24.80
N ALA Q 55 36.90 -11.84 25.44
CA ALA Q 55 37.68 -13.06 25.39
C ALA Q 55 37.77 -13.60 23.98
N ASP Q 56 36.67 -13.53 23.23
CA ASP Q 56 36.67 -13.97 21.83
C ASP Q 56 37.67 -13.15 21.01
N LYS Q 57 37.65 -11.83 21.19
CA LYS Q 57 38.57 -10.97 20.45
C LYS Q 57 40.01 -11.30 20.80
N LEU Q 58 40.29 -11.53 22.08
CA LEU Q 58 41.64 -11.89 22.50
C LEU Q 58 42.07 -13.22 21.88
N ILE Q 59 41.16 -14.19 21.85
CA ILE Q 59 41.48 -15.50 21.26
C ILE Q 59 41.79 -15.34 19.78
N LYS Q 60 41.00 -14.54 19.08
CA LYS Q 60 41.25 -14.30 17.66
C LYS Q 60 42.62 -13.64 17.45
N ARG Q 61 42.95 -12.66 18.30
CA ARG Q 61 44.23 -11.98 18.16
C ARG Q 61 45.40 -12.92 18.43
N ILE Q 62 45.26 -13.78 19.45
CA ILE Q 62 46.33 -14.72 19.78
C ILE Q 62 46.52 -15.72 18.66
N LEU Q 63 45.42 -16.23 18.09
CA LEU Q 63 45.53 -17.19 17.01
C LEU Q 63 46.10 -16.54 15.75
N PHE Q 64 45.75 -15.28 15.49
CA PHE Q 64 46.34 -14.58 14.35
C PHE Q 64 47.83 -14.41 14.52
N LEU Q 65 48.28 -14.14 15.75
CA LEU Q 65 49.70 -13.99 16.05
C LEU Q 65 50.42 -15.33 16.13
N GLU Q 66 49.79 -16.41 15.68
CA GLU Q 66 50.37 -17.75 15.69
C GLU Q 66 50.76 -18.20 17.09
N GLY Q 67 49.98 -17.79 18.08
CA GLY Q 67 50.16 -18.24 19.44
C GLY Q 67 49.14 -19.28 19.85
N LEU Q 68 49.24 -19.71 21.10
CA LEU Q 68 48.34 -20.74 21.64
C LEU Q 68 47.51 -20.14 22.77
N PRO Q 69 46.21 -19.89 22.55
CA PRO Q 69 45.37 -19.39 23.63
C PRO Q 69 45.34 -20.34 24.81
N ASN Q 70 45.35 -19.79 26.01
CA ASN Q 70 45.35 -20.55 27.25
C ASN Q 70 43.96 -20.45 27.87
N LEU Q 71 43.06 -21.33 27.46
CA LEU Q 71 41.73 -21.41 28.05
C LEU Q 71 41.69 -22.31 29.27
N GLN Q 72 42.71 -23.15 29.47
CA GLN Q 72 42.73 -24.12 30.56
C GLN Q 72 42.75 -23.45 31.93
N GLU Q 73 43.65 -22.49 32.11
CA GLU Q 73 43.81 -21.89 33.43
C GLU Q 73 42.67 -20.91 33.71
N LEU Q 74 41.97 -21.15 34.82
CA LEU Q 74 40.92 -20.26 35.30
C LEU Q 74 41.18 -20.01 36.78
N GLY Q 75 41.47 -18.77 37.12
CA GLY Q 75 41.86 -18.44 38.48
C GLY Q 75 40.68 -18.37 39.44
N LYS Q 76 40.96 -17.77 40.60
CA LYS Q 76 39.98 -17.70 41.68
C LYS Q 76 38.77 -16.87 41.27
N LEU Q 77 37.63 -17.09 41.93
CA LEU Q 77 36.39 -16.42 41.61
C LEU Q 77 35.93 -15.65 42.84
N LEU Q 78 35.68 -14.35 42.68
CA LEU Q 78 35.27 -13.49 43.78
C LEU Q 78 33.75 -13.48 43.86
N ILE Q 79 33.19 -14.52 44.45
CA ILE Q 79 31.74 -14.70 44.52
C ILE Q 79 31.22 -14.06 45.80
N GLY Q 80 30.19 -13.23 45.66
CA GLY Q 80 29.59 -12.56 46.79
C GLY Q 80 28.31 -13.22 47.26
N GLU Q 81 27.83 -12.84 48.45
CA GLU Q 81 26.64 -13.44 49.03
C GLU Q 81 25.44 -12.50 49.07
N HIS Q 82 25.66 -11.18 49.05
CA HIS Q 82 24.56 -10.22 49.01
C HIS Q 82 24.89 -9.14 48.00
N THR Q 83 23.85 -8.40 47.59
CA THR Q 83 23.94 -7.47 46.47
C THR Q 83 25.10 -6.49 46.63
N LYS Q 84 25.22 -5.88 47.80
CA LYS Q 84 26.35 -4.98 48.07
C LYS Q 84 27.68 -5.72 47.94
N GLU Q 85 27.73 -6.93 48.51
CA GLU Q 85 28.97 -7.69 48.48
C GLU Q 85 29.36 -8.10 47.06
N MET Q 86 28.38 -8.53 46.25
CA MET Q 86 28.72 -8.91 44.88
C MET Q 86 29.07 -7.69 44.03
N LEU Q 87 28.43 -6.55 44.27
CA LEU Q 87 28.83 -5.34 43.57
C LEU Q 87 30.26 -4.96 43.91
N GLU Q 88 30.63 -5.05 45.19
CA GLU Q 88 32.00 -4.74 45.59
C GLU Q 88 32.98 -5.76 45.02
N CYS Q 89 32.60 -7.04 44.98
CA CYS Q 89 33.47 -8.05 44.39
C CYS Q 89 33.68 -7.80 42.90
N ASP Q 90 32.62 -7.44 42.18
CA ASP Q 90 32.75 -7.11 40.77
C ASP Q 90 33.65 -5.90 40.56
N LEU Q 91 33.49 -4.87 41.39
CA LEU Q 91 34.35 -3.69 41.28
C LEU Q 91 35.80 -4.04 41.55
N LYS Q 92 36.06 -4.89 42.56
CA LYS Q 92 37.42 -5.30 42.87
C LYS Q 92 38.02 -6.10 41.72
N LEU Q 93 37.24 -7.00 41.13
CA LEU Q 93 37.73 -7.76 39.98
C LEU Q 93 38.07 -6.85 38.82
N GLU Q 94 37.19 -5.88 38.53
CA GLU Q 94 37.44 -4.96 37.43
C GLU Q 94 38.66 -4.08 37.69
N GLN Q 95 38.87 -3.62 38.92
CA GLN Q 95 40.05 -2.84 39.26
C GLN Q 95 41.32 -3.66 39.28
N ALA Q 96 41.24 -4.97 39.55
CA ALA Q 96 42.43 -5.81 39.62
C ALA Q 96 42.94 -6.24 38.25
N GLY Q 97 42.19 -5.99 37.19
CA GLY Q 97 42.64 -6.34 35.86
C GLY Q 97 43.06 -5.13 35.05
N LEU Q 98 42.78 -3.94 35.58
CA LEU Q 98 43.17 -2.71 34.90
C LEU Q 98 44.69 -2.56 34.77
N PRO Q 99 45.50 -2.78 35.81
CA PRO Q 99 46.96 -2.66 35.63
C PRO Q 99 47.51 -3.62 34.59
N ASP Q 100 46.94 -4.82 34.47
CA ASP Q 100 47.38 -5.76 33.45
C ASP Q 100 47.14 -5.22 32.06
N LEU Q 101 45.96 -4.66 31.83
CA LEU Q 101 45.66 -4.06 30.53
C LEU Q 101 46.58 -2.88 30.25
N LYS Q 102 46.83 -2.03 31.27
CA LYS Q 102 47.71 -0.89 31.07
C LYS Q 102 49.12 -1.31 30.72
N ALA Q 103 49.65 -2.32 31.44
CA ALA Q 103 50.99 -2.83 31.14
C ALA Q 103 51.05 -3.46 29.75
N ALA Q 104 50.00 -4.19 29.36
CA ALA Q 104 49.97 -4.78 28.02
C ALA Q 104 49.96 -3.69 26.95
N ILE Q 105 49.19 -2.63 27.15
CA ILE Q 105 49.16 -1.54 26.18
C ILE Q 105 50.53 -0.87 26.09
N ALA Q 106 51.16 -0.63 27.25
CA ALA Q 106 52.48 -0.02 27.25
C ALA Q 106 53.50 -0.89 26.51
N TYR Q 107 53.48 -2.20 26.74
CA TYR Q 107 54.43 -3.08 26.07
C TYR Q 107 54.16 -3.14 24.57
N CYS Q 108 52.88 -3.22 24.18
CA CYS Q 108 52.56 -3.25 22.76
C CYS Q 108 53.01 -1.97 22.07
N GLU Q 109 52.89 -0.83 22.75
CA GLU Q 109 53.44 0.40 22.22
C GLU Q 109 54.96 0.34 22.10
N SER Q 110 55.63 -0.25 23.11
CA SER Q 110 57.08 -0.27 23.12
C SER Q 110 57.68 -1.07 21.96
N VAL Q 111 57.07 -2.20 21.59
CA VAL Q 111 57.63 -3.08 20.57
C VAL Q 111 56.94 -2.89 19.22
N GLY Q 112 55.98 -1.99 19.12
CA GLY Q 112 55.38 -1.66 17.84
C GLY Q 112 54.23 -2.55 17.40
N ASP Q 113 53.58 -3.25 18.32
CA ASP Q 113 52.36 -4.01 17.99
C ASP Q 113 51.15 -3.12 18.19
N TYR Q 114 50.88 -2.30 17.16
CA TYR Q 114 49.91 -1.23 17.31
C TYR Q 114 48.48 -1.73 17.20
N ALA Q 115 48.24 -2.75 16.38
CA ALA Q 115 46.89 -3.31 16.28
C ALA Q 115 46.46 -3.95 17.59
N SER Q 116 47.37 -4.70 18.22
CA SER Q 116 47.09 -5.25 19.54
C SER Q 116 46.88 -4.14 20.56
N ARG Q 117 47.63 -3.05 20.44
CA ARG Q 117 47.44 -1.93 21.36
C ARG Q 117 46.05 -1.33 21.20
N GLU Q 118 45.58 -1.19 19.95
CA GLU Q 118 44.23 -0.67 19.74
C GLU Q 118 43.16 -1.60 20.29
N LEU Q 119 43.33 -2.91 20.10
CA LEU Q 119 42.38 -3.88 20.67
C LEU Q 119 42.35 -3.77 22.19
N LEU Q 120 43.52 -3.73 22.83
CA LEU Q 120 43.58 -3.62 24.27
C LEU Q 120 43.05 -2.26 24.75
N GLU Q 121 43.19 -1.22 23.93
CA GLU Q 121 42.64 0.09 24.26
C GLU Q 121 41.12 0.04 24.30
N ASP Q 122 40.51 -0.62 23.31
CA ASP Q 122 39.07 -0.78 23.32
C ASP Q 122 38.62 -1.57 24.54
N ILE Q 123 39.35 -2.64 24.86
CA ILE Q 123 39.00 -3.43 26.05
C ILE Q 123 39.12 -2.58 27.30
N LEU Q 124 40.17 -1.75 27.39
CA LEU Q 124 40.36 -0.89 28.55
C LEU Q 124 39.23 0.11 28.69
N GLU Q 125 38.78 0.69 27.57
CA GLU Q 125 37.63 1.60 27.63
C GLU Q 125 36.39 0.89 28.15
N SER Q 126 36.16 -0.35 27.68
CA SER Q 126 34.99 -1.09 28.16
C SER Q 126 35.08 -1.36 29.66
N GLU Q 127 36.26 -1.79 30.14
CA GLU Q 127 36.43 -2.01 31.58
C GLU Q 127 36.26 -0.73 32.39
N GLU Q 128 36.74 0.40 31.87
CA GLU Q 128 36.52 1.67 32.56
C GLU Q 128 35.04 2.03 32.64
N ASP Q 129 34.28 1.79 31.57
CA ASP Q 129 32.84 2.02 31.64
C ASP Q 129 32.17 1.12 32.67
N HIS Q 130 32.59 -0.15 32.73
CA HIS Q 130 32.05 -1.05 33.74
C HIS Q 130 32.37 -0.56 35.15
N ILE Q 131 33.60 -0.10 35.38
CA ILE Q 131 33.98 0.44 36.68
C ILE Q 131 33.12 1.65 37.02
N ASP Q 132 32.88 2.53 36.05
CA ASP Q 132 32.03 3.69 36.28
C ASP Q 132 30.63 3.27 36.71
N TRP Q 133 30.05 2.29 36.01
CA TRP Q 133 28.72 1.84 36.37
C TRP Q 133 28.69 1.24 37.77
N LEU Q 134 29.70 0.44 38.12
CA LEU Q 134 29.72 -0.20 39.42
C LEU Q 134 29.85 0.82 40.55
N GLU Q 135 30.73 1.81 40.36
CA GLU Q 135 30.88 2.86 41.36
C GLU Q 135 29.62 3.69 41.49
N THR Q 136 28.95 3.98 40.35
CA THR Q 136 27.69 4.71 40.39
C THR Q 136 26.64 3.93 41.18
N GLN Q 137 26.59 2.61 40.97
CA GLN Q 137 25.63 1.78 41.70
C GLN Q 137 25.89 1.81 43.20
N LEU Q 138 27.17 1.69 43.59
CA LEU Q 138 27.49 1.71 45.02
C LEU Q 138 27.18 3.06 45.64
N ASP Q 139 27.50 4.15 44.93
CA ASP Q 139 27.18 5.48 45.44
C ASP Q 139 25.68 5.70 45.53
N LEU Q 140 24.92 5.14 44.60
CA LEU Q 140 23.46 5.23 44.68
C LEU Q 140 22.93 4.44 45.87
N ILE Q 141 23.52 3.28 46.15
CA ILE Q 141 23.15 2.53 47.35
C ILE Q 141 23.38 3.38 48.58
N ASP Q 142 24.52 4.07 48.65
CA ASP Q 142 24.81 4.93 49.79
C ASP Q 142 23.82 6.09 49.87
N LYS Q 143 23.45 6.65 48.71
CA LYS Q 143 22.60 7.83 48.69
C LYS Q 143 21.16 7.53 49.08
N ILE Q 144 20.58 6.46 48.54
CA ILE Q 144 19.16 6.20 48.70
C ILE Q 144 18.86 5.03 49.63
N GLY Q 145 19.87 4.30 50.10
CA GLY Q 145 19.62 3.21 51.01
C GLY Q 145 19.50 1.87 50.30
N LEU Q 146 19.76 0.79 51.03
CA LEU Q 146 19.72 -0.54 50.42
C LEU Q 146 18.30 -0.94 50.03
N GLU Q 147 17.32 -0.67 50.91
CA GLU Q 147 15.95 -1.09 50.64
C GLU Q 147 15.37 -0.35 49.43
N ASN Q 148 15.60 0.95 49.34
CA ASN Q 148 15.14 1.70 48.18
C ASN Q 148 15.86 1.24 46.91
N TYR Q 149 17.17 0.99 47.00
CA TYR Q 149 17.92 0.57 45.83
C TYR Q 149 17.43 -0.78 45.30
N LEU Q 150 17.21 -1.74 46.20
CA LEU Q 150 16.80 -3.08 45.78
C LEU Q 150 15.40 -3.06 45.18
N GLN Q 151 14.53 -2.16 45.67
CA GLN Q 151 13.19 -2.05 45.10
C GLN Q 151 13.26 -1.59 43.64
N SER Q 152 14.14 -0.65 43.33
CA SER Q 152 14.28 -0.17 41.96
C SER Q 152 14.90 -1.20 41.02
N GLN Q 153 15.50 -2.25 41.56
CA GLN Q 153 16.09 -3.32 40.75
C GLN Q 153 15.11 -4.45 40.48
N MET Q 154 13.93 -4.42 41.07
CA MET Q 154 12.94 -5.47 40.89
C MET Q 154 12.47 -5.54 39.43
N ASP Q 155 12.19 -4.39 38.84
CA ASP Q 155 11.70 -4.34 37.47
C ASP Q 155 12.37 -3.21 36.69
N MET R 1 13.12 -23.42 46.73
CA MET R 1 12.79 -24.76 47.19
C MET R 1 14.05 -25.57 47.43
N LYS R 2 14.11 -26.25 48.58
CA LYS R 2 15.25 -27.11 48.89
C LYS R 2 15.15 -28.41 48.11
N GLY R 3 16.27 -28.80 47.48
CA GLY R 3 16.37 -30.06 46.79
C GLY R 3 17.33 -31.01 47.48
N ASP R 4 17.46 -32.20 46.89
CA ASP R 4 18.38 -33.20 47.40
C ASP R 4 19.82 -32.74 47.20
N LYS R 5 20.66 -32.99 48.20
CA LYS R 5 22.08 -32.61 48.10
C LYS R 5 22.77 -33.40 47.00
N ILE R 6 22.45 -34.69 46.86
CA ILE R 6 23.07 -35.52 45.83
C ILE R 6 22.62 -35.09 44.44
N VAL R 7 21.36 -34.68 44.29
CA VAL R 7 20.92 -34.15 43.00
C VAL R 7 21.70 -32.89 42.64
N ILE R 8 21.94 -32.02 43.62
CA ILE R 8 22.74 -30.82 43.39
C ILE R 8 24.17 -31.19 43.03
N GLN R 9 24.72 -32.24 43.66
CA GLN R 9 26.06 -32.68 43.32
C GLN R 9 26.14 -33.17 41.88
N HIS R 10 25.15 -33.95 41.45
CA HIS R 10 25.11 -34.41 40.07
C HIS R 10 24.99 -33.24 39.11
N LEU R 11 24.13 -32.26 39.44
CA LEU R 11 23.97 -31.09 38.59
C LEU R 11 25.27 -30.30 38.50
N ASN R 12 26.00 -30.19 39.60
CA ASN R 12 27.27 -29.49 39.60
C ASN R 12 28.30 -30.20 38.73
N LYS R 13 28.33 -31.53 38.81
CA LYS R 13 29.25 -32.29 37.96
C LYS R 13 28.93 -32.09 36.48
N ILE R 14 27.63 -32.13 36.14
CA ILE R 14 27.24 -31.90 34.76
C ILE R 14 27.60 -30.48 34.33
N LEU R 15 27.45 -29.52 35.23
CA LEU R 15 27.81 -28.14 34.92
C LEU R 15 29.30 -27.99 34.65
N GLY R 16 30.13 -28.67 35.44
CA GLY R 16 31.56 -28.65 35.17
C GLY R 16 31.91 -29.25 33.82
N ASN R 17 31.26 -30.37 33.48
CA ASN R 17 31.46 -30.96 32.16
C ASN R 17 31.05 -29.99 31.05
N GLU R 18 29.93 -29.29 31.26
CA GLU R 18 29.47 -28.33 30.26
C GLU R 18 30.44 -27.18 30.09
N LEU R 19 31.02 -26.71 31.19
CA LEU R 19 32.03 -25.64 31.10
C LEU R 19 33.26 -26.11 30.32
N ILE R 20 33.73 -27.33 30.59
CA ILE R 20 34.84 -27.89 29.83
C ILE R 20 34.50 -27.91 28.35
N ALA R 21 33.29 -28.37 28.02
CA ALA R 21 32.85 -28.42 26.63
C ALA R 21 32.80 -27.03 26.01
N ILE R 22 32.33 -26.04 26.77
CA ILE R 22 32.27 -24.66 26.27
C ILE R 22 33.65 -24.19 25.85
N ASN R 23 34.62 -24.33 26.76
CA ASN R 23 35.97 -23.84 26.45
C ASN R 23 36.57 -24.58 25.26
N GLN R 24 36.48 -25.91 25.27
CA GLN R 24 37.09 -26.70 24.19
C GLN R 24 36.46 -26.37 22.85
N TYR R 25 35.13 -26.30 22.81
CA TYR R 25 34.44 -26.04 21.55
C TYR R 25 34.72 -24.64 21.04
N PHE R 26 34.76 -23.64 21.93
CA PHE R 26 35.06 -22.29 21.46
C PHE R 26 36.48 -22.20 20.90
N LEU R 27 37.45 -22.82 21.57
CA LEU R 27 38.80 -22.78 21.05
C LEU R 27 38.89 -23.50 19.70
N HIS R 28 38.26 -24.67 19.58
CA HIS R 28 38.28 -25.38 18.32
C HIS R 28 37.62 -24.57 17.20
N ALA R 29 36.50 -23.92 17.51
CA ALA R 29 35.83 -23.07 16.51
C ALA R 29 36.74 -21.94 16.07
N ARG R 30 37.43 -21.31 17.02
CA ARG R 30 38.30 -20.19 16.66
C ARG R 30 39.46 -20.63 15.77
N MET R 31 40.08 -21.78 16.06
CA MET R 31 41.17 -22.22 15.19
C MET R 31 40.63 -22.72 13.83
N TYR R 32 39.43 -23.27 13.81
CA TYR R 32 38.81 -23.63 12.54
C TYR R 32 38.61 -22.41 11.65
N GLU R 33 38.07 -21.33 12.23
CA GLU R 33 37.90 -20.10 11.45
C GLU R 33 39.24 -19.47 11.11
N ASP R 34 40.25 -19.66 11.96
CA ASP R 34 41.58 -19.15 11.67
C ASP R 34 42.21 -19.84 10.47
N TRP R 35 42.02 -21.15 10.32
CA TRP R 35 42.59 -21.87 9.18
C TRP R 35 41.85 -21.62 7.89
N GLY R 36 40.71 -20.94 7.92
CA GLY R 36 39.91 -20.72 6.74
C GLY R 36 38.77 -21.69 6.55
N LEU R 37 38.46 -22.51 7.55
CA LEU R 37 37.39 -23.50 7.47
C LEU R 37 36.13 -22.91 8.09
N GLU R 38 35.41 -22.14 7.27
CA GLU R 38 34.25 -21.39 7.75
C GLU R 38 33.11 -22.29 8.21
N LYS R 39 32.84 -23.36 7.48
CA LYS R 39 31.74 -24.26 7.84
C LYS R 39 31.99 -24.93 9.19
N LEU R 40 33.17 -25.54 9.35
CA LEU R 40 33.50 -26.19 10.60
C LEU R 40 33.55 -25.20 11.75
N GLY R 41 34.10 -24.01 11.50
CA GLY R 41 34.13 -22.97 12.51
C GLY R 41 32.75 -22.55 12.96
N LYS R 42 31.84 -22.35 12.01
CA LYS R 42 30.48 -21.95 12.35
C LYS R 42 29.76 -23.05 13.13
N HIS R 43 29.93 -24.32 12.71
CA HIS R 43 29.24 -25.39 13.43
C HIS R 43 29.81 -25.57 14.83
N GLU R 44 31.13 -25.45 14.99
CA GLU R 44 31.72 -25.56 16.32
C GLU R 44 31.30 -24.38 17.20
N TYR R 45 31.17 -23.20 16.61
CA TYR R 45 30.67 -22.05 17.35
C TYR R 45 29.25 -22.27 17.84
N HIS R 46 28.38 -22.80 16.97
CA HIS R 46 27.01 -23.08 17.37
C HIS R 46 26.95 -24.16 18.45
N GLU R 47 27.77 -25.20 18.31
CA GLU R 47 27.84 -26.24 19.33
C GLU R 47 28.30 -25.66 20.66
N SER R 48 29.29 -24.77 20.63
CA SER R 48 29.76 -24.12 21.84
C SER R 48 28.66 -23.31 22.50
N ILE R 49 27.92 -22.54 21.69
CA ILE R 49 26.82 -21.73 22.24
C ILE R 49 25.75 -22.62 22.84
N ASP R 50 25.49 -23.77 22.21
CA ASP R 50 24.55 -24.72 22.80
C ASP R 50 25.03 -25.21 24.15
N GLU R 51 26.33 -25.47 24.26
CA GLU R 51 26.91 -25.84 25.55
C GLU R 51 26.74 -24.73 26.58
N MET R 52 26.90 -23.47 26.16
CA MET R 52 26.70 -22.34 27.06
C MET R 52 25.26 -22.29 27.57
N LYS R 53 24.30 -22.51 26.68
CA LYS R 53 22.90 -22.53 27.12
C LYS R 53 22.63 -23.69 28.05
N HIS R 54 23.24 -24.86 27.81
CA HIS R 54 23.11 -25.98 28.73
C HIS R 54 23.63 -25.61 30.11
N ALA R 55 24.81 -24.99 30.16
CA ALA R 55 25.38 -24.58 31.43
C ALA R 55 24.50 -23.54 32.13
N ASP R 56 23.92 -22.63 31.36
CA ASP R 56 23.02 -21.63 31.94
C ASP R 56 21.80 -22.30 32.56
N LYS R 57 21.22 -23.27 31.85
CA LYS R 57 20.07 -24.00 32.39
C LYS R 57 20.44 -24.73 33.66
N LEU R 58 21.62 -25.35 33.69
CA LEU R 58 22.06 -26.06 34.89
C LEU R 58 22.26 -25.09 36.05
N ILE R 59 22.81 -23.90 35.78
CA ILE R 59 23.00 -22.91 36.84
C ILE R 59 21.65 -22.47 37.39
N LYS R 60 20.68 -22.22 36.51
CA LYS R 60 19.35 -21.85 36.98
C LYS R 60 18.74 -22.95 37.83
N ARG R 61 18.88 -24.21 37.41
CA ARG R 61 18.30 -25.30 38.17
C ARG R 61 18.98 -25.46 39.53
N ILE R 62 20.30 -25.31 39.59
CA ILE R 62 21.00 -25.42 40.86
C ILE R 62 20.59 -24.29 41.79
N LEU R 63 20.48 -23.07 41.26
CA LEU R 63 20.07 -21.94 42.08
C LEU R 63 18.64 -22.09 42.58
N PHE R 64 17.75 -22.64 41.74
CA PHE R 64 16.38 -22.89 42.18
C PHE R 64 16.34 -23.90 43.32
N LEU R 65 17.17 -24.93 43.26
CA LEU R 65 17.26 -25.93 44.31
C LEU R 65 18.02 -25.44 45.54
N GLU R 66 18.27 -24.13 45.61
CA GLU R 66 18.96 -23.50 46.73
C GLU R 66 20.35 -24.12 46.96
N GLY R 67 21.03 -24.43 45.86
CA GLY R 67 22.39 -24.92 45.91
C GLY R 67 23.39 -23.88 45.43
N LEU R 68 24.65 -24.28 45.44
CA LEU R 68 25.75 -23.39 45.04
C LEU R 68 26.41 -23.90 43.77
N PRO R 69 26.20 -23.24 42.63
CA PRO R 69 26.88 -23.68 41.41
C PRO R 69 28.39 -23.60 41.55
N ASN R 70 29.08 -24.57 40.95
CA ASN R 70 30.53 -24.67 41.02
C ASN R 70 31.09 -24.28 39.66
N LEU R 71 31.31 -22.98 39.46
CA LEU R 71 31.94 -22.48 38.25
C LEU R 71 33.45 -22.46 38.35
N GLN R 72 34.01 -22.60 39.54
CA GLN R 72 35.44 -22.43 39.78
C GLN R 72 36.27 -23.50 39.09
N GLU R 73 35.93 -24.77 39.30
CA GLU R 73 36.77 -25.86 38.81
C GLU R 73 36.59 -26.06 37.32
N LEU R 74 37.69 -25.94 36.58
CA LEU R 74 37.73 -26.25 35.16
C LEU R 74 38.72 -27.40 34.96
N GLY R 75 38.24 -28.50 34.39
CA GLY R 75 39.04 -29.69 34.25
C GLY R 75 39.88 -29.69 32.99
N LYS R 76 40.27 -30.90 32.58
CA LYS R 76 41.13 -31.09 31.42
C LYS R 76 40.46 -30.60 30.15
N LEU R 77 41.25 -30.09 29.21
CA LEU R 77 40.73 -29.55 27.96
C LEU R 77 41.42 -30.32 26.83
N LEU R 78 40.63 -31.11 26.10
CA LEU R 78 41.16 -31.94 25.02
C LEU R 78 41.30 -31.14 23.74
N ILE R 79 42.43 -30.47 23.55
CA ILE R 79 42.66 -29.62 22.40
C ILE R 79 43.47 -30.37 21.37
N GLY R 80 42.99 -30.34 20.11
CA GLY R 80 43.66 -31.01 19.03
C GLY R 80 44.52 -30.07 18.20
N GLU R 81 45.31 -30.67 17.30
CA GLU R 81 46.21 -29.93 16.44
C GLU R 81 45.79 -29.91 14.98
N HIS R 82 45.00 -30.87 14.53
CA HIS R 82 44.50 -30.91 13.16
C HIS R 82 43.03 -31.29 13.16
N THR R 83 42.36 -31.00 12.05
CA THR R 83 40.90 -31.13 11.96
C THR R 83 40.41 -32.51 12.40
N LYS R 84 41.05 -33.56 11.90
CA LYS R 84 40.69 -34.92 12.31
C LYS R 84 40.88 -35.10 13.81
N GLU R 85 42.02 -34.63 14.33
CA GLU R 85 42.30 -34.80 15.75
C GLU R 85 41.32 -34.02 16.62
N MET R 86 40.97 -32.80 16.21
CA MET R 86 40.00 -32.04 17.00
C MET R 86 38.61 -32.66 16.93
N LEU R 87 38.24 -33.21 15.77
CA LEU R 87 36.96 -33.90 15.70
C LEU R 87 36.93 -35.11 16.63
N GLU R 88 38.02 -35.88 16.66
CA GLU R 88 38.08 -37.02 17.57
C GLU R 88 38.07 -36.56 19.04
N CYS R 89 38.76 -35.47 19.34
CA CYS R 89 38.76 -34.94 20.71
C CYS R 89 37.36 -34.51 21.13
N ASP R 90 36.64 -33.83 20.25
CA ASP R 90 35.27 -33.43 20.54
C ASP R 90 34.37 -34.63 20.74
N LEU R 91 34.52 -35.66 19.89
CA LEU R 91 33.74 -36.88 20.05
C LEU R 91 34.05 -37.58 21.36
N LYS R 92 35.32 -37.63 21.75
CA LYS R 92 35.70 -38.24 23.02
C LYS R 92 35.10 -37.50 24.20
N LEU R 93 35.15 -36.16 24.16
CA LEU R 93 34.55 -35.37 25.22
C LEU R 93 33.05 -35.61 25.31
N GLU R 94 32.36 -35.59 24.16
CA GLU R 94 30.93 -35.81 24.15
C GLU R 94 30.55 -37.19 24.65
N GLN R 95 31.33 -38.22 24.29
CA GLN R 95 31.08 -39.58 24.76
C GLN R 95 31.37 -39.76 26.24
N ALA R 96 32.40 -39.11 26.77
CA ALA R 96 32.69 -39.17 28.20
C ALA R 96 31.64 -38.42 28.99
N GLY R 97 31.00 -37.44 28.35
CA GLY R 97 29.93 -36.71 28.99
C GLY R 97 28.68 -37.54 29.29
N LEU R 98 28.38 -38.50 28.42
CA LEU R 98 27.11 -39.25 28.48
C LEU R 98 26.89 -40.02 29.79
N PRO R 99 27.87 -40.82 30.29
CA PRO R 99 27.59 -41.64 31.48
C PRO R 99 27.16 -40.82 32.69
N ASP R 100 27.74 -39.63 32.85
CA ASP R 100 27.35 -38.76 33.95
C ASP R 100 25.90 -38.31 33.81
N LEU R 101 25.48 -37.94 32.60
CA LEU R 101 24.11 -37.54 32.37
C LEU R 101 23.14 -38.68 32.63
N LYS R 102 23.50 -39.89 32.16
CA LYS R 102 22.64 -41.05 32.38
C LYS R 102 22.51 -41.38 33.85
N ALA R 103 23.62 -41.34 34.59
CA ALA R 103 23.57 -41.59 36.03
C ALA R 103 22.74 -40.52 36.74
N ALA R 104 22.88 -39.26 36.35
CA ALA R 104 22.08 -38.20 36.96
C ALA R 104 20.60 -38.39 36.68
N ILE R 105 20.24 -38.77 35.46
CA ILE R 105 18.84 -39.02 35.13
C ILE R 105 18.29 -40.18 35.96
N ALA R 106 19.06 -41.27 36.06
CA ALA R 106 18.62 -42.41 36.86
C ALA R 106 18.43 -42.02 38.32
N TYR R 107 19.34 -41.23 38.88
CA TYR R 107 19.20 -40.83 40.27
C TYR R 107 18.01 -39.90 40.46
N CYS R 108 17.81 -38.95 39.55
CA CYS R 108 16.65 -38.07 39.66
C CYS R 108 15.35 -38.87 39.58
N GLU R 109 15.34 -39.94 38.80
CA GLU R 109 14.21 -40.87 38.82
C GLU R 109 14.06 -41.52 40.18
N SER R 110 15.19 -41.93 40.78
CA SER R 110 15.13 -42.68 42.04
C SER R 110 14.53 -41.87 43.18
N VAL R 111 14.86 -40.58 43.26
CA VAL R 111 14.41 -39.74 44.37
C VAL R 111 13.24 -38.85 43.98
N GLY R 112 12.76 -38.94 42.75
CA GLY R 112 11.56 -38.23 42.36
C GLY R 112 11.75 -36.78 41.97
N ASP R 113 12.94 -36.38 41.54
CA ASP R 113 13.17 -35.04 41.00
C ASP R 113 12.93 -35.07 39.50
N TYR R 114 11.65 -34.98 39.14
CA TYR R 114 11.24 -35.24 37.76
C TYR R 114 11.54 -34.06 36.84
N ALA R 115 11.42 -32.83 37.36
CA ALA R 115 11.76 -31.67 36.54
C ALA R 115 13.25 -31.65 36.19
N SER R 116 14.10 -32.00 37.17
CA SER R 116 15.52 -32.12 36.90
C SER R 116 15.78 -33.23 35.88
N ARG R 117 15.04 -34.33 35.97
CA ARG R 117 15.20 -35.40 34.99
C ARG R 117 14.84 -34.90 33.59
N GLU R 118 13.77 -34.12 33.47
CA GLU R 118 13.39 -33.60 32.16
C GLU R 118 14.45 -32.67 31.59
N LEU R 119 14.99 -31.79 32.44
CA LEU R 119 16.08 -30.91 31.99
C LEU R 119 17.28 -31.72 31.52
N LEU R 120 17.69 -32.71 32.32
CA LEU R 120 18.83 -33.54 31.95
C LEU R 120 18.54 -34.38 30.72
N GLU R 121 17.27 -34.74 30.49
CA GLU R 121 16.90 -35.49 29.31
C GLU R 121 17.04 -34.64 28.05
N ASP R 122 16.60 -33.39 28.13
CA ASP R 122 16.81 -32.47 27.01
C ASP R 122 18.30 -32.29 26.72
N ILE R 123 19.10 -32.13 27.77
CA ILE R 123 20.55 -32.01 27.60
C ILE R 123 21.10 -33.27 26.94
N LEU R 124 20.66 -34.44 27.39
CA LEU R 124 21.14 -35.70 26.84
C LEU R 124 20.80 -35.85 25.37
N GLU R 125 19.58 -35.46 24.98
CA GLU R 125 19.22 -35.48 23.56
C GLU R 125 20.13 -34.57 22.75
N SER R 126 20.42 -33.38 23.27
CA SER R 126 21.33 -32.48 22.57
C SER R 126 22.72 -33.10 22.41
N GLU R 127 23.24 -33.70 23.48
CA GLU R 127 24.57 -34.31 23.39
C GLU R 127 24.58 -35.46 22.40
N GLU R 128 23.50 -36.24 22.37
CA GLU R 128 23.40 -37.32 21.39
C GLU R 128 23.39 -36.79 19.95
N ASP R 129 22.69 -35.67 19.71
CA ASP R 129 22.76 -35.04 18.39
C ASP R 129 24.16 -34.56 18.01
N HIS R 130 24.88 -33.94 18.96
CA HIS R 130 26.28 -33.59 18.69
C HIS R 130 27.13 -34.82 18.38
N ILE R 131 26.92 -35.92 19.11
CA ILE R 131 27.66 -37.14 18.83
C ILE R 131 27.35 -37.65 17.42
N ASP R 132 26.07 -37.62 17.04
CA ASP R 132 25.70 -38.06 15.71
C ASP R 132 26.38 -37.22 14.64
N TRP R 133 26.40 -35.89 14.82
CA TRP R 133 27.06 -35.03 13.84
C TRP R 133 28.55 -35.32 13.75
N LEU R 134 29.19 -35.50 14.91
CA LEU R 134 30.63 -35.74 14.91
C LEU R 134 30.98 -37.05 14.22
N GLU R 135 30.22 -38.11 14.51
CA GLU R 135 30.46 -39.40 13.86
C GLU R 135 30.19 -39.31 12.36
N THR R 136 29.16 -38.56 11.97
CA THR R 136 28.87 -38.39 10.55
C THR R 136 30.03 -37.68 9.86
N GLN R 137 30.60 -36.66 10.50
CA GLN R 137 31.74 -35.95 9.91
C GLN R 137 32.95 -36.86 9.77
N LEU R 138 33.23 -37.67 10.78
CA LEU R 138 34.37 -38.58 10.69
C LEU R 138 34.15 -39.63 9.60
N ASP R 139 32.93 -40.14 9.48
CA ASP R 139 32.62 -41.11 8.44
C ASP R 139 32.75 -40.47 7.06
N LEU R 140 32.34 -39.21 6.92
CA LEU R 140 32.51 -38.50 5.66
C LEU R 140 33.99 -38.31 5.32
N ILE R 141 34.80 -38.01 6.33
CA ILE R 141 36.25 -37.92 6.11
C ILE R 141 36.79 -39.24 5.58
N ASP R 142 36.35 -40.35 6.19
CA ASP R 142 36.79 -41.65 5.71
C ASP R 142 36.30 -41.94 4.29
N LYS R 143 35.07 -41.52 3.98
CA LYS R 143 34.48 -41.84 2.68
C LYS R 143 35.08 -41.04 1.54
N ILE R 144 35.28 -39.73 1.71
CA ILE R 144 35.67 -38.86 0.61
C ILE R 144 37.11 -38.36 0.73
N GLY R 145 37.80 -38.67 1.82
CA GLY R 145 39.18 -38.24 1.96
C GLY R 145 39.31 -36.91 2.68
N LEU R 146 40.49 -36.65 3.25
CA LEU R 146 40.69 -35.43 4.03
C LEU R 146 40.66 -34.19 3.14
N GLU R 147 41.41 -34.22 2.04
CA GLU R 147 41.49 -33.04 1.18
C GLU R 147 40.15 -32.68 0.58
N ASN R 148 39.38 -33.66 0.13
CA ASN R 148 38.04 -33.39 -0.37
C ASN R 148 37.13 -32.87 0.73
N TYR R 149 37.27 -33.41 1.95
CA TYR R 149 36.43 -32.97 3.05
C TYR R 149 36.75 -31.53 3.45
N LEU R 150 38.03 -31.20 3.57
CA LEU R 150 38.41 -29.86 4.01
C LEU R 150 38.00 -28.81 3.00
N GLN R 151 37.96 -29.18 1.71
CA GLN R 151 37.52 -28.23 0.68
C GLN R 151 36.07 -27.83 0.88
N SER R 152 35.20 -28.77 1.26
CA SER R 152 33.81 -28.46 1.50
C SER R 152 33.60 -27.60 2.73
N GLN R 153 34.58 -27.57 3.63
CA GLN R 153 34.51 -26.75 4.83
C GLN R 153 35.02 -25.33 4.62
N MET R 154 35.58 -25.04 3.45
CA MET R 154 36.10 -23.71 3.15
C MET R 154 35.00 -22.66 3.17
N ASP R 155 33.87 -22.97 2.54
CA ASP R 155 32.76 -22.03 2.48
C ASP R 155 31.44 -22.74 2.74
N MET S 1 26.46 -43.82 16.90
CA MET S 1 26.49 -44.28 18.28
C MET S 1 25.95 -45.69 18.39
N LYS S 2 26.71 -46.58 19.01
CA LYS S 2 26.28 -47.96 19.19
C LYS S 2 25.21 -48.04 20.27
N GLY S 3 24.07 -48.64 19.92
CA GLY S 3 22.98 -48.83 20.87
C GLY S 3 22.91 -50.25 21.38
N ASP S 4 21.93 -50.48 22.25
CA ASP S 4 21.71 -51.80 22.82
C ASP S 4 20.96 -52.67 21.81
N LYS S 5 21.37 -53.93 21.69
CA LYS S 5 20.78 -54.81 20.68
C LYS S 5 19.30 -55.06 20.94
N ILE S 6 18.93 -55.27 22.21
CA ILE S 6 17.53 -55.52 22.54
C ILE S 6 16.69 -54.28 22.30
N VAL S 7 17.25 -53.09 22.53
CA VAL S 7 16.53 -51.87 22.16
C VAL S 7 16.30 -51.82 20.66
N ILE S 8 17.29 -52.26 19.87
CA ILE S 8 17.12 -52.33 18.42
C ILE S 8 16.01 -53.30 18.06
N GLN S 9 15.96 -54.46 18.73
CA GLN S 9 14.90 -55.43 18.45
C GLN S 9 13.53 -54.85 18.76
N HIS S 10 13.40 -54.16 19.89
CA HIS S 10 12.12 -53.54 20.24
C HIS S 10 11.72 -52.50 19.22
N LEU S 11 12.68 -51.66 18.80
CA LEU S 11 12.39 -50.63 17.80
C LEU S 11 11.98 -51.26 16.47
N ASN S 12 12.63 -52.37 16.09
CA ASN S 12 12.27 -53.06 14.87
C ASN S 12 10.86 -53.64 14.95
N LYS S 13 10.50 -54.19 16.11
CA LYS S 13 9.14 -54.70 16.28
C LYS S 13 8.10 -53.59 16.17
N ILE S 14 8.39 -52.44 16.79
CA ILE S 14 7.46 -51.31 16.69
C ILE S 14 7.35 -50.84 15.24
N LEU S 15 8.48 -50.80 14.53
CA LEU S 15 8.46 -50.40 13.12
C LEU S 15 7.64 -51.38 12.28
N GLY S 16 7.76 -52.68 12.56
CA GLY S 16 6.96 -53.66 11.86
C GLY S 16 5.48 -53.49 12.11
N ASN S 17 5.11 -53.15 13.35
CA ASN S 17 3.71 -52.83 13.63
C ASN S 17 3.26 -51.58 12.88
N GLU S 18 4.13 -50.57 12.82
CA GLU S 18 3.78 -49.31 12.17
C GLU S 18 3.55 -49.51 10.68
N LEU S 19 4.34 -50.36 10.05
CA LEU S 19 4.14 -50.63 8.62
C LEU S 19 2.78 -51.27 8.36
N ILE S 20 2.39 -52.23 9.19
CA ILE S 20 1.08 -52.86 9.08
C ILE S 20 -0.01 -51.81 9.23
N ALA S 21 0.14 -50.93 10.23
CA ALA S 21 -0.82 -49.86 10.43
C ALA S 21 -0.92 -48.96 9.21
N ILE S 22 0.24 -48.62 8.62
CA ILE S 22 0.25 -47.77 7.43
C ILE S 22 -0.58 -48.41 6.31
N ASN S 23 -0.29 -49.68 6.00
CA ASN S 23 -0.97 -50.32 4.89
C ASN S 23 -2.46 -50.44 5.15
N GLN S 24 -2.84 -50.90 6.35
CA GLN S 24 -4.26 -51.10 6.65
C GLN S 24 -5.02 -49.77 6.63
N TYR S 25 -4.44 -48.73 7.25
CA TYR S 25 -5.13 -47.45 7.30
C TYR S 25 -5.25 -46.83 5.92
N PHE S 26 -4.22 -46.97 5.08
CA PHE S 26 -4.31 -46.42 3.74
C PHE S 26 -5.38 -47.13 2.92
N LEU S 27 -5.43 -48.45 3.01
CA LEU S 27 -6.46 -49.19 2.28
C LEU S 27 -7.86 -48.81 2.76
N HIS S 28 -8.03 -48.73 4.09
CA HIS S 28 -9.34 -48.34 4.62
C HIS S 28 -9.73 -46.95 4.17
N ALA S 29 -8.77 -46.02 4.17
CA ALA S 29 -9.05 -44.67 3.72
C ALA S 29 -9.49 -44.67 2.26
N ARG S 30 -8.81 -45.44 1.42
CA ARG S 30 -9.17 -45.46 0.01
C ARG S 30 -10.55 -46.05 -0.22
N MET S 31 -10.93 -47.11 0.49
CA MET S 31 -12.29 -47.63 0.29
C MET S 31 -13.34 -46.70 0.90
N TYR S 32 -12.97 -45.96 1.96
CA TYR S 32 -13.88 -44.93 2.47
C TYR S 32 -14.15 -43.86 1.43
N GLU S 33 -13.09 -43.38 0.76
CA GLU S 33 -13.29 -42.40 -0.31
C GLU S 33 -14.08 -43.00 -1.46
N ASP S 34 -13.82 -44.27 -1.79
CA ASP S 34 -14.53 -44.93 -2.88
C ASP S 34 -16.02 -45.04 -2.60
N TRP S 35 -16.40 -45.31 -1.35
CA TRP S 35 -17.81 -45.42 -0.99
C TRP S 35 -18.52 -44.07 -0.96
N GLY S 36 -17.79 -42.96 -1.08
CA GLY S 36 -18.40 -41.65 -1.00
C GLY S 36 -18.35 -41.02 0.38
N LEU S 37 -17.63 -41.62 1.32
CA LEU S 37 -17.50 -41.09 2.67
C LEU S 37 -16.20 -40.29 2.79
N GLU S 38 -16.27 -39.06 2.30
CA GLU S 38 -15.06 -38.23 2.19
C GLU S 38 -14.48 -37.86 3.55
N LYS S 39 -15.35 -37.61 4.54
CA LYS S 39 -14.86 -37.20 5.85
C LYS S 39 -14.10 -38.34 6.53
N LEU S 40 -14.71 -39.52 6.56
CA LEU S 40 -14.06 -40.68 7.18
C LEU S 40 -12.81 -41.06 6.41
N GLY S 41 -12.86 -40.98 5.08
CA GLY S 41 -11.67 -41.27 4.29
C GLY S 41 -10.54 -40.29 4.55
N LYS S 42 -10.87 -39.01 4.70
CA LYS S 42 -9.86 -38.01 4.99
C LYS S 42 -9.22 -38.27 6.36
N HIS S 43 -10.03 -38.58 7.36
CA HIS S 43 -9.47 -38.84 8.69
C HIS S 43 -8.59 -40.09 8.67
N GLU S 44 -9.03 -41.13 7.96
CA GLU S 44 -8.24 -42.35 7.84
C GLU S 44 -6.94 -42.10 7.11
N TYR S 45 -6.97 -41.27 6.06
CA TYR S 45 -5.76 -40.91 5.33
C TYR S 45 -4.78 -40.17 6.22
N HIS S 46 -5.29 -39.23 7.04
CA HIS S 46 -4.41 -38.52 7.97
C HIS S 46 -3.84 -39.45 9.01
N GLU S 47 -4.63 -40.41 9.49
CA GLU S 47 -4.12 -41.39 10.45
C GLU S 47 -3.01 -42.24 9.83
N SER S 48 -3.19 -42.65 8.56
CA SER S 48 -2.15 -43.41 7.87
C SER S 48 -0.89 -42.58 7.70
N ILE S 49 -1.03 -41.29 7.37
CA ILE S 49 0.15 -40.43 7.26
C ILE S 49 0.86 -40.30 8.59
N ASP S 50 0.10 -40.21 9.69
CA ASP S 50 0.74 -40.13 11.00
C ASP S 50 1.50 -41.42 11.32
N GLU S 51 0.92 -42.57 10.99
CA GLU S 51 1.64 -43.84 11.14
C GLU S 51 2.89 -43.85 10.28
N MET S 52 2.83 -43.25 9.10
CA MET S 52 3.97 -43.16 8.21
C MET S 52 5.09 -42.34 8.83
N LYS S 53 4.74 -41.20 9.44
CA LYS S 53 5.72 -40.39 10.15
C LYS S 53 6.32 -41.16 11.33
N HIS S 54 5.50 -41.92 12.04
CA HIS S 54 6.03 -42.75 13.14
C HIS S 54 7.04 -43.76 12.62
N ALA S 55 6.73 -44.41 11.50
CA ALA S 55 7.66 -45.38 10.92
C ALA S 55 8.96 -44.69 10.49
N ASP S 56 8.85 -43.49 9.92
CA ASP S 56 10.04 -42.74 9.51
C ASP S 56 10.90 -42.43 10.73
N LYS S 57 10.28 -41.98 11.82
CA LYS S 57 11.02 -41.67 13.03
C LYS S 57 11.72 -42.91 13.58
N LEU S 58 11.02 -44.04 13.57
CA LEU S 58 11.62 -45.28 14.05
C LEU S 58 12.80 -45.70 13.18
N ILE S 59 12.69 -45.53 11.86
CA ILE S 59 13.79 -45.86 10.97
C ILE S 59 14.99 -44.98 11.27
N LYS S 60 14.74 -43.68 11.47
CA LYS S 60 15.83 -42.77 11.80
C LYS S 60 16.51 -43.16 13.11
N ARG S 61 15.71 -43.52 14.12
CA ARG S 61 16.29 -43.88 15.41
C ARG S 61 17.09 -45.17 15.32
N ILE S 62 16.59 -46.15 14.57
CA ILE S 62 17.32 -47.40 14.39
C ILE S 62 18.63 -47.15 13.67
N LEU S 63 18.61 -46.30 12.66
CA LEU S 63 19.83 -46.01 11.91
C LEU S 63 20.83 -45.25 12.77
N PHE S 64 20.37 -44.34 13.61
CA PHE S 64 21.28 -43.62 14.50
C PHE S 64 21.99 -44.58 15.45
N LEU S 65 21.27 -45.57 15.98
CA LEU S 65 21.85 -46.54 16.89
C LEU S 65 22.67 -47.61 16.17
N GLU S 66 23.02 -47.38 14.91
CA GLU S 66 23.85 -48.30 14.12
C GLU S 66 23.20 -49.68 14.01
N GLY S 67 21.88 -49.71 13.84
CA GLY S 67 21.14 -50.92 13.62
C GLY S 67 20.61 -51.01 12.20
N LEU S 68 19.97 -52.14 11.91
CA LEU S 68 19.43 -52.39 10.58
C LEU S 68 17.91 -52.38 10.62
N PRO S 69 17.25 -51.37 10.06
CA PRO S 69 15.79 -51.38 10.02
C PRO S 69 15.28 -52.57 9.23
N ASN S 70 14.16 -53.13 9.69
CA ASN S 70 13.55 -54.32 9.11
C ASN S 70 12.21 -53.93 8.51
N LEU S 71 12.23 -53.48 7.26
CA LEU S 71 11.03 -53.13 6.53
C LEU S 71 10.51 -54.30 5.69
N GLN S 72 11.20 -55.44 5.72
CA GLN S 72 10.82 -56.59 4.91
C GLN S 72 9.62 -57.34 5.46
N GLU S 73 9.49 -57.43 6.78
CA GLU S 73 8.44 -58.21 7.41
C GLU S 73 7.16 -57.38 7.46
N LEU S 74 6.18 -57.76 6.64
CA LEU S 74 4.84 -57.17 6.67
C LEU S 74 3.87 -58.27 7.12
N GLY S 75 3.28 -58.09 8.29
CA GLY S 75 2.39 -59.07 8.85
C GLY S 75 0.99 -58.94 8.30
N LYS S 76 0.08 -59.70 8.92
CA LYS S 76 -1.30 -59.78 8.45
C LYS S 76 -2.02 -58.45 8.64
N LEU S 77 -2.73 -58.01 7.61
CA LEU S 77 -3.58 -56.83 7.71
C LEU S 77 -4.99 -57.24 8.13
N LEU S 78 -5.61 -56.41 8.96
CA LEU S 78 -6.98 -56.63 9.42
C LEU S 78 -7.88 -55.73 8.57
N ILE S 79 -8.21 -56.19 7.38
CA ILE S 79 -8.99 -55.42 6.43
C ILE S 79 -10.47 -55.73 6.60
N GLY S 80 -11.28 -54.69 6.80
CA GLY S 80 -12.70 -54.84 6.94
C GLY S 80 -13.43 -54.61 5.62
N GLU S 81 -14.74 -54.87 5.65
CA GLU S 81 -15.57 -54.76 4.47
C GLU S 81 -16.76 -53.81 4.62
N HIS S 82 -17.05 -53.34 5.82
CA HIS S 82 -18.06 -52.30 6.02
C HIS S 82 -17.62 -51.42 7.18
N THR S 83 -18.14 -50.19 7.19
CA THR S 83 -17.60 -49.11 8.01
C THR S 83 -17.40 -49.52 9.47
N LYS S 84 -18.43 -50.12 10.08
CA LYS S 84 -18.30 -50.58 11.46
C LYS S 84 -17.21 -51.64 11.58
N GLU S 85 -17.16 -52.56 10.61
CA GLU S 85 -16.16 -53.62 10.66
C GLU S 85 -14.74 -53.07 10.57
N MET S 86 -14.51 -52.09 9.69
CA MET S 86 -13.16 -51.58 9.53
C MET S 86 -12.76 -50.65 10.67
N LEU S 87 -13.73 -49.93 11.25
CA LEU S 87 -13.43 -49.19 12.47
C LEU S 87 -13.04 -50.14 13.60
N GLU S 88 -13.76 -51.26 13.73
CA GLU S 88 -13.39 -52.25 14.74
C GLU S 88 -12.03 -52.88 14.45
N CYS S 89 -11.71 -53.13 13.18
CA CYS S 89 -10.41 -53.66 12.83
C CYS S 89 -9.29 -52.69 13.19
N ASP S 90 -9.48 -51.40 12.90
CA ASP S 90 -8.49 -50.41 13.29
C ASP S 90 -8.34 -50.34 14.80
N LEU S 91 -9.45 -50.40 15.52
CA LEU S 91 -9.38 -50.39 16.99
C LEU S 91 -8.62 -51.61 17.50
N LYS S 92 -8.87 -52.77 16.91
CA LYS S 92 -8.17 -53.99 17.31
C LYS S 92 -6.68 -53.87 17.06
N LEU S 93 -6.29 -53.37 15.88
CA LEU S 93 -4.86 -53.18 15.58
C LEU S 93 -4.22 -52.21 16.56
N GLU S 94 -4.90 -51.09 16.83
CA GLU S 94 -4.33 -50.07 17.69
C GLU S 94 -4.17 -50.57 19.12
N GLN S 95 -5.16 -51.32 19.61
CA GLN S 95 -5.06 -51.91 20.94
C GLN S 95 -3.97 -52.97 21.01
N ALA S 96 -3.85 -53.81 19.98
CA ALA S 96 -2.81 -54.83 19.96
C ALA S 96 -1.41 -54.25 19.84
N GLY S 97 -1.28 -53.04 19.29
CA GLY S 97 0.01 -52.41 19.21
C GLY S 97 0.46 -51.75 20.50
N LEU S 98 -0.47 -51.55 21.44
CA LEU S 98 -0.12 -50.89 22.70
C LEU S 98 0.88 -51.66 23.55
N PRO S 99 0.69 -52.96 23.84
CA PRO S 99 1.62 -53.62 24.77
C PRO S 99 3.07 -53.59 24.31
N ASP S 100 3.32 -53.66 23.00
CA ASP S 100 4.69 -53.60 22.51
C ASP S 100 5.34 -52.25 22.82
N LEU S 101 4.60 -51.16 22.61
CA LEU S 101 5.14 -49.83 22.93
C LEU S 101 5.43 -49.69 24.41
N LYS S 102 4.52 -50.16 25.27
CA LYS S 102 4.74 -50.06 26.71
C LYS S 102 5.93 -50.91 27.15
N ALA S 103 6.07 -52.12 26.62
CA ALA S 103 7.23 -52.95 26.94
C ALA S 103 8.52 -52.31 26.47
N ALA S 104 8.51 -51.70 25.29
CA ALA S 104 9.69 -51.01 24.79
C ALA S 104 10.06 -49.82 25.67
N ILE S 105 9.06 -49.06 26.11
CA ILE S 105 9.33 -47.92 26.98
C ILE S 105 9.91 -48.39 28.31
N ALA S 106 9.33 -49.46 28.87
CA ALA S 106 9.85 -50.01 30.12
C ALA S 106 11.29 -50.49 29.97
N TYR S 107 11.60 -51.17 28.87
CA TYR S 107 12.97 -51.64 28.68
C TYR S 107 13.94 -50.47 28.47
N CYS S 108 13.53 -49.45 27.72
CA CYS S 108 14.39 -48.30 27.53
C CYS S 108 14.66 -47.59 28.85
N GLU S 109 13.66 -47.52 29.73
CA GLU S 109 13.89 -47.01 31.07
C GLU S 109 14.87 -47.90 31.83
N SER S 110 14.73 -49.22 31.69
CA SER S 110 15.57 -50.15 32.44
C SER S 110 17.04 -50.02 32.04
N VAL S 111 17.33 -49.90 30.75
CA VAL S 111 18.71 -49.85 30.28
C VAL S 111 19.22 -48.43 30.10
N GLY S 112 18.38 -47.41 30.29
CA GLY S 112 18.85 -46.05 30.24
C GLY S 112 18.91 -45.42 28.87
N ASP S 113 18.15 -45.91 27.89
CA ASP S 113 18.06 -45.27 26.58
C ASP S 113 16.88 -44.30 26.59
N TYR S 114 17.16 -43.10 27.10
CA TYR S 114 16.09 -42.17 27.43
C TYR S 114 15.54 -41.46 26.19
N ALA S 115 16.40 -41.22 25.20
CA ALA S 115 15.92 -40.58 23.97
C ALA S 115 14.95 -41.49 23.22
N SER S 116 15.27 -42.79 23.13
CA SER S 116 14.34 -43.74 22.55
C SER S 116 13.06 -43.81 23.36
N ARG S 117 13.16 -43.70 24.68
CA ARG S 117 11.96 -43.67 25.51
C ARG S 117 11.09 -42.48 25.20
N GLU S 118 11.69 -41.29 25.00
CA GLU S 118 10.91 -40.11 24.65
C GLU S 118 10.21 -40.29 23.31
N LEU S 119 10.93 -40.85 22.33
CA LEU S 119 10.34 -41.11 21.02
C LEU S 119 9.15 -42.06 21.14
N LEU S 120 9.33 -43.15 21.89
CA LEU S 120 8.25 -44.13 22.03
C LEU S 120 7.10 -43.57 22.84
N GLU S 121 7.38 -42.64 23.76
CA GLU S 121 6.31 -41.99 24.50
C GLU S 121 5.46 -41.11 23.59
N ASP S 122 6.11 -40.37 22.69
CA ASP S 122 5.36 -39.58 21.71
C ASP S 122 4.51 -40.48 20.84
N ILE S 123 5.09 -41.59 20.38
CA ILE S 123 4.33 -42.54 19.55
C ILE S 123 3.15 -43.10 20.33
N LEU S 124 3.35 -43.44 21.61
CA LEU S 124 2.29 -44.00 22.44
C LEU S 124 1.16 -43.00 22.63
N GLU S 125 1.51 -41.72 22.85
CA GLU S 125 0.49 -40.69 22.98
C GLU S 125 -0.34 -40.59 21.70
N SER S 126 0.33 -40.64 20.54
CA SER S 126 -0.41 -40.61 19.29
C SER S 126 -1.34 -41.82 19.16
N GLU S 127 -0.85 -43.00 19.51
CA GLU S 127 -1.69 -44.20 19.40
C GLU S 127 -2.90 -44.11 20.32
N GLU S 128 -2.70 -43.57 21.53
CA GLU S 128 -3.83 -43.37 22.44
C GLU S 128 -4.84 -42.39 21.88
N ASP S 129 -4.37 -41.33 21.21
CA ASP S 129 -5.29 -40.39 20.59
C ASP S 129 -6.13 -41.06 19.49
N HIS S 130 -5.48 -41.88 18.66
CA HIS S 130 -6.22 -42.62 17.64
C HIS S 130 -7.22 -43.59 18.27
N ILE S 131 -6.84 -44.24 19.36
CA ILE S 131 -7.77 -45.14 20.06
C ILE S 131 -8.98 -44.37 20.56
N ASP S 132 -8.75 -43.19 21.15
CA ASP S 132 -9.85 -42.36 21.63
C ASP S 132 -10.78 -41.99 20.49
N TRP S 133 -10.21 -41.60 19.34
CA TRP S 133 -11.06 -41.23 18.20
C TRP S 133 -11.89 -42.42 17.72
N LEU S 134 -11.27 -43.60 17.62
CA LEU S 134 -11.98 -44.77 17.14
C LEU S 134 -13.12 -45.16 18.08
N GLU S 135 -12.85 -45.14 19.40
CA GLU S 135 -13.89 -45.47 20.35
C GLU S 135 -15.01 -44.43 20.32
N THR S 136 -14.67 -43.16 20.16
CA THR S 136 -15.69 -42.12 20.04
C THR S 136 -16.57 -42.36 18.81
N GLN S 137 -15.95 -42.72 17.68
CA GLN S 137 -16.72 -42.99 16.47
C GLN S 137 -17.66 -44.18 16.66
N LEU S 138 -17.17 -45.26 17.28
CA LEU S 138 -18.03 -46.42 17.50
C LEU S 138 -19.18 -46.10 18.45
N ASP S 139 -18.91 -45.33 19.51
CA ASP S 139 -19.98 -44.92 20.42
C ASP S 139 -20.99 -44.02 19.72
N LEU S 140 -20.51 -43.14 18.82
CA LEU S 140 -21.43 -42.31 18.05
C LEU S 140 -22.31 -43.16 17.15
N ILE S 141 -21.72 -44.21 16.55
CA ILE S 141 -22.51 -45.12 15.73
C ILE S 141 -23.60 -45.78 16.57
N ASP S 142 -23.24 -46.23 17.77
CA ASP S 142 -24.21 -46.85 18.65
C ASP S 142 -25.24 -45.87 19.19
N LYS S 143 -24.91 -44.58 19.25
CA LYS S 143 -25.80 -43.57 19.82
C LYS S 143 -26.78 -42.98 18.81
N ILE S 144 -26.32 -42.66 17.60
CA ILE S 144 -27.15 -41.99 16.60
C ILE S 144 -27.59 -42.91 15.47
N GLY S 145 -27.09 -44.14 15.42
CA GLY S 145 -27.47 -45.06 14.37
C GLY S 145 -26.51 -45.08 13.21
N LEU S 146 -26.46 -46.20 12.48
CA LEU S 146 -25.53 -46.32 11.36
C LEU S 146 -25.89 -45.37 10.22
N GLU S 147 -27.18 -45.28 9.89
CA GLU S 147 -27.60 -44.46 8.76
C GLU S 147 -27.33 -42.97 9.02
N ASN S 148 -27.64 -42.51 10.23
CA ASN S 148 -27.35 -41.12 10.58
C ASN S 148 -25.84 -40.87 10.61
N TYR S 149 -25.08 -41.83 11.14
CA TYR S 149 -23.63 -41.66 11.22
C TYR S 149 -23.01 -41.56 9.84
N LEU S 150 -23.42 -42.44 8.91
CA LEU S 150 -22.85 -42.43 7.57
C LEU S 150 -23.20 -41.16 6.81
N GLN S 151 -24.36 -40.58 7.09
CA GLN S 151 -24.74 -39.32 6.45
C GLN S 151 -23.82 -38.18 6.89
N SER S 152 -23.33 -38.24 8.14
CA SER S 152 -22.41 -37.21 8.60
C SER S 152 -21.03 -37.34 7.97
N GLN S 153 -20.71 -38.48 7.38
CA GLN S 153 -19.39 -38.72 6.81
C GLN S 153 -19.33 -38.48 5.31
N MET S 154 -20.42 -38.02 4.69
CA MET S 154 -20.39 -37.73 3.25
C MET S 154 -19.40 -36.63 2.93
N ASP S 155 -19.37 -35.58 3.75
CA ASP S 155 -18.43 -34.48 3.55
C ASP S 155 -18.26 -33.68 4.83
N MET T 1 -17.94 -49.34 -11.36
CA MET T 1 -17.86 -50.01 -12.66
C MET T 1 -17.09 -51.32 -12.53
N LYS T 2 -17.64 -52.39 -13.08
CA LYS T 2 -16.98 -53.69 -13.03
C LYS T 2 -15.95 -53.78 -14.13
N GLY T 3 -14.70 -54.11 -13.77
CA GLY T 3 -13.61 -54.23 -14.71
C GLY T 3 -13.30 -55.67 -15.05
N ASP T 4 -12.31 -55.82 -15.94
CA ASP T 4 -11.87 -57.14 -16.35
C ASP T 4 -10.96 -57.73 -15.26
N LYS T 5 -11.12 -59.03 -15.01
CA LYS T 5 -10.38 -59.67 -13.92
C LYS T 5 -8.88 -59.64 -14.15
N ILE T 6 -8.45 -59.94 -15.39
CA ILE T 6 -7.02 -59.97 -15.69
C ILE T 6 -6.42 -58.57 -15.62
N VAL T 7 -7.18 -57.54 -16.00
CA VAL T 7 -6.69 -56.18 -15.81
C VAL T 7 -6.47 -55.89 -14.33
N ILE T 8 -7.38 -56.35 -13.48
CA ILE T 8 -7.24 -56.15 -12.04
C ILE T 8 -6.02 -56.89 -11.53
N GLN T 9 -5.77 -58.10 -12.04
CA GLN T 9 -4.57 -58.85 -11.63
C GLN T 9 -3.30 -58.12 -12.03
N HIS T 10 -3.27 -57.56 -13.25
CA HIS T 10 -2.11 -56.80 -13.68
C HIS T 10 -1.89 -55.58 -12.80
N LEU T 11 -2.98 -54.88 -12.48
CA LEU T 11 -2.89 -53.71 -11.60
C LEU T 11 -2.39 -54.10 -10.22
N ASN T 12 -2.83 -55.26 -9.72
CA ASN T 12 -2.37 -55.74 -8.43
C ASN T 12 -0.88 -56.06 -8.46
N LYS T 13 -0.40 -56.66 -9.55
CA LYS T 13 1.02 -56.94 -9.69
C LYS T 13 1.84 -55.65 -9.70
N ILE T 14 1.38 -54.66 -10.46
CA ILE T 14 2.08 -53.37 -10.47
C ILE T 14 2.04 -52.72 -9.09
N LEU T 15 0.93 -52.87 -8.38
CA LEU T 15 0.83 -52.32 -7.03
C LEU T 15 1.83 -52.98 -6.09
N GLY T 16 1.99 -54.29 -6.21
CA GLY T 16 2.99 -54.98 -5.41
C GLY T 16 4.40 -54.50 -5.71
N ASN T 17 4.71 -54.31 -6.99
CA ASN T 17 6.01 -53.78 -7.37
C ASN T 17 6.22 -52.39 -6.77
N GLU T 18 5.21 -51.54 -6.85
CA GLU T 18 5.31 -50.19 -6.29
C GLU T 18 5.49 -50.23 -4.78
N LEU T 19 4.81 -51.16 -4.10
CA LEU T 19 4.99 -51.30 -2.66
C LEU T 19 6.41 -51.73 -2.31
N ILE T 20 6.99 -52.63 -3.10
CA ILE T 20 8.39 -52.99 -2.91
C ILE T 20 9.29 -51.78 -3.05
N ALA T 21 9.04 -51.00 -4.12
CA ALA T 21 9.87 -49.83 -4.42
C ALA T 21 9.77 -48.79 -3.32
N ILE T 22 8.57 -48.62 -2.74
CA ILE T 22 8.37 -47.63 -1.69
C ILE T 22 9.31 -47.92 -0.51
N ASN T 23 9.28 -49.16 -0.03
CA ASN T 23 10.10 -49.52 1.12
C ASN T 23 11.58 -49.44 0.79
N GLN T 24 11.98 -49.96 -0.38
CA GLN T 24 13.40 -49.93 -0.72
C GLN T 24 13.91 -48.51 -0.82
N TYR T 25 13.17 -47.64 -1.51
CA TYR T 25 13.62 -46.26 -1.70
C TYR T 25 13.60 -45.49 -0.39
N PHE T 26 12.61 -45.72 0.47
CA PHE T 26 12.59 -45.00 1.74
C PHE T 26 13.75 -45.42 2.63
N LEU T 27 14.05 -46.72 2.69
CA LEU T 27 15.18 -47.17 3.49
C LEU T 27 16.49 -46.64 2.94
N HIS T 28 16.64 -46.65 1.61
CA HIS T 28 17.86 -46.11 1.02
C HIS T 28 18.00 -44.63 1.30
N ALA T 29 16.91 -43.87 1.19
CA ALA T 29 16.93 -42.45 1.48
C ALA T 29 17.33 -42.20 2.93
N ARG T 30 16.74 -42.93 3.86
CA ARG T 30 17.06 -42.74 5.26
C ARG T 30 18.47 -43.14 5.61
N MET T 31 19.06 -44.11 4.89
CA MET T 31 20.45 -44.44 5.20
C MET T 31 21.42 -43.53 4.44
N TYR T 32 20.92 -42.79 3.46
CA TYR T 32 21.75 -41.74 2.85
C TYR T 32 21.92 -40.56 3.79
N GLU T 33 20.84 -40.11 4.41
CA GLU T 33 20.93 -38.97 5.33
C GLU T 33 21.78 -39.31 6.54
N ASP T 34 21.76 -40.57 6.96
CA ASP T 34 22.59 -40.99 8.09
C ASP T 34 24.08 -40.85 7.80
N TRP T 35 24.48 -40.98 6.54
CA TRP T 35 25.87 -40.84 6.16
C TRP T 35 26.29 -39.39 5.91
N GLY T 36 25.35 -38.45 5.96
CA GLY T 36 25.63 -37.06 5.68
C GLY T 36 25.45 -36.66 4.24
N LEU T 37 24.95 -37.55 3.38
CA LEU T 37 24.73 -37.25 1.97
C LEU T 37 23.30 -36.73 1.81
N GLU T 38 23.15 -35.42 2.03
CA GLU T 38 21.81 -34.82 2.04
C GLU T 38 21.18 -34.79 0.65
N LYS T 39 22.00 -34.55 -0.39
CA LYS T 39 21.46 -34.44 -1.74
C LYS T 39 20.87 -35.76 -2.21
N LEU T 40 21.65 -36.84 -2.09
CA LEU T 40 21.19 -38.15 -2.50
C LEU T 40 20.02 -38.60 -1.66
N GLY T 41 20.06 -38.32 -0.35
CA GLY T 41 18.94 -38.67 0.51
C GLY T 41 17.66 -37.95 0.12
N LYS T 42 17.76 -36.66 -0.19
CA LYS T 42 16.58 -35.91 -0.60
C LYS T 42 16.02 -36.43 -1.92
N HIS T 43 16.88 -36.71 -2.89
CA HIS T 43 16.39 -37.23 -4.17
C HIS T 43 15.74 -38.60 -3.99
N GLU T 44 16.34 -39.45 -3.16
CA GLU T 44 15.77 -40.76 -2.90
C GLU T 44 14.43 -40.65 -2.17
N TYR T 45 14.33 -39.71 -1.23
CA TYR T 45 13.06 -39.48 -0.54
C TYR T 45 11.97 -39.04 -1.51
N HIS T 46 12.32 -38.14 -2.44
CA HIS T 46 11.34 -37.73 -3.45
C HIS T 46 10.95 -38.88 -4.36
N GLU T 47 11.90 -39.72 -4.75
CA GLU T 47 11.59 -40.90 -5.55
C GLU T 47 10.64 -41.83 -4.80
N SER T 48 10.90 -42.05 -3.51
CA SER T 48 10.01 -42.89 -2.71
C SER T 48 8.61 -42.31 -2.64
N ILE T 49 8.50 -40.99 -2.43
CA ILE T 49 7.19 -40.36 -2.38
C ILE T 49 6.45 -40.49 -3.71
N ASP T 50 7.18 -40.39 -4.82
CA ASP T 50 6.55 -40.61 -6.12
C ASP T 50 6.05 -42.05 -6.24
N GLU T 51 6.80 -43.01 -5.70
CA GLU T 51 6.33 -44.39 -5.68
C GLU T 51 5.06 -44.54 -4.85
N MET T 52 4.98 -43.82 -3.73
CA MET T 52 3.77 -43.86 -2.91
C MET T 52 2.58 -43.30 -3.68
N LYS T 53 2.80 -42.21 -4.42
CA LYS T 53 1.72 -41.66 -5.23
C LYS T 53 1.28 -42.62 -6.33
N HIS T 54 2.24 -43.32 -6.93
CA HIS T 54 1.90 -44.35 -7.92
C HIS T 54 1.05 -45.45 -7.29
N ALA T 55 1.42 -45.89 -6.08
CA ALA T 55 0.65 -46.90 -5.39
C ALA T 55 -0.76 -46.40 -5.07
N ASP T 56 -0.88 -45.13 -4.68
CA ASP T 56 -2.19 -44.53 -4.46
C ASP T 56 -3.04 -44.57 -5.73
N LYS T 57 -2.44 -44.19 -6.86
CA LYS T 57 -3.19 -44.21 -8.12
C LYS T 57 -3.64 -45.61 -8.47
N LEU T 58 -2.76 -46.60 -8.28
CA LEU T 58 -3.13 -47.99 -8.58
C LEU T 58 -4.24 -48.47 -7.66
N ILE T 59 -4.16 -48.13 -6.37
CA ILE T 59 -5.19 -48.54 -5.43
C ILE T 59 -6.54 -47.94 -5.81
N LYS T 60 -6.54 -46.65 -6.17
CA LYS T 60 -7.78 -46.02 -6.59
C LYS T 60 -8.35 -46.67 -7.84
N ARG T 61 -7.48 -47.01 -8.80
CA ARG T 61 -7.95 -47.65 -10.04
C ARG T 61 -8.54 -49.02 -9.75
N ILE T 62 -7.87 -49.80 -8.88
CA ILE T 62 -8.38 -51.14 -8.54
C ILE T 62 -9.71 -51.04 -7.82
N LEU T 63 -9.84 -50.07 -6.91
CA LEU T 63 -11.09 -49.88 -6.19
C LEU T 63 -12.21 -49.46 -7.12
N PHE T 64 -11.91 -48.59 -8.09
CA PHE T 64 -12.92 -48.19 -9.06
C PHE T 64 -13.40 -49.38 -9.88
N LEU T 65 -12.49 -50.27 -10.27
CA LEU T 65 -12.83 -51.44 -11.04
C LEU T 65 -13.47 -52.55 -10.20
N GLU T 66 -13.91 -52.24 -8.99
CA GLU T 66 -14.56 -53.20 -8.10
C GLU T 66 -13.65 -54.40 -7.81
N GLY T 67 -12.35 -54.14 -7.65
CA GLY T 67 -11.39 -55.16 -7.30
C GLY T 67 -10.87 -54.98 -5.89
N LEU T 68 -10.06 -55.94 -5.47
CA LEU T 68 -9.49 -55.94 -4.13
C LEU T 68 -7.99 -55.69 -4.20
N PRO T 69 -7.51 -54.52 -3.77
CA PRO T 69 -6.06 -54.28 -3.76
C PRO T 69 -5.34 -55.25 -2.84
N ASN T 70 -4.17 -55.68 -3.26
CA ASN T 70 -3.36 -56.64 -2.51
C ASN T 70 -2.14 -55.92 -1.97
N LEU T 71 -2.25 -55.38 -0.76
CA LEU T 71 -1.14 -54.75 -0.07
C LEU T 71 -0.46 -55.69 0.91
N GLN T 72 -0.94 -56.92 1.03
CA GLN T 72 -0.40 -57.86 2.02
C GLN T 72 0.97 -58.39 1.62
N GLU T 73 1.18 -58.67 0.34
CA GLU T 73 2.41 -59.28 -0.12
C GLU T 73 3.47 -58.22 -0.37
N LEU T 74 4.56 -58.28 0.39
CA LEU T 74 5.75 -57.47 0.16
C LEU T 74 6.89 -58.39 -0.24
N GLY T 75 7.48 -58.12 -1.39
CA GLY T 75 8.52 -58.99 -1.93
C GLY T 75 9.89 -58.69 -1.38
N LYS T 76 10.89 -59.28 -2.01
CA LYS T 76 12.27 -59.18 -1.57
C LYS T 76 12.78 -57.76 -1.79
N LEU T 77 13.28 -57.14 -0.73
CA LEU T 77 13.89 -55.82 -0.85
C LEU T 77 15.37 -55.96 -1.20
N LEU T 78 15.81 -55.21 -2.20
CA LEU T 78 17.21 -55.22 -2.64
C LEU T 78 17.90 -54.04 -1.97
N ILE T 79 18.35 -54.25 -0.73
CA ILE T 79 18.94 -53.19 0.08
C ILE T 79 20.46 -53.24 -0.09
N GLY T 80 21.04 -52.09 -0.45
CA GLY T 80 22.49 -51.99 -0.59
C GLY T 80 23.14 -51.55 0.71
N GLU T 81 24.49 -51.58 0.69
CA GLU T 81 25.27 -51.18 1.85
C GLU T 81 26.24 -50.03 1.56
N HIS T 82 26.48 -49.71 0.29
CA HIS T 82 27.30 -48.55 -0.05
C HIS T 82 26.70 -47.89 -1.28
N THR T 83 27.00 -46.60 -1.46
CA THR T 83 26.29 -45.74 -2.40
C THR T 83 26.18 -46.34 -3.80
N LYS T 84 27.30 -46.85 -4.33
CA LYS T 84 27.25 -47.49 -5.64
C LYS T 84 26.34 -48.72 -5.62
N GLU T 85 26.42 -49.52 -4.56
CA GLU T 85 25.54 -50.68 -4.43
C GLU T 85 24.08 -50.26 -4.33
N MET T 86 23.79 -49.20 -3.57
CA MET T 86 22.42 -48.71 -3.48
C MET T 86 21.89 -48.28 -4.84
N LEU T 87 22.69 -47.52 -5.58
CA LEU T 87 22.24 -47.05 -6.90
C LEU T 87 22.04 -48.22 -7.85
N GLU T 88 22.94 -49.19 -7.82
CA GLU T 88 22.78 -50.37 -8.68
C GLU T 88 21.55 -51.18 -8.30
N CYS T 89 21.27 -51.33 -7.00
CA CYS T 89 20.07 -52.04 -6.57
C CYS T 89 18.81 -51.32 -7.03
N ASP T 90 18.78 -49.99 -6.91
CA ASP T 90 17.64 -49.22 -7.38
C ASP T 90 17.44 -49.38 -8.88
N LEU T 91 18.52 -49.31 -9.64
CA LEU T 91 18.43 -49.46 -11.08
C LEU T 91 17.94 -50.86 -11.45
N LYS T 92 18.44 -51.88 -10.75
CA LYS T 92 18.01 -53.25 -11.02
C LYS T 92 16.52 -53.42 -10.70
N LEU T 93 16.06 -52.85 -9.59
CA LEU T 93 14.64 -52.92 -9.26
C LEU T 93 13.80 -52.24 -10.33
N GLU T 94 14.23 -51.06 -10.78
CA GLU T 94 13.46 -50.33 -11.78
C GLU T 94 13.39 -51.12 -13.08
N GLN T 95 14.53 -51.67 -13.51
CA GLN T 95 14.57 -52.43 -14.75
C GLN T 95 13.72 -53.70 -14.65
N ALA T 96 13.75 -54.36 -13.49
CA ALA T 96 12.94 -55.55 -13.29
C ALA T 96 11.45 -55.23 -13.26
N GLY T 97 11.07 -54.07 -12.73
CA GLY T 97 9.67 -53.69 -12.72
C GLY T 97 9.20 -53.12 -14.05
N LEU T 98 10.13 -52.80 -14.94
CA LEU T 98 9.76 -52.24 -16.24
C LEU T 98 8.91 -53.17 -17.09
N PRO T 99 9.28 -54.44 -17.31
CA PRO T 99 8.49 -55.27 -18.25
C PRO T 99 7.04 -55.47 -17.83
N ASP T 100 6.78 -55.51 -16.52
CA ASP T 100 5.41 -55.71 -16.05
C ASP T 100 4.51 -54.57 -16.49
N LEU T 101 5.00 -53.34 -16.41
CA LEU T 101 4.21 -52.19 -16.86
C LEU T 101 3.91 -52.28 -18.35
N LYS T 102 4.89 -52.66 -19.15
CA LYS T 102 4.67 -52.78 -20.59
C LYS T 102 3.66 -53.88 -20.92
N ALA T 103 3.76 -55.02 -20.23
CA ALA T 103 2.81 -56.09 -20.45
C ALA T 103 1.40 -55.66 -20.05
N ALA T 104 1.29 -54.93 -18.93
CA ALA T 104 -0.02 -54.45 -18.49
C ALA T 104 -0.60 -53.46 -19.49
N ILE T 105 0.23 -52.57 -20.03
CA ILE T 105 -0.25 -51.60 -21.01
C ILE T 105 -0.71 -52.32 -22.27
N ALA T 106 0.06 -53.31 -22.72
CA ALA T 106 -0.33 -54.06 -23.91
C ALA T 106 -1.65 -54.79 -23.69
N TYR T 107 -1.83 -55.41 -22.52
CA TYR T 107 -3.09 -56.11 -22.26
C TYR T 107 -4.26 -55.14 -22.17
N CYS T 108 -4.07 -53.99 -21.50
CA CYS T 108 -5.15 -53.02 -21.40
C CYS T 108 -5.54 -52.48 -22.77
N GLU T 109 -4.56 -52.33 -23.67
CA GLU T 109 -4.88 -51.98 -25.05
C GLU T 109 -5.65 -53.09 -25.74
N SER T 110 -5.29 -54.35 -25.45
CA SER T 110 -5.93 -55.48 -26.14
C SER T 110 -7.41 -55.58 -25.80
N VAL T 111 -7.79 -55.35 -24.55
CA VAL T 111 -9.16 -55.54 -24.11
C VAL T 111 -9.92 -54.21 -24.00
N GLY T 112 -9.30 -53.11 -24.39
CA GLY T 112 -10.01 -51.84 -24.43
C GLY T 112 -10.18 -51.14 -23.11
N ASP T 113 -9.27 -51.33 -22.16
CA ASP T 113 -9.27 -50.58 -20.91
C ASP T 113 -8.30 -49.40 -21.04
N TYR T 114 -8.80 -48.35 -21.69
CA TYR T 114 -7.92 -47.27 -22.12
C TYR T 114 -7.53 -46.33 -20.98
N ALA T 115 -8.43 -46.12 -20.01
CA ALA T 115 -8.08 -45.30 -18.86
C ALA T 115 -6.98 -45.95 -18.03
N SER T 116 -7.07 -47.25 -17.79
CA SER T 116 -6.00 -47.96 -17.12
C SER T 116 -4.71 -47.90 -17.93
N ARG T 117 -4.81 -47.95 -19.26
CA ARG T 117 -3.62 -47.82 -20.09
C ARG T 117 -2.97 -46.46 -19.91
N GLU T 118 -3.76 -45.39 -19.85
CA GLU T 118 -3.20 -44.06 -19.65
C GLU T 118 -2.54 -43.94 -18.28
N LEU T 119 -3.17 -44.51 -17.25
CA LEU T 119 -2.58 -44.51 -15.91
C LEU T 119 -1.23 -45.22 -15.92
N LEU T 120 -1.19 -46.44 -16.48
CA LEU T 120 0.05 -47.20 -16.52
C LEU T 120 1.08 -46.53 -17.42
N GLU T 121 0.63 -45.77 -18.42
CA GLU T 121 1.56 -45.05 -19.27
C GLU T 121 2.24 -43.93 -18.52
N ASP T 122 1.48 -43.18 -17.72
CA ASP T 122 2.09 -42.16 -16.88
C ASP T 122 3.07 -42.78 -15.89
N ILE T 123 2.68 -43.91 -15.30
CA ILE T 123 3.59 -44.59 -14.37
C ILE T 123 4.87 -45.01 -15.09
N LEU T 124 4.74 -45.54 -16.32
CA LEU T 124 5.90 -45.99 -17.08
C LEU T 124 6.83 -44.83 -17.40
N GLU T 125 6.26 -43.67 -17.77
CA GLU T 125 7.08 -42.50 -18.02
C GLU T 125 7.86 -42.11 -16.76
N SER T 126 7.20 -42.14 -15.61
CA SER T 126 7.91 -41.83 -14.37
C SER T 126 9.03 -42.82 -14.10
N GLU T 127 8.76 -44.12 -14.29
CA GLU T 127 9.80 -45.11 -14.04
C GLU T 127 10.98 -44.94 -14.98
N GLU T 128 10.72 -44.60 -16.25
CA GLU T 128 11.81 -44.31 -17.17
C GLU T 128 12.61 -43.08 -16.76
N ASP T 129 11.96 -42.06 -16.21
CA ASP T 129 12.70 -40.91 -15.69
C ASP T 129 13.63 -41.32 -14.55
N HIS T 130 13.12 -42.15 -13.63
CA HIS T 130 13.98 -42.67 -12.56
C HIS T 130 15.15 -43.48 -13.11
N ILE T 131 14.90 -44.30 -14.13
CA ILE T 131 15.98 -45.08 -14.74
C ILE T 131 17.03 -44.15 -15.33
N ASP T 132 16.59 -43.10 -16.01
CA ASP T 132 17.52 -42.13 -16.59
C ASP T 132 18.37 -41.47 -15.51
N TRP T 133 17.73 -41.07 -14.42
CA TRP T 133 18.48 -40.43 -13.33
C TRP T 133 19.51 -41.38 -12.74
N LEU T 134 19.12 -42.64 -12.52
CA LEU T 134 20.03 -43.60 -11.90
C LEU T 134 21.23 -43.88 -12.80
N GLU T 135 20.98 -44.06 -14.10
CA GLU T 135 22.08 -44.29 -15.03
C GLU T 135 22.98 -43.08 -15.13
N THR T 136 22.39 -41.88 -15.11
CA THR T 136 23.21 -40.67 -15.13
C THR T 136 24.11 -40.59 -13.89
N GLN T 137 23.56 -40.94 -12.72
CA GLN T 137 24.37 -40.92 -11.50
C GLN T 137 25.51 -41.93 -11.57
N LEU T 138 25.23 -43.13 -12.07
CA LEU T 138 26.30 -44.14 -12.16
C LEU T 138 27.38 -43.71 -13.16
N ASP T 139 26.96 -43.16 -14.29
CA ASP T 139 27.94 -42.66 -15.27
C ASP T 139 28.75 -41.51 -14.69
N LEU T 140 28.11 -40.65 -13.90
CA LEU T 140 28.84 -39.56 -13.24
C LEU T 140 29.86 -40.10 -12.25
N ILE T 141 29.49 -41.14 -11.51
CA ILE T 141 30.45 -41.78 -10.61
C ILE T 141 31.65 -42.30 -11.40
N ASP T 142 31.38 -42.92 -12.56
CA ASP T 142 32.48 -43.40 -13.39
C ASP T 142 33.34 -42.25 -13.90
N LYS T 143 32.72 -41.13 -14.29
CA LYS T 143 33.47 -40.02 -14.87
C LYS T 143 34.34 -39.32 -13.85
N ILE T 144 33.78 -38.97 -12.70
CA ILE T 144 34.47 -38.11 -11.75
C ILE T 144 35.03 -38.86 -10.55
N GLY T 145 34.70 -40.13 -10.38
CA GLY T 145 35.26 -40.89 -9.27
C GLY T 145 34.30 -40.91 -8.09
N LEU T 146 34.45 -41.91 -7.23
CA LEU T 146 33.57 -42.05 -6.08
C LEU T 146 33.75 -40.91 -5.08
N GLU T 147 35.00 -40.54 -4.80
CA GLU T 147 35.26 -39.52 -3.79
C GLU T 147 34.73 -38.16 -4.22
N ASN T 148 34.96 -37.78 -5.48
CA ASN T 148 34.43 -36.52 -5.99
C ASN T 148 32.90 -36.55 -6.00
N TYR T 149 32.31 -37.68 -6.39
CA TYR T 149 30.85 -37.77 -6.46
C TYR T 149 30.23 -37.63 -5.08
N LEU T 150 30.79 -38.32 -4.09
CA LEU T 150 30.20 -38.32 -2.75
C LEU T 150 30.31 -36.93 -2.12
N GLN T 151 31.37 -36.19 -2.44
CA GLN T 151 31.51 -34.83 -1.92
C GLN T 151 30.38 -33.94 -2.42
N SER T 152 30.01 -34.09 -3.69
CA SER T 152 28.94 -33.26 -4.27
C SER T 152 27.56 -33.62 -3.72
N GLN T 153 27.42 -34.76 -3.05
CA GLN T 153 26.15 -35.15 -2.45
C GLN T 153 26.04 -34.72 -0.99
N MET T 154 27.09 -34.11 -0.43
CA MET T 154 27.05 -33.68 0.96
C MET T 154 26.01 -32.58 1.18
N ASP T 155 26.01 -31.58 0.30
CA ASP T 155 25.10 -30.45 0.44
C ASP T 155 24.36 -30.17 -0.88
N MET U 1 -16.76 0.59 51.19
CA MET U 1 -18.09 1.00 51.67
C MET U 1 -18.77 -0.16 52.38
N LYS U 2 -19.31 0.11 53.57
CA LYS U 2 -19.99 -0.92 54.33
C LYS U 2 -21.41 -1.10 53.81
N GLY U 3 -21.77 -2.33 53.43
CA GLY U 3 -23.09 -2.65 52.96
C GLY U 3 -23.93 -3.34 54.03
N ASP U 4 -25.18 -3.61 53.66
CA ASP U 4 -26.09 -4.31 54.54
C ASP U 4 -25.65 -5.76 54.71
N LYS U 5 -25.76 -6.27 55.95
CA LYS U 5 -25.34 -7.64 56.21
C LYS U 5 -26.21 -8.64 55.46
N ILE U 6 -27.53 -8.41 55.43
CA ILE U 6 -28.42 -9.34 54.74
C ILE U 6 -28.21 -9.30 53.23
N VAL U 7 -27.89 -8.14 52.68
CA VAL U 7 -27.54 -8.07 51.26
C VAL U 7 -26.30 -8.92 50.99
N ILE U 8 -25.30 -8.84 51.88
CA ILE U 8 -24.10 -9.65 51.73
C ILE U 8 -24.43 -11.14 51.83
N GLN U 9 -25.36 -11.49 52.73
CA GLN U 9 -25.77 -12.88 52.84
C GLN U 9 -26.44 -13.38 51.57
N HIS U 10 -27.32 -12.57 50.98
CA HIS U 10 -27.96 -12.94 49.73
C HIS U 10 -26.93 -13.10 48.61
N LEU U 11 -25.97 -12.17 48.56
CA LEU U 11 -24.93 -12.25 47.54
C LEU U 11 -24.08 -13.50 47.72
N ASN U 12 -23.79 -13.87 48.97
CA ASN U 12 -23.01 -15.07 49.24
C ASN U 12 -23.78 -16.32 48.81
N LYS U 13 -25.09 -16.36 49.09
CA LYS U 13 -25.89 -17.50 48.68
C LYS U 13 -25.91 -17.64 47.15
N ILE U 14 -26.10 -16.51 46.46
CA ILE U 14 -26.08 -16.54 45.00
C ILE U 14 -24.70 -16.95 44.48
N LEU U 15 -23.64 -16.52 45.16
CA LEU U 15 -22.30 -16.94 44.77
C LEU U 15 -22.11 -18.44 44.91
N GLY U 16 -22.63 -19.02 45.99
CA GLY U 16 -22.56 -20.47 46.13
C GLY U 16 -23.32 -21.18 45.02
N ASN U 17 -24.50 -20.66 44.68
CA ASN U 17 -25.26 -21.23 43.56
C ASN U 17 -24.46 -21.17 42.27
N GLU U 18 -23.79 -20.03 42.04
CA GLU U 18 -23.01 -19.85 40.82
C GLU U 18 -21.83 -20.82 40.79
N LEU U 19 -21.19 -21.06 41.93
CA LEU U 19 -20.10 -22.04 41.98
C LEU U 19 -20.60 -23.44 41.65
N ILE U 20 -21.75 -23.82 42.21
CA ILE U 20 -22.35 -25.11 41.89
C ILE U 20 -22.58 -25.22 40.39
N ALA U 21 -23.13 -24.16 39.80
CA ALA U 21 -23.41 -24.14 38.36
C ALA U 21 -22.12 -24.25 37.56
N ILE U 22 -21.06 -23.56 38.00
CA ILE U 22 -19.77 -23.63 37.32
C ILE U 22 -19.28 -25.07 37.25
N ASN U 23 -19.27 -25.74 38.39
CA ASN U 23 -18.74 -27.10 38.43
C ASN U 23 -19.60 -28.04 37.58
N GLN U 24 -20.92 -27.97 37.74
CA GLN U 24 -21.80 -28.87 37.00
C GLN U 24 -21.68 -28.64 35.50
N TYR U 25 -21.66 -27.38 35.07
CA TYR U 25 -21.60 -27.07 33.64
C TYR U 25 -20.27 -27.45 33.05
N PHE U 26 -19.16 -27.27 33.78
CA PHE U 26 -17.87 -27.68 33.23
C PHE U 26 -17.80 -29.19 33.10
N LEU U 27 -18.30 -29.94 34.10
CA LEU U 27 -18.29 -31.39 33.97
C LEU U 27 -19.15 -31.85 32.80
N HIS U 28 -20.33 -31.25 32.65
CA HIS U 28 -21.20 -31.62 31.53
C HIS U 28 -20.54 -31.29 30.19
N ALA U 29 -19.91 -30.11 30.10
CA ALA U 29 -19.22 -29.73 28.87
C ALA U 29 -18.12 -30.72 28.52
N ARG U 30 -17.32 -31.10 29.51
CA ARG U 30 -16.23 -32.03 29.25
C ARG U 30 -16.74 -33.43 28.88
N MET U 31 -17.84 -33.88 29.47
CA MET U 31 -18.33 -35.21 29.10
C MET U 31 -19.09 -35.17 27.79
N TYR U 32 -19.49 -33.98 27.33
CA TYR U 32 -20.04 -33.86 25.99
C TYR U 32 -18.95 -34.02 24.92
N GLU U 33 -17.81 -33.37 25.12
CA GLU U 33 -16.73 -33.48 24.14
C GLU U 33 -16.19 -34.91 24.08
N ASP U 34 -16.23 -35.63 25.19
CA ASP U 34 -15.75 -37.00 25.21
C ASP U 34 -16.59 -37.91 24.33
N TRP U 35 -17.87 -37.59 24.16
CA TRP U 35 -18.77 -38.38 23.34
C TRP U 35 -18.73 -37.98 21.87
N GLY U 36 -17.94 -36.98 21.51
CA GLY U 36 -17.91 -36.50 20.14
C GLY U 36 -18.95 -35.45 19.81
N LEU U 37 -19.69 -34.96 20.80
CA LEU U 37 -20.72 -33.95 20.58
C LEU U 37 -20.10 -32.56 20.79
N GLU U 38 -19.49 -32.06 19.72
CA GLU U 38 -18.71 -30.82 19.80
C GLU U 38 -19.60 -29.60 20.06
N LYS U 39 -20.77 -29.55 19.43
CA LYS U 39 -21.64 -28.38 19.59
C LYS U 39 -22.13 -28.24 21.02
N LEU U 40 -22.65 -29.33 21.59
CA LEU U 40 -23.15 -29.30 22.95
C LEU U 40 -22.03 -29.02 23.94
N GLY U 41 -20.86 -29.62 23.71
CA GLY U 41 -19.72 -29.34 24.57
C GLY U 41 -19.30 -27.89 24.53
N LYS U 42 -19.26 -27.30 23.33
CA LYS U 42 -18.89 -25.89 23.20
C LYS U 42 -19.90 -24.99 23.90
N HIS U 43 -21.19 -25.27 23.73
CA HIS U 43 -22.19 -24.42 24.35
C HIS U 43 -22.18 -24.55 25.87
N GLU U 44 -22.00 -25.77 26.38
CA GLU U 44 -21.89 -25.96 27.81
C GLU U 44 -20.63 -25.29 28.37
N TYR U 45 -19.54 -25.33 27.62
CA TYR U 45 -18.32 -24.63 28.04
C TYR U 45 -18.54 -23.13 28.11
N HIS U 46 -19.25 -22.58 27.12
CA HIS U 46 -19.55 -21.15 27.13
C HIS U 46 -20.45 -20.79 28.31
N GLU U 47 -21.45 -21.64 28.58
CA GLU U 47 -22.32 -21.41 29.73
C GLU U 47 -21.55 -21.47 31.04
N SER U 48 -20.61 -22.41 31.16
CA SER U 48 -19.79 -22.51 32.36
C SER U 48 -18.92 -21.27 32.52
N ILE U 49 -18.37 -20.76 31.42
CA ILE U 49 -17.56 -19.54 31.49
C ILE U 49 -18.42 -18.35 31.91
N ASP U 50 -19.67 -18.31 31.42
CA ASP U 50 -20.59 -17.24 31.83
C ASP U 50 -20.88 -17.32 33.33
N GLU U 51 -21.09 -18.54 33.84
CA GLU U 51 -21.28 -18.72 35.28
C GLU U 51 -20.03 -18.31 36.04
N MET U 52 -18.85 -18.58 35.48
CA MET U 52 -17.60 -18.15 36.09
C MET U 52 -17.56 -16.63 36.23
N LYS U 53 -17.93 -15.92 35.15
CA LYS U 53 -17.93 -14.46 35.19
C LYS U 53 -18.96 -13.93 36.18
N HIS U 54 -20.12 -14.60 36.26
CA HIS U 54 -21.12 -14.22 37.26
C HIS U 54 -20.56 -14.34 38.68
N ALA U 55 -19.89 -15.45 38.95
CA ALA U 55 -19.28 -15.65 40.26
C ALA U 55 -18.21 -14.60 40.54
N ASP U 56 -17.42 -14.25 39.53
CA ASP U 56 -16.40 -13.22 39.69
C ASP U 56 -17.04 -11.88 40.04
N LYS U 57 -18.12 -11.52 39.34
CA LYS U 57 -18.81 -10.26 39.62
C LYS U 57 -19.38 -10.26 41.03
N LEU U 58 -19.95 -11.38 41.46
CA LEU U 58 -20.49 -11.46 42.81
C LEU U 58 -19.38 -11.33 43.86
N ILE U 59 -18.22 -11.95 43.59
CA ILE U 59 -17.09 -11.84 44.51
C ILE U 59 -16.65 -10.38 44.62
N LYS U 60 -16.54 -9.70 43.49
CA LYS U 60 -16.15 -8.28 43.53
C LYS U 60 -17.17 -7.44 44.29
N ARG U 61 -18.46 -7.69 44.08
CA ARG U 61 -19.48 -6.91 44.78
C ARG U 61 -19.45 -7.18 46.27
N ILE U 62 -19.26 -8.43 46.68
CA ILE U 62 -19.17 -8.74 48.11
C ILE U 62 -17.94 -8.08 48.72
N LEU U 63 -16.84 -8.08 47.98
CA LEU U 63 -15.61 -7.45 48.45
C LEU U 63 -15.80 -5.95 48.63
N PHE U 64 -16.49 -5.31 47.69
CA PHE U 64 -16.74 -3.88 47.79
C PHE U 64 -17.58 -3.55 49.03
N LEU U 65 -18.57 -4.41 49.32
CA LEU U 65 -19.42 -4.20 50.48
C LEU U 65 -18.75 -4.60 51.79
N GLU U 66 -17.43 -4.81 51.79
CA GLU U 66 -16.67 -5.16 52.99
C GLU U 66 -17.20 -6.44 53.63
N GLY U 67 -17.48 -7.44 52.80
CA GLY U 67 -17.91 -8.74 53.25
C GLY U 67 -16.92 -9.82 52.88
N LEU U 68 -17.19 -11.02 53.39
CA LEU U 68 -16.33 -12.17 53.14
C LEU U 68 -17.00 -13.13 52.17
N PRO U 69 -16.52 -13.25 50.93
CA PRO U 69 -17.09 -14.24 50.01
C PRO U 69 -16.93 -15.65 50.55
N ASN U 70 -17.94 -16.48 50.30
CA ASN U 70 -17.96 -17.86 50.78
C ASN U 70 -17.72 -18.77 49.58
N LEU U 71 -16.45 -19.01 49.27
CA LEU U 71 -16.07 -19.96 48.23
C LEU U 71 -15.98 -21.39 48.74
N GLN U 72 -15.99 -21.58 50.06
CA GLN U 72 -15.78 -22.89 50.67
C GLN U 72 -16.95 -23.84 50.40
N GLU U 73 -18.17 -23.36 50.58
CA GLU U 73 -19.32 -24.23 50.46
C GLU U 73 -19.64 -24.54 49.00
N LEU U 74 -19.54 -25.82 48.64
CA LEU U 74 -19.95 -26.32 47.34
C LEU U 74 -21.00 -27.41 47.56
N GLY U 75 -22.21 -27.17 47.09
CA GLY U 75 -23.31 -28.08 47.32
C GLY U 75 -23.37 -29.19 46.29
N LYS U 76 -24.50 -29.90 46.31
CA LYS U 76 -24.69 -31.07 45.46
C LYS U 76 -24.74 -30.65 43.99
N LEU U 77 -23.96 -31.33 43.15
CA LEU U 77 -24.06 -31.16 41.71
C LEU U 77 -25.07 -32.13 41.13
N LEU U 78 -25.79 -31.69 40.10
CA LEU U 78 -26.80 -32.49 39.43
C LEU U 78 -26.19 -33.01 38.13
N ILE U 79 -25.48 -34.12 38.23
CA ILE U 79 -24.74 -34.68 37.10
C ILE U 79 -25.58 -35.76 36.43
N GLY U 80 -25.74 -35.65 35.11
CA GLY U 80 -26.47 -36.64 34.34
C GLY U 80 -25.55 -37.69 33.75
N GLU U 81 -26.16 -38.67 33.09
CA GLU U 81 -25.40 -39.75 32.47
C GLU U 81 -25.59 -39.86 30.96
N HIS U 82 -26.73 -39.40 30.43
CA HIS U 82 -26.89 -39.27 28.99
C HIS U 82 -27.52 -37.92 28.68
N THR U 83 -27.38 -37.50 27.42
CA THR U 83 -27.58 -36.13 27.00
C THR U 83 -28.89 -35.53 27.49
N LYS U 84 -29.98 -36.30 27.39
CA LYS U 84 -31.27 -35.79 27.85
C LYS U 84 -31.24 -35.53 29.35
N GLU U 85 -30.65 -36.45 30.13
CA GLU U 85 -30.53 -36.24 31.56
C GLU U 85 -29.66 -35.04 31.88
N MET U 86 -28.58 -34.84 31.12
CA MET U 86 -27.75 -33.66 31.33
C MET U 86 -28.55 -32.38 31.11
N LEU U 87 -29.34 -32.32 30.04
CA LEU U 87 -30.13 -31.12 29.76
C LEU U 87 -31.18 -30.89 30.85
N GLU U 88 -31.87 -31.95 31.28
CA GLU U 88 -32.86 -31.78 32.34
C GLU U 88 -32.20 -31.37 33.65
N CYS U 89 -31.02 -31.92 33.96
CA CYS U 89 -30.31 -31.53 35.17
C CYS U 89 -29.91 -30.07 35.13
N ASP U 90 -29.40 -29.62 33.98
CA ASP U 90 -29.04 -28.21 33.84
C ASP U 90 -30.26 -27.31 33.99
N LEU U 91 -31.38 -27.70 33.38
CA LEU U 91 -32.60 -26.90 33.49
C LEU U 91 -33.11 -26.86 34.92
N LYS U 92 -33.06 -27.98 35.62
CA LYS U 92 -33.49 -28.03 37.02
C LYS U 92 -32.59 -27.15 37.88
N LEU U 93 -31.29 -27.20 37.65
CA LEU U 93 -30.38 -26.36 38.41
C LEU U 93 -30.61 -24.88 38.15
N GLU U 94 -30.84 -24.51 36.88
CA GLU U 94 -31.10 -23.12 36.55
C GLU U 94 -32.43 -22.62 37.10
N GLN U 95 -33.48 -23.44 37.06
CA GLN U 95 -34.78 -23.05 37.60
C GLN U 95 -34.77 -22.96 39.12
N ALA U 96 -33.87 -23.67 39.78
CA ALA U 96 -33.77 -23.64 41.23
C ALA U 96 -32.98 -22.46 41.75
N GLY U 97 -32.41 -21.65 40.87
CA GLY U 97 -31.67 -20.47 41.29
C GLY U 97 -32.42 -19.18 41.03
N LEU U 98 -33.48 -19.25 40.23
CA LEU U 98 -34.29 -18.06 39.97
C LEU U 98 -34.96 -17.52 41.23
N PRO U 99 -35.60 -18.32 42.10
CA PRO U 99 -36.20 -17.74 43.31
C PRO U 99 -35.21 -17.00 44.19
N ASP U 100 -33.98 -17.50 44.31
CA ASP U 100 -32.98 -16.82 45.12
C ASP U 100 -32.63 -15.46 44.53
N LEU U 101 -32.43 -15.41 43.21
CA LEU U 101 -32.13 -14.14 42.56
C LEU U 101 -33.29 -13.15 42.68
N LYS U 102 -34.52 -13.63 42.51
CA LYS U 102 -35.68 -12.76 42.62
C LYS U 102 -35.83 -12.22 44.03
N ALA U 103 -35.66 -13.07 45.05
CA ALA U 103 -35.71 -12.61 46.43
C ALA U 103 -34.61 -11.61 46.74
N ALA U 104 -33.40 -11.85 46.24
CA ALA U 104 -32.30 -10.92 46.45
C ALA U 104 -32.56 -9.57 45.80
N ILE U 105 -33.12 -9.57 44.58
CA ILE U 105 -33.44 -8.32 43.92
C ILE U 105 -34.52 -7.56 44.69
N ALA U 106 -35.54 -8.30 45.16
CA ALA U 106 -36.59 -7.66 45.95
C ALA U 106 -36.03 -7.05 47.23
N TYR U 107 -35.14 -7.77 47.91
CA TYR U 107 -34.56 -7.23 49.13
C TYR U 107 -33.68 -6.02 48.86
N CYS U 108 -32.87 -6.08 47.80
CA CYS U 108 -32.04 -4.93 47.44
C CYS U 108 -32.90 -3.72 47.11
N GLU U 109 -34.09 -3.95 46.54
CA GLU U 109 -35.05 -2.87 46.38
C GLU U 109 -35.52 -2.36 47.73
N SER U 110 -35.78 -3.27 48.68
CA SER U 110 -36.35 -2.85 49.96
C SER U 110 -35.40 -1.94 50.74
N VAL U 111 -34.10 -2.26 50.74
CA VAL U 111 -33.13 -1.51 51.54
C VAL U 111 -32.37 -0.49 50.70
N GLY U 112 -32.70 -0.36 49.42
CA GLY U 112 -32.08 0.67 48.61
C GLY U 112 -30.67 0.40 48.14
N ASP U 113 -30.29 -0.87 47.96
CA ASP U 113 -29.00 -1.21 47.35
C ASP U 113 -29.19 -1.41 45.85
N TYR U 114 -29.19 -0.29 45.13
CA TYR U 114 -29.63 -0.30 43.74
C TYR U 114 -28.56 -0.85 42.81
N ALA U 115 -27.28 -0.60 43.11
CA ALA U 115 -26.21 -1.17 42.29
C ALA U 115 -26.21 -2.69 42.36
N SER U 116 -26.41 -3.24 43.55
CA SER U 116 -26.55 -4.68 43.70
C SER U 116 -27.77 -5.20 42.94
N ARG U 117 -28.87 -4.45 42.95
CA ARG U 117 -30.03 -4.86 42.18
C ARG U 117 -29.71 -4.90 40.69
N GLU U 118 -28.97 -3.91 40.18
CA GLU U 118 -28.63 -3.91 38.77
C GLU U 118 -27.75 -5.10 38.41
N LEU U 119 -26.75 -5.40 39.25
CA LEU U 119 -25.90 -6.56 39.01
C LEU U 119 -26.73 -7.85 38.99
N LEU U 120 -27.58 -8.03 40.00
CA LEU U 120 -28.39 -9.24 40.08
C LEU U 120 -29.37 -9.32 38.92
N GLU U 121 -29.87 -8.17 38.45
CA GLU U 121 -30.78 -8.15 37.31
C GLU U 121 -30.05 -8.61 36.05
N ASP U 122 -28.82 -8.15 35.86
CA ASP U 122 -28.04 -8.60 34.70
C ASP U 122 -27.83 -10.11 34.74
N ILE U 123 -27.42 -10.64 35.89
CA ILE U 123 -27.18 -12.08 35.93
C ILE U 123 -28.49 -12.85 35.85
N LEU U 124 -29.60 -12.26 36.31
CA LEU U 124 -30.91 -12.90 36.17
C LEU U 124 -31.33 -13.00 34.70
N GLU U 125 -31.09 -11.93 33.93
CA GLU U 125 -31.35 -11.99 32.51
C GLU U 125 -30.50 -13.07 31.84
N SER U 126 -29.23 -13.18 32.24
CA SER U 126 -28.39 -14.23 31.70
C SER U 126 -28.95 -15.62 32.03
N GLU U 127 -29.39 -15.82 33.27
CA GLU U 127 -29.94 -17.12 33.65
C GLU U 127 -31.21 -17.42 32.86
N GLU U 128 -32.04 -16.41 32.63
CA GLU U 128 -33.25 -16.61 31.84
C GLU U 128 -32.91 -16.99 30.40
N ASP U 129 -31.87 -16.38 29.82
CA ASP U 129 -31.44 -16.80 28.49
C ASP U 129 -30.95 -18.24 28.46
N HIS U 130 -30.19 -18.65 29.48
CA HIS U 130 -29.78 -20.05 29.58
C HIS U 130 -30.99 -20.98 29.68
N ILE U 131 -31.98 -20.61 30.47
CA ILE U 131 -33.20 -21.42 30.58
C ILE U 131 -33.90 -21.52 29.24
N ASP U 132 -33.99 -20.40 28.50
CA ASP U 132 -34.62 -20.42 27.19
C ASP U 132 -33.89 -21.37 26.25
N TRP U 133 -32.55 -21.33 26.25
CA TRP U 133 -31.79 -22.23 25.39
C TRP U 133 -32.03 -23.69 25.77
N LEU U 134 -32.01 -23.99 27.07
CA LEU U 134 -32.20 -25.36 27.53
C LEU U 134 -33.58 -25.89 27.15
N GLU U 135 -34.60 -25.06 27.34
CA GLU U 135 -35.96 -25.47 26.97
C GLU U 135 -36.09 -25.67 25.47
N THR U 136 -35.45 -24.80 24.68
CA THR U 136 -35.48 -24.96 23.23
C THR U 136 -34.84 -26.26 22.81
N GLN U 137 -33.70 -26.61 23.41
CA GLN U 137 -33.03 -27.86 23.08
C GLN U 137 -33.89 -29.06 23.47
N LEU U 138 -34.50 -29.01 24.65
CA LEU U 138 -35.32 -30.14 25.10
C LEU U 138 -36.55 -30.31 24.22
N ASP U 139 -37.12 -29.20 23.73
CA ASP U 139 -38.27 -29.30 22.83
C ASP U 139 -37.84 -29.78 21.45
N LEU U 140 -36.65 -29.37 20.99
CA LEU U 140 -36.15 -29.83 19.71
C LEU U 140 -35.89 -31.33 19.73
N ILE U 141 -35.44 -31.86 20.87
CA ILE U 141 -35.24 -33.30 21.00
C ILE U 141 -36.53 -34.06 20.70
N ASP U 142 -37.65 -33.59 21.25
CA ASP U 142 -38.95 -34.20 20.98
C ASP U 142 -39.46 -33.91 19.58
N LYS U 143 -39.12 -32.76 19.00
CA LYS U 143 -39.57 -32.42 17.66
C LYS U 143 -38.89 -33.26 16.58
N ILE U 144 -37.58 -33.47 16.69
CA ILE U 144 -36.83 -34.15 15.64
C ILE U 144 -36.28 -35.50 16.07
N GLY U 145 -36.44 -35.90 17.32
CA GLY U 145 -35.93 -37.19 17.74
C GLY U 145 -34.54 -37.10 18.33
N LEU U 146 -34.23 -38.07 19.20
CA LEU U 146 -32.93 -38.07 19.86
C LEU U 146 -31.79 -38.32 18.88
N GLU U 147 -31.98 -39.29 17.97
CA GLU U 147 -30.91 -39.64 17.03
C GLU U 147 -30.61 -38.49 16.09
N ASN U 148 -31.64 -37.83 15.57
CA ASN U 148 -31.44 -36.68 14.71
C ASN U 148 -30.80 -35.53 15.49
N TYR U 149 -31.23 -35.32 16.73
CA TYR U 149 -30.68 -34.23 17.53
C TYR U 149 -29.19 -34.44 17.80
N LEU U 150 -28.81 -35.67 18.17
CA LEU U 150 -27.42 -35.93 18.52
C LEU U 150 -26.51 -35.80 17.31
N GLN U 151 -27.04 -36.10 16.11
CA GLN U 151 -26.25 -35.96 14.90
C GLN U 151 -25.89 -34.49 14.64
N SER U 152 -26.85 -33.59 14.89
CA SER U 152 -26.58 -32.17 14.68
C SER U 152 -25.57 -31.63 15.68
N GLN U 153 -25.38 -32.31 16.81
CA GLN U 153 -24.44 -31.88 17.83
C GLN U 153 -23.02 -32.36 17.57
N MET U 154 -22.84 -33.25 16.58
CA MET U 154 -21.50 -33.76 16.28
C MET U 154 -20.59 -32.65 15.76
N ASP U 155 -21.07 -31.90 14.77
CA ASP U 155 -20.27 -30.84 14.17
C ASP U 155 -20.94 -29.48 14.37
N MET V 1 -10.43 -45.38 26.29
CA MET V 1 -9.87 -46.65 26.73
C MET V 1 -9.99 -46.80 28.25
N LYS V 2 -10.01 -48.04 28.72
CA LYS V 2 -10.16 -48.30 30.14
C LYS V 2 -8.81 -48.22 30.83
N GLY V 3 -8.70 -47.35 31.84
CA GLY V 3 -7.48 -47.16 32.57
C GLY V 3 -7.48 -47.88 33.92
N ASP V 4 -6.35 -47.77 34.61
CA ASP V 4 -6.21 -48.37 35.92
C ASP V 4 -7.06 -47.62 36.94
N LYS V 5 -7.68 -48.36 37.86
CA LYS V 5 -8.55 -47.74 38.85
C LYS V 5 -7.76 -46.84 39.79
N ILE V 6 -6.59 -47.30 40.24
CA ILE V 6 -5.78 -46.51 41.17
C ILE V 6 -5.22 -45.27 40.49
N VAL V 7 -4.91 -45.36 39.20
CA VAL V 7 -4.48 -44.17 38.46
C VAL V 7 -5.61 -43.15 38.44
N ILE V 8 -6.85 -43.61 38.23
CA ILE V 8 -7.99 -42.70 38.25
C ILE V 8 -8.18 -42.11 39.64
N GLN V 9 -7.96 -42.89 40.69
CA GLN V 9 -8.05 -42.35 42.06
C GLN V 9 -7.02 -41.26 42.28
N HIS V 10 -5.78 -41.48 41.84
CA HIS V 10 -4.74 -40.46 41.99
C HIS V 10 -5.10 -39.20 41.21
N LEU V 11 -5.61 -39.37 39.99
CA LEU V 11 -6.00 -38.22 39.17
C LEU V 11 -7.13 -37.45 39.83
N ASN V 12 -8.07 -38.17 40.45
CA ASN V 12 -9.16 -37.50 41.15
C ASN V 12 -8.65 -36.72 42.36
N LYS V 13 -7.69 -37.29 43.09
CA LYS V 13 -7.09 -36.58 44.22
C LYS V 13 -6.42 -35.29 43.77
N ILE V 14 -5.62 -35.38 42.69
CA ILE V 14 -4.95 -34.18 42.19
C ILE V 14 -5.98 -33.17 41.68
N LEU V 15 -7.07 -33.66 41.08
CA LEU V 15 -8.13 -32.76 40.61
C LEU V 15 -8.75 -32.00 41.77
N GLY V 16 -9.01 -32.69 42.89
CA GLY V 16 -9.54 -32.01 44.05
C GLY V 16 -8.57 -30.97 44.59
N ASN V 17 -7.28 -31.31 44.62
CA ASN V 17 -6.27 -30.33 45.04
C ASN V 17 -6.29 -29.11 44.12
N GLU V 18 -6.41 -29.34 42.83
CA GLU V 18 -6.43 -28.23 41.86
C GLU V 18 -7.67 -27.36 42.06
N LEU V 19 -8.81 -27.98 42.37
CA LEU V 19 -10.02 -27.19 42.63
C LEU V 19 -9.85 -26.31 43.86
N ILE V 20 -9.26 -26.87 44.93
CA ILE V 20 -8.97 -26.08 46.12
C ILE V 20 -8.08 -24.90 45.76
N ALA V 21 -7.04 -25.16 44.95
CA ALA V 21 -6.13 -24.11 44.53
C ALA V 21 -6.85 -23.05 43.71
N ILE V 22 -7.75 -23.47 42.82
CA ILE V 22 -8.52 -22.53 42.00
C ILE V 22 -9.29 -21.56 42.89
N ASN V 23 -10.05 -22.11 43.84
CA ASN V 23 -10.87 -21.26 44.69
C ASN V 23 -10.02 -20.31 45.52
N GLN V 24 -8.97 -20.85 46.16
CA GLN V 24 -8.14 -20.02 47.02
C GLN V 24 -7.45 -18.92 46.23
N TYR V 25 -6.89 -19.26 45.07
CA TYR V 25 -6.16 -18.28 44.27
C TYR V 25 -7.09 -17.22 43.70
N PHE V 26 -8.30 -17.60 43.28
CA PHE V 26 -9.22 -16.60 42.77
C PHE V 26 -9.65 -15.63 43.87
N LEU V 27 -9.93 -16.16 45.07
CA LEU V 27 -10.32 -15.27 46.16
C LEU V 27 -9.16 -14.35 46.55
N HIS V 28 -7.94 -14.88 46.61
CA HIS V 28 -6.79 -14.05 46.91
C HIS V 28 -6.58 -12.97 45.85
N ALA V 29 -6.70 -13.35 44.57
CA ALA V 29 -6.55 -12.40 43.48
C ALA V 29 -7.57 -11.28 43.59
N ARG V 30 -8.82 -11.64 43.85
CA ARG V 30 -9.86 -10.62 43.96
C ARG V 30 -9.66 -9.72 45.17
N MET V 31 -9.18 -10.25 46.30
CA MET V 31 -8.98 -9.36 47.45
C MET V 31 -7.68 -8.58 47.33
N TYR V 32 -6.80 -8.96 46.41
CA TYR V 32 -5.64 -8.11 46.11
C TYR V 32 -6.06 -6.88 45.32
N GLU V 33 -6.91 -7.06 44.30
CA GLU V 33 -7.35 -5.91 43.50
C GLU V 33 -8.17 -4.94 44.33
N ASP V 34 -8.92 -5.45 45.31
CA ASP V 34 -9.74 -4.58 46.14
C ASP V 34 -8.89 -3.64 46.98
N TRP V 35 -7.71 -4.09 47.40
CA TRP V 35 -6.80 -3.25 48.18
C TRP V 35 -6.02 -2.26 47.32
N GLY V 36 -6.11 -2.37 45.99
CA GLY V 36 -5.35 -1.50 45.11
C GLY V 36 -4.03 -2.06 44.66
N LEU V 37 -3.76 -3.34 44.92
CA LEU V 37 -2.51 -3.98 44.51
C LEU V 37 -2.73 -4.72 43.19
N GLU V 38 -2.62 -3.97 42.09
CA GLU V 38 -2.93 -4.49 40.76
C GLU V 38 -1.96 -5.58 40.32
N LYS V 39 -0.67 -5.43 40.62
CA LYS V 39 0.32 -6.41 40.20
C LYS V 39 0.06 -7.77 40.84
N LEU V 40 -0.09 -7.79 42.16
CA LEU V 40 -0.33 -9.04 42.87
C LEU V 40 -1.68 -9.65 42.46
N GLY V 41 -2.69 -8.80 42.28
CA GLY V 41 -3.98 -9.30 41.83
C GLY V 41 -3.88 -9.96 40.46
N LYS V 42 -3.18 -9.32 39.52
CA LYS V 42 -3.03 -9.88 38.19
C LYS V 42 -2.26 -11.20 38.22
N HIS V 43 -1.18 -11.27 39.01
CA HIS V 43 -0.40 -12.49 39.05
C HIS V 43 -1.16 -13.63 39.71
N GLU V 44 -1.91 -13.32 40.77
CA GLU V 44 -2.74 -14.34 41.39
C GLU V 44 -3.87 -14.79 40.48
N TYR V 45 -4.43 -13.87 39.70
CA TYR V 45 -5.45 -14.24 38.71
C TYR V 45 -4.88 -15.18 37.66
N HIS V 46 -3.66 -14.89 37.18
CA HIS V 46 -3.03 -15.77 36.20
C HIS V 46 -2.71 -17.13 36.80
N GLU V 47 -2.23 -17.15 38.05
CA GLU V 47 -1.97 -18.42 38.71
C GLU V 47 -3.24 -19.23 38.89
N SER V 48 -4.33 -18.56 39.27
CA SER V 48 -5.64 -19.21 39.34
C SER V 48 -6.01 -19.84 38.01
N ILE V 49 -5.90 -19.06 36.92
CA ILE V 49 -6.21 -19.56 35.59
C ILE V 49 -5.33 -20.76 35.24
N ASP V 50 -4.08 -20.77 35.70
CA ASP V 50 -3.19 -21.89 35.41
C ASP V 50 -3.65 -23.16 36.14
N GLU V 51 -3.94 -23.05 37.43
CA GLU V 51 -4.50 -24.19 38.18
C GLU V 51 -5.80 -24.65 37.55
N MET V 52 -6.54 -23.71 36.98
CA MET V 52 -7.82 -23.93 36.33
C MET V 52 -7.67 -24.77 35.07
N LYS V 53 -6.71 -24.41 34.23
CA LYS V 53 -6.41 -25.23 33.04
C LYS V 53 -5.87 -26.59 33.45
N HIS V 54 -5.11 -26.65 34.55
CA HIS V 54 -4.65 -27.93 35.07
C HIS V 54 -5.83 -28.83 35.43
N ALA V 55 -6.82 -28.27 36.11
CA ALA V 55 -8.01 -29.04 36.47
C ALA V 55 -8.77 -29.49 35.23
N ASP V 56 -8.85 -28.63 34.21
CA ASP V 56 -9.50 -29.00 32.97
C ASP V 56 -8.78 -30.20 32.32
N LYS V 57 -7.44 -30.14 32.29
CA LYS V 57 -6.66 -31.24 31.72
C LYS V 57 -6.88 -32.53 32.48
N LEU V 58 -6.92 -32.44 33.81
CA LEU V 58 -7.16 -33.63 34.63
C LEU V 58 -8.55 -34.20 34.37
N ILE V 59 -9.55 -33.32 34.20
CA ILE V 59 -10.90 -33.79 33.89
C ILE V 59 -10.91 -34.55 32.57
N LYS V 60 -10.23 -33.99 31.56
CA LYS V 60 -10.15 -34.68 30.27
C LYS V 60 -9.47 -36.04 30.41
N ARG V 61 -8.37 -36.10 31.17
CA ARG V 61 -7.64 -37.35 31.31
C ARG V 61 -8.49 -38.40 32.04
N ILE V 62 -9.19 -37.99 33.09
CA ILE V 62 -10.06 -38.92 33.82
C ILE V 62 -11.18 -39.42 32.91
N LEU V 63 -11.74 -38.51 32.11
CA LEU V 63 -12.80 -38.90 31.19
C LEU V 63 -12.32 -39.88 30.14
N PHE V 64 -11.10 -39.67 29.63
CA PHE V 64 -10.54 -40.59 28.63
C PHE V 64 -10.35 -41.98 29.23
N LEU V 65 -9.92 -42.06 30.47
CA LEU V 65 -9.72 -43.33 31.17
C LEU V 65 -11.02 -43.97 31.64
N GLU V 66 -12.16 -43.47 31.16
CA GLU V 66 -13.48 -44.01 31.50
C GLU V 66 -13.72 -43.97 33.01
N GLY V 67 -13.32 -42.87 33.64
CA GLY V 67 -13.57 -42.64 35.04
C GLY V 67 -14.52 -41.49 35.28
N LEU V 68 -14.87 -41.30 36.55
CA LEU V 68 -15.78 -40.24 36.95
C LEU V 68 -15.02 -39.15 37.68
N PRO V 69 -14.87 -37.96 37.09
CA PRO V 69 -14.24 -36.86 37.83
C PRO V 69 -15.03 -36.50 39.08
N ASN V 70 -14.31 -36.16 40.13
CA ASN V 70 -14.90 -35.83 41.43
C ASN V 70 -14.70 -34.34 41.69
N LEU V 71 -15.64 -33.54 41.18
CA LEU V 71 -15.67 -32.11 41.45
C LEU V 71 -16.55 -31.76 42.64
N GLN V 72 -17.24 -32.75 43.21
CA GLN V 72 -18.14 -32.49 44.33
C GLN V 72 -17.37 -32.12 45.59
N GLU V 73 -16.21 -32.71 45.80
CA GLU V 73 -15.43 -32.49 47.02
C GLU V 73 -14.57 -31.26 46.90
N LEU V 74 -14.84 -30.27 47.75
CA LEU V 74 -14.00 -29.08 47.88
C LEU V 74 -13.52 -29.00 49.32
N GLY V 75 -12.22 -29.17 49.53
CA GLY V 75 -11.64 -29.21 50.85
C GLY V 75 -11.42 -27.83 51.44
N LYS V 76 -10.62 -27.81 52.49
CA LYS V 76 -10.36 -26.57 53.22
C LYS V 76 -9.66 -25.54 52.35
N LEU V 77 -10.03 -24.28 52.52
CA LEU V 77 -9.40 -23.16 51.83
C LEU V 77 -8.51 -22.41 52.80
N LEU V 78 -7.27 -22.15 52.39
CA LEU V 78 -6.30 -21.46 53.24
C LEU V 78 -6.31 -19.99 52.85
N ILE V 79 -7.30 -19.25 53.33
CA ILE V 79 -7.49 -17.86 52.96
C ILE V 79 -6.80 -16.98 53.99
N GLY V 80 -5.89 -16.12 53.53
CA GLY V 80 -5.21 -15.19 54.40
C GLY V 80 -5.98 -13.89 54.58
N GLU V 81 -5.42 -13.01 55.41
CA GLU V 81 -6.04 -11.71 55.69
C GLU V 81 -5.15 -10.53 55.34
N HIS V 82 -3.83 -10.71 55.31
CA HIS V 82 -2.91 -9.66 54.88
C HIS V 82 -1.90 -10.27 53.93
N THR V 83 -1.29 -9.41 53.10
CA THR V 83 -0.53 -9.83 51.93
C THR V 83 0.51 -10.90 52.23
N LYS V 84 1.30 -10.70 53.29
CA LYS V 84 2.26 -11.73 53.68
C LYS V 84 1.55 -13.02 54.04
N GLU V 85 0.44 -12.92 54.79
CA GLU V 85 -0.32 -14.11 55.15
C GLU V 85 -0.87 -14.82 53.91
N MET V 86 -1.36 -14.06 52.93
CA MET V 86 -1.83 -14.67 51.70
C MET V 86 -0.72 -15.41 50.97
N LEU V 87 0.47 -14.79 50.90
CA LEU V 87 1.58 -15.44 50.21
C LEU V 87 2.00 -16.71 50.93
N GLU V 88 2.07 -16.69 52.26
CA GLU V 88 2.42 -17.90 52.99
C GLU V 88 1.35 -18.98 52.84
N CYS V 89 0.07 -18.59 52.81
CA CYS V 89 -0.98 -19.57 52.60
C CYS V 89 -0.88 -20.22 51.22
N ASP V 90 -0.63 -19.42 50.18
CA ASP V 90 -0.46 -19.96 48.85
C ASP V 90 0.75 -20.89 48.80
N LEU V 91 1.86 -20.49 49.41
CA LEU V 91 3.05 -21.33 49.41
C LEU V 91 2.81 -22.64 50.14
N LYS V 92 2.10 -22.58 51.28
CA LYS V 92 1.80 -23.79 52.04
C LYS V 92 0.91 -24.73 51.24
N LEU V 93 -0.12 -24.20 50.57
CA LEU V 93 -0.97 -25.03 49.73
C LEU V 93 -0.18 -25.66 48.59
N GLU V 94 0.66 -24.87 47.93
CA GLU V 94 1.44 -25.37 46.81
C GLU V 94 2.43 -26.44 47.24
N GLN V 95 3.08 -26.27 48.39
CA GLN V 95 3.99 -27.28 48.93
C GLN V 95 3.25 -28.54 49.37
N ALA V 96 2.06 -28.40 49.95
CA ALA V 96 1.29 -29.58 50.33
C ALA V 96 0.75 -30.33 49.12
N GLY V 97 0.56 -29.64 48.00
CA GLY V 97 0.11 -30.32 46.79
C GLY V 97 1.17 -31.12 46.07
N LEU V 98 2.45 -30.83 46.35
CA LEU V 98 3.54 -31.51 45.64
C LEU V 98 3.62 -33.00 45.92
N PRO V 99 3.58 -33.49 47.16
CA PRO V 99 3.76 -34.94 47.37
C PRO V 99 2.75 -35.81 46.63
N ASP V 100 1.51 -35.33 46.48
CA ASP V 100 0.51 -36.10 45.75
C ASP V 100 0.91 -36.27 44.28
N LEU V 101 1.39 -35.19 43.66
CA LEU V 101 1.83 -35.27 42.27
C LEU V 101 3.00 -36.22 42.11
N LYS V 102 3.98 -36.15 43.01
CA LYS V 102 5.13 -37.03 42.93
C LYS V 102 4.73 -38.49 43.12
N ALA V 103 3.87 -38.77 44.09
CA ALA V 103 3.39 -40.14 44.29
C ALA V 103 2.62 -40.64 43.09
N ALA V 104 1.79 -39.79 42.48
CA ALA V 104 1.04 -40.20 41.30
C ALA V 104 1.96 -40.46 40.12
N ILE V 105 3.00 -39.64 39.94
CA ILE V 105 3.96 -39.88 38.86
C ILE V 105 4.68 -41.20 39.07
N ALA V 106 5.10 -41.46 40.31
CA ALA V 106 5.76 -42.73 40.60
C ALA V 106 4.85 -43.91 40.33
N TYR V 107 3.57 -43.81 40.73
CA TYR V 107 2.65 -44.91 40.48
C TYR V 107 2.40 -45.10 38.97
N CYS V 108 2.25 -44.00 38.23
CA CYS V 108 2.04 -44.12 36.80
C CYS V 108 3.24 -44.76 36.12
N GLU V 109 4.44 -44.50 36.64
CA GLU V 109 5.61 -45.26 36.19
C GLU V 109 5.48 -46.74 36.53
N SER V 110 4.99 -47.04 37.73
CA SER V 110 4.95 -48.43 38.18
C SER V 110 4.04 -49.28 37.29
N VAL V 111 2.89 -48.75 36.90
CA VAL V 111 1.92 -49.51 36.12
C VAL V 111 1.99 -49.17 34.63
N GLY V 112 2.92 -48.31 34.23
CA GLY V 112 3.10 -48.04 32.81
C GLY V 112 2.04 -47.18 32.17
N ASP V 113 1.51 -46.19 32.88
CA ASP V 113 0.61 -45.20 32.28
C ASP V 113 1.41 -43.93 31.99
N TYR V 114 2.10 -43.96 30.85
CA TYR V 114 3.13 -42.97 30.57
C TYR V 114 2.53 -41.63 30.13
N ALA V 115 1.39 -41.64 29.43
CA ALA V 115 0.76 -40.39 29.06
C ALA V 115 0.28 -39.62 30.28
N SER V 116 -0.31 -40.32 31.25
CA SER V 116 -0.68 -39.69 32.50
C SER V 116 0.53 -39.16 33.23
N ARG V 117 1.64 -39.90 33.21
CA ARG V 117 2.86 -39.41 33.83
C ARG V 117 3.35 -38.13 33.17
N GLU V 118 3.28 -38.06 31.84
CA GLU V 118 3.70 -36.83 31.16
C GLU V 118 2.82 -35.65 31.54
N LEU V 119 1.49 -35.87 31.61
CA LEU V 119 0.59 -34.81 32.02
C LEU V 119 0.91 -34.34 33.44
N LEU V 120 1.10 -35.28 34.36
CA LEU V 120 1.40 -34.92 35.74
C LEU V 120 2.77 -34.25 35.86
N GLU V 121 3.71 -34.63 34.99
CA GLU V 121 5.01 -33.96 34.98
C GLU V 121 4.89 -32.51 34.56
N ASP V 122 4.07 -32.24 33.54
CA ASP V 122 3.82 -30.86 33.15
C ASP V 122 3.19 -30.08 34.30
N ILE V 123 2.21 -30.70 34.97
CA ILE V 123 1.56 -30.04 36.10
C ILE V 123 2.57 -29.74 37.21
N LEU V 124 3.44 -30.71 37.51
CA LEU V 124 4.43 -30.54 38.55
C LEU V 124 5.42 -29.44 38.20
N GLU V 125 5.84 -29.38 36.93
CA GLU V 125 6.74 -28.31 36.51
C GLU V 125 6.08 -26.94 36.69
N SER V 126 4.79 -26.84 36.41
CA SER V 126 4.10 -25.57 36.66
C SER V 126 4.03 -25.26 38.15
N GLU V 127 3.73 -26.27 38.98
CA GLU V 127 3.60 -26.02 40.42
C GLU V 127 4.93 -25.57 41.01
N GLU V 128 6.04 -26.15 40.54
CA GLU V 128 7.36 -25.72 41.02
C GLU V 128 7.65 -24.28 40.63
N ASP V 129 7.24 -23.83 39.45
CA ASP V 129 7.38 -22.43 39.07
C ASP V 129 6.57 -21.51 39.97
N HIS V 130 5.34 -21.88 40.28
CA HIS V 130 4.56 -21.09 41.24
C HIS V 130 5.22 -21.04 42.61
N ILE V 131 5.78 -22.16 43.07
CA ILE V 131 6.50 -22.17 44.34
C ILE V 131 7.69 -21.23 44.28
N ASP V 132 8.44 -21.25 43.18
CA ASP V 132 9.59 -20.37 43.03
C ASP V 132 9.16 -18.91 43.09
N TRP V 133 8.06 -18.57 42.41
CA TRP V 133 7.59 -17.20 42.43
C TRP V 133 7.19 -16.76 43.83
N LEU V 134 6.46 -17.62 44.55
CA LEU V 134 6.01 -17.27 45.90
C LEU V 134 7.20 -17.09 46.84
N GLU V 135 8.19 -17.98 46.74
CA GLU V 135 9.38 -17.85 47.57
C GLU V 135 10.17 -16.59 47.24
N THR V 136 10.26 -16.24 45.95
CA THR V 136 10.93 -15.01 45.55
C THR V 136 10.22 -13.79 46.11
N GLN V 137 8.87 -13.80 46.08
CA GLN V 137 8.13 -12.67 46.63
C GLN V 137 8.35 -12.54 48.14
N LEU V 138 8.34 -13.67 48.85
CA LEU V 138 8.57 -13.60 50.29
C LEU V 138 9.98 -13.11 50.61
N ASP V 139 10.97 -13.58 49.84
CA ASP V 139 12.34 -13.10 50.03
C ASP V 139 12.46 -11.61 49.72
N LEU V 140 11.77 -11.13 48.69
CA LEU V 140 11.78 -9.70 48.40
C LEU V 140 11.14 -8.91 49.52
N ILE V 141 10.06 -9.43 50.11
CA ILE V 141 9.45 -8.77 51.27
C ILE V 141 10.45 -8.67 52.40
N ASP V 142 11.18 -9.75 52.68
CA ASP V 142 12.18 -9.72 53.73
C ASP V 142 13.40 -8.86 53.38
N LYS V 143 13.65 -8.62 52.10
CA LYS V 143 14.80 -7.86 51.65
C LYS V 143 14.57 -6.36 51.60
N ILE V 144 13.42 -5.92 51.07
CA ILE V 144 13.16 -4.50 50.88
C ILE V 144 12.11 -3.95 51.83
N GLY V 145 11.46 -4.78 52.62
CA GLY V 145 10.48 -4.28 53.56
C GLY V 145 9.07 -4.41 53.02
N LEU V 146 8.10 -4.47 53.94
CA LEU V 146 6.71 -4.63 53.56
C LEU V 146 6.18 -3.39 52.83
N GLU V 147 6.48 -2.21 53.36
CA GLU V 147 5.97 -0.98 52.76
C GLU V 147 6.53 -0.75 51.37
N ASN V 148 7.84 -0.99 51.20
CA ASN V 148 8.44 -0.87 49.87
C ASN V 148 7.87 -1.90 48.92
N TYR V 149 7.68 -3.14 49.38
CA TYR V 149 7.16 -4.19 48.52
C TYR V 149 5.74 -3.87 48.07
N LEU V 150 4.90 -3.41 48.98
CA LEU V 150 3.50 -3.15 48.65
C LEU V 150 3.38 -1.99 47.67
N GLN V 151 4.29 -1.02 47.76
CA GLN V 151 4.29 0.09 46.81
C GLN V 151 4.55 -0.41 45.39
N SER V 152 5.49 -1.34 45.24
CA SER V 152 5.81 -1.88 43.92
C SER V 152 4.68 -2.72 43.35
N GLN V 153 3.74 -3.18 44.18
CA GLN V 153 2.59 -3.94 43.71
C GLN V 153 1.40 -3.06 43.38
N MET V 154 1.52 -1.74 43.58
CA MET V 154 0.42 -0.83 43.24
C MET V 154 0.14 -0.85 41.75
N ASP V 155 1.13 -0.51 40.94
CA ASP V 155 0.96 -0.47 39.49
C ASP V 155 1.75 -1.60 38.82
N MET W 1 -42.41 17.71 28.19
CA MET W 1 -43.37 16.96 28.99
C MET W 1 -43.38 17.46 30.43
N LYS W 2 -44.58 17.62 30.99
CA LYS W 2 -44.71 18.03 32.38
C LYS W 2 -44.26 16.90 33.31
N GLY W 3 -43.40 17.23 34.28
CA GLY W 3 -42.96 16.30 35.27
C GLY W 3 -43.58 16.57 36.63
N ASP W 4 -43.23 15.70 37.58
CA ASP W 4 -43.70 15.87 38.95
C ASP W 4 -42.82 16.90 39.66
N LYS W 5 -43.46 17.79 40.43
CA LYS W 5 -42.73 18.88 41.05
C LYS W 5 -41.70 18.38 42.05
N ILE W 6 -42.06 17.36 42.83
CA ILE W 6 -41.13 16.81 43.81
C ILE W 6 -39.94 16.15 43.12
N VAL W 7 -40.16 15.52 41.97
CA VAL W 7 -39.05 14.98 41.20
C VAL W 7 -38.12 16.10 40.75
N ILE W 8 -38.69 17.23 40.35
CA ILE W 8 -37.88 18.39 39.97
C ILE W 8 -37.07 18.89 41.16
N GLN W 9 -37.68 18.95 42.34
CA GLN W 9 -36.93 19.38 43.53
C GLN W 9 -35.79 18.43 43.86
N HIS W 10 -36.03 17.12 43.76
CA HIS W 10 -34.97 16.15 44.01
C HIS W 10 -33.85 16.30 43.00
N LEU W 11 -34.20 16.48 41.72
CA LEU W 11 -33.18 16.65 40.68
C LEU W 11 -32.38 17.91 40.91
N ASN W 12 -33.03 18.98 41.37
CA ASN W 12 -32.32 20.22 41.67
C ASN W 12 -31.38 20.04 42.85
N LYS W 13 -31.80 19.30 43.87
CA LYS W 13 -30.91 19.00 45.00
C LYS W 13 -29.68 18.24 44.53
N ILE W 14 -29.88 17.20 43.71
CA ILE W 14 -28.76 16.44 43.20
C ILE W 14 -27.86 17.31 42.34
N LEU W 15 -28.45 18.21 41.55
CA LEU W 15 -27.66 19.11 40.71
C LEU W 15 -26.80 20.04 41.56
N GLY W 16 -27.35 20.57 42.64
CA GLY W 16 -26.56 21.40 43.53
C GLY W 16 -25.40 20.63 44.15
N ASN W 17 -25.67 19.40 44.59
CA ASN W 17 -24.59 18.57 45.11
C ASN W 17 -23.51 18.34 44.06
N GLU W 18 -23.93 18.11 42.81
CA GLU W 18 -22.96 17.87 41.74
C GLU W 18 -22.13 19.12 41.46
N LEU W 19 -22.74 20.31 41.54
CA LEU W 19 -21.97 21.54 41.36
C LEU W 19 -20.93 21.71 42.47
N ILE W 20 -21.34 21.43 43.72
CA ILE W 20 -20.39 21.46 44.82
C ILE W 20 -19.22 20.52 44.56
N ALA W 21 -19.52 19.30 44.12
CA ALA W 21 -18.48 18.33 43.82
C ALA W 21 -17.58 18.80 42.69
N ILE W 22 -18.17 19.42 41.66
CA ILE W 22 -17.39 19.93 40.54
C ILE W 22 -16.35 20.93 41.03
N ASN W 23 -16.79 21.92 41.79
CA ASN W 23 -15.86 22.95 42.24
C ASN W 23 -14.80 22.37 43.17
N GLN W 24 -15.20 21.55 44.14
CA GLN W 24 -14.23 21.01 45.08
C GLN W 24 -13.21 20.12 44.38
N TYR W 25 -13.68 19.27 43.46
CA TYR W 25 -12.78 18.35 42.78
C TYR W 25 -11.84 19.09 41.85
N PHE W 26 -12.31 20.13 41.16
CA PHE W 26 -11.41 20.88 40.30
C PHE W 26 -10.34 21.60 41.11
N LEU W 27 -10.73 22.19 42.24
CA LEU W 27 -9.75 22.86 43.08
C LEU W 27 -8.73 21.88 43.62
N HIS W 28 -9.19 20.71 44.08
CA HIS W 28 -8.26 19.70 44.59
C HIS W 28 -7.34 19.19 43.49
N ALA W 29 -7.88 18.98 42.29
CA ALA W 29 -7.08 18.52 41.17
C ALA W 29 -5.98 19.51 40.84
N ARG W 30 -6.33 20.80 40.75
CA ARG W 30 -5.34 21.79 40.42
C ARG W 30 -4.34 22.03 41.54
N MET W 31 -4.73 21.78 42.80
CA MET W 31 -3.77 21.91 43.89
C MET W 31 -2.84 20.71 43.94
N TYR W 32 -3.30 19.55 43.45
CA TYR W 32 -2.43 18.38 43.36
C TYR W 32 -1.33 18.59 42.32
N GLU W 33 -1.68 19.09 41.14
CA GLU W 33 -0.67 19.31 40.10
C GLU W 33 0.35 20.35 40.52
N ASP W 34 -0.07 21.34 41.32
CA ASP W 34 0.84 22.36 41.78
C ASP W 34 1.93 21.79 42.68
N TRP W 35 1.62 20.75 43.44
CA TRP W 35 2.58 20.11 44.33
C TRP W 35 3.50 19.14 43.62
N GLY W 36 3.25 18.85 42.35
CA GLY W 36 4.04 17.87 41.63
C GLY W 36 3.47 16.47 41.63
N LEU W 37 2.21 16.31 42.04
CA LEU W 37 1.55 15.01 42.06
C LEU W 37 0.68 14.86 40.83
N GLU W 38 1.32 14.52 39.71
CA GLU W 38 0.63 14.46 38.43
C GLU W 38 -0.46 13.38 38.42
N LYS W 39 -0.18 12.23 39.01
CA LYS W 39 -1.12 11.11 38.92
C LYS W 39 -2.39 11.40 39.71
N LEU W 40 -2.25 11.85 40.96
CA LEU W 40 -3.41 12.18 41.78
C LEU W 40 -4.17 13.35 41.19
N GLY W 41 -3.46 14.36 40.67
CA GLY W 41 -4.13 15.48 40.04
C GLY W 41 -4.91 15.06 38.80
N LYS W 42 -4.34 14.16 38.00
CA LYS W 42 -5.04 13.68 36.82
C LYS W 42 -6.30 12.91 37.20
N HIS W 43 -6.21 12.06 38.22
CA HIS W 43 -7.40 11.32 38.63
C HIS W 43 -8.47 12.24 39.19
N GLU W 44 -8.07 13.24 39.98
CA GLU W 44 -9.03 14.21 40.50
C GLU W 44 -9.66 15.03 39.37
N TYR W 45 -8.88 15.39 38.35
CA TYR W 45 -9.41 16.09 37.19
C TYR W 45 -10.43 15.24 36.46
N HIS W 46 -10.15 13.95 36.29
CA HIS W 46 -11.11 13.05 35.65
C HIS W 46 -12.39 12.94 36.46
N GLU W 47 -12.26 12.85 37.80
CA GLU W 47 -13.43 12.81 38.66
C GLU W 47 -14.26 14.09 38.52
N SER W 48 -13.58 15.25 38.44
CA SER W 48 -14.28 16.51 38.28
C SER W 48 -15.03 16.56 36.95
N ILE W 49 -14.40 16.05 35.89
CA ILE W 49 -15.07 16.02 34.59
C ILE W 49 -16.28 15.11 34.63
N ASP W 50 -16.17 13.98 35.34
CA ASP W 50 -17.32 13.10 35.50
C ASP W 50 -18.46 13.78 36.24
N GLU W 51 -18.12 14.54 37.29
CA GLU W 51 -19.14 15.31 38.00
C GLU W 51 -19.77 16.35 37.09
N MET W 52 -18.97 16.96 36.22
CA MET W 52 -19.50 17.93 35.26
C MET W 52 -20.50 17.27 34.32
N LYS W 53 -20.17 16.08 33.83
CA LYS W 53 -21.10 15.35 32.96
C LYS W 53 -22.37 14.96 33.70
N HIS W 54 -22.25 14.57 34.97
CA HIS W 54 -23.44 14.29 35.77
C HIS W 54 -24.32 15.53 35.90
N ALA W 55 -23.71 16.68 36.15
CA ALA W 55 -24.49 17.92 36.26
C ALA W 55 -25.17 18.25 34.93
N ASP W 56 -24.46 18.04 33.82
CA ASP W 56 -25.06 18.28 32.50
C ASP W 56 -26.26 17.36 32.27
N LYS W 57 -26.12 16.09 32.64
CA LYS W 57 -27.22 15.14 32.47
C LYS W 57 -28.42 15.55 33.31
N LEU W 58 -28.17 15.99 34.55
CA LEU W 58 -29.26 16.45 35.41
C LEU W 58 -29.93 17.69 34.84
N ILE W 59 -29.14 18.62 34.29
CA ILE W 59 -29.72 19.83 33.69
C ILE W 59 -30.60 19.46 32.52
N LYS W 60 -30.13 18.54 31.68
CA LYS W 60 -30.92 18.10 30.54
C LYS W 60 -32.23 17.46 30.99
N ARG W 61 -32.17 16.62 32.03
CA ARG W 61 -33.38 15.97 32.51
C ARG W 61 -34.37 16.97 33.10
N ILE W 62 -33.86 17.96 33.84
CA ILE W 62 -34.73 18.97 34.42
C ILE W 62 -35.39 19.80 33.33
N LEU W 63 -34.62 20.17 32.30
CA LEU W 63 -35.19 20.96 31.21
C LEU W 63 -36.21 20.16 30.42
N PHE W 64 -35.98 18.85 30.25
CA PHE W 64 -36.95 18.02 29.57
C PHE W 64 -38.27 17.97 30.32
N LEU W 65 -38.20 17.89 31.66
CA LEU W 65 -39.39 17.82 32.49
C LEU W 65 -40.05 19.18 32.69
N GLU W 66 -39.71 20.17 31.87
CA GLU W 66 -40.29 21.51 31.94
C GLU W 66 -40.05 22.16 33.31
N GLY W 67 -38.87 21.93 33.87
CA GLY W 67 -38.46 22.53 35.11
C GLY W 67 -37.41 23.61 34.92
N LEU W 68 -36.97 24.16 36.04
CA LEU W 68 -35.97 25.24 36.03
C LEU W 68 -34.74 24.80 36.80
N PRO W 69 -33.63 24.51 36.13
CA PRO W 69 -32.40 24.14 36.86
C PRO W 69 -31.94 25.26 37.77
N ASN W 70 -31.42 24.88 38.93
CA ASN W 70 -30.97 25.82 39.95
C ASN W 70 -29.46 25.70 40.07
N LEU W 71 -28.74 26.47 39.24
CA LEU W 71 -27.29 26.56 39.31
C LEU W 71 -26.82 27.74 40.15
N GLN W 72 -27.75 28.54 40.68
CA GLN W 72 -27.37 29.73 41.44
C GLN W 72 -26.84 29.39 42.83
N GLU W 73 -27.38 28.33 43.45
CA GLU W 73 -27.01 27.97 44.81
C GLU W 73 -25.79 27.07 44.79
N LEU W 74 -24.67 27.57 45.30
CA LEU W 74 -23.46 26.79 45.49
C LEU W 74 -23.18 26.71 46.99
N GLY W 75 -23.13 25.50 47.52
CA GLY W 75 -22.94 25.31 48.94
C GLY W 75 -21.49 25.32 49.35
N LYS W 76 -21.26 24.99 50.62
CA LYS W 76 -19.92 25.02 51.18
C LYS W 76 -19.07 23.90 50.61
N LEU W 77 -17.88 24.25 50.10
CA LEU W 77 -16.92 23.25 49.66
C LEU W 77 -16.05 22.79 50.81
N LEU W 78 -15.68 21.51 50.79
CA LEU W 78 -14.81 20.92 51.80
C LEU W 78 -13.40 20.87 51.22
N ILE W 79 -12.70 22.01 51.30
CA ILE W 79 -11.37 22.12 50.72
C ILE W 79 -10.33 21.73 51.75
N GLY W 80 -9.42 20.83 51.37
CA GLY W 80 -8.35 20.38 52.23
C GLY W 80 -7.04 21.09 51.91
N GLU W 81 -6.05 20.85 52.76
CA GLU W 81 -4.74 21.48 52.63
C GLU W 81 -3.59 20.50 52.51
N HIS W 82 -3.79 19.23 52.84
CA HIS W 82 -2.77 18.21 52.59
C HIS W 82 -3.46 16.97 52.04
N THR W 83 -2.70 16.16 51.31
CA THR W 83 -3.26 15.09 50.48
C THR W 83 -4.24 14.20 51.22
N LYS W 84 -3.86 13.73 52.42
CA LYS W 84 -4.77 12.93 53.22
C LYS W 84 -6.03 13.70 53.57
N GLU W 85 -5.87 14.98 53.93
CA GLU W 85 -7.02 15.80 54.31
C GLU W 85 -8.00 15.95 53.17
N MET W 86 -7.51 16.20 51.95
CA MET W 86 -8.41 16.43 50.84
C MET W 86 -9.01 15.12 50.32
N LEU W 87 -8.27 14.01 50.42
CA LEU W 87 -8.88 12.72 50.13
C LEU W 87 -10.02 12.43 51.10
N GLU W 88 -9.83 12.72 52.39
CA GLU W 88 -10.90 12.54 53.35
C GLU W 88 -12.06 13.49 53.08
N CYS W 89 -11.79 14.72 52.67
CA CYS W 89 -12.85 15.66 52.33
C CYS W 89 -13.67 15.17 51.15
N ASP W 90 -13.01 14.66 50.10
CA ASP W 90 -13.72 14.09 48.98
C ASP W 90 -14.57 12.90 49.41
N LEU W 91 -14.02 12.05 50.28
CA LEU W 91 -14.79 10.90 50.77
C LEU W 91 -16.02 11.36 51.54
N LYS W 92 -15.86 12.39 52.39
CA LYS W 92 -16.99 12.91 53.14
C LYS W 92 -18.06 13.49 52.21
N LEU W 93 -17.63 14.21 51.18
CA LEU W 93 -18.57 14.77 50.21
C LEU W 93 -19.36 13.66 49.53
N GLU W 94 -18.66 12.61 49.08
CA GLU W 94 -19.33 11.52 48.40
C GLU W 94 -20.29 10.79 49.33
N GLN W 95 -19.89 10.56 50.57
CA GLN W 95 -20.75 9.87 51.53
C GLN W 95 -21.98 10.71 51.85
N ALA W 96 -21.81 12.03 51.96
CA ALA W 96 -22.95 12.91 52.22
C ALA W 96 -23.89 13.01 51.02
N GLY W 97 -23.35 12.85 49.81
CA GLY W 97 -24.20 12.91 48.63
C GLY W 97 -25.01 11.66 48.36
N LEU W 98 -24.64 10.53 48.97
CA LEU W 98 -25.35 9.28 48.71
C LEU W 98 -26.81 9.30 49.15
N PRO W 99 -27.16 9.71 50.39
CA PRO W 99 -28.57 9.59 50.80
C PRO W 99 -29.54 10.35 49.91
N ASP W 100 -29.13 11.49 49.36
CA ASP W 100 -30.01 12.25 48.48
C ASP W 100 -30.32 11.46 47.21
N LEU W 101 -29.30 10.83 46.62
CA LEU W 101 -29.53 10.03 45.42
C LEU W 101 -30.46 8.86 45.71
N LYS W 102 -30.25 8.18 46.84
CA LYS W 102 -31.10 7.04 47.19
C LYS W 102 -32.54 7.47 47.43
N ALA W 103 -32.73 8.59 48.13
CA ALA W 103 -34.08 9.12 48.34
C ALA W 103 -34.74 9.52 47.02
N ALA W 104 -33.98 10.12 46.11
CA ALA W 104 -34.53 10.49 44.81
C ALA W 104 -34.94 9.24 44.02
N ILE W 105 -34.11 8.20 44.06
CA ILE W 105 -34.44 6.96 43.36
C ILE W 105 -35.69 6.33 43.95
N ALA W 106 -35.80 6.32 45.29
CA ALA W 106 -36.98 5.78 45.93
C ALA W 106 -38.23 6.55 45.54
N TYR W 107 -38.15 7.89 45.51
CA TYR W 107 -39.32 8.68 45.12
C TYR W 107 -39.69 8.45 43.66
N CYS W 108 -38.69 8.35 42.78
CA CYS W 108 -38.97 8.09 41.37
C CYS W 108 -39.64 6.73 41.19
N GLU W 109 -39.23 5.75 41.99
CA GLU W 109 -39.95 4.48 42.01
C GLU W 109 -41.39 4.67 42.48
N SER W 110 -41.58 5.47 43.53
CA SER W 110 -42.91 5.64 44.10
C SER W 110 -43.88 6.29 43.13
N VAL W 111 -43.44 7.32 42.40
CA VAL W 111 -44.32 8.05 41.49
C VAL W 111 -44.22 7.57 40.05
N GLY W 112 -43.39 6.59 39.77
CA GLY W 112 -43.35 6.01 38.43
C GLY W 112 -42.57 6.80 37.40
N ASP W 113 -41.61 7.62 37.81
CA ASP W 113 -40.73 8.32 36.87
C ASP W 113 -39.49 7.47 36.69
N TYR W 114 -39.58 6.54 35.74
CA TYR W 114 -38.57 5.48 35.64
C TYR W 114 -37.33 5.93 34.88
N ALA W 115 -37.48 6.82 33.89
CA ALA W 115 -36.30 7.32 33.18
C ALA W 115 -35.40 8.12 34.11
N SER W 116 -35.98 8.98 34.93
CA SER W 116 -35.21 9.69 35.94
C SER W 116 -34.57 8.71 36.92
N ARG W 117 -35.27 7.62 37.25
CA ARG W 117 -34.71 6.62 38.13
C ARG W 117 -33.48 5.96 37.52
N GLU W 118 -33.53 5.65 36.22
CA GLU W 118 -32.37 5.06 35.57
C GLU W 118 -31.20 6.04 35.53
N LEU W 119 -31.50 7.32 35.25
CA LEU W 119 -30.46 8.34 35.28
C LEU W 119 -29.79 8.42 36.66
N LEU W 120 -30.60 8.48 37.71
CA LEU W 120 -30.05 8.57 39.06
C LEU W 120 -29.33 7.29 39.45
N GLU W 121 -29.77 6.13 38.93
CA GLU W 121 -29.04 4.89 39.19
C GLU W 121 -27.65 4.92 38.58
N ASP W 122 -27.53 5.42 37.35
CA ASP W 122 -26.20 5.57 36.74
C ASP W 122 -25.33 6.51 37.56
N ILE W 123 -25.91 7.63 38.00
CA ILE W 123 -25.16 8.59 38.81
C ILE W 123 -24.70 7.95 40.11
N LEU W 124 -25.60 7.19 40.74
CA LEU W 124 -25.28 6.53 42.01
C LEU W 124 -24.17 5.51 41.83
N GLU W 125 -24.21 4.76 40.73
CA GLU W 125 -23.13 3.80 40.45
C GLU W 125 -21.80 4.51 40.31
N SER W 126 -21.79 5.64 39.60
CA SER W 126 -20.55 6.41 39.47
C SER W 126 -20.06 6.90 40.82
N GLU W 127 -20.97 7.42 41.65
CA GLU W 127 -20.55 7.92 42.96
C GLU W 127 -19.99 6.80 43.83
N GLU W 128 -20.60 5.61 43.76
CA GLU W 128 -20.06 4.46 44.48
C GLU W 128 -18.68 4.07 43.99
N ASP W 129 -18.44 4.15 42.68
CA ASP W 129 -17.10 3.87 42.16
C ASP W 129 -16.07 4.86 42.71
N HIS W 130 -16.43 6.15 42.72
CA HIS W 130 -15.53 7.16 43.30
C HIS W 130 -15.28 6.89 44.79
N ILE W 131 -16.32 6.48 45.52
CA ILE W 131 -16.14 6.16 46.94
C ILE W 131 -15.17 5.00 47.10
N ASP W 132 -15.31 3.97 46.27
CA ASP W 132 -14.41 2.82 46.32
C ASP W 132 -12.97 3.26 46.07
N TRP W 133 -12.77 4.13 45.07
CA TRP W 133 -11.42 4.59 44.76
C TRP W 133 -10.83 5.37 45.93
N LEU W 134 -11.63 6.25 46.54
CA LEU W 134 -11.12 7.07 47.64
C LEU W 134 -10.76 6.21 48.84
N GLU W 135 -11.62 5.24 49.17
CA GLU W 135 -11.32 4.35 50.30
C GLU W 135 -10.08 3.51 50.01
N THR W 136 -9.93 3.04 48.76
CA THR W 136 -8.74 2.30 48.40
C THR W 136 -7.48 3.14 48.56
N GLN W 137 -7.54 4.41 48.14
CA GLN W 137 -6.38 5.29 48.29
C GLN W 137 -6.04 5.52 49.76
N LEU W 138 -7.04 5.75 50.61
CA LEU W 138 -6.76 5.96 52.02
C LEU W 138 -6.19 4.70 52.67
N ASP W 139 -6.72 3.53 52.31
CA ASP W 139 -6.18 2.29 52.86
C ASP W 139 -4.77 2.04 52.37
N LEU W 140 -4.47 2.41 51.12
CA LEU W 140 -3.11 2.29 50.61
C LEU W 140 -2.16 3.23 51.35
N ILE W 141 -2.63 4.43 51.70
CA ILE W 141 -1.82 5.34 52.51
C ILE W 141 -1.52 4.70 53.85
N ASP W 142 -2.53 4.10 54.48
CA ASP W 142 -2.32 3.44 55.77
C ASP W 142 -1.41 2.22 55.64
N LYS W 143 -1.39 1.57 54.48
CA LYS W 143 -0.63 0.35 54.30
C LYS W 143 0.84 0.63 54.00
N ILE W 144 1.11 1.50 53.04
CA ILE W 144 2.48 1.72 52.56
C ILE W 144 3.10 3.00 53.11
N GLY W 145 2.36 3.83 53.81
CA GLY W 145 2.92 5.03 54.37
C GLY W 145 2.68 6.24 53.49
N LEU W 146 2.72 7.43 54.10
CA LEU W 146 2.47 8.66 53.36
C LEU W 146 3.59 8.96 52.37
N GLU W 147 4.85 8.79 52.80
CA GLU W 147 5.97 9.12 51.93
C GLU W 147 6.02 8.21 50.71
N ASN W 148 5.81 6.91 50.92
CA ASN W 148 5.77 5.99 49.79
C ASN W 148 4.59 6.28 48.87
N TYR W 149 3.43 6.58 49.45
CA TYR W 149 2.24 6.84 48.65
C TYR W 149 2.42 8.08 47.79
N LEU W 150 2.96 9.16 48.38
CA LEU W 150 3.13 10.40 47.63
C LEU W 150 4.17 10.26 46.52
N GLN W 151 5.16 9.39 46.71
CA GLN W 151 6.14 9.15 45.65
C GLN W 151 5.49 8.51 44.43
N SER W 152 4.55 7.57 44.65
CA SER W 152 3.89 6.91 43.55
C SER W 152 2.95 7.85 42.79
N GLN W 153 2.59 8.99 43.38
CA GLN W 153 1.72 9.96 42.73
C GLN W 153 2.50 10.93 41.85
N MET W 154 3.82 10.85 41.85
CA MET W 154 4.63 11.67 40.96
C MET W 154 4.62 11.10 39.55
N ASP W 155 4.39 11.96 38.57
CA ASP W 155 4.38 11.61 37.14
C ASP W 155 3.27 10.63 36.78
N MET X 1 6.27 30.51 43.91
CA MET X 1 6.71 31.90 43.95
C MET X 1 5.66 32.78 44.61
N LYS X 2 6.09 33.61 45.55
CA LYS X 2 5.17 34.52 46.23
C LYS X 2 4.81 35.67 45.31
N GLY X 3 3.52 35.94 45.16
CA GLY X 3 3.04 37.04 44.36
C GLY X 3 2.52 38.19 45.21
N ASP X 4 2.11 39.25 44.52
CA ASP X 4 1.55 40.42 45.17
C ASP X 4 0.11 40.11 45.59
N LYS X 5 -0.26 40.52 46.81
CA LYS X 5 -1.57 40.19 47.36
C LYS X 5 -2.69 40.81 46.54
N ILE X 6 -2.53 42.07 46.13
CA ILE X 6 -3.56 42.72 45.33
C ILE X 6 -3.70 42.09 43.95
N VAL X 7 -2.60 41.61 43.37
CA VAL X 7 -2.69 40.87 42.11
C VAL X 7 -3.51 39.60 42.32
N ILE X 8 -3.31 38.91 43.43
CA ILE X 8 -4.09 37.71 43.73
C ILE X 8 -5.55 38.06 43.93
N GLN X 9 -5.84 39.20 44.56
CA GLN X 9 -7.23 39.64 44.73
C GLN X 9 -7.88 39.90 43.38
N HIS X 10 -7.18 40.57 42.48
CA HIS X 10 -7.71 40.81 41.14
C HIS X 10 -7.96 39.52 40.40
N LEU X 11 -7.02 38.57 40.51
CA LEU X 11 -7.18 37.28 39.86
C LEU X 11 -8.38 36.53 40.42
N ASN X 12 -8.59 36.63 41.74
CA ASN X 12 -9.75 35.99 42.35
C ASN X 12 -11.05 36.61 41.87
N LYS X 13 -11.07 37.93 41.72
CA LYS X 13 -12.27 38.60 41.21
C LYS X 13 -12.57 38.15 39.78
N ILE X 14 -11.54 38.09 38.93
CA ILE X 14 -11.75 37.62 37.56
C ILE X 14 -12.20 36.17 37.56
N LEU X 15 -11.66 35.35 38.47
CA LEU X 15 -12.08 33.96 38.57
C LEU X 15 -13.55 33.84 38.95
N GLY X 16 -13.99 34.68 39.89
CA GLY X 16 -15.42 34.69 40.23
C GLY X 16 -16.30 35.08 39.06
N ASN X 17 -15.86 36.08 38.29
CA ASN X 17 -16.61 36.46 37.08
C ASN X 17 -16.67 35.30 36.10
N GLU X 18 -15.56 34.58 35.92
CA GLU X 18 -15.54 33.44 35.02
C GLU X 18 -16.46 32.33 35.52
N LEU X 19 -16.50 32.13 36.84
CA LEU X 19 -17.40 31.13 37.41
C LEU X 19 -18.86 31.48 37.14
N ILE X 20 -19.20 32.76 37.26
CA ILE X 20 -20.55 33.20 36.93
C ILE X 20 -20.85 32.90 35.46
N ALA X 21 -19.91 33.25 34.59
CA ALA X 21 -20.10 33.08 33.16
C ALA X 21 -20.27 31.61 32.78
N ILE X 22 -19.52 30.73 33.45
CA ILE X 22 -19.61 29.30 33.15
C ILE X 22 -21.03 28.80 33.34
N ASN X 23 -21.60 29.07 34.51
CA ASN X 23 -22.94 28.59 34.83
C ASN X 23 -23.98 29.23 33.91
N GLN X 24 -23.88 30.54 33.71
CA GLN X 24 -24.86 31.22 32.87
C GLN X 24 -24.84 30.67 31.44
N TYR X 25 -23.63 30.55 30.86
CA TYR X 25 -23.52 30.08 29.49
C TYR X 25 -23.95 28.63 29.37
N PHE X 26 -23.62 27.77 30.34
CA PHE X 26 -24.03 26.38 30.24
C PHE X 26 -25.55 26.24 30.33
N LEU X 27 -26.19 26.98 31.24
CA LEU X 27 -27.65 26.91 31.33
C LEU X 27 -28.29 27.44 30.05
N HIS X 28 -27.77 28.54 29.51
CA HIS X 28 -28.31 29.06 28.26
C HIS X 28 -28.12 28.07 27.12
N ALA X 29 -26.95 27.42 27.04
CA ALA X 29 -26.70 26.44 26.00
C ALA X 29 -27.67 25.27 26.10
N ARG X 30 -27.88 24.76 27.31
CA ARG X 30 -28.80 23.65 27.50
C ARG X 30 -30.25 24.05 27.24
N MET X 31 -30.62 25.29 27.49
CA MET X 31 -31.99 25.71 27.19
C MET X 31 -32.17 25.96 25.70
N TYR X 32 -31.10 26.32 24.99
CA TYR X 32 -31.18 26.45 23.54
C TYR X 32 -31.41 25.10 22.86
N GLU X 33 -30.61 24.10 23.23
CA GLU X 33 -30.75 22.78 22.63
C GLU X 33 -32.10 22.15 22.96
N ASP X 34 -32.69 22.53 24.10
CA ASP X 34 -34.00 22.01 24.46
C ASP X 34 -35.09 22.49 23.53
N TRP X 35 -34.97 23.70 22.97
CA TRP X 35 -35.98 24.24 22.07
C TRP X 35 -35.77 23.81 20.62
N GLY X 36 -34.71 23.07 20.32
CA GLY X 36 -34.41 22.68 18.96
C GLY X 36 -33.44 23.58 18.23
N LEU X 37 -32.92 24.61 18.88
CA LEU X 37 -31.94 25.52 18.28
C LEU X 37 -30.54 24.97 18.51
N GLU X 38 -30.15 24.03 17.64
CA GLU X 38 -28.88 23.32 17.81
C GLU X 38 -27.68 24.24 17.58
N LYS X 39 -27.81 25.17 16.63
CA LYS X 39 -26.69 26.06 16.32
C LYS X 39 -26.35 26.95 17.51
N LEU X 40 -27.36 27.63 18.07
CA LEU X 40 -27.15 28.50 19.20
C LEU X 40 -26.69 27.72 20.43
N GLY X 41 -27.28 26.54 20.64
CA GLY X 41 -26.86 25.71 21.74
C GLY X 41 -25.41 25.29 21.64
N LYS X 42 -24.99 24.88 20.44
CA LYS X 42 -23.59 24.49 20.25
C LYS X 42 -22.64 25.67 20.47
N HIS X 43 -22.99 26.84 19.96
CA HIS X 43 -22.11 27.99 20.14
C HIS X 43 -22.02 28.40 21.60
N GLU X 44 -23.16 28.38 22.31
CA GLU X 44 -23.14 28.73 23.72
C GLU X 44 -22.38 27.69 24.55
N TYR X 45 -22.48 26.42 24.15
CA TYR X 45 -21.71 25.37 24.81
C TYR X 45 -20.22 25.60 24.63
N HIS X 46 -19.81 25.95 23.40
CA HIS X 46 -18.39 26.22 23.15
C HIS X 46 -17.91 27.43 23.95
N GLU X 47 -18.73 28.48 24.01
CA GLU X 47 -18.36 29.65 24.82
C GLU X 47 -18.26 29.29 26.30
N SER X 48 -19.16 28.45 26.79
CA SER X 48 -19.09 28.01 28.18
C SER X 48 -17.80 27.24 28.44
N ILE X 49 -17.42 26.34 27.53
CA ILE X 49 -16.18 25.60 27.69
C ILE X 49 -14.98 26.53 27.67
N ASP X 50 -15.02 27.56 26.83
CA ASP X 50 -13.95 28.56 26.84
C ASP X 50 -13.88 29.26 28.18
N GLU X 51 -15.03 29.55 28.79
CA GLU X 51 -15.05 30.15 30.12
C GLU X 51 -14.43 29.21 31.15
N MET X 52 -14.73 27.92 31.04
CA MET X 52 -14.12 26.95 31.95
C MET X 52 -12.61 26.93 31.80
N LYS X 53 -12.11 27.00 30.56
CA LYS X 53 -10.67 27.04 30.35
C LYS X 53 -10.05 28.30 30.94
N HIS X 54 -10.75 29.43 30.80
CA HIS X 54 -10.27 30.68 31.42
C HIS X 54 -10.19 30.54 32.93
N ALA X 55 -11.22 29.96 33.54
CA ALA X 55 -11.22 29.77 34.98
C ALA X 55 -10.11 28.84 35.41
N ASP X 56 -9.86 27.78 34.64
CA ASP X 56 -8.77 26.87 34.94
C ASP X 56 -7.43 27.58 34.90
N LYS X 57 -7.21 28.41 33.86
CA LYS X 57 -5.97 29.16 33.76
C LYS X 57 -5.79 30.10 34.94
N LEU X 58 -6.87 30.77 35.34
CA LEU X 58 -6.79 31.68 36.49
C LEU X 58 -6.49 30.91 37.77
N ILE X 59 -7.08 29.73 37.93
CA ILE X 59 -6.82 28.90 39.11
C ILE X 59 -5.35 28.51 39.15
N LYS X 60 -4.81 28.09 38.00
CA LYS X 60 -3.39 27.73 37.94
C LYS X 60 -2.50 28.93 38.30
N ARG X 61 -2.85 30.11 37.77
CA ARG X 61 -2.04 31.30 38.05
C ARG X 61 -2.09 31.66 39.53
N ILE X 62 -3.27 31.58 40.14
CA ILE X 62 -3.40 31.89 41.57
C ILE X 62 -2.61 30.90 42.40
N LEU X 63 -2.69 29.62 42.04
CA LEU X 63 -1.97 28.60 42.80
C LEU X 63 -0.47 28.76 42.67
N PHE X 64 0.01 29.12 41.48
CA PHE X 64 1.43 29.37 41.30
C PHE X 64 1.90 30.54 42.14
N LEU X 65 1.09 31.58 42.25
CA LEU X 65 1.40 32.75 43.06
C LEU X 65 1.24 32.51 44.55
N GLU X 66 1.09 31.25 44.97
CA GLU X 66 0.89 30.87 46.36
C GLU X 66 -0.32 31.55 46.98
N GLY X 67 -1.38 31.72 46.17
CA GLY X 67 -2.63 32.25 46.66
C GLY X 67 -3.68 31.17 46.84
N LEU X 68 -4.85 31.60 47.29
CA LEU X 68 -5.96 30.69 47.54
C LEU X 68 -7.11 31.00 46.59
N PRO X 69 -7.35 30.16 45.58
CA PRO X 69 -8.48 30.41 44.69
C PRO X 69 -9.80 30.39 45.44
N ASN X 70 -10.71 31.26 45.03
CA ASN X 70 -12.00 31.42 45.68
C ASN X 70 -13.08 30.89 44.73
N LEU X 71 -13.38 29.61 44.83
CA LEU X 71 -14.45 28.99 44.07
C LEU X 71 -15.80 29.08 44.76
N GLN X 72 -15.82 29.55 46.01
CA GLN X 72 -17.07 29.53 46.78
C GLN X 72 -18.03 30.62 46.32
N GLU X 73 -17.52 31.80 46.02
CA GLU X 73 -18.38 32.92 45.68
C GLU X 73 -18.94 32.77 44.27
N LEU X 74 -20.24 32.51 44.19
CA LEU X 74 -20.97 32.49 42.93
C LEU X 74 -22.02 33.59 42.98
N GLY X 75 -21.88 34.57 42.09
CA GLY X 75 -22.77 35.71 42.08
C GLY X 75 -24.06 35.43 41.34
N LYS X 76 -24.83 36.50 41.14
CA LYS X 76 -26.14 36.40 40.51
C LYS X 76 -25.98 35.95 39.05
N LEU X 77 -26.82 35.00 38.64
CA LEU X 77 -26.87 34.58 37.25
C LEU X 77 -27.89 35.41 36.50
N LEU X 78 -27.54 35.84 35.29
CA LEU X 78 -28.43 36.64 34.44
C LEU X 78 -29.01 35.71 33.38
N ILE X 79 -30.07 34.98 33.76
CA ILE X 79 -30.66 33.96 32.90
C ILE X 79 -31.89 34.56 32.21
N GLY X 80 -31.96 34.41 30.89
CA GLY X 80 -33.12 34.86 30.14
C GLY X 80 -34.12 33.75 29.89
N GLU X 81 -35.25 34.14 29.31
CA GLU X 81 -36.33 33.20 29.03
C GLU X 81 -36.67 33.08 27.55
N HIS X 82 -36.12 33.93 26.70
CA HIS X 82 -36.27 33.77 25.26
C HIS X 82 -34.97 34.19 24.59
N THR X 83 -34.80 33.75 23.35
CA THR X 83 -33.51 33.83 22.64
C THR X 83 -32.92 35.24 22.67
N LYS X 84 -33.72 36.24 22.31
CA LYS X 84 -33.24 37.62 22.35
C LYS X 84 -32.86 38.02 23.77
N GLU X 85 -33.70 37.64 24.75
CA GLU X 85 -33.43 38.00 26.13
C GLU X 85 -32.13 37.37 26.62
N MET X 86 -31.89 36.10 26.28
CA MET X 86 -30.66 35.46 26.72
C MET X 86 -29.44 36.04 26.00
N LEU X 87 -29.58 36.42 24.73
CA LEU X 87 -28.47 37.07 24.05
C LEU X 87 -28.12 38.40 24.70
N GLU X 88 -29.13 39.20 25.05
CA GLU X 88 -28.84 40.46 25.74
C GLU X 88 -28.26 40.22 27.13
N CYS X 89 -28.75 39.19 27.84
CA CYS X 89 -28.18 38.87 29.15
C CYS X 89 -26.72 38.48 29.03
N ASP X 90 -26.38 37.67 28.03
CA ASP X 90 -24.99 37.27 27.81
C ASP X 90 -24.13 38.47 27.47
N LEU X 91 -24.64 39.36 26.60
CA LEU X 91 -23.88 40.56 26.24
C LEU X 91 -23.67 41.47 27.45
N LYS X 92 -24.68 41.61 28.29
CA LYS X 92 -24.53 42.43 29.50
C LYS X 92 -23.53 41.81 30.46
N LEU X 93 -23.53 40.48 30.58
CA LEU X 93 -22.54 39.80 31.41
C LEU X 93 -21.13 40.04 30.89
N GLU X 94 -20.96 39.95 29.56
CA GLU X 94 -19.65 40.19 28.96
C GLU X 94 -19.17 41.61 29.20
N GLN X 95 -20.06 42.59 29.02
CA GLN X 95 -19.66 43.98 29.17
C GLN X 95 -19.37 44.31 30.63
N ALA X 96 -20.11 43.71 31.57
CA ALA X 96 -19.91 43.99 32.98
C ALA X 96 -18.59 43.46 33.51
N GLY X 97 -18.00 42.47 32.85
CA GLY X 97 -16.75 41.91 33.30
C GLY X 97 -15.53 42.52 32.62
N LEU X 98 -15.77 43.32 31.58
CA LEU X 98 -14.67 43.96 30.87
C LEU X 98 -13.88 44.95 31.74
N PRO X 99 -14.52 45.87 32.49
CA PRO X 99 -13.72 46.80 33.29
C PRO X 99 -12.83 46.11 34.32
N ASP X 100 -13.27 44.98 34.87
CA ASP X 100 -12.44 44.27 35.84
C ASP X 100 -11.17 43.74 35.20
N LEU X 101 -11.28 43.17 34.00
CA LEU X 101 -10.10 42.68 33.30
C LEU X 101 -9.14 43.82 32.97
N LYS X 102 -9.67 44.95 32.51
CA LYS X 102 -8.82 46.09 32.17
C LYS X 102 -8.12 46.64 33.40
N ALA X 103 -8.84 46.74 34.52
CA ALA X 103 -8.23 47.21 35.76
C ALA X 103 -7.14 46.24 36.24
N ALA X 104 -7.40 44.95 36.12
CA ALA X 104 -6.41 43.95 36.51
C ALA X 104 -5.17 44.05 35.64
N ILE X 105 -5.35 44.25 34.33
CA ILE X 105 -4.21 44.38 33.43
C ILE X 105 -3.40 45.62 33.78
N ALA X 106 -4.09 46.73 34.03
CA ALA X 106 -3.40 47.96 34.38
C ALA X 106 -2.61 47.80 35.67
N TYR X 107 -3.21 47.16 36.68
CA TYR X 107 -2.49 46.97 37.94
C TYR X 107 -1.30 46.03 37.78
N CYS X 108 -1.47 44.95 37.03
CA CYS X 108 -0.35 44.02 36.81
C CYS X 108 0.78 44.71 36.07
N GLU X 109 0.46 45.61 35.15
CA GLU X 109 1.50 46.42 34.52
C GLU X 109 2.16 47.34 35.52
N SER X 110 1.38 47.92 36.44
CA SER X 110 1.92 48.90 37.38
C SER X 110 2.91 48.30 38.37
N VAL X 111 2.75 47.02 38.73
CA VAL X 111 3.60 46.39 39.74
C VAL X 111 4.56 45.38 39.12
N GLY X 112 4.58 45.27 37.79
CA GLY X 112 5.56 44.42 37.14
C GLY X 112 5.25 42.95 37.14
N ASP X 113 3.97 42.56 37.21
CA ASP X 113 3.58 41.16 37.06
C ASP X 113 3.15 40.93 35.60
N TYR X 114 4.16 40.73 34.76
CA TYR X 114 3.94 40.77 33.32
C TYR X 114 3.33 39.47 32.79
N ALA X 115 3.67 38.33 33.41
CA ALA X 115 3.06 37.07 32.98
C ALA X 115 1.56 37.06 33.25
N SER X 116 1.15 37.56 34.43
CA SER X 116 -0.27 37.70 34.73
C SER X 116 -0.93 38.65 33.75
N ARG X 117 -0.24 39.73 33.37
CA ARG X 117 -0.80 40.66 32.40
C ARG X 117 -1.00 39.98 31.05
N GLU X 118 -0.06 39.15 30.62
CA GLU X 118 -0.21 38.45 29.35
C GLU X 118 -1.40 37.50 29.40
N LEU X 119 -1.54 36.76 30.50
CA LEU X 119 -2.69 35.87 30.65
C LEU X 119 -4.00 36.65 30.61
N LEU X 120 -4.06 37.76 31.33
CA LEU X 120 -5.27 38.57 31.37
C LEU X 120 -5.55 39.21 30.01
N GLU X 121 -4.51 39.53 29.24
CA GLU X 121 -4.71 40.05 27.90
C GLU X 121 -5.31 38.99 26.99
N ASP X 122 -4.84 37.75 27.08
CA ASP X 122 -5.46 36.68 26.32
C ASP X 122 -6.94 36.51 26.69
N ILE X 123 -7.23 36.55 27.99
CA ILE X 123 -8.62 36.44 28.44
C ILE X 123 -9.44 37.61 27.89
N LEU X 124 -8.87 38.82 27.92
CA LEU X 124 -9.59 40.00 27.43
C LEU X 124 -9.89 39.89 25.94
N GLU X 125 -8.93 39.39 25.16
CA GLU X 125 -9.18 39.19 23.74
C GLU X 125 -10.30 38.18 23.52
N SER X 126 -10.32 37.10 24.30
CA SER X 126 -11.41 36.14 24.15
C SER X 126 -12.76 36.76 24.50
N GLU X 127 -12.82 37.51 25.60
CA GLU X 127 -14.07 38.18 25.95
C GLU X 127 -14.52 39.17 24.89
N GLU X 128 -13.59 39.90 24.28
CA GLU X 128 -13.95 40.79 23.19
C GLU X 128 -14.48 40.04 21.98
N ASP X 129 -13.92 38.86 21.68
CA ASP X 129 -14.47 38.06 20.58
C ASP X 129 -15.90 37.61 20.88
N HIS X 130 -16.17 37.18 22.11
CA HIS X 130 -17.54 36.82 22.49
C HIS X 130 -18.48 38.03 22.38
N ILE X 131 -18.01 39.20 22.80
CA ILE X 131 -18.82 40.42 22.69
C ILE X 131 -19.16 40.70 21.23
N ASP X 132 -18.15 40.58 20.36
CA ASP X 132 -18.37 40.80 18.93
C ASP X 132 -19.40 39.83 18.38
N TRP X 133 -19.29 38.55 18.75
CA TRP X 133 -20.24 37.56 18.26
C TRP X 133 -21.66 37.88 18.73
N LEU X 134 -21.82 38.26 20.00
CA LEU X 134 -23.15 38.53 20.52
C LEU X 134 -23.76 39.76 19.84
N GLU X 135 -22.96 40.81 19.65
CA GLU X 135 -23.47 41.99 18.96
C GLU X 135 -23.83 41.69 17.52
N THR X 136 -23.02 40.86 16.85
CA THR X 136 -23.34 40.46 15.48
C THR X 136 -24.66 39.69 15.43
N GLN X 137 -24.88 38.79 16.40
CA GLN X 137 -26.13 38.04 16.44
C GLN X 137 -27.33 38.95 16.65
N LEU X 138 -27.21 39.92 17.56
CA LEU X 138 -28.33 40.83 17.80
C LEU X 138 -28.60 41.69 16.57
N ASP X 139 -27.54 42.17 15.90
CA ASP X 139 -27.73 42.94 14.68
C ASP X 139 -28.37 42.09 13.58
N LEU X 140 -28.00 40.82 13.49
CA LEU X 140 -28.63 39.93 12.52
C LEU X 140 -30.11 39.73 12.83
N ILE X 141 -30.44 39.59 14.12
CA ILE X 141 -31.85 39.51 14.51
C ILE X 141 -32.60 40.74 14.04
N ASP X 142 -31.99 41.91 14.22
CA ASP X 142 -32.63 43.14 13.75
C ASP X 142 -32.78 43.17 12.24
N LYS X 143 -31.77 42.68 11.50
CA LYS X 143 -31.80 42.77 10.05
C LYS X 143 -32.81 41.81 9.42
N ILE X 144 -32.81 40.55 9.86
CA ILE X 144 -33.55 39.52 9.14
C ILE X 144 -34.83 39.15 9.89
N GLY X 145 -34.95 39.59 11.12
CA GLY X 145 -36.17 39.29 11.88
C GLY X 145 -35.96 38.11 12.81
N LEU X 146 -36.82 38.00 13.81
CA LEU X 146 -36.70 36.93 14.79
C LEU X 146 -36.97 35.56 14.18
N GLU X 147 -38.00 35.47 13.33
CA GLU X 147 -38.38 34.16 12.80
C GLU X 147 -37.30 33.60 11.88
N ASN X 148 -36.79 34.42 10.96
CA ASN X 148 -35.72 33.96 10.08
C ASN X 148 -34.48 33.57 10.87
N TYR X 149 -34.13 34.39 11.86
CA TYR X 149 -32.95 34.10 12.68
C TYR X 149 -33.11 32.78 13.41
N LEU X 150 -34.28 32.56 14.03
CA LEU X 150 -34.51 31.32 14.76
C LEU X 150 -34.54 30.12 13.82
N GLN X 151 -35.02 30.32 12.60
CA GLN X 151 -34.96 29.25 11.61
C GLN X 151 -33.50 28.91 11.27
N SER X 152 -32.65 29.93 11.17
CA SER X 152 -31.25 29.70 10.84
C SER X 152 -30.52 28.93 11.94
N GLN X 153 -31.03 28.98 13.17
CA GLN X 153 -30.42 28.28 14.29
C GLN X 153 -30.98 26.87 14.48
N MET X 154 -31.93 26.46 13.63
CA MET X 154 -32.50 25.12 13.76
C MET X 154 -31.46 24.04 13.56
N ASP X 155 -30.59 24.21 12.56
CA ASP X 155 -29.55 23.23 12.28
C ASP X 155 -28.23 23.92 11.96
CHA HEM Y . -38.56 -2.91 8.61
CHB HEM Y . -41.16 -5.24 12.00
CHC HEM Y . -45.24 -3.41 10.11
CHD HEM Y . -42.67 -1.31 6.58
C1A HEM Y . -38.90 -3.69 9.70
C2A HEM Y . -37.98 -4.35 10.59
C3A HEM Y . -38.69 -5.00 11.52
C4A HEM Y . -40.10 -4.76 11.26
CMA HEM Y . -38.13 -5.84 12.67
CAA HEM Y . -36.44 -4.35 10.50
CBA HEM Y . -35.88 -2.95 10.71
CGA HEM Y . -34.39 -2.95 10.52
O1A HEM Y . -33.82 -4.04 10.29
O2A HEM Y . -33.78 -1.86 10.61
C1B HEM Y . -42.49 -4.98 11.78
C2B HEM Y . -43.60 -5.49 12.54
C3B HEM Y . -44.73 -5.00 12.03
C4B HEM Y . -44.38 -4.13 10.92
CMB HEM Y . -43.53 -6.46 13.74
CAB HEM Y . -46.14 -5.33 12.58
CBB HEM Y . -47.27 -4.83 12.06
C1C HEM Y . -44.90 -2.71 8.97
C2C HEM Y . -45.84 -2.11 8.04
C3C HEM Y . -45.14 -1.52 7.06
C4C HEM Y . -43.73 -1.74 7.34
CMC HEM Y . -47.37 -2.18 8.24
CAC HEM Y . -45.63 -0.74 5.82
CBC HEM Y . -46.91 -0.49 5.52
C1D HEM Y . -41.34 -1.57 6.81
C2D HEM Y . -40.24 -1.18 5.96
C3D HEM Y . -39.10 -1.62 6.51
C4D HEM Y . -39.45 -2.31 7.73
CMD HEM Y . -40.35 -0.40 4.63
CAD HEM Y . -37.69 -1.42 5.93
CBD HEM Y . -37.14 -2.74 5.40
CGD HEM Y . -35.75 -2.51 4.86
O1D HEM Y . -35.16 -3.47 4.28
O2D HEM Y . -35.23 -1.38 4.98
NA HEM Y . -40.19 -3.94 10.14
NB HEM Y . -43.00 -4.14 10.80
NC HEM Y . -43.62 -2.47 8.51
ND HEM Y . -40.83 -2.25 7.89
FE HEM Y . -41.88 -2.92 9.54
CHA HEM Z . -23.19 -23.37 -21.81
CHB HEM Z . -22.61 -25.99 -25.86
CHC HEM Z . -27.25 -27.41 -25.59
CHD HEM Z . -27.89 -24.59 -21.71
C1A HEM Z . -22.61 -23.97 -22.90
C2A HEM Z . -21.22 -23.88 -23.31
C3A HEM Z . -21.07 -24.61 -24.42
C4A HEM Z . -22.35 -25.18 -24.77
CMA HEM Z . -19.75 -24.80 -25.20
CAA HEM Z . -20.09 -23.10 -22.60
CBA HEM Z . -19.85 -23.67 -21.20
CGA HEM Z . -18.82 -22.82 -20.49
O1A HEM Z . -18.31 -21.85 -21.11
O2A HEM Z . -18.54 -23.10 -19.30
C1B HEM Z . -23.81 -26.61 -26.14
C2B HEM Z . -24.07 -27.49 -27.26
C3B HEM Z . -25.34 -27.90 -27.20
C4B HEM Z . -25.94 -27.27 -26.03
CMB HEM Z . -23.05 -27.92 -28.34
CAB HEM Z . -25.98 -28.86 -28.23
CBB HEM Z . -27.26 -29.24 -28.17
C1C HEM Z . -27.83 -26.76 -24.53
C2C HEM Z . -29.22 -26.86 -24.14
C3C HEM Z . -29.40 -26.08 -23.06
C4C HEM Z . -28.13 -25.46 -22.75
CMC HEM Z . -30.24 -27.74 -24.89
CAC HEM Z . -30.68 -25.81 -22.22
CBC HEM Z . -31.88 -26.34 -22.48
C1D HEM Z . -26.68 -24.02 -21.40
C2D HEM Z . -26.43 -23.10 -20.29
C3D HEM Z . -25.14 -22.77 -20.33
C4D HEM Z . -24.52 -23.45 -21.44
CMD HEM Z . -27.47 -22.61 -19.27
CAD HEM Z . -24.43 -21.81 -19.33
CBD HEM Z . -24.16 -20.46 -19.98
CGD HEM Z . -23.43 -19.58 -18.99
O1D HEM Z . -23.04 -20.09 -17.91
O2D HEM Z . -23.22 -18.38 -19.30
NA HEM Z . -23.27 -24.77 -23.83
NB HEM Z . -24.98 -26.50 -25.42
NC HEM Z . -27.19 -25.90 -23.66
ND HEM Z . -25.49 -24.21 -22.07
FE HEM Z . -25.16 -25.55 -23.59
CHA HEM AA . -26.76 15.98 -24.36
CHB HEM AA . -30.06 14.25 -27.47
CHC HEM AA . -31.38 18.79 -28.55
CHD HEM AA . -28.32 20.51 -25.22
C1A HEM AA . -27.55 15.11 -25.07
C2A HEM AA . -27.55 13.66 -24.98
C3A HEM AA . -28.46 13.20 -25.83
C4A HEM AA . -29.08 14.32 -26.51
CMA HEM AA . -28.80 11.71 -26.07
CAA HEM AA . -26.66 12.80 -24.05
CBA HEM AA . -26.98 13.08 -22.59
CGA HEM AA . -26.10 12.24 -21.71
O1A HEM AA . -25.35 11.38 -22.25
O2A HEM AA . -26.14 12.42 -20.46
C1B HEM AA . -30.69 15.33 -28.05
C2B HEM AA . -31.71 15.27 -29.09
C3B HEM AA . -32.08 16.53 -29.37
C4B HEM AA . -31.30 17.42 -28.54
CMB HEM AA . -32.23 13.95 -29.68
CAB HEM AA . -33.10 17.05 -30.41
CBB HEM AA . -33.58 16.32 -31.43
C1C HEM AA . -30.71 19.64 -27.71
C2C HEM AA . -30.95 21.07 -27.59
C3C HEM AA . -30.10 21.56 -26.66
C4C HEM AA . -29.30 20.45 -26.17
CMC HEM AA . -32.01 21.82 -28.43
CAC HEM AA . -29.91 23.00 -26.15
CBC HEM AA . -30.58 24.07 -26.61
C1D HEM AA . -27.64 19.44 -24.68
C2D HEM AA . -26.66 19.49 -23.61
C3D HEM AA . -26.24 18.25 -23.38
C4D HEM AA . -26.92 17.35 -24.28
CMD HEM AA . -26.19 20.75 -22.88
CAD HEM AA . -25.19 17.81 -22.32
CBD HEM AA . -23.79 17.83 -22.92
CGD HEM AA . -22.82 17.30 -21.89
O1D HEM AA . -23.28 16.83 -20.81
O2D HEM AA . -21.58 17.35 -22.14
NA HEM AA . -28.49 15.47 -26.01
NB HEM AA . -30.47 16.66 -27.75
NC HEM AA . -29.71 19.30 -26.84
ND HEM AA . -27.77 18.12 -25.06
FE HEM AA . -28.87 17.41 -26.66
CHA HEM BA . -3.49 39.26 -2.40
CHB HEM BA . -2.37 42.64 -5.69
CHC HEM BA . -4.07 46.06 -2.72
CHD HEM BA . -5.46 42.67 0.46
C1A HEM BA . -3.05 39.85 -3.56
C2A HEM BA . -2.51 39.19 -4.72
C3A HEM BA . -2.20 40.13 -5.63
C4A HEM BA . -2.53 41.42 -5.08
CMA HEM BA . -1.59 39.87 -7.02
CAA HEM BA . -2.31 37.67 -4.91
CBA HEM BA . -3.66 36.95 -4.91
CGA HEM BA . -3.43 35.46 -4.98
O1A HEM BA . -2.26 35.03 -5.09
O2A HEM BA . -4.44 34.70 -4.93
C1B HEM BA . -2.71 43.87 -5.17
C2B HEM BA . -2.48 45.16 -5.78
C3B HEM BA . -2.97 46.10 -4.96
C4B HEM BA . -3.49 45.43 -3.79
CMB HEM BA . -1.82 45.34 -7.17
CAB HEM BA . -2.98 47.64 -5.11
CBB HEM BA . -2.21 48.31 -5.97
C1C HEM BA . -4.61 45.45 -1.61
C2C HEM BA . -5.28 46.12 -0.51
C3C HEM BA . -5.67 45.18 0.37
C4C HEM BA . -5.25 43.89 -0.15
CMC HEM BA . -5.48 47.65 -0.46
CAC HEM BA . -6.43 45.34 1.72
CBC HEM BA . -6.80 46.50 2.25
C1D HEM BA . -5.04 41.45 -0.03
C2D HEM BA . -5.22 40.15 0.61
C3D HEM BA . -4.68 39.22 -0.18
C4D HEM BA . -4.13 39.87 -1.34
CMD HEM BA . -5.92 39.92 1.97
CAD HEM BA . -4.64 37.69 0.08
CBD HEM BA . -3.56 37.32 1.09
CGD HEM BA . -3.52 35.83 1.21
O1D HEM BA . -4.14 35.14 0.37
O2D HEM BA . -2.86 35.31 2.16
NA HEM BA . -3.05 41.22 -3.81
NB HEM BA . -3.32 44.07 -3.95
NC HEM BA . -4.61 44.10 -1.35
ND HEM BA . -4.37 41.24 -1.23
FE HEM BA . -3.82 42.66 -2.57
CHA HEM CA . 11.62 19.19 -32.65
CHB HEM CA . 9.33 21.18 -36.47
CHC HEM CA . 13.61 22.53 -38.31
CHD HEM CA . 15.90 20.32 -34.64
C1A HEM CA . 10.62 19.63 -33.51
C2A HEM CA . 9.19 19.50 -33.31
C3A HEM CA . 8.57 20.03 -34.36
C4A HEM CA . 9.57 20.55 -35.27
CMA HEM CA . 7.04 20.12 -34.56
CAA HEM CA . 8.49 18.84 -32.09
CBA HEM CA . 8.78 19.61 -30.81
CGA HEM CA . 8.17 18.90 -29.64
O1A HEM CA . 7.51 17.86 -29.85
O2A HEM CA . 8.36 19.38 -28.49
C1B HEM CA . 10.28 21.70 -37.32
C2B HEM CA . 10.05 22.35 -38.58
C3B HEM CA . 11.22 22.73 -39.10
C4B HEM CA . 12.26 22.33 -38.17
CMB HEM CA . 8.68 22.58 -39.25
CAB HEM CA . 11.36 23.46 -40.45
CBB HEM CA . 12.53 23.83 -40.97
C1C HEM CA . 14.61 22.02 -37.50
C2C HEM CA . 16.03 22.10 -37.75
C3C HEM CA . 16.67 21.48 -36.75
C4C HEM CA . 15.67 21.01 -35.82
CMC HEM CA . 16.61 22.78 -39.01
CAC HEM CA . 18.19 21.27 -36.51
CBC HEM CA . 19.16 21.70 -37.32
C1D HEM CA . 14.95 19.80 -33.80
C2D HEM CA . 15.20 19.01 -32.61
C3D HEM CA . 14.01 18.70 -32.06
C4D HEM CA . 12.97 19.28 -32.88
CMD HEM CA . 16.58 18.60 -32.08
CAD HEM CA . 13.81 17.87 -30.78
CBD HEM CA . 13.25 16.50 -31.11
CGD HEM CA . 13.06 15.72 -29.84
O1D HEM CA . 12.68 14.52 -29.92
O2D HEM CA . 13.29 16.29 -28.74
NA HEM CA . 10.81 20.28 -34.72
NB HEM CA . 11.65 21.71 -37.10
NC HEM CA . 14.41 21.35 -36.30
ND HEM CA . 13.58 19.96 -33.93
FE HEM CA . 12.60 21.12 -35.33
CHA HEM DA . 15.10 -20.34 -30.30
CHB HEM DA . 16.36 -24.96 -31.05
CHC HEM DA . 17.73 -23.85 -35.58
CHD HEM DA . 16.75 -19.17 -34.72
C1A HEM DA . 15.29 -21.68 -30.11
C2A HEM DA . 14.92 -22.45 -28.93
C3A HEM DA . 15.27 -23.72 -29.14
C4A HEM DA . 15.86 -23.82 -30.46
CMA HEM DA . 15.07 -24.89 -28.17
CAA HEM DA . 14.25 -21.91 -27.64
CBA HEM DA . 12.87 -21.37 -27.94
CGA HEM DA . 12.28 -20.75 -26.70
O1A HEM DA . 12.94 -20.81 -25.63
O2A HEM DA . 11.15 -20.20 -26.78
C1B HEM DA . 16.83 -25.07 -32.34
C2B HEM DA . 17.32 -26.28 -32.97
C3B HEM DA . 17.70 -25.99 -34.21
C4B HEM DA . 17.47 -24.58 -34.43
CMB HEM DA . 17.39 -27.68 -32.33
CAB HEM DA . 18.28 -27.04 -35.19
CBB HEM DA . 18.66 -26.74 -36.44
C1C HEM DA . 17.60 -22.49 -35.73
C2C HEM DA . 17.97 -21.73 -36.91
C3C HEM DA . 17.70 -20.44 -36.68
C4C HEM DA . 17.15 -20.34 -35.34
CMC HEM DA . 18.57 -22.40 -38.18
CAC HEM DA . 17.89 -19.20 -37.60
CBC HEM DA . 18.40 -19.23 -38.83
C1D HEM DA . 16.21 -19.08 -33.45
C2D HEM DA . 15.78 -17.86 -32.80
C3D HEM DA . 15.33 -18.17 -31.59
C4D HEM DA . 15.46 -19.61 -31.42
CMD HEM DA . 15.83 -16.44 -33.41
CAD HEM DA . 14.76 -17.18 -30.55
CBD HEM DA . 15.76 -16.93 -29.43
CGD HEM DA . 15.15 -16.00 -28.42
O1D HEM DA . 13.94 -15.68 -28.55
O2D HEM DA . 15.87 -15.57 -27.48
NA HEM DA . 15.86 -22.56 -31.02
NB HEM DA . 16.94 -24.05 -33.26
NC HEM DA . 17.11 -21.61 -34.79
ND HEM DA . 16.00 -20.13 -32.58
FE HEM DA . 16.23 -22.13 -33.00
CHA HEM EA . 38.56 2.85 -8.38
CHB HEM EA . 41.52 0.90 -11.69
CHC HEM EA . 45.23 3.36 -9.78
CHD HEM EA . 42.23 5.56 -6.68
C1A HEM EA . 39.02 2.13 -9.46
C2A HEM EA . 38.21 1.32 -10.36
C3A HEM EA . 39.04 0.79 -11.28
C4A HEM EA . 40.39 1.24 -10.98
CMA HEM EA . 38.62 -0.14 -12.44
CAA HEM EA . 36.69 1.12 -10.31
CBA HEM EA . 35.96 2.43 -10.53
CGA HEM EA . 34.47 2.20 -10.45
O1A HEM EA . 34.04 1.02 -10.35
O2A HEM EA . 33.70 3.19 -10.50
C1B HEM EA . 42.79 1.38 -11.46
C2B HEM EA . 43.99 1.01 -12.18
C3B HEM EA . 45.02 1.70 -11.65
C4B HEM EA . 44.50 2.51 -10.57
CMB HEM EA . 44.01 0.01 -13.35
CAB HEM EA . 46.52 1.68 -12.02
CBB HEM EA . 47.10 0.73 -12.75
C1C HEM EA . 44.74 4.21 -8.82
C2C HEM EA . 45.49 5.24 -8.13
C3C HEM EA . 44.66 5.86 -7.27
C4C HEM EA . 43.36 5.22 -7.39
CMC HEM EA . 46.98 5.51 -8.41
CAC HEM EA . 44.94 7.01 -6.29
CBC HEM EA . 46.13 7.60 -6.11
C1D HEM EA . 40.97 5.02 -6.88
C2D HEM EA . 39.75 5.42 -6.20
C3D HEM EA . 38.75 4.68 -6.66
C4D HEM EA . 39.28 3.79 -7.66
CMD HEM EA . 39.65 6.52 -5.11
CAD HEM EA . 37.27 4.76 -6.22
CBD HEM EA . 37.00 3.81 -5.06
CGD HEM EA . 35.53 3.84 -4.75
O1D HEM EA . 34.76 4.49 -5.51
O2D HEM EA . 35.12 3.22 -3.73
NA HEM EA . 40.33 2.04 -9.87
NB HEM EA . 43.14 2.29 -10.48
NC HEM EA . 43.45 4.22 -8.34
ND HEM EA . 40.64 4.02 -7.76
FE HEM EA . 41.95 2.90 -8.89
CHA HEM FA . 23.26 23.19 21.91
CHB HEM FA . 26.74 22.47 25.23
CHC HEM FA . 27.21 27.27 25.72
CHD HEM FA . 23.93 27.99 22.22
C1A HEM FA . 24.17 22.56 22.74
C2A HEM FA . 24.39 21.13 22.87
C3A HEM FA . 25.34 20.95 23.79
C4A HEM FA . 25.77 22.24 24.27
CMA HEM FA . 25.90 19.57 24.24
CAA HEM FA . 23.65 20.02 22.10
CBA HEM FA . 23.95 20.11 20.61
CGA HEM FA . 23.14 19.08 19.86
O1A HEM FA . 22.41 18.29 20.52
O2A HEM FA . 23.21 19.06 18.61
C1B HEM FA . 27.17 23.70 25.67
C2B HEM FA . 28.14 23.96 26.71
C3B HEM FA . 28.27 25.29 26.83
C4B HEM FA . 27.37 25.92 25.90
CMB HEM FA . 28.88 22.84 27.48
CAB HEM FA . 29.16 26.11 27.80
CBB HEM FA . 29.72 25.62 28.91
C1C HEM FA . 26.39 27.89 24.80
C2C HEM FA . 26.29 29.32 24.59
C3C HEM FA . 25.38 29.53 23.62
C4C HEM FA . 24.88 28.22 23.20
CMC HEM FA . 27.12 30.35 25.38
CAC HEM FA . 24.89 30.84 22.99
CBC HEM FA . 25.28 32.07 23.37
C1D HEM FA . 23.46 26.76 21.84
C2D HEM FA . 22.45 26.50 20.82
C3D HEM FA . 22.27 25.18 20.74
C4D HEM FA . 23.15 24.55 21.70
CMD HEM FA . 21.72 27.58 20.00
CAD HEM FA . 21.30 24.43 19.81
CBD HEM FA . 19.85 24.51 20.30
CGD HEM FA . 18.99 23.68 19.38
O1D HEM FA . 19.55 22.91 18.55
O2D HEM FA . 17.74 23.78 19.49
NA HEM FA . 25.03 23.20 23.62
NB HEM FA . 26.71 24.92 25.20
NC HEM FA . 25.52 27.25 23.95
ND HEM FA . 23.86 25.54 22.34
FE HEM FA . 25.26 25.23 23.80
CHA HEM GA . 26.97 -15.88 24.29
CHB HEM GA . 31.80 -16.48 24.14
CHC HEM GA . 31.65 -18.62 28.49
CHD HEM GA . 26.81 -18.26 28.52
C1A HEM GA . 28.29 -15.84 23.87
C2A HEM GA . 28.78 -15.22 22.66
C3A HEM GA . 30.11 -15.38 22.62
C4A HEM GA . 30.51 -16.12 23.80
CMA HEM GA . 31.04 -14.89 21.51
CAA HEM GA . 27.94 -14.50 21.58
CBA HEM GA . 27.29 -13.24 22.16
CGA HEM GA . 26.40 -12.61 21.12
O1A HEM GA . 26.36 -13.12 19.98
O2A HEM GA . 25.74 -11.59 21.45
C1B HEM GA . 32.19 -17.13 25.29
C2B HEM GA . 33.53 -17.53 25.64
C3B HEM GA . 33.50 -18.13 26.83
C4B HEM GA . 32.13 -18.12 27.30
CMB HEM GA . 34.80 -17.33 24.79
CAB HEM GA . 34.75 -18.69 27.53
CBB HEM GA . 34.72 -19.29 28.73
C1C HEM GA . 30.32 -18.74 28.86
C2C HEM GA . 29.84 -19.43 30.04
C3C HEM GA . 28.50 -19.33 30.06
C4C HEM GA . 28.10 -18.58 28.88
CMC HEM GA . 30.78 -20.12 31.05
CAC HEM GA . 27.47 -19.88 31.08
CBC HEM GA . 27.78 -20.56 32.19
C1D HEM GA . 26.43 -17.61 27.37
C2D HEM GA . 25.07 -17.35 26.96
C3D HEM GA . 25.11 -16.69 25.79
C4D HEM GA . 26.50 -16.51 25.43
CMD HEM GA . 23.80 -17.75 27.72
CAD HEM GA . 23.88 -16.21 24.99
CBD HEM GA . 23.71 -17.05 23.73
CGD HEM GA . 22.51 -16.55 22.96
O1D HEM GA . 22.15 -17.17 21.92
O2D HEM GA . 21.91 -15.53 23.39
NA HEM GA . 29.36 -16.37 24.55
NB HEM GA . 31.36 -17.50 26.33
NC HEM GA . 29.24 -18.23 28.18
ND HEM GA . 27.28 -17.08 26.42
FE HEM GA . 29.35 -16.98 26.53
CHA HEM HA . 3.60 -39.26 2.21
CHB HEM HA . 1.18 -43.06 0.39
CHC HEM HA . 4.24 -46.08 2.63
CHD HEM HA . 6.49 -42.31 4.66
C1A HEM HA . 2.69 -40.02 1.50
C2A HEM HA . 1.66 -39.51 0.61
C3A HEM HA . 1.00 -40.56 0.12
C4A HEM HA . 1.59 -41.77 0.65
CMA HEM HA . -0.19 -40.49 -0.87
CAA HEM HA . 1.36 -38.03 0.30
CBA HEM HA . 2.53 -37.38 -0.42
CGA HEM HA . 2.25 -35.91 -0.61
O1A HEM HA . 1.14 -35.45 -0.24
O2A HEM HA . 3.14 -35.19 -1.14
C1B HEM HA . 1.80 -44.21 0.82
C2B HEM HA . 1.41 -45.57 0.50
C3B HEM HA . 2.23 -46.41 1.12
C4B HEM HA . 3.20 -45.62 1.85
CMB HEM HA . 0.23 -45.99 -0.40
CAB HEM HA . 2.12 -47.95 0.99
CBB HEM HA . 2.95 -48.79 1.62
C1C HEM HA . 5.10 -45.33 3.39
C2C HEM HA . 6.14 -45.85 4.26
C3C HEM HA . 6.77 -44.81 4.82
C4C HEM HA . 6.14 -43.60 4.33
CMC HEM HA . 6.41 -47.36 4.43
CAC HEM HA . 7.95 -44.77 5.83
CBC HEM HA . 8.55 -45.85 6.33
C1D HEM HA . 5.91 -41.16 4.18
C2D HEM HA . 6.29 -39.79 4.53
C3D HEM HA . 5.49 -38.97 3.86
C4D HEM HA . 4.58 -39.75 3.06
CMD HEM HA . 7.41 -39.40 5.51
CAD HEM HA . 5.55 -37.42 3.93
CBD HEM HA . 4.39 -36.87 4.75
CGD HEM HA . 4.45 -35.37 4.75
O1D HEM HA . 5.30 -34.80 4.01
O2D HEM HA . 3.64 -34.73 5.47
NA HEM HA . 2.61 -41.40 1.49
NB HEM HA . 2.90 -44.28 1.66
NC HEM HA . 5.13 -43.95 3.45
ND HEM HA . 4.87 -41.08 3.27
FE HEM HA . 4.04 -42.67 2.25
CHA HEM IA . -12.48 -19.07 32.46
CHB HEM IA . -12.26 -23.67 33.97
CHC HEM IA . -13.92 -22.28 38.29
CHD HEM IA . -13.56 -17.63 36.97
C1A HEM IA . -12.15 -20.40 32.52
C2A HEM IA . -11.29 -21.13 31.60
C3A HEM IA . -11.23 -22.40 32.03
C4A HEM IA . -12.05 -22.53 33.22
CMA HEM IA . -10.44 -23.54 31.35
CAA HEM IA . -10.56 -20.57 30.36
CBA HEM IA . -9.43 -19.63 30.74
CGA HEM IA . -8.66 -19.25 29.50
O1A HEM IA . -8.95 -19.82 28.41
O2A HEM IA . -7.76 -18.38 29.58
C1B HEM IA . -12.71 -23.70 35.27
C2B HEM IA . -12.89 -24.90 36.07
C3B HEM IA . -13.34 -24.51 37.28
C4B HEM IA . -13.48 -23.07 37.26
CMB HEM IA . -12.57 -26.33 35.58
CAB HEM IA . -13.71 -25.35 38.51
CBB HEM IA . -14.03 -26.65 38.45
C1C HEM IA . -13.92 -20.90 38.34
C2C HEM IA . -14.20 -20.08 39.50
C3C HEM IA . -14.10 -18.79 39.14
C4C HEM IA . -13.74 -18.76 37.73
CMC HEM IA . -14.55 -20.69 40.89
CAC HEM IA . -14.30 -17.50 39.98
CBC HEM IA . -14.72 -17.48 41.25
C1D HEM IA . -13.15 -17.61 35.65
C2D HEM IA . -12.65 -16.47 34.92
C3D HEM IA . -12.35 -16.86 33.68
C4D HEM IA . -12.65 -18.28 33.57
CMD HEM IA . -12.48 -15.04 35.47
CAD HEM IA . -11.78 -15.98 32.54
CBD HEM IA . -12.87 -15.58 31.55
CGD HEM IA . -12.27 -14.73 30.47
O1D HEM IA . -11.02 -14.61 30.41
O2D HEM IA . -13.04 -14.19 29.63
NA HEM IA . -12.60 -21.29 33.48
NB HEM IA . -13.08 -22.61 36.01
NC HEM IA . -13.65 -20.06 37.28
ND HEM IA . -13.14 -18.70 34.80
FE HEM IA . -13.57 -20.70 35.27
CHA HEM JA . -15.30 20.27 30.23
CHB HEM JA . -19.73 20.82 32.15
CHC HEM JA . -17.89 23.85 35.45
CHD HEM JA . -13.42 23.10 33.71
C1A HEM JA . -16.66 20.13 30.46
C2A HEM JA . -17.57 19.28 29.73
C3A HEM JA . -18.79 19.43 30.25
C4A HEM JA . -18.70 20.39 31.35
CMA HEM JA . -20.08 18.72 29.79
CAA HEM JA . -17.23 18.35 28.55
CBA HEM JA . -16.28 17.24 28.99
CGA HEM JA . -15.86 16.41 27.80
O1A HEM JA . -16.37 16.68 26.68
O2A HEM JA . -15.03 15.48 27.97
C1B HEM JA . -19.63 21.70 33.20
C2B HEM JA . -20.72 22.22 34.01
C3B HEM JA . -20.20 23.04 34.93
C4B HEM JA . -18.77 23.10 34.71
CMB HEM JA . -22.20 21.80 33.80
CAB HEM JA . -20.91 23.87 36.03
CBB HEM JA . -22.21 24.13 36.04
C1C HEM JA . -16.52 23.90 35.28
C2C HEM JA . -15.60 24.65 36.12
C3C HEM JA . -14.35 24.44 35.64
C4C HEM JA . -14.46 23.56 34.49
CMC HEM JA . -16.05 25.50 37.32
CAC HEM JA . -12.99 24.99 36.14
CBC HEM JA . -12.85 25.83 37.17
C1D HEM JA . -13.54 22.27 32.61
C2D HEM JA . -12.46 21.80 31.77
C3D HEM JA . -12.97 21.02 30.82
C4D HEM JA . -14.40 20.97 31.01
CMD HEM JA . -10.96 22.15 31.96
CAD HEM JA . -12.20 20.30 29.69
CBD HEM JA . -11.81 21.25 28.57
CGD HEM JA . -11.15 20.45 27.48
O1D HEM JA . -11.23 19.20 27.52
O2D HEM JA . -10.55 21.06 26.55
NA HEM JA . -17.38 20.79 31.44
NB HEM JA . -18.45 22.28 33.65
NC HEM JA . -15.79 23.25 34.31
ND HEM JA . -14.72 21.74 32.12
FE HEM JA . -16.59 22.03 32.87
#